data_2VKC
#
_entry.id   2VKC
#
_cell.length_a   1.000
_cell.length_b   1.000
_cell.length_c   1.000
_cell.angle_alpha   90.00
_cell.angle_beta   90.00
_cell.angle_gamma   90.00
#
_symmetry.space_group_name_H-M   'P 1'
#
_entity_poly.entity_id   1
_entity_poly.type   'polypeptide(L)'
_entity_poly.pdbx_seq_one_letter_code
;MGSSHHHHHHSSHMLVPRGSLQQGTLHEQKMKEANHLAAIEIFEKVNASLLPQNVLDLHGLHVDEALEHLMRVLEKKTEE
FKQNGGKPYLSVITGRGNHSQGGVARIKPAVIKYLISHSFRFSEIKPGCLKVMLK
;
_entity_poly.pdbx_strand_id   A
#
# COMPACT_ATOMS: atom_id res chain seq x y z
N MET A 31 -10.02 18.56 1.55
CA MET A 31 -8.99 17.99 2.42
C MET A 31 -7.67 17.71 1.71
N LYS A 32 -6.75 18.62 1.82
CA LYS A 32 -5.43 18.42 1.27
C LYS A 32 -4.55 17.96 2.41
N GLU A 33 -4.58 18.74 3.45
CA GLU A 33 -3.81 18.54 4.63
C GLU A 33 -4.59 17.66 5.58
N ALA A 34 -5.88 17.95 5.72
CA ALA A 34 -6.77 17.21 6.61
C ALA A 34 -6.93 15.77 6.11
N ASN A 35 -6.64 15.56 4.84
CA ASN A 35 -6.70 14.23 4.21
C ASN A 35 -5.69 13.32 4.88
N HIS A 36 -4.59 13.90 5.30
CA HIS A 36 -3.50 13.18 5.94
C HIS A 36 -3.93 12.73 7.33
N LEU A 37 -4.75 13.54 7.98
CA LEU A 37 -5.22 13.23 9.33
C LEU A 37 -6.43 12.29 9.27
N ALA A 38 -7.27 12.49 8.28
CA ALA A 38 -8.43 11.67 8.08
C ALA A 38 -8.01 10.29 7.58
N ALA A 39 -6.86 10.23 6.92
CA ALA A 39 -6.33 9.00 6.34
C ALA A 39 -6.25 7.85 7.32
N ILE A 40 -5.94 8.16 8.57
CA ILE A 40 -5.79 7.12 9.59
C ILE A 40 -7.11 6.41 9.85
N GLU A 41 -8.17 7.17 10.12
CA GLU A 41 -9.47 6.59 10.39
C GLU A 41 -10.02 5.91 9.14
N ILE A 42 -9.75 6.50 7.98
CA ILE A 42 -10.18 5.95 6.71
C ILE A 42 -9.52 4.60 6.51
N PHE A 43 -8.21 4.56 6.69
CA PHE A 43 -7.42 3.36 6.56
C PHE A 43 -7.95 2.22 7.41
N GLU A 44 -8.22 2.51 8.66
CA GLU A 44 -8.70 1.52 9.58
C GLU A 44 -10.04 0.92 9.14
N LYS A 45 -10.99 1.76 8.80
CA LYS A 45 -12.29 1.26 8.35
C LYS A 45 -12.21 0.61 6.97
N VAL A 46 -11.28 1.10 6.16
CA VAL A 46 -11.17 0.67 4.79
C VAL A 46 -10.48 -0.69 4.66
N ASN A 47 -9.43 -0.95 5.46
CA ASN A 47 -8.67 -2.21 5.33
C ASN A 47 -9.52 -3.42 5.64
N ALA A 48 -10.56 -3.22 6.42
CA ALA A 48 -11.47 -4.29 6.79
C ALA A 48 -12.14 -4.90 5.55
N SER A 49 -12.48 -4.04 4.62
CA SER A 49 -13.14 -4.46 3.41
C SER A 49 -12.14 -4.71 2.28
N LEU A 50 -11.01 -4.05 2.36
CA LEU A 50 -10.03 -4.09 1.29
C LEU A 50 -8.98 -5.22 1.41
N LEU A 51 -8.64 -5.63 2.64
CA LEU A 51 -7.68 -6.73 2.82
C LEU A 51 -8.06 -8.04 2.13
N PRO A 52 -9.37 -8.49 2.17
CA PRO A 52 -9.78 -9.70 1.45
C PRO A 52 -9.64 -9.55 -0.08
N GLN A 53 -9.48 -8.31 -0.58
CA GLN A 53 -9.35 -8.10 -1.99
C GLN A 53 -7.88 -8.19 -2.35
N ASN A 54 -7.07 -8.37 -1.32
CA ASN A 54 -5.63 -8.28 -1.37
C ASN A 54 -5.22 -6.95 -1.82
N VAL A 55 -5.65 -6.02 -1.03
CA VAL A 55 -5.43 -4.65 -1.25
C VAL A 55 -4.89 -4.06 0.01
N LEU A 56 -3.89 -3.30 -0.14
CA LEU A 56 -3.33 -2.59 0.92
C LEU A 56 -3.49 -1.12 0.52
N ASP A 57 -4.46 -0.47 1.12
CA ASP A 57 -4.78 0.89 0.78
C ASP A 57 -4.52 1.76 1.99
N LEU A 58 -3.54 2.62 1.91
CA LEU A 58 -3.17 3.49 3.03
C LEU A 58 -2.73 4.85 2.56
N HIS A 59 -3.49 5.38 1.65
CA HIS A 59 -3.21 6.69 1.12
C HIS A 59 -3.44 7.78 2.16
N GLY A 60 -2.46 8.64 2.29
CA GLY A 60 -2.56 9.75 3.21
C GLY A 60 -1.72 9.58 4.47
N LEU A 61 -1.35 8.35 4.78
CA LEU A 61 -0.52 8.05 5.97
C LEU A 61 0.89 8.64 5.85
N HIS A 62 1.59 8.69 6.97
CA HIS A 62 2.99 9.10 6.96
C HIS A 62 3.81 8.00 6.35
N VAL A 63 5.03 8.32 5.93
CA VAL A 63 5.92 7.34 5.30
C VAL A 63 6.18 6.17 6.25
N ASP A 64 6.42 6.51 7.51
CA ASP A 64 6.67 5.51 8.54
C ASP A 64 5.47 4.63 8.75
N GLU A 65 4.32 5.27 8.90
CA GLU A 65 3.06 4.56 9.13
C GLU A 65 2.76 3.64 7.97
N ALA A 66 2.77 4.20 6.77
CA ALA A 66 2.50 3.46 5.56
C ALA A 66 3.41 2.25 5.43
N LEU A 67 4.70 2.43 5.70
CA LEU A 67 5.64 1.34 5.59
C LEU A 67 5.39 0.28 6.65
N GLU A 68 5.18 0.71 7.89
CA GLU A 68 4.95 -0.20 9.00
C GLU A 68 3.68 -1.04 8.82
N HIS A 69 2.66 -0.46 8.24
CA HIS A 69 1.44 -1.21 7.97
C HIS A 69 1.64 -2.12 6.77
N LEU A 70 2.28 -1.60 5.74
CA LEU A 70 2.54 -2.33 4.51
C LEU A 70 3.38 -3.57 4.78
N MET A 71 4.47 -3.40 5.51
CA MET A 71 5.40 -4.48 5.78
C MET A 71 4.75 -5.66 6.49
N ARG A 72 3.90 -5.37 7.47
CA ARG A 72 3.30 -6.43 8.25
C ARG A 72 2.21 -7.15 7.48
N VAL A 73 1.50 -6.40 6.66
CA VAL A 73 0.45 -6.99 5.86
C VAL A 73 1.05 -7.79 4.72
N LEU A 74 2.10 -7.27 4.11
CA LEU A 74 2.76 -7.92 2.97
C LEU A 74 3.30 -9.29 3.38
N GLU A 75 3.94 -9.35 4.54
CA GLU A 75 4.51 -10.62 4.99
C GLU A 75 3.42 -11.64 5.32
N LYS A 76 2.38 -11.19 6.01
CA LYS A 76 1.32 -12.11 6.40
C LYS A 76 0.51 -12.54 5.18
N LYS A 77 0.40 -11.65 4.20
CA LYS A 77 -0.29 -11.94 2.95
C LYS A 77 0.49 -12.88 2.09
N THR A 78 1.81 -12.80 2.16
CA THR A 78 2.65 -13.74 1.45
C THR A 78 2.36 -15.13 2.01
N GLU A 79 2.21 -15.19 3.33
CA GLU A 79 1.93 -16.40 4.02
C GLU A 79 0.51 -16.91 3.63
N GLU A 80 -0.48 -16.01 3.65
CA GLU A 80 -1.86 -16.32 3.21
C GLU A 80 -1.87 -16.87 1.77
N PHE A 81 -0.99 -16.35 0.95
CA PHE A 81 -0.79 -16.79 -0.43
C PHE A 81 -0.33 -18.25 -0.49
N LYS A 82 0.75 -18.52 0.20
CA LYS A 82 1.39 -19.84 0.16
C LYS A 82 0.69 -20.85 1.06
N GLN A 83 -0.05 -20.39 2.02
CA GLN A 83 -0.75 -21.27 2.93
C GLN A 83 -2.23 -21.44 2.60
N ASN A 84 -2.96 -20.36 2.55
CA ASN A 84 -4.42 -20.45 2.38
C ASN A 84 -4.84 -20.34 0.94
N GLY A 85 -3.96 -19.87 0.11
CA GLY A 85 -4.26 -19.73 -1.28
C GLY A 85 -5.04 -18.46 -1.55
N GLY A 86 -4.56 -17.35 -1.03
CA GLY A 86 -5.19 -16.07 -1.29
C GLY A 86 -4.83 -15.53 -2.66
N LYS A 87 -4.77 -14.24 -2.81
CA LYS A 87 -4.34 -13.68 -4.07
C LYS A 87 -2.84 -13.71 -4.18
N PRO A 88 -2.34 -13.94 -5.39
CA PRO A 88 -0.89 -13.94 -5.68
C PRO A 88 -0.34 -12.51 -5.83
N TYR A 89 -1.10 -11.54 -5.39
CA TYR A 89 -0.74 -10.17 -5.52
C TYR A 89 -1.27 -9.37 -4.35
N LEU A 90 -0.84 -8.15 -4.28
CA LEU A 90 -1.33 -7.15 -3.38
C LEU A 90 -1.38 -5.85 -4.12
N SER A 91 -2.51 -5.25 -4.14
CA SER A 91 -2.67 -3.98 -4.78
C SER A 91 -2.48 -2.91 -3.73
N VAL A 92 -1.39 -2.19 -3.83
CA VAL A 92 -1.06 -1.17 -2.87
C VAL A 92 -1.49 0.19 -3.39
N ILE A 93 -2.27 0.87 -2.63
CA ILE A 93 -2.70 2.19 -2.98
C ILE A 93 -1.96 3.16 -2.07
N THR A 94 -0.97 3.83 -2.61
CA THR A 94 -0.28 4.86 -1.85
C THR A 94 -1.08 6.14 -1.95
N GLY A 95 -1.93 6.15 -2.95
CA GLY A 95 -2.78 7.23 -3.23
C GLY A 95 -2.56 7.63 -4.63
N ARG A 96 -3.34 8.52 -5.13
CA ARG A 96 -3.10 9.01 -6.44
C ARG A 96 -2.04 10.08 -6.39
N GLY A 97 -0.82 9.59 -6.24
CA GLY A 97 0.32 10.43 -6.07
C GLY A 97 0.77 11.07 -7.33
N ASN A 98 0.95 10.30 -8.38
CA ASN A 98 1.37 10.90 -9.61
C ASN A 98 0.87 10.16 -10.82
N HIS A 99 0.02 10.85 -11.56
CA HIS A 99 -0.47 10.50 -12.88
C HIS A 99 -1.61 11.42 -13.25
N SER A 100 -2.67 11.38 -12.45
CA SER A 100 -3.86 12.15 -12.72
C SER A 100 -4.16 13.15 -11.59
N GLN A 101 -3.42 13.02 -10.50
CA GLN A 101 -3.65 13.79 -9.30
C GLN A 101 -2.34 13.71 -8.53
N GLY A 102 -2.14 14.58 -7.54
CA GLY A 102 -0.91 14.53 -6.79
C GLY A 102 -0.92 15.37 -5.54
N GLY A 103 -1.03 14.71 -4.40
CA GLY A 103 -1.00 15.41 -3.13
C GLY A 103 0.25 15.03 -2.35
N VAL A 104 0.17 13.92 -1.65
CA VAL A 104 1.28 13.38 -0.91
C VAL A 104 1.68 12.09 -1.59
N ALA A 105 2.71 12.15 -2.38
CA ALA A 105 3.11 11.01 -3.17
C ALA A 105 4.37 10.38 -2.66
N ARG A 106 4.91 10.91 -1.57
CA ARG A 106 6.18 10.41 -1.03
C ARG A 106 6.06 9.05 -0.40
N ILE A 107 4.84 8.60 -0.27
CA ILE A 107 4.57 7.26 0.17
C ILE A 107 5.05 6.28 -0.90
N LYS A 108 4.92 6.71 -2.17
CA LYS A 108 5.28 5.88 -3.30
C LYS A 108 6.81 5.57 -3.34
N PRO A 109 7.73 6.60 -3.37
CA PRO A 109 9.19 6.33 -3.35
C PRO A 109 9.61 5.52 -2.13
N ALA A 110 8.90 5.71 -1.03
CA ALA A 110 9.19 5.02 0.21
C ALA A 110 8.84 3.54 0.08
N VAL A 111 7.63 3.29 -0.40
CA VAL A 111 7.15 1.94 -0.60
C VAL A 111 7.93 1.22 -1.68
N ILE A 112 8.23 1.90 -2.80
CA ILE A 112 9.00 1.34 -3.91
C ILE A 112 10.34 0.77 -3.40
N LYS A 113 11.01 1.55 -2.55
CA LYS A 113 12.22 1.22 -1.99
C LYS A 113 12.11 -0.03 -1.12
N TYR A 114 10.99 -0.18 -0.46
CA TYR A 114 10.75 -1.33 0.38
C TYR A 114 10.65 -2.59 -0.49
N LEU A 115 9.89 -2.50 -1.56
CA LEU A 115 9.70 -3.65 -2.45
C LEU A 115 10.99 -4.10 -3.12
N ILE A 116 11.70 -3.15 -3.71
CA ILE A 116 12.95 -3.46 -4.42
C ILE A 116 14.01 -4.05 -3.50
N SER A 117 14.03 -3.58 -2.27
CA SER A 117 14.99 -4.04 -1.29
C SER A 117 14.71 -5.48 -0.84
N HIS A 118 13.52 -5.96 -1.13
CA HIS A 118 13.15 -7.32 -0.81
C HIS A 118 12.98 -8.15 -2.07
N SER A 119 13.33 -7.55 -3.20
CA SER A 119 13.26 -8.18 -4.52
C SER A 119 11.84 -8.65 -4.88
N PHE A 120 10.85 -7.82 -4.56
CA PHE A 120 9.46 -8.11 -4.91
C PHE A 120 9.20 -7.76 -6.35
N ARG A 121 8.04 -8.12 -6.84
CA ARG A 121 7.67 -7.78 -8.18
C ARG A 121 6.53 -6.82 -8.08
N PHE A 122 6.68 -5.63 -8.53
CA PHE A 122 5.60 -4.67 -8.52
C PHE A 122 5.58 -3.87 -9.80
N SER A 123 4.45 -3.31 -10.07
CA SER A 123 4.26 -2.47 -11.19
C SER A 123 3.13 -1.53 -10.87
N GLU A 124 3.29 -0.26 -11.15
CA GLU A 124 2.27 0.71 -10.90
C GLU A 124 1.15 0.60 -11.94
N ILE A 125 -0.07 0.67 -11.46
CA ILE A 125 -1.26 0.64 -12.29
C ILE A 125 -1.37 1.95 -13.05
N LYS A 126 -1.72 3.00 -12.34
CA LYS A 126 -1.94 4.27 -12.85
C LYS A 126 -1.56 5.14 -11.63
N PRO A 127 -2.04 6.39 -11.41
CA PRO A 127 -1.40 7.30 -10.44
C PRO A 127 -1.09 6.74 -9.02
N GLY A 128 0.16 6.34 -8.77
CA GLY A 128 0.61 5.98 -7.43
C GLY A 128 0.16 4.60 -6.93
N CYS A 129 -0.56 3.87 -7.72
CA CYS A 129 -1.03 2.58 -7.24
C CYS A 129 -0.11 1.46 -7.68
N LEU A 130 0.67 0.96 -6.75
CA LEU A 130 1.64 -0.08 -6.98
C LEU A 130 1.02 -1.45 -6.78
N LYS A 131 0.91 -2.22 -7.83
CA LYS A 131 0.41 -3.58 -7.72
C LYS A 131 1.61 -4.50 -7.60
N VAL A 132 1.65 -5.22 -6.52
CA VAL A 132 2.76 -6.05 -6.16
C VAL A 132 2.36 -7.48 -6.35
N MET A 133 3.24 -8.26 -6.88
CA MET A 133 3.01 -9.64 -7.07
C MET A 133 3.82 -10.36 -6.04
N LEU A 134 3.16 -11.22 -5.31
CA LEU A 134 3.76 -11.93 -4.20
C LEU A 134 4.79 -12.93 -4.67
N LYS A 135 5.72 -13.22 -3.80
CA LYS A 135 6.82 -14.07 -4.11
C LYS A 135 6.79 -15.28 -3.21
N MET A 31 -8.18 21.12 6.35
CA MET A 31 -6.74 21.07 6.58
C MET A 31 -6.09 19.82 6.02
N LYS A 32 -4.82 19.94 5.69
CA LYS A 32 -4.07 18.84 5.15
C LYS A 32 -3.72 17.89 6.30
N GLU A 33 -3.59 18.46 7.48
CA GLU A 33 -3.43 17.69 8.70
C GLU A 33 -4.66 16.85 8.95
N ALA A 34 -5.83 17.45 8.72
CA ALA A 34 -7.09 16.75 8.87
C ALA A 34 -7.23 15.68 7.82
N ASN A 35 -6.78 16.01 6.61
CA ASN A 35 -6.75 15.06 5.50
C ASN A 35 -5.91 13.83 5.87
N HIS A 36 -4.84 14.08 6.64
CA HIS A 36 -3.97 13.01 7.11
C HIS A 36 -4.67 12.23 8.22
N LEU A 37 -5.34 12.93 9.12
CA LEU A 37 -6.06 12.30 10.23
C LEU A 37 -7.17 11.43 9.68
N ALA A 38 -7.85 11.94 8.66
CA ALA A 38 -8.88 11.23 7.95
C ALA A 38 -8.28 9.99 7.33
N ALA A 39 -7.14 10.16 6.67
CA ALA A 39 -6.44 9.06 5.98
C ALA A 39 -6.23 7.86 6.89
N ILE A 40 -5.91 8.14 8.13
CA ILE A 40 -5.65 7.11 9.12
C ILE A 40 -6.91 6.30 9.38
N GLU A 41 -8.00 6.99 9.70
CA GLU A 41 -9.23 6.29 10.03
C GLU A 41 -9.85 5.68 8.78
N ILE A 42 -9.69 6.38 7.65
CA ILE A 42 -10.19 5.92 6.40
C ILE A 42 -9.51 4.63 6.03
N PHE A 43 -8.20 4.60 6.16
CA PHE A 43 -7.38 3.40 5.89
C PHE A 43 -7.87 2.21 6.71
N GLU A 44 -8.26 2.45 7.95
CA GLU A 44 -8.77 1.37 8.78
C GLU A 44 -10.14 0.89 8.27
N LYS A 45 -11.06 1.82 8.04
CA LYS A 45 -12.41 1.46 7.60
C LYS A 45 -12.43 0.91 6.16
N VAL A 46 -11.52 1.39 5.31
CA VAL A 46 -11.47 0.90 3.94
C VAL A 46 -10.89 -0.49 3.84
N ASN A 47 -9.76 -0.72 4.49
CA ASN A 47 -9.10 -2.03 4.43
C ASN A 47 -9.92 -3.08 5.10
N ALA A 48 -10.80 -2.68 5.99
CA ALA A 48 -11.69 -3.62 6.66
C ALA A 48 -12.54 -4.41 5.63
N SER A 49 -12.79 -3.79 4.49
CA SER A 49 -13.53 -4.43 3.43
C SER A 49 -12.63 -4.69 2.19
N LEU A 50 -11.49 -4.02 2.12
CA LEU A 50 -10.62 -4.11 0.95
C LEU A 50 -9.45 -5.08 1.14
N LEU A 51 -8.98 -5.21 2.37
CA LEU A 51 -7.82 -6.06 2.69
C LEU A 51 -8.04 -7.53 2.23
N PRO A 52 -9.26 -8.15 2.47
CA PRO A 52 -9.56 -9.51 1.98
C PRO A 52 -9.56 -9.64 0.44
N GLN A 53 -9.43 -8.52 -0.29
CA GLN A 53 -9.38 -8.60 -1.75
C GLN A 53 -7.94 -8.55 -2.21
N ASN A 54 -7.05 -8.37 -1.23
CA ASN A 54 -5.63 -8.14 -1.42
C ASN A 54 -5.36 -6.76 -1.91
N VAL A 55 -5.92 -5.85 -1.16
CA VAL A 55 -5.78 -4.46 -1.35
C VAL A 55 -5.34 -3.85 -0.05
N LEU A 56 -4.35 -3.05 -0.12
CA LEU A 56 -3.88 -2.31 0.97
C LEU A 56 -3.88 -0.88 0.57
N ASP A 57 -4.84 -0.16 1.03
CA ASP A 57 -4.91 1.23 0.74
C ASP A 57 -4.48 2.00 1.98
N LEU A 58 -3.56 2.91 1.81
CA LEU A 58 -2.99 3.69 2.90
C LEU A 58 -2.59 5.08 2.41
N HIS A 59 -3.42 5.65 1.56
CA HIS A 59 -3.13 6.95 1.00
C HIS A 59 -3.39 8.06 2.00
N GLY A 60 -2.41 8.92 2.17
CA GLY A 60 -2.55 10.05 3.06
C GLY A 60 -1.72 9.87 4.31
N LEU A 61 -1.17 8.70 4.49
CA LEU A 61 -0.32 8.40 5.63
C LEU A 61 1.08 8.95 5.46
N HIS A 62 1.86 8.89 6.51
CA HIS A 62 3.27 9.25 6.45
C HIS A 62 4.04 8.11 5.82
N VAL A 63 5.25 8.40 5.42
CA VAL A 63 6.17 7.42 4.84
C VAL A 63 6.36 6.28 5.84
N ASP A 64 6.64 6.66 7.07
CA ASP A 64 6.86 5.76 8.19
C ASP A 64 5.65 4.86 8.40
N GLU A 65 4.50 5.51 8.52
CA GLU A 65 3.23 4.86 8.79
C GLU A 65 2.89 3.83 7.72
N ALA A 66 2.91 4.28 6.47
CA ALA A 66 2.62 3.42 5.34
C ALA A 66 3.54 2.20 5.32
N LEU A 67 4.82 2.40 5.57
CA LEU A 67 5.78 1.29 5.56
C LEU A 67 5.50 0.27 6.67
N GLU A 68 5.19 0.78 7.86
CA GLU A 68 4.90 -0.08 9.01
C GLU A 68 3.66 -0.91 8.79
N HIS A 69 2.64 -0.27 8.27
CA HIS A 69 1.38 -0.94 8.04
C HIS A 69 1.45 -1.86 6.82
N LEU A 70 2.35 -1.53 5.89
CA LEU A 70 2.60 -2.35 4.71
C LEU A 70 3.25 -3.66 5.08
N MET A 71 4.36 -3.57 5.79
CA MET A 71 5.20 -4.73 6.08
C MET A 71 4.43 -5.84 6.77
N ARG A 72 3.56 -5.47 7.70
CA ARG A 72 2.79 -6.45 8.46
C ARG A 72 1.80 -7.21 7.55
N VAL A 73 1.19 -6.47 6.63
CA VAL A 73 0.20 -7.05 5.75
C VAL A 73 0.87 -7.89 4.68
N LEU A 74 1.94 -7.36 4.14
CA LEU A 74 2.65 -7.97 3.11
C LEU A 74 3.24 -9.31 3.56
N GLU A 75 3.81 -9.35 4.77
CA GLU A 75 4.37 -10.58 5.29
C GLU A 75 3.27 -11.63 5.54
N LYS A 76 2.16 -11.20 6.12
CA LYS A 76 1.08 -12.11 6.45
C LYS A 76 0.40 -12.62 5.18
N LYS A 77 0.24 -11.75 4.20
CA LYS A 77 -0.38 -12.13 2.94
C LYS A 77 0.52 -13.02 2.12
N THR A 78 1.82 -12.86 2.24
CA THR A 78 2.75 -13.76 1.56
C THR A 78 2.56 -15.17 2.13
N GLU A 79 2.34 -15.23 3.44
CA GLU A 79 2.11 -16.46 4.14
C GLU A 79 0.76 -17.07 3.70
N GLU A 80 -0.30 -16.27 3.76
CA GLU A 80 -1.66 -16.67 3.34
C GLU A 80 -1.69 -17.14 1.90
N PHE A 81 -0.96 -16.45 1.06
CA PHE A 81 -0.81 -16.79 -0.35
C PHE A 81 -0.29 -18.21 -0.55
N LYS A 82 0.75 -18.57 0.18
CA LYS A 82 1.34 -19.89 0.04
C LYS A 82 0.69 -20.94 0.93
N GLN A 83 -0.10 -20.51 1.89
CA GLN A 83 -0.80 -21.44 2.77
C GLN A 83 -2.23 -21.70 2.34
N ASN A 84 -3.02 -20.65 2.23
CA ASN A 84 -4.45 -20.79 1.93
C ASN A 84 -4.73 -20.63 0.47
N GLY A 85 -3.71 -20.27 -0.27
CA GLY A 85 -3.85 -20.07 -1.67
C GLY A 85 -4.61 -18.79 -1.95
N GLY A 86 -4.14 -17.72 -1.37
CA GLY A 86 -4.76 -16.44 -1.59
C GLY A 86 -4.28 -15.81 -2.88
N LYS A 87 -4.40 -14.51 -2.99
CA LYS A 87 -3.94 -13.85 -4.18
C LYS A 87 -2.43 -13.78 -4.22
N PRO A 88 -1.88 -13.99 -5.42
CA PRO A 88 -0.44 -13.90 -5.67
C PRO A 88 0.02 -12.44 -5.83
N TYR A 89 -0.80 -11.52 -5.35
CA TYR A 89 -0.53 -10.12 -5.49
C TYR A 89 -1.14 -9.34 -4.34
N LEU A 90 -0.69 -8.11 -4.21
CA LEU A 90 -1.23 -7.14 -3.28
C LEU A 90 -1.28 -5.80 -3.96
N SER A 91 -2.42 -5.19 -3.94
CA SER A 91 -2.59 -3.90 -4.56
C SER A 91 -2.37 -2.83 -3.48
N VAL A 92 -1.29 -2.11 -3.57
CA VAL A 92 -0.98 -1.09 -2.59
C VAL A 92 -1.34 0.28 -3.15
N ILE A 93 -2.32 0.91 -2.56
CA ILE A 93 -2.75 2.22 -3.01
C ILE A 93 -2.07 3.27 -2.16
N THR A 94 -1.09 3.93 -2.73
CA THR A 94 -0.43 5.01 -2.06
C THR A 94 -1.22 6.30 -2.34
N GLY A 95 -2.12 6.20 -3.32
CA GLY A 95 -3.04 7.25 -3.62
C GLY A 95 -2.58 8.15 -4.72
N ARG A 96 -1.38 8.65 -4.60
CA ARG A 96 -0.90 9.60 -5.55
C ARG A 96 0.61 9.56 -5.70
N GLY A 97 1.05 10.15 -6.76
CA GLY A 97 2.43 10.20 -7.20
C GLY A 97 2.39 10.78 -8.57
N ASN A 98 1.37 10.33 -9.26
CA ASN A 98 0.90 10.86 -10.51
C ASN A 98 -0.61 10.75 -10.37
N HIS A 99 -1.28 11.85 -10.17
CA HIS A 99 -2.72 11.84 -9.88
C HIS A 99 -3.17 13.27 -9.86
N SER A 100 -2.58 14.01 -8.97
CA SER A 100 -2.80 15.39 -8.82
C SER A 100 -1.59 16.10 -9.39
N GLN A 101 -1.69 17.40 -9.58
CA GLN A 101 -0.58 18.14 -10.12
C GLN A 101 0.37 18.63 -9.03
N GLY A 102 -0.01 18.37 -7.79
CA GLY A 102 0.82 18.70 -6.67
C GLY A 102 0.60 17.73 -5.55
N GLY A 103 1.60 17.53 -4.72
CA GLY A 103 1.47 16.63 -3.62
C GLY A 103 2.79 16.14 -3.13
N VAL A 104 2.84 15.78 -1.87
CA VAL A 104 4.03 15.25 -1.25
C VAL A 104 4.28 13.82 -1.76
N ALA A 105 3.24 12.98 -1.70
CA ALA A 105 3.22 11.59 -2.26
C ALA A 105 4.49 10.78 -1.96
N ARG A 106 5.09 10.99 -0.80
CA ARG A 106 6.35 10.32 -0.46
C ARG A 106 6.18 8.88 -0.07
N ILE A 107 4.95 8.47 -0.03
CA ILE A 107 4.60 7.11 0.28
C ILE A 107 5.06 6.21 -0.86
N LYS A 108 4.80 6.66 -2.08
CA LYS A 108 5.11 5.89 -3.26
C LYS A 108 6.62 5.56 -3.38
N PRO A 109 7.54 6.58 -3.39
CA PRO A 109 8.99 6.30 -3.46
C PRO A 109 9.49 5.44 -2.29
N ALA A 110 8.86 5.61 -1.12
CA ALA A 110 9.26 4.87 0.05
C ALA A 110 8.89 3.41 -0.10
N VAL A 111 7.66 3.18 -0.48
CA VAL A 111 7.15 1.86 -0.69
C VAL A 111 7.90 1.15 -1.81
N ILE A 112 8.16 1.85 -2.92
CA ILE A 112 8.91 1.27 -4.04
C ILE A 112 10.27 0.71 -3.60
N LYS A 113 10.98 1.49 -2.78
CA LYS A 113 12.26 1.12 -2.28
C LYS A 113 12.15 -0.10 -1.35
N TYR A 114 11.05 -0.20 -0.64
CA TYR A 114 10.80 -1.29 0.27
C TYR A 114 10.67 -2.60 -0.51
N LEU A 115 9.86 -2.58 -1.55
CA LEU A 115 9.60 -3.76 -2.36
C LEU A 115 10.85 -4.27 -3.04
N ILE A 116 11.58 -3.40 -3.72
CA ILE A 116 12.79 -3.79 -4.44
C ILE A 116 13.86 -4.34 -3.52
N SER A 117 13.93 -3.80 -2.31
CA SER A 117 14.88 -4.25 -1.33
C SER A 117 14.59 -5.68 -0.89
N HIS A 118 13.33 -6.05 -0.95
CA HIS A 118 12.90 -7.38 -0.55
C HIS A 118 12.68 -8.28 -1.75
N SER A 119 13.15 -7.82 -2.91
CA SER A 119 13.11 -8.57 -4.16
C SER A 119 11.64 -8.80 -4.64
N PHE A 120 10.75 -7.90 -4.25
CA PHE A 120 9.39 -7.98 -4.69
C PHE A 120 9.29 -7.46 -6.08
N ARG A 121 8.28 -7.85 -6.75
CA ARG A 121 8.07 -7.46 -8.09
C ARG A 121 6.72 -6.86 -8.23
N PHE A 122 6.69 -5.62 -8.57
CA PHE A 122 5.46 -4.87 -8.60
C PHE A 122 5.33 -4.09 -9.87
N SER A 123 4.16 -3.64 -10.15
CA SER A 123 3.88 -2.86 -11.30
C SER A 123 2.79 -1.86 -10.94
N GLU A 124 3.11 -0.60 -11.04
CA GLU A 124 2.14 0.44 -10.83
C GLU A 124 1.31 0.59 -12.07
N ILE A 125 0.04 0.80 -11.89
CA ILE A 125 -0.82 1.08 -12.99
C ILE A 125 -0.62 2.56 -13.35
N LYS A 126 -1.15 3.40 -12.47
CA LYS A 126 -1.17 4.85 -12.54
C LYS A 126 -1.53 5.30 -11.07
N PRO A 127 -2.28 6.44 -10.74
CA PRO A 127 -2.38 7.10 -9.39
C PRO A 127 -1.82 6.38 -8.16
N GLY A 128 -0.49 6.23 -8.11
CA GLY A 128 0.17 5.69 -6.93
C GLY A 128 -0.29 4.28 -6.56
N CYS A 129 -0.81 3.54 -7.50
CA CYS A 129 -1.26 2.22 -7.18
C CYS A 129 -0.27 1.18 -7.62
N LEU A 130 0.42 0.63 -6.66
CA LEU A 130 1.47 -0.31 -6.88
C LEU A 130 0.91 -1.69 -6.72
N LYS A 131 0.75 -2.40 -7.79
CA LYS A 131 0.26 -3.73 -7.70
C LYS A 131 1.47 -4.63 -7.58
N VAL A 132 1.65 -5.17 -6.41
CA VAL A 132 2.81 -5.97 -6.11
C VAL A 132 2.50 -7.43 -6.34
N MET A 133 3.39 -8.10 -7.01
CA MET A 133 3.27 -9.52 -7.19
C MET A 133 4.07 -10.12 -6.05
N LEU A 134 3.51 -11.11 -5.42
CA LEU A 134 4.13 -11.73 -4.28
C LEU A 134 5.22 -12.70 -4.71
N LYS A 135 5.79 -13.41 -3.75
CA LYS A 135 6.87 -14.33 -4.00
C LYS A 135 6.40 -15.58 -4.71
N MET A 31 -8.50 20.36 4.67
CA MET A 31 -7.17 20.77 5.09
C MET A 31 -6.14 19.80 4.54
N LYS A 32 -4.90 20.10 4.72
CA LYS A 32 -3.87 19.18 4.32
C LYS A 32 -3.38 18.34 5.50
N GLU A 33 -3.28 18.98 6.64
CA GLU A 33 -2.83 18.34 7.87
C GLU A 33 -3.92 17.40 8.35
N ALA A 34 -5.14 17.93 8.40
CA ALA A 34 -6.29 17.17 8.85
C ALA A 34 -6.63 16.08 7.84
N ASN A 35 -6.23 16.29 6.60
CA ASN A 35 -6.42 15.31 5.53
C ASN A 35 -5.62 14.07 5.85
N HIS A 36 -4.45 14.28 6.43
CA HIS A 36 -3.59 13.18 6.81
C HIS A 36 -4.23 12.42 7.97
N LEU A 37 -4.78 13.16 8.91
CA LEU A 37 -5.42 12.56 10.07
C LEU A 37 -6.66 11.77 9.63
N ALA A 38 -7.39 12.35 8.70
CA ALA A 38 -8.56 11.71 8.13
C ALA A 38 -8.17 10.47 7.33
N ALA A 39 -6.99 10.51 6.75
CA ALA A 39 -6.47 9.37 5.97
C ALA A 39 -6.35 8.14 6.84
N ILE A 40 -6.03 8.36 8.10
CA ILE A 40 -5.84 7.29 9.05
C ILE A 40 -7.17 6.59 9.36
N GLU A 41 -8.22 7.37 9.60
CA GLU A 41 -9.52 6.80 9.90
C GLU A 41 -10.09 6.13 8.66
N ILE A 42 -9.83 6.73 7.48
CA ILE A 42 -10.27 6.16 6.23
C ILE A 42 -9.56 4.84 6.04
N PHE A 43 -8.25 4.84 6.26
CA PHE A 43 -7.40 3.67 6.09
C PHE A 43 -7.90 2.49 6.88
N GLU A 44 -8.24 2.72 8.13
CA GLU A 44 -8.71 1.65 8.98
C GLU A 44 -10.02 1.05 8.48
N LYS A 45 -11.01 1.90 8.22
CA LYS A 45 -12.30 1.41 7.79
C LYS A 45 -12.27 0.88 6.34
N VAL A 46 -11.45 1.50 5.51
CA VAL A 46 -11.38 1.20 4.10
C VAL A 46 -10.84 -0.22 3.87
N ASN A 47 -9.83 -0.58 4.63
CA ASN A 47 -9.23 -1.89 4.52
C ASN A 47 -10.13 -2.95 5.07
N ALA A 48 -11.06 -2.58 5.91
CA ALA A 48 -12.02 -3.53 6.47
C ALA A 48 -12.84 -4.20 5.34
N SER A 49 -12.89 -3.55 4.19
CA SER A 49 -13.53 -4.09 3.02
C SER A 49 -12.50 -4.47 1.94
N LEU A 50 -11.38 -3.79 1.92
CA LEU A 50 -10.40 -3.95 0.85
C LEU A 50 -9.28 -4.93 1.18
N LEU A 51 -8.96 -5.09 2.45
CA LEU A 51 -7.86 -5.96 2.91
C LEU A 51 -8.09 -7.41 2.44
N PRO A 52 -9.33 -8.01 2.58
CA PRO A 52 -9.59 -9.36 2.06
C PRO A 52 -9.52 -9.44 0.52
N GLN A 53 -9.34 -8.32 -0.17
CA GLN A 53 -9.25 -8.35 -1.61
C GLN A 53 -7.80 -8.34 -2.03
N ASN A 54 -6.93 -8.35 -1.04
CA ASN A 54 -5.48 -8.19 -1.25
C ASN A 54 -5.16 -6.82 -1.74
N VAL A 55 -5.88 -5.90 -1.18
CA VAL A 55 -5.71 -4.52 -1.39
C VAL A 55 -5.29 -3.88 -0.09
N LEU A 56 -4.32 -3.05 -0.16
CA LEU A 56 -3.89 -2.27 0.94
C LEU A 56 -3.97 -0.84 0.49
N ASP A 57 -4.98 -0.18 0.95
CA ASP A 57 -5.20 1.19 0.57
C ASP A 57 -4.83 2.06 1.75
N LEU A 58 -3.75 2.80 1.63
CA LEU A 58 -3.21 3.62 2.72
C LEU A 58 -2.80 5.00 2.25
N HIS A 59 -3.61 5.56 1.39
CA HIS A 59 -3.32 6.87 0.84
C HIS A 59 -3.52 7.96 1.88
N GLY A 60 -2.53 8.80 2.01
CA GLY A 60 -2.59 9.90 2.94
C GLY A 60 -1.74 9.69 4.18
N LEU A 61 -1.23 8.48 4.34
CA LEU A 61 -0.35 8.15 5.47
C LEU A 61 1.06 8.71 5.30
N HIS A 62 1.82 8.66 6.38
CA HIS A 62 3.24 9.00 6.34
C HIS A 62 4.03 7.91 5.69
N VAL A 63 5.30 8.19 5.44
CA VAL A 63 6.24 7.23 4.93
C VAL A 63 6.37 6.09 5.93
N ASP A 64 6.54 6.47 7.18
CA ASP A 64 6.71 5.50 8.26
C ASP A 64 5.47 4.68 8.43
N GLU A 65 4.32 5.37 8.55
CA GLU A 65 3.01 4.73 8.75
C GLU A 65 2.73 3.73 7.66
N ALA A 66 2.82 4.19 6.43
CA ALA A 66 2.56 3.35 5.30
C ALA A 66 3.51 2.15 5.24
N LEU A 67 4.78 2.35 5.57
CA LEU A 67 5.75 1.24 5.51
C LEU A 67 5.46 0.22 6.58
N GLU A 68 5.08 0.71 7.75
CA GLU A 68 4.73 -0.06 8.89
C GLU A 68 3.56 -0.99 8.54
N HIS A 69 2.50 -0.41 8.02
CA HIS A 69 1.33 -1.16 7.65
C HIS A 69 1.61 -2.07 6.45
N LEU A 70 2.41 -1.59 5.52
CA LEU A 70 2.75 -2.32 4.30
C LEU A 70 3.54 -3.59 4.62
N MET A 71 4.61 -3.44 5.41
CA MET A 71 5.51 -4.55 5.69
C MET A 71 4.80 -5.71 6.36
N ARG A 72 3.94 -5.39 7.29
CA ARG A 72 3.28 -6.42 8.06
C ARG A 72 2.18 -7.10 7.28
N VAL A 73 1.51 -6.35 6.43
CA VAL A 73 0.46 -6.92 5.63
C VAL A 73 1.05 -7.78 4.49
N LEU A 74 2.17 -7.35 3.91
CA LEU A 74 2.84 -8.15 2.88
C LEU A 74 3.26 -9.51 3.39
N GLU A 75 3.87 -9.54 4.55
CA GLU A 75 4.37 -10.79 5.10
C GLU A 75 3.25 -11.77 5.39
N LYS A 76 2.15 -11.27 5.95
CA LYS A 76 1.04 -12.12 6.29
C LYS A 76 0.39 -12.66 5.02
N LYS A 77 0.24 -11.81 4.01
CA LYS A 77 -0.38 -12.25 2.77
C LYS A 77 0.51 -13.13 1.96
N THR A 78 1.82 -12.99 2.10
CA THR A 78 2.73 -13.92 1.45
C THR A 78 2.49 -15.32 2.04
N GLU A 79 2.30 -15.35 3.36
CA GLU A 79 1.98 -16.57 4.06
C GLU A 79 0.63 -17.09 3.60
N GLU A 80 -0.38 -16.26 3.66
CA GLU A 80 -1.74 -16.61 3.24
C GLU A 80 -1.78 -17.14 1.82
N PHE A 81 -0.99 -16.56 0.95
CA PHE A 81 -0.85 -16.97 -0.43
C PHE A 81 -0.41 -18.45 -0.53
N LYS A 82 0.68 -18.78 0.10
CA LYS A 82 1.24 -20.13 0.00
C LYS A 82 0.63 -21.13 1.00
N GLN A 83 0.08 -20.63 2.08
CA GLN A 83 -0.56 -21.49 3.07
C GLN A 83 -2.04 -21.73 2.77
N ASN A 84 -2.81 -20.65 2.65
CA ASN A 84 -4.26 -20.76 2.47
C ASN A 84 -4.64 -20.76 1.01
N GLY A 85 -3.96 -19.95 0.24
CA GLY A 85 -4.26 -19.82 -1.16
C GLY A 85 -4.84 -18.45 -1.47
N GLY A 86 -4.31 -17.42 -0.83
CA GLY A 86 -4.76 -16.07 -1.07
C GLY A 86 -4.22 -15.54 -2.39
N LYS A 87 -4.64 -14.34 -2.79
CA LYS A 87 -4.19 -13.76 -4.05
C LYS A 87 -2.68 -13.60 -4.12
N PRO A 88 -2.09 -13.96 -5.28
CA PRO A 88 -0.62 -13.85 -5.53
C PRO A 88 -0.17 -12.42 -5.78
N TYR A 89 -0.88 -11.47 -5.24
CA TYR A 89 -0.58 -10.10 -5.43
C TYR A 89 -1.12 -9.33 -4.27
N LEU A 90 -0.71 -8.11 -4.17
CA LEU A 90 -1.23 -7.22 -3.22
C LEU A 90 -1.22 -5.83 -3.89
N SER A 91 -2.36 -5.22 -3.96
CA SER A 91 -2.48 -3.92 -4.60
C SER A 91 -2.35 -2.83 -3.54
N VAL A 92 -1.32 -2.03 -3.64
CA VAL A 92 -1.07 -0.98 -2.69
C VAL A 92 -1.47 0.36 -3.29
N ILE A 93 -2.37 1.04 -2.65
CA ILE A 93 -2.78 2.35 -3.11
C ILE A 93 -2.09 3.39 -2.25
N THR A 94 -1.11 4.06 -2.83
CA THR A 94 -0.42 5.09 -2.12
C THR A 94 -1.18 6.40 -2.29
N GLY A 95 -1.98 6.44 -3.38
CA GLY A 95 -2.82 7.57 -3.64
C GLY A 95 -2.06 8.77 -4.09
N ARG A 96 -1.87 8.87 -5.40
CA ARG A 96 -1.11 9.93 -6.04
C ARG A 96 0.39 9.71 -5.86
N GLY A 97 1.16 10.72 -6.16
CA GLY A 97 2.59 10.63 -6.19
C GLY A 97 3.00 10.89 -7.59
N ASN A 98 2.32 10.21 -8.47
CA ASN A 98 2.44 10.43 -9.88
C ASN A 98 1.06 10.24 -10.46
N HIS A 99 0.51 11.28 -11.00
CA HIS A 99 -0.83 11.25 -11.55
C HIS A 99 -0.92 12.34 -12.60
N SER A 100 -1.01 13.55 -12.13
CA SER A 100 -1.05 14.71 -12.97
C SER A 100 -0.03 15.73 -12.46
N GLN A 101 -0.39 16.42 -11.40
CA GLN A 101 0.47 17.39 -10.76
C GLN A 101 1.46 16.70 -9.83
N GLY A 102 1.02 15.64 -9.18
CA GLY A 102 1.89 14.89 -8.32
C GLY A 102 1.23 14.47 -7.05
N GLY A 103 1.33 15.31 -6.05
CA GLY A 103 0.81 15.01 -4.74
C GLY A 103 1.93 14.72 -3.78
N VAL A 104 1.69 14.88 -2.50
CA VAL A 104 2.73 14.68 -1.49
C VAL A 104 2.76 13.21 -1.02
N ALA A 105 2.44 12.32 -1.92
CA ALA A 105 2.42 10.92 -1.61
C ALA A 105 3.83 10.35 -1.62
N ARG A 106 4.58 10.69 -0.58
CA ARG A 106 5.94 10.17 -0.35
C ARG A 106 5.91 8.70 0.02
N ILE A 107 4.73 8.18 0.11
CA ILE A 107 4.48 6.80 0.37
C ILE A 107 5.01 5.98 -0.79
N LYS A 108 4.69 6.41 -2.01
CA LYS A 108 5.08 5.67 -3.20
C LYS A 108 6.61 5.48 -3.31
N PRO A 109 7.43 6.58 -3.31
CA PRO A 109 8.89 6.47 -3.36
C PRO A 109 9.47 5.59 -2.24
N ALA A 110 8.83 5.62 -1.08
CA ALA A 110 9.28 4.88 0.07
C ALA A 110 8.93 3.40 -0.07
N VAL A 111 7.70 3.14 -0.44
CA VAL A 111 7.21 1.78 -0.62
C VAL A 111 8.00 1.08 -1.73
N ILE A 112 8.24 1.78 -2.84
CA ILE A 112 9.02 1.23 -3.95
C ILE A 112 10.38 0.69 -3.47
N LYS A 113 11.02 1.47 -2.60
CA LYS A 113 12.30 1.16 -2.05
C LYS A 113 12.22 -0.09 -1.15
N TYR A 114 11.09 -0.27 -0.49
CA TYR A 114 10.87 -1.42 0.36
C TYR A 114 10.81 -2.69 -0.47
N LEU A 115 10.00 -2.66 -1.51
CA LEU A 115 9.78 -3.83 -2.35
C LEU A 115 11.06 -4.30 -3.03
N ILE A 116 11.79 -3.38 -3.60
CA ILE A 116 13.03 -3.70 -4.31
C ILE A 116 14.10 -4.27 -3.38
N SER A 117 14.11 -3.80 -2.16
CA SER A 117 15.06 -4.25 -1.17
C SER A 117 14.78 -5.69 -0.73
N HIS A 118 13.58 -6.15 -0.94
CA HIS A 118 13.20 -7.50 -0.55
C HIS A 118 12.98 -8.37 -1.77
N SER A 119 13.36 -7.83 -2.92
CA SER A 119 13.27 -8.52 -4.19
C SER A 119 11.83 -8.89 -4.56
N PHE A 120 10.94 -7.97 -4.35
CA PHE A 120 9.59 -8.14 -4.78
C PHE A 120 9.45 -7.69 -6.21
N ARG A 121 8.29 -7.90 -6.76
CA ARG A 121 7.99 -7.52 -8.09
C ARG A 121 6.68 -6.75 -8.08
N PHE A 122 6.73 -5.51 -8.47
CA PHE A 122 5.58 -4.64 -8.46
C PHE A 122 5.53 -3.84 -9.74
N SER A 123 4.40 -3.24 -10.00
CA SER A 123 4.22 -2.41 -11.15
C SER A 123 3.08 -1.42 -10.85
N GLU A 124 3.34 -0.15 -11.04
CA GLU A 124 2.31 0.87 -10.87
C GLU A 124 1.38 0.84 -12.07
N ILE A 125 0.11 0.94 -11.80
CA ILE A 125 -0.88 1.08 -12.84
C ILE A 125 -0.78 2.53 -13.32
N LYS A 126 -1.10 3.42 -12.39
CA LYS A 126 -1.00 4.84 -12.47
C LYS A 126 -1.54 5.38 -11.12
N PRO A 127 -2.23 6.55 -10.99
CA PRO A 127 -2.31 7.40 -9.76
C PRO A 127 -1.73 6.86 -8.42
N GLY A 128 -0.48 6.41 -8.39
CA GLY A 128 0.09 5.94 -7.15
C GLY A 128 -0.45 4.60 -6.72
N CYS A 129 -0.83 3.78 -7.65
CA CYS A 129 -1.27 2.48 -7.28
C CYS A 129 -0.29 1.42 -7.76
N LEU A 130 0.45 0.88 -6.82
CA LEU A 130 1.46 -0.12 -7.05
C LEU A 130 0.85 -1.49 -6.87
N LYS A 131 0.82 -2.27 -7.90
CA LYS A 131 0.34 -3.63 -7.78
C LYS A 131 1.55 -4.53 -7.60
N VAL A 132 1.66 -5.10 -6.46
CA VAL A 132 2.78 -5.95 -6.12
C VAL A 132 2.39 -7.38 -6.35
N MET A 133 3.24 -8.13 -6.97
CA MET A 133 3.03 -9.54 -7.15
C MET A 133 3.85 -10.23 -6.07
N LEU A 134 3.26 -11.19 -5.42
CA LEU A 134 3.90 -11.85 -4.31
C LEU A 134 4.93 -12.85 -4.77
N LYS A 135 5.72 -13.32 -3.85
CA LYS A 135 6.79 -14.22 -4.15
C LYS A 135 6.64 -15.55 -3.38
N MET A 31 -5.20 20.49 0.55
CA MET A 31 -5.18 19.96 1.92
C MET A 31 -4.64 18.54 2.02
N LYS A 32 -3.35 18.43 1.99
CA LYS A 32 -2.69 17.15 2.07
C LYS A 32 -2.32 16.94 3.54
N GLU A 33 -2.26 18.04 4.23
CA GLU A 33 -1.93 18.15 5.60
C GLU A 33 -3.13 17.73 6.46
N ALA A 34 -4.24 18.41 6.24
CA ALA A 34 -5.47 18.16 6.99
C ALA A 34 -6.01 16.77 6.70
N ASN A 35 -5.84 16.34 5.47
CA ASN A 35 -6.30 15.01 5.06
C ASN A 35 -5.38 13.92 5.55
N HIS A 36 -4.33 14.30 6.25
CA HIS A 36 -3.43 13.30 6.82
C HIS A 36 -4.11 12.73 8.05
N LEU A 37 -4.77 13.58 8.82
CA LEU A 37 -5.47 13.15 10.02
C LEU A 37 -6.62 12.25 9.62
N ALA A 38 -7.32 12.66 8.58
CA ALA A 38 -8.42 11.92 8.02
C ALA A 38 -7.95 10.59 7.46
N ALA A 39 -6.73 10.58 6.89
CA ALA A 39 -6.17 9.38 6.29
C ALA A 39 -6.04 8.28 7.30
N ILE A 40 -5.71 8.66 8.52
CA ILE A 40 -5.50 7.72 9.61
C ILE A 40 -6.80 6.97 9.93
N GLU A 41 -7.89 7.70 10.11
CA GLU A 41 -9.17 7.09 10.46
C GLU A 41 -9.75 6.31 9.30
N ILE A 42 -9.58 6.85 8.09
CA ILE A 42 -10.05 6.19 6.89
C ILE A 42 -9.31 4.87 6.74
N PHE A 43 -8.00 4.92 6.94
CA PHE A 43 -7.13 3.76 6.84
C PHE A 43 -7.60 2.63 7.76
N GLU A 44 -7.90 2.97 8.99
CA GLU A 44 -8.30 2.00 9.98
C GLU A 44 -9.54 1.24 9.56
N LYS A 45 -10.60 1.98 9.24
CA LYS A 45 -11.84 1.35 8.86
C LYS A 45 -11.73 0.68 7.49
N VAL A 46 -10.94 1.27 6.61
CA VAL A 46 -10.88 0.84 5.24
C VAL A 46 -10.20 -0.52 5.08
N ASN A 47 -9.12 -0.76 5.84
CA ASN A 47 -8.38 -2.04 5.72
C ASN A 47 -9.23 -3.22 6.11
N ALA A 48 -10.20 -2.99 6.96
CA ALA A 48 -11.10 -4.02 7.47
C ALA A 48 -11.86 -4.68 6.33
N SER A 49 -12.32 -3.89 5.38
CA SER A 49 -13.08 -4.40 4.28
C SER A 49 -12.22 -4.51 3.01
N LEU A 50 -10.97 -4.10 3.11
CA LEU A 50 -10.09 -4.14 1.97
C LEU A 50 -9.13 -5.31 2.01
N LEU A 51 -8.64 -5.66 3.18
CA LEU A 51 -7.70 -6.75 3.31
C LEU A 51 -8.20 -8.12 2.82
N PRO A 52 -9.47 -8.54 3.09
CA PRO A 52 -10.01 -9.81 2.55
C PRO A 52 -9.99 -9.84 0.99
N GLN A 53 -9.90 -8.68 0.37
CA GLN A 53 -9.87 -8.58 -1.09
C GLN A 53 -8.43 -8.56 -1.57
N ASN A 54 -7.52 -8.46 -0.62
CA ASN A 54 -6.10 -8.30 -0.87
C ASN A 54 -5.75 -7.01 -1.57
N VAL A 55 -6.06 -5.91 -0.93
CA VAL A 55 -5.70 -4.62 -1.43
C VAL A 55 -5.20 -3.86 -0.21
N LEU A 56 -4.12 -3.18 -0.36
CA LEU A 56 -3.50 -2.51 0.74
C LEU A 56 -3.55 -1.03 0.43
N ASP A 57 -4.40 -0.33 1.13
CA ASP A 57 -4.61 1.07 0.91
C ASP A 57 -4.36 1.86 2.20
N LEU A 58 -3.54 2.89 2.07
CA LEU A 58 -3.07 3.74 3.19
C LEU A 58 -2.60 5.08 2.67
N HIS A 59 -3.34 5.61 1.75
CA HIS A 59 -2.99 6.85 1.10
C HIS A 59 -3.15 8.06 2.02
N GLY A 60 -2.14 8.89 2.04
CA GLY A 60 -2.18 10.10 2.83
C GLY A 60 -1.39 10.01 4.11
N LEU A 61 -0.95 8.82 4.47
CA LEU A 61 -0.15 8.65 5.69
C LEU A 61 1.35 8.99 5.46
N HIS A 62 2.13 8.98 6.54
CA HIS A 62 3.57 9.19 6.48
C HIS A 62 4.19 7.99 5.92
N VAL A 63 5.32 8.17 5.34
CA VAL A 63 5.96 7.12 4.66
C VAL A 63 6.43 6.02 5.63
N ASP A 64 6.90 6.44 6.79
CA ASP A 64 7.34 5.50 7.85
C ASP A 64 6.18 4.68 8.39
N GLU A 65 5.05 5.35 8.61
CA GLU A 65 3.90 4.68 9.16
C GLU A 65 3.31 3.75 8.14
N ALA A 66 3.09 4.27 6.94
CA ALA A 66 2.62 3.49 5.82
C ALA A 66 3.52 2.26 5.57
N LEU A 67 4.82 2.41 5.78
CA LEU A 67 5.74 1.28 5.58
C LEU A 67 5.48 0.17 6.58
N GLU A 68 5.25 0.54 7.84
CA GLU A 68 5.00 -0.46 8.87
C GLU A 68 3.66 -1.14 8.61
N HIS A 69 2.70 -0.37 8.13
CA HIS A 69 1.35 -0.84 7.84
C HIS A 69 1.36 -1.78 6.63
N LEU A 70 2.26 -1.51 5.71
CA LEU A 70 2.44 -2.35 4.52
C LEU A 70 3.08 -3.66 4.89
N MET A 71 4.22 -3.60 5.56
CA MET A 71 5.07 -4.76 5.83
C MET A 71 4.32 -5.84 6.56
N ARG A 72 3.50 -5.43 7.52
CA ARG A 72 2.76 -6.35 8.35
C ARG A 72 1.76 -7.16 7.52
N VAL A 73 1.09 -6.49 6.59
CA VAL A 73 0.12 -7.15 5.74
C VAL A 73 0.79 -7.98 4.65
N LEU A 74 1.83 -7.42 4.08
CA LEU A 74 2.53 -8.00 3.01
C LEU A 74 3.17 -9.33 3.39
N GLU A 75 3.74 -9.40 4.58
CA GLU A 75 4.35 -10.64 5.03
C GLU A 75 3.31 -11.72 5.29
N LYS A 76 2.17 -11.32 5.87
CA LYS A 76 1.15 -12.27 6.23
C LYS A 76 0.39 -12.77 5.00
N LYS A 77 0.18 -11.90 4.03
CA LYS A 77 -0.52 -12.30 2.83
C LYS A 77 0.33 -13.08 1.86
N THR A 78 1.62 -12.90 1.91
CA THR A 78 2.52 -13.75 1.13
C THR A 78 2.44 -15.17 1.73
N GLU A 79 2.23 -15.22 3.03
CA GLU A 79 2.05 -16.43 3.75
C GLU A 79 0.68 -17.05 3.39
N GLU A 80 -0.40 -16.23 3.43
CA GLU A 80 -1.75 -16.68 2.99
C GLU A 80 -1.70 -17.21 1.57
N PHE A 81 -0.90 -16.57 0.76
CA PHE A 81 -0.70 -16.96 -0.63
C PHE A 81 -0.18 -18.39 -0.75
N LYS A 82 0.77 -18.75 0.06
CA LYS A 82 1.32 -20.09 -0.02
C LYS A 82 0.60 -21.10 0.87
N GLN A 83 -0.01 -20.62 1.94
CA GLN A 83 -0.75 -21.51 2.82
C GLN A 83 -2.16 -21.76 2.32
N ASN A 84 -2.91 -20.72 2.12
CA ASN A 84 -4.31 -20.86 1.77
C ASN A 84 -4.48 -20.79 0.27
N GLY A 85 -3.70 -19.93 -0.35
CA GLY A 85 -3.79 -19.74 -1.77
C GLY A 85 -4.76 -18.65 -2.09
N GLY A 86 -4.64 -17.54 -1.35
CA GLY A 86 -5.54 -16.41 -1.54
C GLY A 86 -5.30 -15.69 -2.84
N LYS A 87 -4.57 -14.62 -2.79
CA LYS A 87 -4.23 -13.90 -3.98
C LYS A 87 -2.73 -13.89 -4.12
N PRO A 88 -2.23 -14.09 -5.32
CA PRO A 88 -0.79 -14.02 -5.60
C PRO A 88 -0.31 -12.58 -5.78
N TYR A 89 -1.09 -11.63 -5.29
CA TYR A 89 -0.77 -10.25 -5.45
C TYR A 89 -1.37 -9.43 -4.33
N LEU A 90 -0.89 -8.22 -4.23
CA LEU A 90 -1.37 -7.21 -3.34
C LEU A 90 -1.31 -5.89 -4.05
N SER A 91 -2.42 -5.28 -4.20
CA SER A 91 -2.50 -4.02 -4.84
C SER A 91 -2.39 -2.92 -3.79
N VAL A 92 -1.38 -2.11 -3.89
CA VAL A 92 -1.12 -1.09 -2.91
C VAL A 92 -1.51 0.28 -3.45
N ILE A 93 -2.35 0.96 -2.72
CA ILE A 93 -2.70 2.32 -3.06
C ILE A 93 -1.92 3.21 -2.13
N THR A 94 -0.88 3.83 -2.66
CA THR A 94 -0.08 4.72 -1.86
C THR A 94 -0.71 6.09 -1.92
N GLY A 95 -1.52 6.29 -2.95
CA GLY A 95 -2.21 7.49 -3.10
C GLY A 95 -2.39 7.81 -4.51
N ARG A 96 -3.62 8.01 -4.91
CA ARG A 96 -3.94 8.39 -6.26
C ARG A 96 -3.68 9.86 -6.44
N GLY A 97 -2.46 10.22 -6.17
CA GLY A 97 -2.03 11.54 -6.28
C GLY A 97 -0.89 11.65 -7.20
N ASN A 98 -0.20 10.55 -7.43
CA ASN A 98 0.89 10.58 -8.38
C ASN A 98 0.31 10.58 -9.76
N HIS A 99 0.35 11.70 -10.38
CA HIS A 99 -0.09 11.83 -11.74
C HIS A 99 1.11 12.17 -12.61
N SER A 100 2.09 12.77 -11.98
CA SER A 100 3.32 13.19 -12.59
C SER A 100 4.22 13.61 -11.44
N GLN A 101 5.27 14.37 -11.72
CA GLN A 101 6.17 14.86 -10.70
C GLN A 101 5.49 15.86 -9.74
N GLY A 102 4.32 16.33 -10.10
CA GLY A 102 3.57 17.25 -9.28
C GLY A 102 2.65 16.53 -8.33
N GLY A 103 2.75 15.22 -8.32
CA GLY A 103 1.92 14.43 -7.48
C GLY A 103 2.57 14.12 -6.17
N VAL A 104 2.20 14.85 -5.15
CA VAL A 104 2.71 14.65 -3.82
C VAL A 104 2.06 13.41 -3.22
N ALA A 105 2.71 12.31 -3.43
CA ALA A 105 2.35 11.04 -2.90
C ALA A 105 3.63 10.35 -2.52
N ARG A 106 4.21 10.79 -1.42
CA ARG A 106 5.52 10.33 -0.97
C ARG A 106 5.53 8.93 -0.47
N ILE A 107 4.37 8.39 -0.25
CA ILE A 107 4.26 7.02 0.14
C ILE A 107 4.75 6.13 -1.01
N LYS A 108 4.53 6.57 -2.25
CA LYS A 108 4.92 5.79 -3.41
C LYS A 108 6.45 5.55 -3.49
N PRO A 109 7.32 6.62 -3.51
CA PRO A 109 8.78 6.41 -3.55
C PRO A 109 9.29 5.61 -2.36
N ALA A 110 8.65 5.80 -1.21
CA ALA A 110 9.01 5.11 -0.02
C ALA A 110 8.68 3.62 -0.14
N VAL A 111 7.48 3.34 -0.57
CA VAL A 111 7.02 1.99 -0.77
C VAL A 111 7.81 1.28 -1.88
N ILE A 112 8.09 1.97 -2.98
CA ILE A 112 8.87 1.40 -4.10
C ILE A 112 10.22 0.88 -3.58
N LYS A 113 10.89 1.74 -2.83
CA LYS A 113 12.13 1.47 -2.23
C LYS A 113 12.03 0.25 -1.30
N TYR A 114 10.92 0.10 -0.66
CA TYR A 114 10.68 -1.00 0.24
C TYR A 114 10.64 -2.32 -0.54
N LEU A 115 9.84 -2.37 -1.60
CA LEU A 115 9.66 -3.56 -2.41
C LEU A 115 10.97 -4.04 -3.01
N ILE A 116 11.71 -3.12 -3.61
CA ILE A 116 12.99 -3.44 -4.23
C ILE A 116 14.00 -3.96 -3.22
N SER A 117 13.99 -3.38 -2.04
CA SER A 117 14.92 -3.73 -0.99
C SER A 117 14.68 -5.15 -0.45
N HIS A 118 13.49 -5.69 -0.67
CA HIS A 118 13.18 -7.04 -0.24
C HIS A 118 13.04 -7.96 -1.43
N SER A 119 13.34 -7.41 -2.61
CA SER A 119 13.27 -8.12 -3.88
C SER A 119 11.85 -8.64 -4.19
N PHE A 120 10.89 -7.74 -4.12
CA PHE A 120 9.53 -8.07 -4.48
C PHE A 120 9.30 -7.78 -5.96
N ARG A 121 8.14 -8.13 -6.45
CA ARG A 121 7.77 -7.88 -7.81
C ARG A 121 6.62 -6.93 -7.77
N PHE A 122 6.77 -5.77 -8.31
CA PHE A 122 5.71 -4.79 -8.31
C PHE A 122 5.77 -3.96 -9.57
N SER A 123 4.68 -3.33 -9.90
CA SER A 123 4.61 -2.44 -10.99
C SER A 123 3.47 -1.46 -10.73
N GLU A 124 3.70 -0.20 -10.99
CA GLU A 124 2.65 0.80 -10.80
C GLU A 124 1.69 0.75 -11.95
N ILE A 125 0.43 0.81 -11.64
CA ILE A 125 -0.60 0.91 -12.62
C ILE A 125 -0.51 2.32 -13.21
N LYS A 126 -0.82 3.28 -12.37
CA LYS A 126 -0.73 4.66 -12.61
C LYS A 126 -1.19 5.27 -11.26
N PRO A 127 -1.90 6.45 -11.15
CA PRO A 127 -1.94 7.29 -9.95
C PRO A 127 -1.58 6.65 -8.59
N GLY A 128 -0.30 6.67 -8.27
CA GLY A 128 0.23 6.16 -7.01
C GLY A 128 -0.23 4.75 -6.62
N CYS A 129 -0.52 3.92 -7.56
CA CYS A 129 -0.98 2.61 -7.21
C CYS A 129 -0.04 1.52 -7.72
N LEU A 130 0.69 0.94 -6.79
CA LEU A 130 1.67 -0.08 -7.06
C LEU A 130 1.01 -1.44 -6.89
N LYS A 131 1.05 -2.25 -7.90
CA LYS A 131 0.54 -3.59 -7.78
C LYS A 131 1.71 -4.52 -7.57
N VAL A 132 1.66 -5.25 -6.49
CA VAL A 132 2.75 -6.10 -6.07
C VAL A 132 2.35 -7.53 -6.29
N MET A 133 3.23 -8.29 -6.86
CA MET A 133 3.00 -9.67 -7.12
C MET A 133 3.82 -10.42 -6.09
N LEU A 134 3.15 -11.23 -5.35
CA LEU A 134 3.73 -11.92 -4.22
C LEU A 134 4.69 -12.98 -4.67
N LYS A 135 5.70 -13.17 -3.88
CA LYS A 135 6.79 -14.06 -4.16
C LYS A 135 6.77 -15.27 -3.25
N MET A 31 -1.65 23.19 5.30
CA MET A 31 -1.47 21.83 5.73
C MET A 31 -2.55 20.88 5.30
N LYS A 32 -2.10 19.79 4.71
CA LYS A 32 -2.93 18.70 4.26
C LYS A 32 -2.98 17.64 5.34
N GLU A 33 -2.56 18.04 6.53
CA GLU A 33 -2.57 17.15 7.68
C GLU A 33 -3.98 16.79 8.07
N ALA A 34 -4.93 17.61 7.66
CA ALA A 34 -6.34 17.33 7.87
C ALA A 34 -6.67 16.04 7.12
N ASN A 35 -6.22 15.99 5.87
CA ASN A 35 -6.38 14.82 5.03
C ASN A 35 -5.59 13.64 5.60
N HIS A 36 -4.39 13.93 6.10
CA HIS A 36 -3.55 12.91 6.73
C HIS A 36 -4.23 12.27 7.94
N LEU A 37 -4.72 13.08 8.84
CA LEU A 37 -5.32 12.57 10.06
C LEU A 37 -6.60 11.81 9.76
N ALA A 38 -7.28 12.23 8.69
CA ALA A 38 -8.44 11.55 8.20
C ALA A 38 -8.02 10.21 7.60
N ALA A 39 -6.93 10.23 6.85
CA ALA A 39 -6.42 9.05 6.15
C ALA A 39 -6.29 7.82 7.05
N ILE A 40 -5.81 8.02 8.28
CA ILE A 40 -5.64 6.89 9.21
C ILE A 40 -6.99 6.27 9.58
N GLU A 41 -7.94 7.10 9.99
CA GLU A 41 -9.24 6.58 10.40
C GLU A 41 -9.99 5.99 9.22
N ILE A 42 -9.80 6.58 8.04
CA ILE A 42 -10.38 6.06 6.82
C ILE A 42 -9.76 4.70 6.53
N PHE A 43 -8.43 4.65 6.58
CA PHE A 43 -7.65 3.43 6.37
C PHE A 43 -8.10 2.32 7.30
N GLU A 44 -8.32 2.64 8.56
CA GLU A 44 -8.75 1.66 9.52
C GLU A 44 -10.10 1.04 9.12
N LYS A 45 -11.09 1.87 8.84
CA LYS A 45 -12.38 1.36 8.43
C LYS A 45 -12.35 0.70 7.03
N VAL A 46 -11.47 1.17 6.15
CA VAL A 46 -11.41 0.57 4.82
C VAL A 46 -10.61 -0.74 4.77
N ASN A 47 -9.44 -0.82 5.45
CA ASN A 47 -8.57 -2.03 5.35
C ASN A 47 -9.30 -3.28 5.82
N ALA A 48 -10.25 -3.09 6.74
CA ALA A 48 -11.04 -4.18 7.28
C ALA A 48 -11.83 -4.91 6.18
N SER A 49 -12.22 -4.19 5.15
CA SER A 49 -12.98 -4.78 4.08
C SER A 49 -12.10 -4.89 2.81
N LEU A 50 -10.93 -4.32 2.89
CA LEU A 50 -10.05 -4.31 1.74
C LEU A 50 -9.00 -5.40 1.79
N LEU A 51 -8.57 -5.79 2.96
CA LEU A 51 -7.57 -6.84 3.11
C LEU A 51 -8.02 -8.25 2.64
N PRO A 52 -9.32 -8.66 2.78
CA PRO A 52 -9.79 -9.94 2.20
C PRO A 52 -9.67 -9.93 0.66
N GLN A 53 -9.86 -8.76 0.06
CA GLN A 53 -9.76 -8.59 -1.40
C GLN A 53 -8.29 -8.41 -1.75
N ASN A 54 -7.57 -8.16 -0.70
CA ASN A 54 -6.16 -7.88 -0.68
C ASN A 54 -5.77 -6.66 -1.48
N VAL A 55 -6.11 -5.55 -0.94
CA VAL A 55 -5.72 -4.30 -1.46
C VAL A 55 -5.30 -3.45 -0.28
N LEU A 56 -4.11 -2.98 -0.33
CA LEU A 56 -3.56 -2.22 0.73
C LEU A 56 -3.59 -0.78 0.32
N ASP A 57 -4.53 -0.08 0.87
CA ASP A 57 -4.77 1.29 0.54
C ASP A 57 -4.56 2.17 1.75
N LEU A 58 -3.53 3.00 1.70
CA LEU A 58 -3.12 3.87 2.80
C LEU A 58 -2.65 5.23 2.31
N HIS A 59 -3.34 5.74 1.33
CA HIS A 59 -3.03 7.03 0.77
C HIS A 59 -3.31 8.13 1.80
N GLY A 60 -2.34 8.98 2.01
CA GLY A 60 -2.51 10.08 2.94
C GLY A 60 -1.65 9.90 4.18
N LEU A 61 -1.20 8.69 4.44
CA LEU A 61 -0.34 8.40 5.59
C LEU A 61 1.08 8.92 5.37
N HIS A 62 1.86 8.93 6.43
CA HIS A 62 3.28 9.25 6.31
C HIS A 62 4.03 8.05 5.82
N VAL A 63 5.25 8.26 5.38
CA VAL A 63 6.14 7.18 4.95
C VAL A 63 6.28 6.15 6.07
N ASP A 64 6.58 6.63 7.26
CA ASP A 64 6.78 5.79 8.43
C ASP A 64 5.56 4.93 8.70
N GLU A 65 4.42 5.60 8.72
CA GLU A 65 3.13 4.99 8.94
C GLU A 65 2.81 3.99 7.86
N ALA A 66 2.87 4.43 6.61
CA ALA A 66 2.59 3.61 5.47
C ALA A 66 3.43 2.36 5.45
N LEU A 67 4.71 2.49 5.74
CA LEU A 67 5.60 1.35 5.74
C LEU A 67 5.24 0.35 6.83
N GLU A 68 4.86 0.84 8.02
CA GLU A 68 4.44 -0.02 9.14
C GLU A 68 3.26 -0.89 8.71
N HIS A 69 2.26 -0.24 8.17
CA HIS A 69 1.04 -0.92 7.78
C HIS A 69 1.25 -1.80 6.55
N LEU A 70 2.13 -1.35 5.66
CA LEU A 70 2.45 -2.07 4.43
C LEU A 70 3.12 -3.39 4.71
N MET A 71 4.19 -3.31 5.50
CA MET A 71 5.06 -4.45 5.75
C MET A 71 4.32 -5.62 6.34
N ARG A 72 3.46 -5.36 7.32
CA ARG A 72 2.78 -6.45 8.00
C ARG A 72 1.80 -7.17 7.08
N VAL A 73 1.17 -6.42 6.20
CA VAL A 73 0.19 -6.97 5.30
C VAL A 73 0.87 -7.80 4.21
N LEU A 74 1.93 -7.25 3.62
CA LEU A 74 2.67 -7.95 2.57
C LEU A 74 3.22 -9.28 3.07
N GLU A 75 3.82 -9.28 4.23
CA GLU A 75 4.43 -10.48 4.76
C GLU A 75 3.39 -11.53 5.13
N LYS A 76 2.27 -11.11 5.69
CA LYS A 76 1.25 -12.06 6.07
C LYS A 76 0.53 -12.59 4.82
N LYS A 77 0.36 -11.73 3.80
CA LYS A 77 -0.27 -12.16 2.56
C LYS A 77 0.60 -13.14 1.83
N THR A 78 1.90 -12.94 1.90
CA THR A 78 2.83 -13.88 1.30
C THR A 78 2.61 -15.27 1.93
N GLU A 79 2.35 -15.30 3.24
CA GLU A 79 2.05 -16.53 3.92
C GLU A 79 0.72 -17.08 3.45
N GLU A 80 -0.33 -16.25 3.48
CA GLU A 80 -1.68 -16.62 3.01
C GLU A 80 -1.61 -17.25 1.61
N PHE A 81 -0.86 -16.62 0.76
CA PHE A 81 -0.61 -17.04 -0.61
C PHE A 81 -0.07 -18.47 -0.70
N LYS A 82 0.98 -18.76 0.02
CA LYS A 82 1.62 -20.06 -0.09
C LYS A 82 1.04 -21.10 0.87
N GLN A 83 0.39 -20.65 1.91
CA GLN A 83 -0.22 -21.55 2.87
C GLN A 83 -1.64 -21.92 2.45
N ASN A 84 -2.45 -20.93 2.17
CA ASN A 84 -3.87 -21.15 1.90
C ASN A 84 -4.26 -20.84 0.47
N GLY A 85 -3.40 -20.16 -0.24
CA GLY A 85 -3.72 -19.76 -1.59
C GLY A 85 -4.69 -18.61 -1.59
N GLY A 86 -4.31 -17.54 -0.88
CA GLY A 86 -5.14 -16.35 -0.82
C GLY A 86 -5.12 -15.59 -2.13
N LYS A 87 -4.36 -14.52 -2.18
CA LYS A 87 -4.20 -13.78 -3.40
C LYS A 87 -2.74 -13.82 -3.78
N PRO A 88 -2.43 -14.06 -5.05
CA PRO A 88 -1.05 -14.09 -5.55
C PRO A 88 -0.48 -12.68 -5.77
N TYR A 89 -1.22 -11.67 -5.38
CA TYR A 89 -0.83 -10.32 -5.61
C TYR A 89 -1.30 -9.46 -4.47
N LEU A 90 -0.77 -8.28 -4.39
CA LEU A 90 -1.12 -7.29 -3.41
C LEU A 90 -1.23 -5.98 -4.19
N SER A 91 -2.38 -5.40 -4.25
CA SER A 91 -2.52 -4.11 -4.89
C SER A 91 -2.36 -3.00 -3.84
N VAL A 92 -1.36 -2.17 -4.00
CA VAL A 92 -1.10 -1.10 -3.05
C VAL A 92 -1.50 0.24 -3.65
N ILE A 93 -2.28 1.01 -2.92
CA ILE A 93 -2.63 2.36 -3.34
C ILE A 93 -1.94 3.34 -2.41
N THR A 94 -0.92 4.00 -2.91
CA THR A 94 -0.24 4.99 -2.12
C THR A 94 -0.86 6.36 -2.37
N GLY A 95 -1.58 6.46 -3.49
CA GLY A 95 -2.25 7.69 -3.82
C GLY A 95 -1.31 8.76 -4.31
N ARG A 96 -0.21 8.36 -4.93
CA ARG A 96 0.71 9.34 -5.46
C ARG A 96 0.16 10.00 -6.65
N GLY A 97 0.02 11.34 -6.51
CA GLY A 97 -0.31 12.23 -7.59
C GLY A 97 -1.26 11.64 -8.52
N ASN A 98 -2.46 11.46 -8.03
CA ASN A 98 -3.60 10.74 -8.69
C ASN A 98 -3.41 10.61 -10.20
N HIS A 99 -3.09 9.37 -10.58
CA HIS A 99 -2.64 8.87 -11.89
C HIS A 99 -1.17 8.47 -11.88
N SER A 100 -0.30 9.36 -11.40
CA SER A 100 1.14 9.09 -11.26
C SER A 100 1.90 10.37 -10.85
N GLN A 101 1.61 11.47 -11.53
CA GLN A 101 2.29 12.74 -11.29
C GLN A 101 1.40 13.70 -10.49
N GLY A 102 1.89 14.21 -9.38
CA GLY A 102 1.11 15.12 -8.58
C GLY A 102 1.92 15.74 -7.47
N GLY A 103 1.26 16.01 -6.35
CA GLY A 103 1.90 16.69 -5.24
C GLY A 103 2.75 15.79 -4.34
N VAL A 104 3.94 15.46 -4.85
CA VAL A 104 5.00 14.73 -4.18
C VAL A 104 4.62 13.29 -3.88
N ALA A 105 3.75 13.14 -2.92
CA ALA A 105 3.33 11.89 -2.39
C ALA A 105 4.52 10.93 -2.08
N ARG A 106 5.20 11.19 -0.96
CA ARG A 106 6.42 10.44 -0.52
C ARG A 106 6.17 8.98 -0.23
N ILE A 107 4.92 8.59 -0.18
CA ILE A 107 4.57 7.22 0.14
C ILE A 107 5.07 6.27 -0.94
N LYS A 108 4.83 6.60 -2.21
CA LYS A 108 5.18 5.72 -3.30
C LYS A 108 6.69 5.40 -3.35
N PRO A 109 7.60 6.43 -3.41
CA PRO A 109 9.04 6.18 -3.46
C PRO A 109 9.53 5.33 -2.27
N ALA A 110 8.90 5.51 -1.12
CA ALA A 110 9.29 4.80 0.08
C ALA A 110 8.83 3.36 0.01
N VAL A 111 7.61 3.18 -0.45
CA VAL A 111 7.05 1.87 -0.64
C VAL A 111 7.85 1.09 -1.68
N ILE A 112 8.19 1.76 -2.79
CA ILE A 112 9.00 1.15 -3.85
C ILE A 112 10.31 0.60 -3.29
N LYS A 113 10.94 1.38 -2.41
CA LYS A 113 12.16 1.03 -1.81
C LYS A 113 11.98 -0.22 -0.94
N TYR A 114 10.82 -0.34 -0.31
CA TYR A 114 10.51 -1.48 0.50
C TYR A 114 10.42 -2.73 -0.38
N LEU A 115 9.69 -2.62 -1.47
CA LEU A 115 9.49 -3.76 -2.38
C LEU A 115 10.79 -4.27 -2.96
N ILE A 116 11.57 -3.37 -3.53
CA ILE A 116 12.83 -3.73 -4.18
C ILE A 116 13.83 -4.34 -3.21
N SER A 117 13.80 -3.87 -1.99
CA SER A 117 14.71 -4.34 -0.96
C SER A 117 14.39 -5.77 -0.52
N HIS A 118 13.19 -6.22 -0.80
CA HIS A 118 12.80 -7.57 -0.46
C HIS A 118 12.63 -8.41 -1.72
N SER A 119 13.10 -7.86 -2.84
CA SER A 119 13.10 -8.53 -4.14
C SER A 119 11.67 -8.82 -4.66
N PHE A 120 10.74 -7.94 -4.35
CA PHE A 120 9.38 -8.06 -4.84
C PHE A 120 9.29 -7.63 -6.28
N ARG A 121 8.15 -7.86 -6.86
CA ARG A 121 7.88 -7.49 -8.21
C ARG A 121 6.60 -6.71 -8.24
N PHE A 122 6.69 -5.47 -8.63
CA PHE A 122 5.56 -4.57 -8.66
C PHE A 122 5.57 -3.73 -9.93
N SER A 123 4.47 -3.10 -10.20
CA SER A 123 4.33 -2.19 -11.30
C SER A 123 3.22 -1.20 -10.96
N GLU A 124 3.45 0.08 -11.20
CA GLU A 124 2.43 1.08 -10.95
C GLU A 124 1.37 1.03 -12.03
N ILE A 125 0.15 1.08 -11.60
CA ILE A 125 -0.99 1.11 -12.46
C ILE A 125 -1.33 2.56 -12.77
N LYS A 126 -1.84 3.23 -11.77
CA LYS A 126 -2.31 4.58 -11.82
C LYS A 126 -2.10 5.11 -10.35
N PRO A 127 -2.93 6.06 -9.70
CA PRO A 127 -2.59 6.81 -8.43
C PRO A 127 -1.56 6.18 -7.46
N GLY A 128 -0.27 6.21 -7.82
CA GLY A 128 0.78 5.60 -7.00
C GLY A 128 0.46 4.14 -6.65
N CYS A 129 -0.30 3.51 -7.47
CA CYS A 129 -0.77 2.21 -7.19
C CYS A 129 0.17 1.19 -7.71
N LEU A 130 0.88 0.61 -6.82
CA LEU A 130 1.84 -0.40 -7.11
C LEU A 130 1.18 -1.74 -6.98
N LYS A 131 1.03 -2.43 -8.07
CA LYS A 131 0.50 -3.75 -8.02
C LYS A 131 1.67 -4.70 -7.85
N VAL A 132 1.71 -5.30 -6.71
CA VAL A 132 2.80 -6.12 -6.31
C VAL A 132 2.38 -7.54 -6.46
N MET A 133 3.25 -8.34 -6.98
CA MET A 133 2.97 -9.73 -7.11
C MET A 133 3.78 -10.41 -6.04
N LEU A 134 3.18 -11.36 -5.37
CA LEU A 134 3.80 -11.98 -4.22
C LEU A 134 4.90 -12.95 -4.59
N LYS A 135 5.68 -13.29 -3.60
CA LYS A 135 6.85 -14.13 -3.76
C LYS A 135 6.92 -15.19 -2.66
N MET A 31 -9.10 20.62 6.21
CA MET A 31 -7.89 20.54 7.03
C MET A 31 -7.08 19.32 6.68
N LYS A 32 -6.22 19.44 5.68
CA LYS A 32 -5.44 18.31 5.19
C LYS A 32 -4.53 17.72 6.25
N GLU A 33 -4.10 18.54 7.18
CA GLU A 33 -3.20 18.08 8.21
C GLU A 33 -3.95 17.28 9.27
N ALA A 34 -5.17 17.72 9.55
CA ALA A 34 -6.01 17.00 10.48
C ALA A 34 -6.49 15.72 9.82
N ASN A 35 -6.76 15.84 8.52
CA ASN A 35 -7.18 14.71 7.67
C ASN A 35 -6.06 13.69 7.58
N HIS A 36 -4.83 14.17 7.51
CA HIS A 36 -3.64 13.32 7.42
C HIS A 36 -3.47 12.54 8.74
N LEU A 37 -3.77 13.19 9.84
CA LEU A 37 -3.70 12.56 11.14
C LEU A 37 -4.86 11.58 11.31
N ALA A 38 -5.96 11.88 10.68
CA ALA A 38 -7.14 11.03 10.72
C ALA A 38 -7.01 9.88 9.74
N ALA A 39 -6.08 10.00 8.80
CA ALA A 39 -5.86 9.00 7.74
C ALA A 39 -5.54 7.62 8.29
N ILE A 40 -5.08 7.60 9.52
CA ILE A 40 -4.73 6.36 10.19
C ILE A 40 -6.01 5.55 10.46
N GLU A 41 -7.04 6.21 11.02
CA GLU A 41 -8.29 5.52 11.25
C GLU A 41 -9.01 5.27 9.93
N ILE A 42 -8.79 6.19 8.97
CA ILE A 42 -9.37 6.06 7.64
C ILE A 42 -8.83 4.78 7.00
N PHE A 43 -7.52 4.60 7.12
CA PHE A 43 -6.81 3.42 6.66
C PHE A 43 -7.41 2.15 7.24
N GLU A 44 -7.72 2.17 8.51
CA GLU A 44 -8.28 1.01 9.16
C GLU A 44 -9.66 0.65 8.64
N LYS A 45 -10.51 1.65 8.43
CA LYS A 45 -11.87 1.39 7.99
C LYS A 45 -11.88 0.93 6.55
N VAL A 46 -10.94 1.45 5.77
CA VAL A 46 -10.89 1.15 4.39
C VAL A 46 -10.26 -0.23 4.13
N ASN A 47 -9.20 -0.57 4.85
CA ASN A 47 -8.54 -1.87 4.65
C ASN A 47 -9.43 -3.00 5.15
N ALA A 48 -10.35 -2.68 6.05
CA ALA A 48 -11.30 -3.67 6.57
C ALA A 48 -12.10 -4.31 5.43
N SER A 49 -12.37 -3.53 4.38
CA SER A 49 -13.09 -4.04 3.23
C SER A 49 -12.13 -4.32 2.06
N LEU A 50 -11.10 -3.50 1.93
CA LEU A 50 -10.17 -3.60 0.79
C LEU A 50 -9.11 -4.70 0.94
N LEU A 51 -8.59 -4.87 2.14
CA LEU A 51 -7.48 -5.79 2.37
C LEU A 51 -7.80 -7.26 2.01
N PRO A 52 -9.01 -7.82 2.40
CA PRO A 52 -9.40 -9.17 1.99
C PRO A 52 -9.58 -9.34 0.46
N GLN A 53 -9.39 -8.27 -0.30
CA GLN A 53 -9.50 -8.32 -1.74
C GLN A 53 -8.11 -8.30 -2.37
N ASN A 54 -7.10 -8.56 -1.53
CA ASN A 54 -5.69 -8.53 -1.93
C ASN A 54 -5.28 -7.13 -2.34
N VAL A 55 -5.74 -6.22 -1.54
CA VAL A 55 -5.47 -4.83 -1.67
C VAL A 55 -4.90 -4.34 -0.36
N LEU A 56 -3.91 -3.53 -0.45
CA LEU A 56 -3.37 -2.90 0.68
C LEU A 56 -3.44 -1.42 0.38
N ASP A 57 -4.39 -0.77 0.96
CA ASP A 57 -4.63 0.61 0.67
C ASP A 57 -4.24 1.43 1.90
N LEU A 58 -3.28 2.30 1.77
CA LEU A 58 -2.83 3.13 2.88
C LEU A 58 -2.53 4.55 2.44
N HIS A 59 -3.39 5.07 1.61
CA HIS A 59 -3.18 6.39 1.09
C HIS A 59 -3.41 7.44 2.14
N GLY A 60 -2.45 8.30 2.30
CA GLY A 60 -2.61 9.40 3.20
C GLY A 60 -1.83 9.26 4.48
N LEU A 61 -1.27 8.09 4.74
CA LEU A 61 -0.44 7.86 5.94
C LEU A 61 0.86 8.66 5.89
N HIS A 62 1.65 8.54 6.92
CA HIS A 62 2.98 9.08 6.88
C HIS A 62 3.86 8.00 6.31
N VAL A 63 5.01 8.39 5.79
CA VAL A 63 5.92 7.45 5.13
C VAL A 63 6.31 6.30 6.08
N ASP A 64 6.59 6.64 7.31
CA ASP A 64 7.02 5.66 8.31
C ASP A 64 5.91 4.67 8.62
N GLU A 65 4.72 5.20 8.77
CA GLU A 65 3.53 4.42 9.04
C GLU A 65 3.23 3.51 7.87
N ALA A 66 3.20 4.10 6.69
CA ALA A 66 2.89 3.37 5.48
C ALA A 66 3.80 2.16 5.30
N LEU A 67 5.09 2.35 5.56
CA LEU A 67 6.03 1.26 5.44
C LEU A 67 5.79 0.15 6.48
N GLU A 68 5.49 0.54 7.72
CA GLU A 68 5.29 -0.44 8.78
C GLU A 68 3.98 -1.20 8.58
N HIS A 69 2.95 -0.47 8.12
CA HIS A 69 1.65 -1.03 7.88
C HIS A 69 1.67 -1.94 6.65
N LEU A 70 2.51 -1.59 5.68
CA LEU A 70 2.70 -2.36 4.46
C LEU A 70 3.37 -3.70 4.75
N MET A 71 4.53 -3.64 5.42
CA MET A 71 5.37 -4.82 5.65
C MET A 71 4.61 -5.95 6.36
N ARG A 72 3.80 -5.58 7.35
CA ARG A 72 3.05 -6.56 8.13
C ARG A 72 2.01 -7.28 7.26
N VAL A 73 1.44 -6.56 6.30
CA VAL A 73 0.46 -7.13 5.42
C VAL A 73 1.09 -8.03 4.39
N LEU A 74 2.19 -7.57 3.80
CA LEU A 74 2.89 -8.33 2.77
C LEU A 74 3.28 -9.71 3.28
N GLU A 75 3.88 -9.75 4.45
CA GLU A 75 4.33 -10.98 5.05
C GLU A 75 3.18 -11.94 5.38
N LYS A 76 2.08 -11.39 5.92
CA LYS A 76 0.96 -12.21 6.34
C LYS A 76 0.16 -12.69 5.14
N LYS A 77 0.06 -11.85 4.12
CA LYS A 77 -0.70 -12.18 2.96
C LYS A 77 0.03 -13.21 2.14
N THR A 78 1.34 -13.12 2.12
CA THR A 78 2.15 -14.13 1.46
C THR A 78 1.92 -15.49 2.16
N GLU A 79 1.74 -15.45 3.49
CA GLU A 79 1.40 -16.64 4.24
C GLU A 79 0.04 -17.15 3.79
N GLU A 80 -0.97 -16.27 3.80
CA GLU A 80 -2.34 -16.59 3.37
C GLU A 80 -2.35 -17.14 1.94
N PHE A 81 -1.55 -16.54 1.10
CA PHE A 81 -1.37 -16.93 -0.29
C PHE A 81 -0.93 -18.39 -0.43
N LYS A 82 0.04 -18.80 0.35
CA LYS A 82 0.50 -20.18 0.29
C LYS A 82 -0.24 -21.14 1.23
N GLN A 83 -0.82 -20.62 2.30
CA GLN A 83 -1.56 -21.44 3.27
C GLN A 83 -3.03 -21.60 2.89
N ASN A 84 -3.72 -20.50 2.75
CA ASN A 84 -5.19 -20.51 2.54
C ASN A 84 -5.53 -20.52 1.08
N GLY A 85 -4.76 -19.78 0.31
CA GLY A 85 -5.01 -19.70 -1.10
C GLY A 85 -5.40 -18.30 -1.51
N GLY A 86 -4.65 -17.33 -1.04
CA GLY A 86 -4.90 -15.94 -1.39
C GLY A 86 -4.32 -15.63 -2.76
N LYS A 87 -4.54 -14.43 -3.25
CA LYS A 87 -4.01 -14.06 -4.54
C LYS A 87 -2.51 -13.79 -4.45
N PRO A 88 -1.78 -14.10 -5.54
CA PRO A 88 -0.31 -13.92 -5.61
C PRO A 88 0.12 -12.44 -5.77
N TYR A 89 -0.72 -11.53 -5.37
CA TYR A 89 -0.43 -10.13 -5.55
C TYR A 89 -1.14 -9.29 -4.52
N LEU A 90 -0.63 -8.11 -4.33
CA LEU A 90 -1.24 -7.11 -3.48
C LEU A 90 -1.21 -5.78 -4.19
N SER A 91 -2.35 -5.18 -4.33
CA SER A 91 -2.44 -3.88 -4.96
C SER A 91 -2.36 -2.82 -3.88
N VAL A 92 -1.27 -2.10 -3.87
CA VAL A 92 -0.99 -1.12 -2.84
C VAL A 92 -1.34 0.28 -3.33
N ILE A 93 -2.35 0.87 -2.73
CA ILE A 93 -2.72 2.24 -3.02
C ILE A 93 -1.92 3.08 -2.06
N THR A 94 -0.96 3.80 -2.56
CA THR A 94 -0.11 4.54 -1.69
C THR A 94 -0.59 5.93 -1.44
N GLY A 95 -1.30 6.53 -2.38
CA GLY A 95 -1.58 7.91 -2.14
C GLY A 95 -2.69 8.49 -2.92
N ARG A 96 -2.63 9.80 -3.06
CA ARG A 96 -3.59 10.54 -3.82
C ARG A 96 -3.40 10.24 -5.29
N GLY A 97 -4.49 9.98 -5.93
CA GLY A 97 -4.47 9.49 -7.26
C GLY A 97 -4.20 10.53 -8.28
N ASN A 98 -2.95 10.80 -8.50
CA ASN A 98 -2.53 11.67 -9.56
C ASN A 98 -2.13 10.78 -10.71
N HIS A 99 -2.71 11.00 -11.86
CA HIS A 99 -2.44 10.16 -13.03
C HIS A 99 -1.10 10.55 -13.66
N SER A 100 -0.64 11.74 -13.36
CA SER A 100 0.58 12.23 -13.94
C SER A 100 1.80 11.81 -13.11
N GLN A 101 2.98 11.87 -13.74
CA GLN A 101 4.24 11.43 -13.13
C GLN A 101 4.61 12.24 -11.89
N GLY A 102 4.12 13.46 -11.80
CA GLY A 102 4.44 14.32 -10.68
C GLY A 102 3.48 14.15 -9.52
N GLY A 103 3.00 12.95 -9.34
CA GLY A 103 2.12 12.65 -8.25
C GLY A 103 2.86 12.64 -6.94
N VAL A 104 2.78 13.74 -6.23
CA VAL A 104 3.45 13.84 -4.97
C VAL A 104 2.63 13.18 -3.85
N ALA A 105 2.88 11.91 -3.71
CA ALA A 105 2.20 11.12 -2.71
C ALA A 105 3.13 10.83 -1.53
N ARG A 106 4.44 10.88 -1.80
CA ARG A 106 5.56 10.64 -0.81
C ARG A 106 5.66 9.21 -0.34
N ILE A 107 4.54 8.63 -0.13
CA ILE A 107 4.42 7.25 0.26
C ILE A 107 4.87 6.36 -0.90
N LYS A 108 4.45 6.73 -2.12
CA LYS A 108 4.80 5.98 -3.32
C LYS A 108 6.32 5.82 -3.47
N PRO A 109 7.13 6.94 -3.52
CA PRO A 109 8.59 6.82 -3.65
C PRO A 109 9.21 5.97 -2.53
N ALA A 110 8.68 6.11 -1.33
CA ALA A 110 9.17 5.40 -0.17
C ALA A 110 8.88 3.92 -0.29
N VAL A 111 7.65 3.60 -0.65
CA VAL A 111 7.21 2.24 -0.82
C VAL A 111 7.96 1.56 -1.97
N ILE A 112 8.16 2.26 -3.09
CA ILE A 112 8.90 1.71 -4.24
C ILE A 112 10.29 1.21 -3.80
N LYS A 113 10.93 1.99 -2.96
CA LYS A 113 12.23 1.71 -2.46
C LYS A 113 12.19 0.50 -1.49
N TYR A 114 11.06 0.32 -0.85
CA TYR A 114 10.87 -0.78 0.06
C TYR A 114 10.81 -2.08 -0.74
N LEU A 115 10.03 -2.09 -1.81
CA LEU A 115 9.85 -3.29 -2.61
C LEU A 115 11.15 -3.75 -3.24
N ILE A 116 11.82 -2.84 -3.92
CA ILE A 116 13.07 -3.17 -4.62
C ILE A 116 14.15 -3.69 -3.70
N SER A 117 14.19 -3.15 -2.50
CA SER A 117 15.20 -3.52 -1.54
C SER A 117 14.98 -4.93 -0.99
N HIS A 118 13.77 -5.41 -1.11
CA HIS A 118 13.44 -6.75 -0.65
C HIS A 118 13.25 -7.68 -1.83
N SER A 119 13.64 -7.19 -3.01
CA SER A 119 13.57 -7.93 -4.27
C SER A 119 12.13 -8.32 -4.64
N PHE A 120 11.19 -7.45 -4.29
CA PHE A 120 9.81 -7.68 -4.66
C PHE A 120 9.61 -7.30 -6.10
N ARG A 121 8.56 -7.83 -6.66
CA ARG A 121 8.27 -7.61 -8.04
C ARG A 121 6.99 -6.84 -8.05
N PHE A 122 7.02 -5.65 -8.55
CA PHE A 122 5.85 -4.80 -8.58
C PHE A 122 5.82 -4.01 -9.84
N SER A 123 4.71 -3.40 -10.10
CA SER A 123 4.55 -2.52 -11.22
C SER A 123 3.38 -1.61 -10.88
N GLU A 124 3.55 -0.32 -11.06
CA GLU A 124 2.47 0.60 -10.82
C GLU A 124 1.42 0.46 -11.87
N ILE A 125 0.19 0.44 -11.45
CA ILE A 125 -0.92 0.42 -12.34
C ILE A 125 -1.00 1.78 -13.00
N LYS A 126 -1.20 2.78 -12.14
CA LYS A 126 -1.30 4.21 -12.38
C LYS A 126 -1.75 4.86 -11.03
N PRO A 127 -2.58 5.98 -10.93
CA PRO A 127 -2.73 6.91 -9.75
C PRO A 127 -1.97 6.61 -8.41
N GLY A 128 -0.69 6.33 -8.46
CA GLY A 128 0.05 6.10 -7.24
C GLY A 128 -0.27 4.77 -6.60
N CYS A 129 -0.63 3.81 -7.40
CA CYS A 129 -0.94 2.52 -6.88
C CYS A 129 -0.06 1.45 -7.51
N LEU A 130 0.76 0.85 -6.66
CA LEU A 130 1.74 -0.14 -7.02
C LEU A 130 1.14 -1.54 -6.86
N LYS A 131 1.15 -2.32 -7.91
CA LYS A 131 0.67 -3.67 -7.83
C LYS A 131 1.87 -4.59 -7.63
N VAL A 132 1.98 -5.14 -6.44
CA VAL A 132 3.11 -5.95 -6.04
C VAL A 132 2.75 -7.43 -6.17
N MET A 133 3.68 -8.21 -6.66
CA MET A 133 3.53 -9.65 -6.79
C MET A 133 4.14 -10.26 -5.54
N LEU A 134 3.51 -11.28 -5.00
CA LEU A 134 3.97 -11.91 -3.77
C LEU A 134 5.09 -12.92 -4.02
N LYS A 135 5.53 -13.59 -2.97
CA LYS A 135 6.63 -14.53 -3.06
C LYS A 135 6.14 -15.91 -3.42
N MET A 31 -4.23 23.12 7.74
CA MET A 31 -5.11 22.01 8.08
C MET A 31 -4.68 20.73 7.38
N LYS A 32 -3.41 20.66 7.00
CA LYS A 32 -2.90 19.47 6.33
C LYS A 32 -2.80 18.32 7.31
N GLU A 33 -2.77 18.64 8.59
CA GLU A 33 -2.76 17.66 9.65
C GLU A 33 -4.16 17.05 9.83
N ALA A 34 -5.20 17.86 9.66
CA ALA A 34 -6.58 17.39 9.68
C ALA A 34 -6.83 16.49 8.47
N ASN A 35 -6.19 16.84 7.37
CA ASN A 35 -6.24 16.02 6.15
C ASN A 35 -5.55 14.69 6.39
N HIS A 36 -4.54 14.72 7.24
CA HIS A 36 -3.79 13.52 7.59
C HIS A 36 -4.64 12.65 8.50
N LEU A 37 -5.37 13.28 9.41
CA LEU A 37 -6.29 12.55 10.30
C LEU A 37 -7.38 11.90 9.46
N ALA A 38 -7.81 12.63 8.45
CA ALA A 38 -8.79 12.14 7.50
C ALA A 38 -8.25 10.90 6.76
N ALA A 39 -6.96 10.87 6.53
CA ALA A 39 -6.33 9.74 5.87
C ALA A 39 -6.40 8.50 6.75
N ILE A 40 -6.25 8.72 8.05
CA ILE A 40 -6.27 7.67 9.03
C ILE A 40 -7.65 7.01 9.10
N GLU A 41 -8.71 7.84 9.13
CA GLU A 41 -10.06 7.32 9.17
C GLU A 41 -10.39 6.58 7.86
N ILE A 42 -9.93 7.15 6.74
CA ILE A 42 -10.16 6.57 5.42
C ILE A 42 -9.50 5.19 5.35
N PHE A 43 -8.27 5.12 5.81
CA PHE A 43 -7.48 3.89 5.81
C PHE A 43 -8.23 2.75 6.51
N GLU A 44 -8.87 3.05 7.63
CA GLU A 44 -9.61 2.06 8.38
C GLU A 44 -10.84 1.58 7.62
N LYS A 45 -11.62 2.52 7.11
CA LYS A 45 -12.89 2.18 6.46
C LYS A 45 -12.66 1.48 5.15
N VAL A 46 -11.63 1.89 4.46
CA VAL A 46 -11.25 1.33 3.20
C VAL A 46 -10.85 -0.14 3.34
N ASN A 47 -9.84 -0.40 4.14
CA ASN A 47 -9.29 -1.76 4.27
C ASN A 47 -10.24 -2.73 4.92
N ALA A 48 -11.23 -2.22 5.66
CA ALA A 48 -12.17 -3.04 6.43
C ALA A 48 -12.75 -4.21 5.61
N SER A 49 -13.24 -3.91 4.44
CA SER A 49 -13.76 -4.96 3.57
C SER A 49 -12.90 -5.10 2.29
N LEU A 50 -11.74 -4.48 2.29
CA LEU A 50 -10.92 -4.46 1.07
C LEU A 50 -9.59 -5.22 1.27
N LEU A 51 -9.12 -5.24 2.51
CA LEU A 51 -7.87 -5.93 2.90
C LEU A 51 -7.93 -7.45 2.54
N PRO A 52 -9.06 -8.19 2.87
CA PRO A 52 -9.22 -9.61 2.50
C PRO A 52 -9.17 -9.84 0.98
N GLN A 53 -9.32 -8.78 0.18
CA GLN A 53 -9.33 -8.92 -1.27
C GLN A 53 -7.93 -8.85 -1.83
N ASN A 54 -6.99 -8.52 -0.97
CA ASN A 54 -5.58 -8.30 -1.32
C ASN A 54 -5.35 -6.94 -1.87
N VAL A 55 -5.91 -6.00 -1.18
CA VAL A 55 -5.69 -4.62 -1.40
C VAL A 55 -5.11 -4.07 -0.13
N LEU A 56 -4.19 -3.18 -0.27
CA LEU A 56 -3.61 -2.53 0.84
C LEU A 56 -3.58 -1.06 0.53
N ASP A 57 -4.43 -0.34 1.17
CA ASP A 57 -4.54 1.09 0.97
C ASP A 57 -4.09 1.78 2.22
N LEU A 58 -3.36 2.86 2.08
CA LEU A 58 -2.90 3.67 3.20
C LEU A 58 -2.55 5.04 2.68
N HIS A 59 -3.40 5.53 1.81
CA HIS A 59 -3.15 6.79 1.19
C HIS A 59 -3.35 7.96 2.15
N GLY A 60 -2.35 8.77 2.23
CA GLY A 60 -2.42 9.94 3.06
C GLY A 60 -1.60 9.85 4.33
N LEU A 61 -1.11 8.67 4.64
CA LEU A 61 -0.31 8.50 5.83
C LEU A 61 1.15 8.91 5.59
N HIS A 62 1.91 8.96 6.64
CA HIS A 62 3.32 9.28 6.55
C HIS A 62 4.10 8.10 6.02
N VAL A 63 5.34 8.35 5.62
CA VAL A 63 6.22 7.34 5.07
C VAL A 63 6.41 6.20 6.06
N ASP A 64 6.61 6.55 7.32
CA ASP A 64 6.83 5.56 8.37
C ASP A 64 5.58 4.76 8.61
N GLU A 65 4.46 5.45 8.75
CA GLU A 65 3.16 4.84 8.97
C GLU A 65 2.85 3.87 7.85
N ALA A 66 2.97 4.38 6.63
CA ALA A 66 2.70 3.61 5.45
C ALA A 66 3.54 2.34 5.41
N LEU A 67 4.81 2.46 5.70
CA LEU A 67 5.69 1.30 5.66
C LEU A 67 5.34 0.28 6.73
N GLU A 68 5.00 0.75 7.92
CA GLU A 68 4.64 -0.15 9.01
C GLU A 68 3.32 -0.88 8.75
N HIS A 69 2.36 -0.18 8.17
CA HIS A 69 1.08 -0.81 7.85
C HIS A 69 1.23 -1.71 6.62
N LEU A 70 2.14 -1.35 5.75
CA LEU A 70 2.42 -2.12 4.53
C LEU A 70 3.10 -3.44 4.86
N MET A 71 4.17 -3.35 5.63
CA MET A 71 5.02 -4.48 5.94
C MET A 71 4.25 -5.65 6.55
N ARG A 72 3.37 -5.35 7.50
CA ARG A 72 2.60 -6.37 8.20
C ARG A 72 1.68 -7.11 7.25
N VAL A 73 1.12 -6.39 6.32
CA VAL A 73 0.22 -6.97 5.38
C VAL A 73 0.97 -7.80 4.35
N LEU A 74 2.02 -7.23 3.76
CA LEU A 74 2.80 -7.94 2.75
C LEU A 74 3.35 -9.25 3.23
N GLU A 75 3.91 -9.27 4.42
CA GLU A 75 4.48 -10.50 4.95
C GLU A 75 3.40 -11.56 5.15
N LYS A 76 2.28 -11.15 5.72
CA LYS A 76 1.24 -12.09 6.05
C LYS A 76 0.52 -12.57 4.79
N LYS A 77 0.41 -11.68 3.80
CA LYS A 77 -0.20 -12.02 2.52
C LYS A 77 0.65 -13.00 1.78
N THR A 78 1.96 -12.86 1.91
CA THR A 78 2.88 -13.78 1.26
C THR A 78 2.65 -15.19 1.83
N GLU A 79 2.44 -15.26 3.13
CA GLU A 79 2.16 -16.52 3.78
C GLU A 79 0.75 -17.03 3.43
N GLU A 80 -0.25 -16.15 3.48
CA GLU A 80 -1.64 -16.49 3.08
C GLU A 80 -1.65 -17.06 1.66
N PHE A 81 -0.85 -16.48 0.81
CA PHE A 81 -0.64 -16.90 -0.58
C PHE A 81 -0.19 -18.36 -0.66
N LYS A 82 0.93 -18.68 -0.04
CA LYS A 82 1.52 -20.02 -0.15
C LYS A 82 0.80 -21.06 0.73
N GLN A 83 0.23 -20.59 1.81
CA GLN A 83 -0.42 -21.46 2.78
C GLN A 83 -1.90 -21.66 2.49
N ASN A 84 -2.64 -20.58 2.43
CA ASN A 84 -4.09 -20.65 2.30
C ASN A 84 -4.54 -20.58 0.87
N GLY A 85 -3.70 -20.05 0.03
CA GLY A 85 -4.03 -19.94 -1.36
C GLY A 85 -4.77 -18.67 -1.65
N GLY A 86 -4.23 -17.56 -1.20
CA GLY A 86 -4.84 -16.28 -1.47
C GLY A 86 -4.46 -15.78 -2.84
N LYS A 87 -4.63 -14.49 -3.08
CA LYS A 87 -4.23 -13.92 -4.35
C LYS A 87 -2.72 -13.86 -4.43
N PRO A 88 -2.19 -14.05 -5.64
CA PRO A 88 -0.73 -13.97 -5.91
C PRO A 88 -0.25 -12.52 -6.01
N TYR A 89 -1.06 -11.59 -5.57
CA TYR A 89 -0.77 -10.20 -5.66
C TYR A 89 -1.33 -9.45 -4.47
N LEU A 90 -0.90 -8.24 -4.34
CA LEU A 90 -1.41 -7.31 -3.39
C LEU A 90 -1.40 -5.93 -4.05
N SER A 91 -2.54 -5.31 -4.14
CA SER A 91 -2.63 -4.01 -4.77
C SER A 91 -2.49 -2.91 -3.71
N VAL A 92 -1.40 -2.19 -3.75
CA VAL A 92 -1.09 -1.16 -2.78
C VAL A 92 -1.47 0.22 -3.33
N ILE A 93 -2.27 0.93 -2.59
CA ILE A 93 -2.67 2.27 -2.98
C ILE A 93 -1.93 3.27 -2.11
N THR A 94 -0.97 3.95 -2.68
CA THR A 94 -0.25 4.98 -1.95
C THR A 94 -1.02 6.30 -2.09
N GLY A 95 -1.81 6.37 -3.17
CA GLY A 95 -2.74 7.44 -3.37
C GLY A 95 -2.16 8.81 -3.68
N ARG A 96 -2.72 9.82 -2.99
CA ARG A 96 -2.46 11.26 -3.18
C ARG A 96 -3.16 11.75 -4.45
N GLY A 97 -3.12 10.92 -5.46
CA GLY A 97 -3.89 11.10 -6.63
C GLY A 97 -3.36 12.11 -7.59
N ASN A 98 -2.09 12.07 -7.83
CA ASN A 98 -1.52 12.92 -8.83
C ASN A 98 -0.88 12.01 -9.85
N HIS A 99 -1.10 12.27 -11.11
CA HIS A 99 -0.60 11.40 -12.13
C HIS A 99 0.83 11.81 -12.51
N SER A 100 0.99 12.98 -13.11
CA SER A 100 2.30 13.44 -13.53
C SER A 100 2.32 14.99 -13.59
N GLN A 101 1.73 15.62 -12.60
CA GLN A 101 1.76 17.08 -12.52
C GLN A 101 2.70 17.52 -11.39
N GLY A 102 2.59 16.84 -10.30
CA GLY A 102 3.41 17.09 -9.15
C GLY A 102 3.77 15.77 -8.53
N GLY A 103 4.82 15.16 -9.04
CA GLY A 103 5.23 13.87 -8.58
C GLY A 103 5.97 13.92 -7.28
N VAL A 104 5.26 14.21 -6.23
CA VAL A 104 5.82 14.23 -4.91
C VAL A 104 5.47 12.93 -4.23
N ALA A 105 4.15 12.79 -3.88
CA ALA A 105 3.51 11.62 -3.20
C ALA A 105 4.53 10.65 -2.61
N ARG A 106 5.14 11.06 -1.50
CA ARG A 106 6.29 10.36 -0.90
C ARG A 106 6.03 8.97 -0.42
N ILE A 107 4.79 8.61 -0.36
CA ILE A 107 4.43 7.27 0.03
C ILE A 107 4.87 6.31 -1.10
N LYS A 108 4.75 6.79 -2.34
CA LYS A 108 5.08 5.99 -3.50
C LYS A 108 6.60 5.61 -3.54
N PRO A 109 7.56 6.59 -3.55
CA PRO A 109 9.00 6.27 -3.56
C PRO A 109 9.45 5.51 -2.30
N ALA A 110 8.70 5.65 -1.21
CA ALA A 110 9.00 4.96 0.03
C ALA A 110 8.64 3.51 -0.11
N VAL A 111 7.41 3.26 -0.53
CA VAL A 111 6.90 1.93 -0.73
C VAL A 111 7.70 1.17 -1.79
N ILE A 112 7.99 1.83 -2.91
CA ILE A 112 8.80 1.23 -3.99
C ILE A 112 10.13 0.66 -3.44
N LYS A 113 10.75 1.40 -2.51
CA LYS A 113 11.97 1.04 -1.91
C LYS A 113 11.81 -0.22 -1.03
N TYR A 114 10.67 -0.33 -0.39
CA TYR A 114 10.38 -1.46 0.47
C TYR A 114 10.30 -2.73 -0.36
N LEU A 115 9.64 -2.64 -1.49
CA LEU A 115 9.45 -3.79 -2.35
C LEU A 115 10.76 -4.28 -2.96
N ILE A 116 11.53 -3.35 -3.51
CA ILE A 116 12.80 -3.69 -4.14
C ILE A 116 13.80 -4.26 -3.13
N SER A 117 13.72 -3.77 -1.89
CA SER A 117 14.58 -4.22 -0.80
C SER A 117 14.35 -5.71 -0.51
N HIS A 118 13.13 -6.17 -0.70
CA HIS A 118 12.77 -7.53 -0.39
C HIS A 118 12.62 -8.36 -1.64
N SER A 119 13.05 -7.80 -2.75
CA SER A 119 13.06 -8.48 -4.04
C SER A 119 11.63 -8.88 -4.51
N PHE A 120 10.68 -8.01 -4.28
CA PHE A 120 9.30 -8.23 -4.73
C PHE A 120 9.16 -7.87 -6.19
N ARG A 121 8.08 -8.30 -6.79
CA ARG A 121 7.81 -7.94 -8.15
C ARG A 121 6.60 -7.05 -8.12
N PHE A 122 6.74 -5.84 -8.51
CA PHE A 122 5.63 -4.91 -8.52
C PHE A 122 5.67 -4.05 -9.76
N SER A 123 4.58 -3.40 -10.05
CA SER A 123 4.48 -2.49 -11.13
C SER A 123 3.32 -1.54 -10.81
N GLU A 124 3.45 -0.28 -11.13
CA GLU A 124 2.39 0.65 -10.80
C GLU A 124 1.35 0.65 -11.90
N ILE A 125 0.15 0.96 -11.54
CA ILE A 125 -0.91 1.09 -12.49
C ILE A 125 -0.89 2.53 -12.99
N LYS A 126 -1.42 3.41 -12.17
CA LYS A 126 -1.57 4.79 -12.42
C LYS A 126 -1.55 5.43 -10.99
N PRO A 127 -2.27 6.58 -10.65
CA PRO A 127 -2.04 7.38 -9.39
C PRO A 127 -1.55 6.63 -8.14
N GLY A 128 -0.23 6.44 -8.05
CA GLY A 128 0.39 5.84 -6.89
C GLY A 128 -0.15 4.46 -6.52
N CYS A 129 -0.64 3.74 -7.47
CA CYS A 129 -1.15 2.43 -7.17
C CYS A 129 -0.19 1.38 -7.67
N LEU A 130 0.42 0.69 -6.74
CA LEU A 130 1.44 -0.29 -7.03
C LEU A 130 0.86 -1.68 -6.89
N LYS A 131 0.90 -2.43 -7.94
CA LYS A 131 0.42 -3.78 -7.91
C LYS A 131 1.60 -4.71 -7.72
N VAL A 132 1.66 -5.29 -6.56
CA VAL A 132 2.76 -6.13 -6.17
C VAL A 132 2.37 -7.56 -6.34
N MET A 133 3.24 -8.33 -6.91
CA MET A 133 3.02 -9.72 -7.09
C MET A 133 3.83 -10.41 -6.01
N LEU A 134 3.18 -11.26 -5.28
CA LEU A 134 3.77 -11.91 -4.14
C LEU A 134 4.84 -12.89 -4.55
N LYS A 135 5.77 -13.12 -3.65
CA LYS A 135 6.94 -13.92 -3.92
C LYS A 135 6.91 -15.24 -3.17
N MET A 31 -6.63 21.91 10.11
CA MET A 31 -5.25 21.65 9.77
C MET A 31 -5.07 20.23 9.27
N LYS A 32 -3.97 20.04 8.56
CA LYS A 32 -3.60 18.73 7.99
C LYS A 32 -3.34 17.70 9.08
N GLU A 33 -3.05 18.18 10.28
CA GLU A 33 -2.77 17.32 11.43
C GLU A 33 -4.00 16.45 11.71
N ALA A 34 -5.15 17.09 11.70
CA ALA A 34 -6.40 16.41 11.95
C ALA A 34 -6.76 15.54 10.77
N ASN A 35 -6.41 16.01 9.58
CA ASN A 35 -6.65 15.28 8.35
C ASN A 35 -5.84 13.99 8.35
N HIS A 36 -4.62 14.07 8.87
CA HIS A 36 -3.74 12.92 9.03
C HIS A 36 -4.35 11.90 9.98
N LEU A 37 -4.85 12.35 11.09
CA LEU A 37 -5.46 11.45 12.05
C LEU A 37 -6.74 10.85 11.50
N ALA A 38 -7.37 11.58 10.61
CA ALA A 38 -8.53 11.10 9.92
C ALA A 38 -8.12 10.05 8.88
N ALA A 39 -6.94 10.20 8.31
CA ALA A 39 -6.41 9.23 7.36
C ALA A 39 -6.14 7.91 8.07
N ILE A 40 -5.84 7.99 9.36
CA ILE A 40 -5.59 6.82 10.18
C ILE A 40 -6.86 5.98 10.26
N GLU A 41 -7.99 6.63 10.60
CA GLU A 41 -9.26 5.90 10.71
C GLU A 41 -9.67 5.34 9.37
N ILE A 42 -9.44 6.13 8.29
CA ILE A 42 -9.77 5.69 6.94
C ILE A 42 -9.06 4.41 6.66
N PHE A 43 -7.75 4.41 6.88
CA PHE A 43 -6.90 3.27 6.64
C PHE A 43 -7.39 2.02 7.37
N GLU A 44 -7.79 2.19 8.61
CA GLU A 44 -8.27 1.09 9.40
C GLU A 44 -9.56 0.51 8.83
N LYS A 45 -10.55 1.37 8.66
CA LYS A 45 -11.87 0.95 8.24
C LYS A 45 -11.92 0.48 6.80
N VAL A 46 -11.11 1.09 5.98
CA VAL A 46 -11.11 0.84 4.56
C VAL A 46 -10.56 -0.57 4.24
N ASN A 47 -9.50 -0.94 4.93
CA ASN A 47 -8.80 -2.20 4.66
C ASN A 47 -9.56 -3.40 5.10
N ALA A 48 -10.49 -3.22 6.03
CA ALA A 48 -11.32 -4.33 6.52
C ALA A 48 -12.11 -4.98 5.36
N SER A 49 -12.38 -4.20 4.31
CA SER A 49 -13.08 -4.71 3.15
C SER A 49 -12.12 -4.82 1.95
N LEU A 50 -10.84 -4.57 2.18
CA LEU A 50 -9.90 -4.57 1.08
C LEU A 50 -8.85 -5.66 1.22
N LEU A 51 -8.45 -5.98 2.44
CA LEU A 51 -7.51 -7.07 2.65
C LEU A 51 -7.98 -8.41 2.06
N PRO A 52 -9.30 -8.79 2.19
CA PRO A 52 -9.82 -9.99 1.53
C PRO A 52 -9.66 -9.97 0.00
N GLN A 53 -9.43 -8.78 -0.60
CA GLN A 53 -9.30 -8.76 -2.04
C GLN A 53 -7.83 -8.61 -2.43
N ASN A 54 -6.96 -8.74 -1.42
CA ASN A 54 -5.51 -8.61 -1.60
C ASN A 54 -5.16 -7.20 -2.03
N VAL A 55 -5.71 -6.28 -1.29
CA VAL A 55 -5.52 -4.89 -1.50
C VAL A 55 -5.14 -4.25 -0.19
N LEU A 56 -4.14 -3.42 -0.24
CA LEU A 56 -3.74 -2.68 0.90
C LEU A 56 -3.84 -1.24 0.48
N ASP A 57 -4.70 -0.54 1.08
CA ASP A 57 -4.90 0.81 0.69
C ASP A 57 -4.48 1.70 1.85
N LEU A 58 -3.35 2.37 1.70
CA LEU A 58 -2.85 3.25 2.71
C LEU A 58 -2.56 4.66 2.21
N HIS A 59 -3.58 5.44 2.10
CA HIS A 59 -3.39 6.79 1.62
C HIS A 59 -3.61 7.82 2.70
N GLY A 60 -2.65 8.71 2.79
CA GLY A 60 -2.72 9.78 3.78
C GLY A 60 -1.80 9.51 4.96
N LEU A 61 -1.19 8.36 4.94
CA LEU A 61 -0.24 7.96 5.97
C LEU A 61 1.12 8.57 5.68
N HIS A 62 1.89 8.79 6.69
CA HIS A 62 3.25 9.24 6.51
C HIS A 62 4.10 8.07 6.09
N VAL A 63 5.30 8.36 5.59
CA VAL A 63 6.22 7.35 5.08
C VAL A 63 6.49 6.25 6.12
N ASP A 64 6.69 6.69 7.35
CA ASP A 64 6.97 5.79 8.48
C ASP A 64 5.82 4.83 8.67
N GLU A 65 4.64 5.40 8.68
CA GLU A 65 3.40 4.66 8.91
C GLU A 65 3.12 3.72 7.76
N ALA A 66 3.11 4.28 6.55
CA ALA A 66 2.80 3.50 5.37
C ALA A 66 3.70 2.29 5.24
N LEU A 67 4.99 2.45 5.52
CA LEU A 67 5.91 1.34 5.43
C LEU A 67 5.70 0.30 6.52
N GLU A 68 5.44 0.75 7.74
CA GLU A 68 5.26 -0.17 8.86
C GLU A 68 3.93 -0.93 8.69
N HIS A 69 2.94 -0.22 8.19
CA HIS A 69 1.63 -0.78 7.97
C HIS A 69 1.62 -1.69 6.73
N LEU A 70 2.52 -1.40 5.80
CA LEU A 70 2.70 -2.20 4.59
C LEU A 70 3.35 -3.53 4.90
N MET A 71 4.48 -3.47 5.59
CA MET A 71 5.32 -4.65 5.86
C MET A 71 4.57 -5.73 6.62
N ARG A 72 3.69 -5.31 7.50
CA ARG A 72 2.92 -6.24 8.30
C ARG A 72 1.87 -6.95 7.45
N VAL A 73 1.29 -6.25 6.51
CA VAL A 73 0.33 -6.87 5.64
C VAL A 73 1.02 -7.76 4.61
N LEU A 74 2.14 -7.27 4.06
CA LEU A 74 2.90 -8.07 3.09
C LEU A 74 3.33 -9.40 3.62
N GLU A 75 3.84 -9.44 4.86
CA GLU A 75 4.27 -10.69 5.45
C GLU A 75 3.10 -11.68 5.56
N LYS A 76 1.95 -11.19 6.00
CA LYS A 76 0.81 -12.04 6.23
C LYS A 76 0.13 -12.43 4.93
N LYS A 77 0.11 -11.52 3.97
CA LYS A 77 -0.50 -11.81 2.68
C LYS A 77 0.33 -12.75 1.86
N THR A 78 1.65 -12.65 1.97
CA THR A 78 2.52 -13.59 1.29
C THR A 78 2.31 -14.99 1.88
N GLU A 79 2.04 -15.03 3.18
CA GLU A 79 1.75 -16.26 3.86
C GLU A 79 0.40 -16.80 3.40
N GLU A 80 -0.66 -15.99 3.48
CA GLU A 80 -2.01 -16.36 3.05
C GLU A 80 -2.02 -16.84 1.60
N PHE A 81 -1.20 -16.23 0.79
CA PHE A 81 -1.03 -16.56 -0.60
C PHE A 81 -0.65 -18.02 -0.78
N LYS A 82 0.39 -18.44 -0.12
CA LYS A 82 0.88 -19.79 -0.27
C LYS A 82 0.23 -20.79 0.69
N GLN A 83 -0.24 -20.30 1.82
CA GLN A 83 -0.83 -21.14 2.84
C GLN A 83 -2.28 -21.42 2.57
N ASN A 84 -3.02 -20.36 2.40
CA ASN A 84 -4.48 -20.40 2.35
C ASN A 84 -4.94 -20.47 0.92
N GLY A 85 -4.12 -19.95 0.05
CA GLY A 85 -4.44 -19.91 -1.34
C GLY A 85 -5.09 -18.60 -1.71
N GLY A 86 -4.48 -17.51 -1.27
CA GLY A 86 -4.99 -16.20 -1.59
C GLY A 86 -4.52 -15.73 -2.95
N LYS A 87 -4.70 -14.47 -3.23
CA LYS A 87 -4.29 -13.91 -4.49
C LYS A 87 -2.79 -13.70 -4.54
N PRO A 88 -2.17 -13.89 -5.70
CA PRO A 88 -0.71 -13.78 -5.88
C PRO A 88 -0.20 -12.33 -5.90
N TYR A 89 -0.97 -11.41 -5.37
CA TYR A 89 -0.59 -10.04 -5.41
C TYR A 89 -1.16 -9.30 -4.22
N LEU A 90 -0.69 -8.13 -4.03
CA LEU A 90 -1.20 -7.22 -3.06
C LEU A 90 -1.11 -5.85 -3.71
N SER A 91 -2.23 -5.25 -3.95
CA SER A 91 -2.23 -3.98 -4.60
C SER A 91 -2.22 -2.89 -3.54
N VAL A 92 -1.17 -2.11 -3.53
CA VAL A 92 -0.96 -1.08 -2.55
C VAL A 92 -1.35 0.28 -3.13
N ILE A 93 -2.36 0.86 -2.56
CA ILE A 93 -2.84 2.15 -2.97
C ILE A 93 -2.20 3.22 -2.11
N THR A 94 -1.33 4.04 -2.70
CA THR A 94 -0.76 5.17 -1.99
C THR A 94 -1.76 6.31 -2.02
N GLY A 95 -2.71 6.17 -2.94
CA GLY A 95 -3.81 7.07 -3.09
C GLY A 95 -3.43 8.30 -3.80
N ARG A 96 -2.70 9.15 -3.16
CA ARG A 96 -2.27 10.34 -3.78
C ARG A 96 -1.03 10.01 -4.56
N GLY A 97 -0.93 10.61 -5.69
CA GLY A 97 0.15 10.36 -6.55
C GLY A 97 -0.21 10.76 -7.92
N ASN A 98 0.39 11.81 -8.37
CA ASN A 98 0.17 12.28 -9.71
C ASN A 98 0.65 11.23 -10.72
N HIS A 99 -0.01 11.18 -11.86
CA HIS A 99 0.25 10.17 -12.90
C HIS A 99 1.64 10.41 -13.51
N SER A 100 2.05 11.62 -13.41
CA SER A 100 3.29 12.08 -13.92
C SER A 100 4.14 12.58 -12.73
N GLN A 101 5.12 13.42 -12.96
CA GLN A 101 5.95 13.90 -11.86
C GLN A 101 5.43 15.24 -11.30
N GLY A 102 4.20 15.57 -11.63
CA GLY A 102 3.58 16.80 -11.16
C GLY A 102 2.95 16.60 -9.80
N GLY A 103 3.66 15.90 -8.98
CA GLY A 103 3.25 15.56 -7.68
C GLY A 103 4.35 14.82 -7.01
N VAL A 104 4.38 14.85 -5.72
CA VAL A 104 5.44 14.20 -5.00
C VAL A 104 5.00 12.80 -4.56
N ALA A 105 4.03 12.79 -3.65
CA ALA A 105 3.49 11.60 -3.03
C ALA A 105 4.59 10.75 -2.43
N ARG A 106 5.13 11.20 -1.31
CA ARG A 106 6.27 10.57 -0.65
C ARG A 106 6.05 9.12 -0.26
N ILE A 107 4.81 8.71 -0.18
CA ILE A 107 4.49 7.34 0.14
C ILE A 107 4.95 6.42 -1.00
N LYS A 108 4.78 6.90 -2.22
CA LYS A 108 5.05 6.09 -3.39
C LYS A 108 6.55 5.72 -3.52
N PRO A 109 7.52 6.69 -3.58
CA PRO A 109 8.94 6.37 -3.65
C PRO A 109 9.42 5.56 -2.44
N ALA A 110 8.76 5.76 -1.30
CA ALA A 110 9.12 5.05 -0.08
C ALA A 110 8.73 3.59 -0.21
N VAL A 111 7.51 3.35 -0.64
CA VAL A 111 7.00 2.02 -0.83
C VAL A 111 7.80 1.29 -1.91
N ILE A 112 8.05 1.96 -3.03
CA ILE A 112 8.82 1.38 -4.14
C ILE A 112 10.18 0.86 -3.65
N LYS A 113 10.88 1.71 -2.91
CA LYS A 113 12.14 1.44 -2.32
C LYS A 113 12.07 0.21 -1.40
N TYR A 114 10.97 0.06 -0.72
CA TYR A 114 10.75 -1.05 0.18
C TYR A 114 10.66 -2.35 -0.61
N LEU A 115 9.88 -2.35 -1.66
CA LEU A 115 9.68 -3.55 -2.48
C LEU A 115 10.96 -4.00 -3.13
N ILE A 116 11.66 -3.08 -3.76
CA ILE A 116 12.90 -3.40 -4.44
C ILE A 116 13.98 -3.90 -3.47
N SER A 117 14.00 -3.36 -2.26
CA SER A 117 14.98 -3.73 -1.27
C SER A 117 14.79 -5.19 -0.79
N HIS A 118 13.60 -5.75 -1.00
CA HIS A 118 13.34 -7.12 -0.56
C HIS A 118 13.20 -8.06 -1.73
N SER A 119 13.41 -7.51 -2.92
CA SER A 119 13.25 -8.23 -4.16
C SER A 119 11.82 -8.74 -4.36
N PHE A 120 10.92 -7.81 -4.43
CA PHE A 120 9.56 -8.07 -4.79
C PHE A 120 9.37 -7.73 -6.25
N ARG A 121 8.26 -8.11 -6.80
CA ARG A 121 7.98 -7.76 -8.17
C ARG A 121 6.71 -6.96 -8.16
N PHE A 122 6.77 -5.75 -8.54
CA PHE A 122 5.58 -4.92 -8.55
C PHE A 122 5.44 -4.20 -9.85
N SER A 123 4.29 -3.71 -10.09
CA SER A 123 3.97 -2.95 -11.25
C SER A 123 2.88 -1.98 -10.83
N GLU A 124 3.09 -0.70 -11.01
CA GLU A 124 2.05 0.21 -10.64
C GLU A 124 1.00 0.23 -11.73
N ILE A 125 -0.19 0.51 -11.36
CA ILE A 125 -1.24 0.68 -12.31
C ILE A 125 -0.96 2.01 -12.99
N LYS A 126 -1.13 3.04 -12.20
CA LYS A 126 -0.90 4.44 -12.45
C LYS A 126 -1.09 5.11 -11.03
N PRO A 127 -1.57 6.42 -10.84
CA PRO A 127 -1.42 7.29 -9.61
C PRO A 127 -0.84 6.71 -8.28
N GLY A 128 0.22 5.92 -8.33
CA GLY A 128 0.81 5.47 -7.09
C GLY A 128 0.29 4.12 -6.65
N CYS A 129 -0.60 3.56 -7.40
CA CYS A 129 -1.15 2.29 -7.01
C CYS A 129 -0.21 1.20 -7.48
N LEU A 130 0.51 0.65 -6.54
CA LEU A 130 1.55 -0.31 -6.79
C LEU A 130 1.04 -1.70 -6.57
N LYS A 131 0.89 -2.44 -7.62
CA LYS A 131 0.44 -3.79 -7.50
C LYS A 131 1.64 -4.69 -7.39
N VAL A 132 1.82 -5.22 -6.22
CA VAL A 132 2.95 -6.06 -5.92
C VAL A 132 2.56 -7.51 -6.11
N MET A 133 3.36 -8.22 -6.82
CA MET A 133 3.22 -9.65 -7.01
C MET A 133 3.91 -10.27 -5.81
N LEU A 134 3.26 -11.17 -5.16
CA LEU A 134 3.80 -11.78 -3.96
C LEU A 134 4.89 -12.79 -4.30
N LYS A 135 5.55 -13.28 -3.29
CA LYS A 135 6.67 -14.18 -3.45
C LYS A 135 6.27 -15.60 -3.11
N MET A 31 -10.25 20.47 5.28
CA MET A 31 -9.01 20.59 6.02
C MET A 31 -8.06 19.54 5.47
N LYS A 32 -7.25 19.92 4.51
CA LYS A 32 -6.35 18.98 3.86
C LYS A 32 -5.23 18.52 4.78
N GLU A 33 -4.95 19.30 5.79
CA GLU A 33 -3.93 18.95 6.74
C GLU A 33 -4.48 17.93 7.72
N ALA A 34 -5.79 17.89 7.84
CA ALA A 34 -6.46 16.95 8.71
C ALA A 34 -6.63 15.64 8.00
N ASN A 35 -6.43 15.65 6.67
CA ASN A 35 -6.56 14.46 5.80
C ASN A 35 -5.60 13.39 6.30
N HIS A 36 -4.48 13.81 6.88
CA HIS A 36 -3.50 12.87 7.37
C HIS A 36 -4.04 12.13 8.59
N LEU A 37 -4.60 12.88 9.52
CA LEU A 37 -5.09 12.30 10.77
C LEU A 37 -6.30 11.43 10.51
N ALA A 38 -7.13 11.89 9.58
CA ALA A 38 -8.30 11.15 9.17
C ALA A 38 -7.91 9.88 8.44
N ALA A 39 -6.76 9.89 7.80
CA ALA A 39 -6.28 8.74 7.02
C ALA A 39 -6.18 7.49 7.87
N ILE A 40 -5.61 7.59 9.07
CA ILE A 40 -5.41 6.43 9.97
C ILE A 40 -6.75 5.74 10.27
N GLU A 41 -7.71 6.53 10.73
CA GLU A 41 -9.01 5.99 11.10
C GLU A 41 -9.78 5.46 9.89
N ILE A 42 -9.67 6.13 8.75
CA ILE A 42 -10.35 5.67 7.56
C ILE A 42 -9.70 4.38 7.09
N PHE A 43 -8.38 4.35 7.13
CA PHE A 43 -7.57 3.22 6.74
C PHE A 43 -7.99 1.96 7.49
N GLU A 44 -8.12 2.05 8.79
CA GLU A 44 -8.46 0.89 9.58
C GLU A 44 -9.83 0.32 9.21
N LYS A 45 -10.83 1.18 9.10
CA LYS A 45 -12.16 0.71 8.80
C LYS A 45 -12.28 0.23 7.35
N VAL A 46 -11.50 0.82 6.47
CA VAL A 46 -11.55 0.49 5.07
C VAL A 46 -10.87 -0.87 4.81
N ASN A 47 -9.84 -1.19 5.61
CA ASN A 47 -9.06 -2.47 5.52
C ASN A 47 -9.97 -3.68 5.60
N ALA A 48 -11.07 -3.55 6.30
CA ALA A 48 -12.01 -4.66 6.49
C ALA A 48 -12.57 -5.16 5.17
N SER A 49 -12.76 -4.24 4.24
CA SER A 49 -13.32 -4.58 2.94
C SER A 49 -12.21 -4.66 1.89
N LEU A 50 -11.02 -4.25 2.27
CA LEU A 50 -9.93 -4.17 1.33
C LEU A 50 -8.98 -5.35 1.42
N LEU A 51 -8.62 -5.76 2.62
CA LEU A 51 -7.69 -6.87 2.77
C LEU A 51 -8.18 -8.19 2.13
N PRO A 52 -9.51 -8.57 2.24
CA PRO A 52 -10.05 -9.79 1.58
C PRO A 52 -9.83 -9.82 0.05
N GLN A 53 -9.61 -8.66 -0.57
CA GLN A 53 -9.44 -8.62 -2.02
C GLN A 53 -7.96 -8.47 -2.35
N ASN A 54 -7.14 -8.52 -1.31
CA ASN A 54 -5.71 -8.29 -1.38
C ASN A 54 -5.37 -6.94 -1.94
N VAL A 55 -5.80 -5.93 -1.26
CA VAL A 55 -5.45 -4.61 -1.63
C VAL A 55 -5.04 -3.90 -0.36
N LEU A 56 -4.03 -3.11 -0.47
CA LEU A 56 -3.47 -2.41 0.63
C LEU A 56 -3.49 -0.94 0.27
N ASP A 57 -4.41 -0.23 0.84
CA ASP A 57 -4.62 1.17 0.51
C ASP A 57 -4.43 2.01 1.75
N LEU A 58 -3.36 2.78 1.76
CA LEU A 58 -2.97 3.59 2.91
C LEU A 58 -2.56 5.01 2.53
N HIS A 59 -3.33 5.59 1.66
CA HIS A 59 -3.09 6.96 1.24
C HIS A 59 -3.32 7.93 2.40
N GLY A 60 -2.41 8.84 2.57
CA GLY A 60 -2.53 9.82 3.62
C GLY A 60 -1.60 9.58 4.79
N LEU A 61 -1.08 8.38 4.88
CA LEU A 61 -0.15 8.02 5.96
C LEU A 61 1.25 8.61 5.71
N HIS A 62 2.07 8.66 6.77
CA HIS A 62 3.48 9.05 6.64
C HIS A 62 4.23 7.90 6.03
N VAL A 63 5.44 8.17 5.60
CA VAL A 63 6.34 7.15 5.08
C VAL A 63 6.54 6.05 6.13
N ASP A 64 6.84 6.48 7.36
CA ASP A 64 7.07 5.54 8.47
C ASP A 64 5.84 4.71 8.78
N GLU A 65 4.70 5.32 8.64
CA GLU A 65 3.45 4.63 8.90
C GLU A 65 3.16 3.67 7.78
N ALA A 66 3.14 4.19 6.56
CA ALA A 66 2.83 3.41 5.37
C ALA A 66 3.71 2.17 5.25
N LEU A 67 4.99 2.30 5.58
CA LEU A 67 5.89 1.17 5.52
C LEU A 67 5.53 0.10 6.55
N GLU A 68 5.18 0.53 7.77
CA GLU A 68 4.88 -0.42 8.84
C GLU A 68 3.55 -1.12 8.54
N HIS A 69 2.57 -0.35 8.04
CA HIS A 69 1.26 -0.86 7.73
C HIS A 69 1.32 -1.80 6.52
N LEU A 70 2.27 -1.56 5.64
CA LEU A 70 2.48 -2.39 4.45
C LEU A 70 3.14 -3.71 4.82
N MET A 71 4.28 -3.62 5.49
CA MET A 71 5.10 -4.79 5.79
C MET A 71 4.35 -5.86 6.57
N ARG A 72 3.51 -5.42 7.49
CA ARG A 72 2.76 -6.33 8.33
C ARG A 72 1.69 -7.09 7.51
N VAL A 73 1.14 -6.44 6.51
CA VAL A 73 0.16 -7.08 5.64
C VAL A 73 0.85 -8.03 4.67
N LEU A 74 1.99 -7.63 4.12
CA LEU A 74 2.74 -8.48 3.20
C LEU A 74 3.07 -9.83 3.80
N GLU A 75 3.58 -9.82 5.03
CA GLU A 75 3.97 -11.06 5.69
C GLU A 75 2.77 -12.00 5.89
N LYS A 76 1.63 -11.43 6.26
CA LYS A 76 0.43 -12.23 6.50
C LYS A 76 -0.19 -12.69 5.18
N LYS A 77 -0.10 -11.84 4.16
CA LYS A 77 -0.64 -12.19 2.87
C LYS A 77 0.18 -13.24 2.18
N THR A 78 1.48 -13.19 2.37
CA THR A 78 2.36 -14.24 1.91
C THR A 78 2.00 -15.56 2.60
N GLU A 79 1.70 -15.48 3.89
CA GLU A 79 1.33 -16.63 4.64
C GLU A 79 0.03 -17.23 4.06
N GLU A 80 -0.99 -16.40 3.89
CA GLU A 80 -2.25 -16.81 3.25
C GLU A 80 -2.00 -17.38 1.85
N PHE A 81 -1.11 -16.73 1.12
CA PHE A 81 -0.69 -17.12 -0.22
C PHE A 81 -0.14 -18.55 -0.27
N LYS A 82 0.78 -18.88 0.61
CA LYS A 82 1.40 -20.20 0.58
C LYS A 82 0.64 -21.24 1.44
N GLN A 83 -0.15 -20.78 2.37
CA GLN A 83 -0.93 -21.70 3.18
C GLN A 83 -2.27 -22.03 2.56
N ASN A 84 -3.06 -21.02 2.30
CA ASN A 84 -4.44 -21.22 1.87
C ASN A 84 -4.59 -21.08 0.39
N GLY A 85 -3.65 -20.40 -0.23
CA GLY A 85 -3.74 -20.15 -1.63
C GLY A 85 -4.63 -18.98 -1.90
N GLY A 86 -4.30 -17.85 -1.30
CA GLY A 86 -5.06 -16.64 -1.48
C GLY A 86 -4.75 -15.99 -2.81
N LYS A 87 -4.27 -14.79 -2.78
CA LYS A 87 -3.91 -14.13 -3.99
C LYS A 87 -2.41 -14.00 -4.10
N PRO A 88 -1.88 -14.14 -5.28
CA PRO A 88 -0.44 -14.04 -5.55
C PRO A 88 0.05 -12.58 -5.60
N TYR A 89 -0.79 -11.65 -5.22
CA TYR A 89 -0.46 -10.27 -5.31
C TYR A 89 -1.09 -9.49 -4.17
N LEU A 90 -0.64 -8.27 -4.01
CA LEU A 90 -1.16 -7.31 -3.10
C LEU A 90 -0.97 -5.95 -3.75
N SER A 91 -2.05 -5.29 -4.06
CA SER A 91 -1.94 -4.02 -4.73
C SER A 91 -1.99 -2.89 -3.72
N VAL A 92 -1.09 -1.95 -3.84
CA VAL A 92 -0.99 -0.82 -2.94
C VAL A 92 -1.55 0.44 -3.61
N ILE A 93 -2.27 1.24 -2.84
CA ILE A 93 -2.78 2.52 -3.29
C ILE A 93 -2.13 3.62 -2.45
N THR A 94 -1.31 4.45 -3.07
CA THR A 94 -0.75 5.59 -2.37
C THR A 94 -1.67 6.80 -2.58
N GLY A 95 -2.62 6.62 -3.48
CA GLY A 95 -3.69 7.58 -3.66
C GLY A 95 -3.39 8.67 -4.65
N ARG A 96 -2.40 9.46 -4.34
CA ARG A 96 -2.13 10.62 -5.12
C ARG A 96 -0.65 10.88 -5.25
N GLY A 97 0.12 9.78 -5.33
CA GLY A 97 1.54 9.91 -5.55
C GLY A 97 1.80 10.54 -6.89
N ASN A 98 1.09 10.07 -7.88
CA ASN A 98 1.12 10.63 -9.21
C ASN A 98 -0.28 10.55 -9.75
N HIS A 99 -0.93 11.68 -9.81
CA HIS A 99 -2.30 11.72 -10.29
C HIS A 99 -2.43 12.69 -11.45
N SER A 100 -2.40 13.97 -11.15
CA SER A 100 -2.58 14.99 -12.16
C SER A 100 -1.34 15.86 -12.30
N GLN A 101 -1.05 16.63 -11.28
CA GLN A 101 0.14 17.47 -11.25
C GLN A 101 1.15 16.85 -10.31
N GLY A 102 1.11 15.54 -10.24
CA GLY A 102 1.89 14.84 -9.29
C GLY A 102 1.03 14.57 -8.11
N GLY A 103 1.21 15.34 -7.09
CA GLY A 103 0.43 15.22 -5.91
C GLY A 103 1.30 15.17 -4.70
N VAL A 104 1.23 14.10 -3.99
CA VAL A 104 2.02 13.91 -2.80
C VAL A 104 2.61 12.53 -2.88
N ALA A 105 3.81 12.45 -3.41
CA ALA A 105 4.48 11.20 -3.50
C ALA A 105 5.57 11.09 -2.47
N ARG A 106 5.21 10.58 -1.33
CA ARG A 106 6.20 10.27 -0.30
C ARG A 106 6.06 8.83 0.06
N ILE A 107 4.83 8.35 0.11
CA ILE A 107 4.57 6.96 0.37
C ILE A 107 5.08 6.12 -0.79
N LYS A 108 4.76 6.55 -2.01
CA LYS A 108 5.14 5.81 -3.20
C LYS A 108 6.67 5.62 -3.31
N PRO A 109 7.51 6.70 -3.31
CA PRO A 109 8.97 6.59 -3.39
C PRO A 109 9.55 5.68 -2.29
N ALA A 110 8.94 5.72 -1.12
CA ALA A 110 9.41 4.95 0.01
C ALA A 110 9.04 3.50 -0.16
N VAL A 111 7.77 3.28 -0.48
CA VAL A 111 7.26 1.95 -0.70
C VAL A 111 8.01 1.27 -1.84
N ILE A 112 8.23 1.98 -2.95
CA ILE A 112 8.98 1.44 -4.09
C ILE A 112 10.35 0.90 -3.64
N LYS A 113 11.02 1.67 -2.79
CA LYS A 113 12.29 1.37 -2.29
C LYS A 113 12.23 0.14 -1.36
N TYR A 114 11.10 -0.01 -0.71
CA TYR A 114 10.86 -1.13 0.17
C TYR A 114 10.73 -2.41 -0.66
N LEU A 115 10.00 -2.33 -1.76
CA LEU A 115 9.79 -3.49 -2.61
C LEU A 115 11.06 -3.94 -3.27
N ILE A 116 11.78 -3.00 -3.87
CA ILE A 116 13.02 -3.31 -4.59
C ILE A 116 14.10 -3.87 -3.67
N SER A 117 14.13 -3.38 -2.43
CA SER A 117 15.10 -3.84 -1.44
C SER A 117 14.86 -5.34 -1.11
N HIS A 118 13.63 -5.77 -1.29
CA HIS A 118 13.25 -7.15 -0.99
C HIS A 118 13.02 -7.95 -2.27
N SER A 119 13.38 -7.37 -3.41
CA SER A 119 13.27 -8.03 -4.72
C SER A 119 11.81 -8.36 -5.10
N PHE A 120 10.87 -7.54 -4.66
CA PHE A 120 9.47 -7.71 -5.03
C PHE A 120 9.25 -7.24 -6.44
N ARG A 121 8.09 -7.49 -6.93
CA ARG A 121 7.75 -7.16 -8.28
C ARG A 121 6.51 -6.40 -8.25
N PHE A 122 6.59 -5.23 -8.67
CA PHE A 122 5.45 -4.35 -8.69
C PHE A 122 5.41 -3.59 -9.99
N SER A 123 4.27 -3.06 -10.26
CA SER A 123 4.05 -2.25 -11.41
C SER A 123 2.97 -1.26 -11.06
N GLU A 124 3.20 0.01 -11.34
CA GLU A 124 2.18 0.99 -11.08
C GLU A 124 1.19 0.96 -12.20
N ILE A 125 -0.06 1.05 -11.85
CA ILE A 125 -1.11 1.19 -12.80
C ILE A 125 -1.08 2.64 -13.26
N LYS A 126 -1.50 3.50 -12.35
CA LYS A 126 -1.60 4.96 -12.44
C LYS A 126 -1.88 5.43 -10.98
N PRO A 127 -2.64 6.55 -10.64
CA PRO A 127 -2.64 7.27 -9.30
C PRO A 127 -1.81 6.68 -8.13
N GLY A 128 -0.51 6.46 -8.36
CA GLY A 128 0.36 5.93 -7.33
C GLY A 128 -0.06 4.54 -6.84
N CYS A 129 -0.71 3.81 -7.69
CA CYS A 129 -1.16 2.50 -7.32
C CYS A 129 -0.19 1.45 -7.84
N LEU A 130 0.59 0.90 -6.94
CA LEU A 130 1.58 -0.09 -7.22
C LEU A 130 0.97 -1.49 -7.04
N LYS A 131 0.92 -2.27 -8.07
CA LYS A 131 0.43 -3.63 -7.95
C LYS A 131 1.62 -4.55 -7.73
N VAL A 132 1.73 -5.09 -6.52
CA VAL A 132 2.88 -5.89 -6.14
C VAL A 132 2.55 -7.39 -6.18
N MET A 133 3.46 -8.18 -6.71
CA MET A 133 3.34 -9.61 -6.71
C MET A 133 4.03 -10.17 -5.50
N LEU A 134 3.49 -11.21 -4.96
CA LEU A 134 3.96 -11.79 -3.71
C LEU A 134 5.01 -12.86 -3.90
N LYS A 135 5.65 -13.18 -2.79
CA LYS A 135 6.67 -14.18 -2.66
C LYS A 135 6.57 -14.56 -1.22
N MET A 31 -4.97 22.82 4.07
CA MET A 31 -4.22 22.12 5.07
C MET A 31 -4.14 20.66 4.73
N LYS A 32 -3.32 20.34 3.75
CA LYS A 32 -3.14 18.97 3.33
C LYS A 32 -2.53 18.15 4.42
N GLU A 33 -1.67 18.76 5.19
CA GLU A 33 -1.02 18.06 6.26
C GLU A 33 -1.93 17.83 7.46
N ALA A 34 -2.96 18.65 7.60
CA ALA A 34 -3.96 18.42 8.63
C ALA A 34 -4.85 17.27 8.19
N ASN A 35 -5.11 17.21 6.89
CA ASN A 35 -5.88 16.13 6.28
C ASN A 35 -5.04 14.86 6.21
N HIS A 36 -3.73 15.04 6.27
CA HIS A 36 -2.75 13.96 6.30
C HIS A 36 -2.86 13.24 7.64
N LEU A 37 -3.05 14.02 8.68
CA LEU A 37 -3.24 13.50 10.04
C LEU A 37 -4.59 12.80 10.11
N ALA A 38 -5.52 13.29 9.33
CA ALA A 38 -6.87 12.78 9.25
C ALA A 38 -6.96 11.58 8.30
N ALA A 39 -5.88 11.22 7.65
CA ALA A 39 -5.90 10.13 6.70
C ALA A 39 -5.87 8.78 7.41
N ILE A 40 -5.29 8.75 8.60
CA ILE A 40 -5.17 7.50 9.37
C ILE A 40 -6.56 6.94 9.71
N GLU A 41 -7.44 7.81 10.17
CA GLU A 41 -8.81 7.43 10.51
C GLU A 41 -9.59 6.98 9.27
N ILE A 42 -9.20 7.52 8.12
CA ILE A 42 -9.84 7.18 6.87
C ILE A 42 -9.35 5.80 6.43
N PHE A 43 -8.06 5.58 6.62
CA PHE A 43 -7.40 4.32 6.31
C PHE A 43 -8.08 3.15 7.01
N GLU A 44 -8.44 3.34 8.25
CA GLU A 44 -9.06 2.28 9.03
C GLU A 44 -10.39 1.83 8.43
N LYS A 45 -11.25 2.79 8.07
CA LYS A 45 -12.58 2.47 7.57
C LYS A 45 -12.52 1.85 6.20
N VAL A 46 -11.50 2.22 5.45
CA VAL A 46 -11.39 1.79 4.10
C VAL A 46 -10.74 0.39 3.98
N ASN A 47 -9.62 0.15 4.66
CA ASN A 47 -8.86 -1.11 4.50
C ASN A 47 -9.64 -2.31 5.04
N ALA A 48 -10.58 -2.04 5.95
CA ALA A 48 -11.38 -3.07 6.62
C ALA A 48 -12.07 -4.02 5.64
N SER A 49 -12.53 -3.50 4.53
CA SER A 49 -13.23 -4.31 3.56
C SER A 49 -12.40 -4.47 2.29
N LEU A 50 -11.18 -3.94 2.33
CA LEU A 50 -10.27 -3.94 1.19
C LEU A 50 -9.16 -4.96 1.33
N LEU A 51 -8.69 -5.18 2.55
CA LEU A 51 -7.67 -6.21 2.79
C LEU A 51 -8.06 -7.61 2.29
N PRO A 52 -9.35 -8.06 2.46
CA PRO A 52 -9.83 -9.30 1.84
C PRO A 52 -9.73 -9.31 0.29
N GLN A 53 -9.58 -8.13 -0.34
CA GLN A 53 -9.45 -8.07 -1.80
C GLN A 53 -7.98 -8.09 -2.15
N ASN A 54 -7.16 -8.21 -1.10
CA ASN A 54 -5.73 -8.05 -1.20
C ASN A 54 -5.40 -6.70 -1.71
N VAL A 55 -6.01 -5.76 -1.05
CA VAL A 55 -5.85 -4.39 -1.32
C VAL A 55 -5.39 -3.73 -0.07
N LEU A 56 -4.18 -3.33 -0.09
CA LEU A 56 -3.61 -2.64 0.99
C LEU A 56 -3.59 -1.20 0.56
N ASP A 57 -4.52 -0.47 1.07
CA ASP A 57 -4.66 0.91 0.73
C ASP A 57 -4.31 1.71 1.94
N LEU A 58 -3.41 2.63 1.81
CA LEU A 58 -2.99 3.50 2.90
C LEU A 58 -2.57 4.84 2.37
N HIS A 59 -3.36 5.33 1.44
CA HIS A 59 -3.06 6.58 0.82
C HIS A 59 -3.28 7.73 1.76
N GLY A 60 -2.28 8.54 1.90
CA GLY A 60 -2.41 9.73 2.70
C GLY A 60 -1.72 9.63 4.05
N LEU A 61 -1.26 8.45 4.43
CA LEU A 61 -0.53 8.29 5.70
C LEU A 61 0.87 8.87 5.62
N HIS A 62 1.61 8.77 6.69
CA HIS A 62 3.01 9.15 6.66
C HIS A 62 3.75 8.00 6.13
N VAL A 63 4.88 8.24 5.57
CA VAL A 63 5.57 7.20 4.88
C VAL A 63 6.08 6.12 5.84
N ASP A 64 6.31 6.49 7.08
CA ASP A 64 6.71 5.56 8.12
C ASP A 64 5.55 4.63 8.46
N GLU A 65 4.39 5.21 8.59
CA GLU A 65 3.16 4.50 8.88
C GLU A 65 2.81 3.60 7.73
N ALA A 66 2.90 4.15 6.55
CA ALA A 66 2.68 3.39 5.35
C ALA A 66 3.58 2.17 5.29
N LEU A 67 4.85 2.32 5.63
CA LEU A 67 5.79 1.21 5.59
C LEU A 67 5.48 0.14 6.63
N GLU A 68 5.16 0.55 7.86
CA GLU A 68 4.88 -0.41 8.92
C GLU A 68 3.61 -1.22 8.63
N HIS A 69 2.57 -0.52 8.14
CA HIS A 69 1.32 -1.19 7.80
C HIS A 69 1.53 -2.08 6.58
N LEU A 70 2.37 -1.62 5.67
CA LEU A 70 2.70 -2.34 4.44
C LEU A 70 3.39 -3.66 4.76
N MET A 71 4.47 -3.57 5.51
CA MET A 71 5.33 -4.71 5.79
C MET A 71 4.60 -5.83 6.50
N ARG A 72 3.79 -5.47 7.48
CA ARG A 72 3.11 -6.47 8.27
C ARG A 72 2.04 -7.19 7.44
N VAL A 73 1.44 -6.47 6.51
CA VAL A 73 0.48 -7.06 5.60
C VAL A 73 1.18 -7.90 4.52
N LEU A 74 2.23 -7.35 3.91
CA LEU A 74 2.97 -8.06 2.84
C LEU A 74 3.49 -9.42 3.28
N GLU A 75 3.99 -9.49 4.49
CA GLU A 75 4.51 -10.74 5.01
C GLU A 75 3.37 -11.78 5.13
N LYS A 76 2.23 -11.34 5.71
CA LYS A 76 1.10 -12.23 5.93
C LYS A 76 0.40 -12.56 4.63
N LYS A 77 0.41 -11.64 3.70
CA LYS A 77 -0.17 -11.88 2.42
C LYS A 77 0.61 -12.90 1.66
N THR A 78 1.92 -12.81 1.72
CA THR A 78 2.76 -13.78 1.07
C THR A 78 2.56 -15.16 1.75
N GLU A 79 2.35 -15.15 3.07
CA GLU A 79 2.07 -16.35 3.81
C GLU A 79 0.74 -16.96 3.37
N GLU A 80 -0.32 -16.17 3.38
CA GLU A 80 -1.64 -16.66 3.03
C GLU A 80 -1.68 -17.10 1.58
N PHE A 81 -0.89 -16.47 0.75
CA PHE A 81 -0.73 -16.82 -0.65
C PHE A 81 -0.31 -18.28 -0.82
N LYS A 82 0.79 -18.64 -0.21
CA LYS A 82 1.34 -19.99 -0.39
C LYS A 82 0.80 -21.00 0.62
N GLN A 83 0.24 -20.52 1.70
CA GLN A 83 -0.29 -21.41 2.73
C GLN A 83 -1.79 -21.62 2.60
N ASN A 84 -2.53 -20.55 2.54
CA ASN A 84 -3.99 -20.63 2.51
C ASN A 84 -4.51 -20.70 1.09
N GLY A 85 -3.87 -19.98 0.22
CA GLY A 85 -4.27 -19.93 -1.16
C GLY A 85 -5.05 -18.68 -1.45
N GLY A 86 -4.56 -17.55 -0.98
CA GLY A 86 -5.23 -16.28 -1.23
C GLY A 86 -4.87 -15.71 -2.58
N LYS A 87 -4.98 -14.41 -2.72
CA LYS A 87 -4.61 -13.75 -3.95
C LYS A 87 -3.10 -13.75 -4.09
N PRO A 88 -2.58 -13.99 -5.30
CA PRO A 88 -1.14 -14.01 -5.56
C PRO A 88 -0.52 -12.60 -5.63
N TYR A 89 -1.31 -11.61 -5.28
CA TYR A 89 -0.88 -10.24 -5.39
C TYR A 89 -1.43 -9.44 -4.22
N LEU A 90 -0.94 -8.25 -4.09
CA LEU A 90 -1.40 -7.29 -3.13
C LEU A 90 -1.35 -5.94 -3.81
N SER A 91 -2.46 -5.30 -3.91
CA SER A 91 -2.52 -4.03 -4.56
C SER A 91 -2.34 -2.96 -3.50
N VAL A 92 -1.29 -2.18 -3.63
CA VAL A 92 -0.94 -1.18 -2.66
C VAL A 92 -1.24 0.21 -3.19
N ILE A 93 -2.22 0.83 -2.62
CA ILE A 93 -2.56 2.16 -3.00
C ILE A 93 -1.79 3.11 -2.09
N THR A 94 -0.78 3.75 -2.64
CA THR A 94 0.06 4.62 -1.87
C THR A 94 -0.49 6.01 -1.85
N GLY A 95 -1.13 6.39 -2.92
CA GLY A 95 -1.62 7.72 -3.01
C GLY A 95 -2.91 7.81 -3.73
N ARG A 96 -2.98 7.15 -4.89
CA ARG A 96 -4.11 7.28 -5.78
C ARG A 96 -4.31 8.75 -6.13
N GLY A 97 -3.44 9.23 -6.97
CA GLY A 97 -3.45 10.62 -7.29
C GLY A 97 -2.13 11.09 -7.80
N ASN A 98 -1.06 10.37 -7.46
CA ASN A 98 0.26 10.69 -8.03
C ASN A 98 0.20 10.42 -9.50
N HIS A 99 0.15 11.46 -10.26
CA HIS A 99 -0.07 11.41 -11.67
C HIS A 99 0.51 12.66 -12.27
N SER A 100 0.13 13.77 -11.69
CA SER A 100 0.61 15.04 -12.09
C SER A 100 1.85 15.40 -11.27
N GLN A 101 2.51 16.47 -11.66
CA GLN A 101 3.68 16.98 -10.95
C GLN A 101 3.31 17.36 -9.50
N GLY A 102 2.09 17.83 -9.29
CA GLY A 102 1.66 18.23 -7.97
C GLY A 102 1.04 17.10 -7.17
N GLY A 103 1.14 15.88 -7.69
CA GLY A 103 0.62 14.74 -6.99
C GLY A 103 1.65 14.18 -6.04
N VAL A 104 1.98 14.96 -5.04
CA VAL A 104 3.02 14.62 -4.08
C VAL A 104 2.54 13.57 -3.09
N ALA A 105 2.95 12.36 -3.32
CA ALA A 105 2.68 11.27 -2.45
C ALA A 105 3.97 10.49 -2.26
N ARG A 106 4.77 10.93 -1.29
CA ARG A 106 6.10 10.32 -1.01
C ARG A 106 5.98 8.91 -0.54
N ILE A 107 4.79 8.53 -0.22
CA ILE A 107 4.48 7.17 0.14
C ILE A 107 4.90 6.24 -1.01
N LYS A 108 4.73 6.71 -2.25
CA LYS A 108 5.10 5.93 -3.40
C LYS A 108 6.62 5.61 -3.43
N PRO A 109 7.56 6.61 -3.43
CA PRO A 109 9.00 6.32 -3.39
C PRO A 109 9.41 5.52 -2.15
N ALA A 110 8.77 5.80 -1.02
CA ALA A 110 9.06 5.14 0.24
C ALA A 110 8.72 3.66 0.13
N VAL A 111 7.55 3.38 -0.40
CA VAL A 111 7.08 2.03 -0.57
C VAL A 111 7.87 1.29 -1.65
N ILE A 112 8.12 1.95 -2.80
CA ILE A 112 8.90 1.33 -3.90
C ILE A 112 10.23 0.77 -3.39
N LYS A 113 10.91 1.57 -2.58
CA LYS A 113 12.14 1.26 -1.98
C LYS A 113 12.04 -0.01 -1.13
N TYR A 114 10.93 -0.17 -0.44
CA TYR A 114 10.73 -1.32 0.42
C TYR A 114 10.65 -2.59 -0.43
N LEU A 115 9.88 -2.51 -1.50
CA LEU A 115 9.67 -3.67 -2.37
C LEU A 115 10.95 -4.09 -3.06
N ILE A 116 11.65 -3.14 -3.64
CA ILE A 116 12.89 -3.44 -4.39
C ILE A 116 13.97 -4.03 -3.49
N SER A 117 14.04 -3.55 -2.29
CA SER A 117 15.05 -3.99 -1.36
C SER A 117 14.81 -5.43 -0.91
N HIS A 118 13.57 -5.88 -1.01
CA HIS A 118 13.22 -7.24 -0.61
C HIS A 118 12.96 -8.11 -1.82
N SER A 119 13.32 -7.60 -2.99
CA SER A 119 13.21 -8.33 -4.25
C SER A 119 11.75 -8.72 -4.59
N PHE A 120 10.81 -7.82 -4.30
CA PHE A 120 9.42 -8.05 -4.63
C PHE A 120 9.19 -7.75 -6.09
N ARG A 121 8.01 -8.07 -6.54
CA ARG A 121 7.64 -7.80 -7.89
C ARG A 121 6.46 -6.89 -7.83
N PHE A 122 6.60 -5.72 -8.33
CA PHE A 122 5.51 -4.77 -8.34
C PHE A 122 5.52 -3.97 -9.62
N SER A 123 4.47 -3.27 -9.85
CA SER A 123 4.35 -2.39 -10.96
C SER A 123 3.26 -1.40 -10.64
N GLU A 124 3.47 -0.15 -10.95
CA GLU A 124 2.46 0.84 -10.74
C GLU A 124 1.45 0.73 -11.87
N ILE A 125 0.19 0.71 -11.51
CA ILE A 125 -0.86 0.68 -12.48
C ILE A 125 -0.82 1.99 -13.23
N LYS A 126 -0.95 3.06 -12.45
CA LYS A 126 -0.86 4.43 -12.81
C LYS A 126 -1.24 5.17 -11.51
N PRO A 127 -1.91 6.35 -11.49
CA PRO A 127 -1.90 7.30 -10.35
C PRO A 127 -1.69 6.77 -8.92
N GLY A 128 -0.45 6.70 -8.47
CA GLY A 128 -0.13 6.36 -7.09
C GLY A 128 -0.63 5.00 -6.62
N CYS A 129 -0.71 4.05 -7.50
CA CYS A 129 -1.11 2.72 -7.07
C CYS A 129 -0.16 1.62 -7.59
N LEU A 130 0.58 1.03 -6.67
CA LEU A 130 1.55 0.00 -6.94
C LEU A 130 0.90 -1.38 -6.75
N LYS A 131 0.95 -2.20 -7.75
CA LYS A 131 0.41 -3.52 -7.64
C LYS A 131 1.56 -4.49 -7.44
N VAL A 132 1.59 -5.12 -6.30
CA VAL A 132 2.68 -6.01 -5.93
C VAL A 132 2.26 -7.46 -6.08
N MET A 133 3.15 -8.28 -6.56
CA MET A 133 2.95 -9.70 -6.67
C MET A 133 3.68 -10.37 -5.55
N LEU A 134 3.02 -11.30 -4.94
CA LEU A 134 3.56 -12.00 -3.79
C LEU A 134 4.53 -13.08 -4.22
N LYS A 135 5.55 -13.29 -3.41
CA LYS A 135 6.64 -14.16 -3.76
C LYS A 135 7.03 -15.13 -2.65
N MET A 31 1.37 21.21 5.21
CA MET A 31 0.36 20.31 5.84
C MET A 31 -0.25 19.16 5.04
N LYS A 32 0.48 18.10 4.93
CA LYS A 32 -0.06 16.84 4.47
C LYS A 32 -0.39 16.00 5.68
N GLU A 33 0.19 16.38 6.79
CA GLU A 33 0.01 15.72 8.06
C GLU A 33 -1.40 15.97 8.59
N ALA A 34 -2.02 17.04 8.11
CA ALA A 34 -3.38 17.36 8.46
C ALA A 34 -4.31 16.43 7.71
N ASN A 35 -4.00 16.20 6.42
CA ASN A 35 -4.77 15.27 5.58
C ASN A 35 -4.61 13.87 6.13
N HIS A 36 -3.41 13.61 6.64
CA HIS A 36 -3.05 12.36 7.33
C HIS A 36 -4.06 11.99 8.41
N LEU A 37 -4.54 12.97 9.15
CA LEU A 37 -5.45 12.70 10.24
C LEU A 37 -6.77 12.16 9.72
N ALA A 38 -7.17 12.62 8.56
CA ALA A 38 -8.37 12.12 7.93
C ALA A 38 -8.06 10.81 7.21
N ALA A 39 -6.84 10.67 6.76
CA ALA A 39 -6.40 9.50 6.01
C ALA A 39 -6.41 8.24 6.87
N ILE A 40 -6.29 8.42 8.16
CA ILE A 40 -6.30 7.30 9.09
C ILE A 40 -7.66 6.59 9.05
N GLU A 41 -8.75 7.36 9.11
CA GLU A 41 -10.07 6.76 9.04
C GLU A 41 -10.32 6.23 7.64
N ILE A 42 -9.71 6.88 6.64
CA ILE A 42 -9.81 6.44 5.27
C ILE A 42 -9.21 5.04 5.18
N PHE A 43 -8.00 4.90 5.69
CA PHE A 43 -7.27 3.62 5.74
C PHE A 43 -8.10 2.52 6.44
N GLU A 44 -8.86 2.90 7.44
CA GLU A 44 -9.71 1.95 8.12
C GLU A 44 -10.92 1.56 7.28
N LYS A 45 -11.59 2.55 6.71
CA LYS A 45 -12.78 2.29 5.90
C LYS A 45 -12.43 1.58 4.57
N VAL A 46 -11.28 1.91 3.99
CA VAL A 46 -10.87 1.30 2.73
C VAL A 46 -10.56 -0.19 2.88
N ASN A 47 -9.64 -0.51 3.75
CA ASN A 47 -9.19 -1.89 3.93
C ASN A 47 -10.29 -2.78 4.50
N ALA A 48 -11.27 -2.17 5.13
CA ALA A 48 -12.42 -2.90 5.70
C ALA A 48 -13.10 -3.78 4.63
N SER A 49 -13.21 -3.27 3.43
CA SER A 49 -13.81 -4.02 2.35
C SER A 49 -12.79 -4.45 1.30
N LEU A 50 -11.66 -3.75 1.26
CA LEU A 50 -10.69 -3.97 0.22
C LEU A 50 -9.54 -4.91 0.61
N LEU A 51 -9.26 -5.05 1.89
CA LEU A 51 -8.16 -5.91 2.36
C LEU A 51 -8.39 -7.39 1.92
N PRO A 52 -9.64 -7.96 2.07
CA PRO A 52 -9.94 -9.31 1.56
C PRO A 52 -9.85 -9.43 0.02
N GLN A 53 -9.56 -8.32 -0.67
CA GLN A 53 -9.43 -8.35 -2.11
C GLN A 53 -7.97 -8.14 -2.45
N ASN A 54 -7.14 -8.25 -1.42
CA ASN A 54 -5.71 -8.04 -1.49
C ASN A 54 -5.35 -6.68 -1.97
N VAL A 55 -5.94 -5.74 -1.32
CA VAL A 55 -5.70 -4.37 -1.50
C VAL A 55 -5.28 -3.78 -0.18
N LEU A 56 -4.22 -3.07 -0.21
CA LEU A 56 -3.70 -2.42 0.93
C LEU A 56 -3.61 -0.95 0.55
N ASP A 57 -4.55 -0.20 1.05
CA ASP A 57 -4.64 1.21 0.72
C ASP A 57 -4.29 2.01 1.96
N LEU A 58 -3.44 3.01 1.80
CA LEU A 58 -2.93 3.83 2.91
C LEU A 58 -2.55 5.22 2.43
N HIS A 59 -3.29 5.72 1.46
CA HIS A 59 -3.00 7.01 0.91
C HIS A 59 -3.30 8.12 1.92
N GLY A 60 -2.32 8.96 2.14
CA GLY A 60 -2.48 10.07 3.04
C GLY A 60 -1.67 9.92 4.31
N LEU A 61 -1.22 8.71 4.60
CA LEU A 61 -0.40 8.50 5.80
C LEU A 61 1.04 8.91 5.58
N HIS A 62 1.79 8.93 6.64
CA HIS A 62 3.20 9.26 6.58
C HIS A 62 3.98 8.09 6.03
N VAL A 63 5.18 8.37 5.56
CA VAL A 63 6.10 7.36 5.03
C VAL A 63 6.34 6.27 6.06
N ASP A 64 6.62 6.71 7.28
CA ASP A 64 6.87 5.83 8.42
C ASP A 64 5.73 4.88 8.61
N GLU A 65 4.54 5.46 8.78
CA GLU A 65 3.32 4.74 9.04
C GLU A 65 2.99 3.78 7.93
N ALA A 66 2.94 4.31 6.70
CA ALA A 66 2.64 3.53 5.53
C ALA A 66 3.50 2.28 5.42
N LEU A 67 4.80 2.44 5.64
CA LEU A 67 5.71 1.30 5.55
C LEU A 67 5.42 0.28 6.63
N GLU A 68 5.15 0.78 7.84
CA GLU A 68 4.85 -0.08 8.97
C GLU A 68 3.55 -0.88 8.78
N HIS A 69 2.54 -0.23 8.23
CA HIS A 69 1.27 -0.89 7.96
C HIS A 69 1.42 -1.88 6.79
N LEU A 70 2.25 -1.52 5.84
CA LEU A 70 2.50 -2.32 4.67
C LEU A 70 3.26 -3.61 5.02
N MET A 71 4.36 -3.45 5.74
CA MET A 71 5.25 -4.56 6.05
C MET A 71 4.56 -5.71 6.75
N ARG A 72 3.72 -5.37 7.73
CA ARG A 72 3.02 -6.40 8.48
C ARG A 72 2.05 -7.19 7.60
N VAL A 73 1.40 -6.49 6.69
CA VAL A 73 0.44 -7.10 5.81
C VAL A 73 1.12 -7.94 4.72
N LEU A 74 2.15 -7.39 4.07
CA LEU A 74 2.86 -8.12 3.00
C LEU A 74 3.41 -9.45 3.45
N GLU A 75 4.00 -9.47 4.62
CA GLU A 75 4.60 -10.70 5.11
C GLU A 75 3.56 -11.75 5.44
N LYS A 76 2.42 -11.31 5.93
CA LYS A 76 1.37 -12.25 6.29
C LYS A 76 0.61 -12.69 5.04
N LYS A 77 0.50 -11.79 4.05
CA LYS A 77 -0.16 -12.09 2.80
C LYS A 77 0.64 -13.06 1.98
N THR A 78 1.95 -12.99 2.11
CA THR A 78 2.81 -13.93 1.45
C THR A 78 2.54 -15.35 2.01
N GLU A 79 2.32 -15.42 3.34
CA GLU A 79 1.97 -16.67 4.01
C GLU A 79 0.65 -17.18 3.45
N GLU A 80 -0.35 -16.30 3.48
CA GLU A 80 -1.70 -16.61 2.99
C GLU A 80 -1.67 -17.10 1.55
N PHE A 81 -0.80 -16.54 0.78
CA PHE A 81 -0.61 -16.91 -0.62
C PHE A 81 -0.16 -18.36 -0.75
N LYS A 82 0.95 -18.68 -0.13
CA LYS A 82 1.56 -19.99 -0.27
C LYS A 82 0.91 -21.05 0.63
N GLN A 83 0.31 -20.63 1.72
CA GLN A 83 -0.32 -21.55 2.65
C GLN A 83 -1.80 -21.72 2.40
N ASN A 84 -2.53 -20.63 2.38
CA ASN A 84 -3.99 -20.67 2.30
C ASN A 84 -4.47 -20.69 0.87
N GLY A 85 -3.55 -20.45 -0.04
CA GLY A 85 -3.89 -20.38 -1.43
C GLY A 85 -4.61 -19.10 -1.75
N GLY A 86 -4.24 -18.03 -1.05
CA GLY A 86 -4.87 -16.73 -1.23
C GLY A 86 -4.46 -16.05 -2.52
N LYS A 87 -4.67 -14.75 -2.60
CA LYS A 87 -4.35 -14.03 -3.83
C LYS A 87 -2.85 -13.94 -4.01
N PRO A 88 -2.40 -14.08 -5.26
CA PRO A 88 -0.97 -14.01 -5.62
C PRO A 88 -0.44 -12.57 -5.72
N TYR A 89 -1.20 -11.62 -5.25
CA TYR A 89 -0.83 -10.24 -5.39
C TYR A 89 -1.34 -9.43 -4.21
N LEU A 90 -0.91 -8.20 -4.14
CA LEU A 90 -1.37 -7.24 -3.17
C LEU A 90 -1.21 -5.85 -3.79
N SER A 91 -2.27 -5.14 -3.96
CA SER A 91 -2.19 -3.82 -4.54
C SER A 91 -2.08 -2.75 -3.45
N VAL A 92 -1.04 -1.94 -3.53
CA VAL A 92 -0.79 -0.89 -2.55
C VAL A 92 -1.18 0.46 -3.15
N ILE A 93 -2.04 1.19 -2.49
CA ILE A 93 -2.51 2.46 -3.00
C ILE A 93 -1.91 3.62 -2.21
N THR A 94 -1.07 4.41 -2.87
CA THR A 94 -0.48 5.59 -2.29
C THR A 94 -1.29 6.81 -2.75
N GLY A 95 -2.15 6.59 -3.75
CA GLY A 95 -3.07 7.60 -4.24
C GLY A 95 -2.45 8.57 -5.23
N ARG A 96 -1.36 9.15 -4.84
CA ARG A 96 -0.66 10.10 -5.66
C ARG A 96 0.81 9.74 -5.74
N GLY A 97 1.57 10.54 -6.43
CA GLY A 97 2.97 10.26 -6.69
C GLY A 97 3.11 10.24 -8.19
N ASN A 98 2.22 9.50 -8.77
CA ASN A 98 2.00 9.47 -10.19
C ASN A 98 0.51 9.38 -10.30
N HIS A 99 -0.09 10.23 -11.07
CA HIS A 99 -1.54 10.29 -11.09
C HIS A 99 -1.98 11.12 -12.28
N SER A 100 -1.36 12.27 -12.40
CA SER A 100 -1.68 13.23 -13.44
C SER A 100 -0.66 14.37 -13.34
N GLN A 101 -0.68 15.07 -12.23
CA GLN A 101 0.26 16.16 -11.98
C GLN A 101 1.36 15.69 -11.03
N GLY A 102 1.46 14.38 -10.91
CA GLY A 102 2.38 13.78 -9.99
C GLY A 102 1.82 13.73 -8.60
N GLY A 103 2.16 14.71 -7.81
CA GLY A 103 1.73 14.77 -6.45
C GLY A 103 2.83 14.46 -5.52
N VAL A 104 2.89 15.15 -4.41
CA VAL A 104 3.91 14.89 -3.43
C VAL A 104 3.41 13.85 -2.46
N ALA A 105 3.60 12.63 -2.83
CA ALA A 105 3.26 11.55 -1.99
C ALA A 105 4.48 10.72 -1.79
N ARG A 106 5.21 11.04 -0.76
CA ARG A 106 6.46 10.34 -0.40
C ARG A 106 6.26 8.87 -0.07
N ILE A 107 5.01 8.48 0.04
CA ILE A 107 4.64 7.11 0.32
C ILE A 107 5.11 6.21 -0.82
N LYS A 108 4.84 6.61 -2.05
CA LYS A 108 5.17 5.80 -3.21
C LYS A 108 6.69 5.51 -3.31
N PRO A 109 7.58 6.56 -3.35
CA PRO A 109 9.03 6.34 -3.37
C PRO A 109 9.51 5.46 -2.22
N ALA A 110 8.88 5.60 -1.06
CA ALA A 110 9.26 4.83 0.11
C ALA A 110 8.84 3.38 -0.06
N VAL A 111 7.62 3.18 -0.51
CA VAL A 111 7.09 1.85 -0.73
C VAL A 111 7.88 1.14 -1.82
N ILE A 112 8.18 1.82 -2.91
CA ILE A 112 8.96 1.23 -4.01
C ILE A 112 10.30 0.68 -3.48
N LYS A 113 10.96 1.48 -2.66
CA LYS A 113 12.19 1.17 -2.05
C LYS A 113 12.05 -0.06 -1.14
N TYR A 114 10.90 -0.20 -0.52
CA TYR A 114 10.61 -1.31 0.35
C TYR A 114 10.51 -2.61 -0.45
N LEU A 115 9.79 -2.56 -1.56
CA LEU A 115 9.59 -3.75 -2.40
C LEU A 115 10.88 -4.23 -3.01
N ILE A 116 11.65 -3.32 -3.55
CA ILE A 116 12.92 -3.66 -4.18
C ILE A 116 13.93 -4.23 -3.18
N SER A 117 13.86 -3.74 -1.94
CA SER A 117 14.74 -4.21 -0.87
C SER A 117 14.47 -5.69 -0.55
N HIS A 118 13.26 -6.15 -0.85
CA HIS A 118 12.90 -7.53 -0.56
C HIS A 118 12.76 -8.34 -1.83
N SER A 119 13.14 -7.72 -2.95
CA SER A 119 13.13 -8.33 -4.28
C SER A 119 11.71 -8.75 -4.74
N PHE A 120 10.73 -7.93 -4.41
CA PHE A 120 9.36 -8.16 -4.85
C PHE A 120 9.18 -7.76 -6.31
N ARG A 121 8.09 -8.20 -6.90
CA ARG A 121 7.79 -7.82 -8.26
C ARG A 121 6.57 -6.96 -8.19
N PHE A 122 6.68 -5.74 -8.56
CA PHE A 122 5.55 -4.83 -8.55
C PHE A 122 5.46 -4.06 -9.86
N SER A 123 4.35 -3.40 -10.04
CA SER A 123 4.12 -2.56 -11.17
C SER A 123 2.98 -1.61 -10.83
N GLU A 124 3.19 -0.34 -11.05
CA GLU A 124 2.16 0.63 -10.80
C GLU A 124 1.18 0.63 -11.95
N ILE A 125 -0.09 0.60 -11.61
CA ILE A 125 -1.13 0.68 -12.61
C ILE A 125 -1.13 2.10 -13.15
N LYS A 126 -1.39 3.03 -12.25
CA LYS A 126 -1.40 4.44 -12.45
C LYS A 126 -1.81 4.97 -11.05
N PRO A 127 -2.60 6.10 -10.83
CA PRO A 127 -2.65 6.86 -9.56
C PRO A 127 -2.09 6.22 -8.28
N GLY A 128 -0.77 6.22 -8.18
CA GLY A 128 -0.06 5.71 -7.02
C GLY A 128 -0.45 4.31 -6.60
N CYS A 129 -0.88 3.49 -7.50
CA CYS A 129 -1.20 2.16 -7.11
C CYS A 129 -0.18 1.15 -7.59
N LEU A 130 0.63 0.72 -6.66
CA LEU A 130 1.67 -0.23 -6.88
C LEU A 130 1.10 -1.60 -6.70
N LYS A 131 0.90 -2.28 -7.77
CA LYS A 131 0.36 -3.60 -7.71
C LYS A 131 1.53 -4.57 -7.56
N VAL A 132 1.64 -5.13 -6.40
CA VAL A 132 2.74 -6.02 -6.10
C VAL A 132 2.30 -7.45 -6.32
N MET A 133 3.15 -8.20 -6.96
CA MET A 133 2.96 -9.61 -7.16
C MET A 133 3.67 -10.28 -6.01
N LEU A 134 3.02 -11.16 -5.34
CA LEU A 134 3.62 -11.83 -4.22
C LEU A 134 4.64 -12.84 -4.69
N LYS A 135 5.64 -13.06 -3.90
CA LYS A 135 6.72 -13.93 -4.25
C LYS A 135 6.70 -15.18 -3.38
N MET A 31 -1.79 22.19 9.54
CA MET A 31 -0.76 21.62 8.67
C MET A 31 -1.34 20.46 7.84
N LYS A 32 -0.50 19.52 7.47
CA LYS A 32 -0.97 18.37 6.75
C LYS A 32 -1.36 17.27 7.73
N GLU A 33 -1.06 17.50 9.00
CA GLU A 33 -1.43 16.62 10.10
C GLU A 33 -2.93 16.48 10.19
N ALA A 34 -3.67 17.56 9.96
CA ALA A 34 -5.13 17.50 9.97
C ALA A 34 -5.62 16.60 8.83
N ASN A 35 -4.96 16.70 7.69
CA ASN A 35 -5.27 15.87 6.53
C ASN A 35 -4.90 14.42 6.84
N HIS A 36 -3.80 14.27 7.54
CA HIS A 36 -3.33 12.99 8.04
C HIS A 36 -4.39 12.32 8.91
N LEU A 37 -4.95 13.06 9.84
CA LEU A 37 -5.99 12.53 10.71
C LEU A 37 -7.25 12.18 9.95
N ALA A 38 -7.52 12.90 8.88
CA ALA A 38 -8.63 12.59 8.01
C ALA A 38 -8.35 11.29 7.27
N ALA A 39 -7.08 11.09 6.92
CA ALA A 39 -6.63 9.90 6.21
C ALA A 39 -6.68 8.67 7.11
N ILE A 40 -6.43 8.86 8.40
CA ILE A 40 -6.42 7.74 9.38
C ILE A 40 -7.75 7.00 9.37
N GLU A 41 -8.84 7.73 9.54
CA GLU A 41 -10.15 7.13 9.59
C GLU A 41 -10.51 6.50 8.26
N ILE A 42 -10.08 7.15 7.16
CA ILE A 42 -10.33 6.64 5.83
C ILE A 42 -9.61 5.31 5.65
N PHE A 43 -8.34 5.27 6.05
CA PHE A 43 -7.54 4.06 5.98
C PHE A 43 -8.22 2.90 6.71
N GLU A 44 -8.76 3.19 7.88
CA GLU A 44 -9.43 2.17 8.67
C GLU A 44 -10.69 1.64 7.96
N LYS A 45 -11.54 2.54 7.48
CA LYS A 45 -12.81 2.15 6.84
C LYS A 45 -12.59 1.45 5.53
N VAL A 46 -11.64 1.96 4.79
CA VAL A 46 -11.30 1.45 3.51
C VAL A 46 -10.80 0.00 3.59
N ASN A 47 -9.75 -0.23 4.34
CA ASN A 47 -9.16 -1.57 4.40
C ASN A 47 -10.04 -2.53 5.15
N ALA A 48 -10.91 -2.02 6.02
CA ALA A 48 -11.79 -2.88 6.82
C ALA A 48 -12.58 -3.85 5.94
N SER A 49 -13.02 -3.36 4.80
CA SER A 49 -13.82 -4.17 3.91
C SER A 49 -13.06 -4.46 2.58
N LEU A 50 -11.78 -4.15 2.57
CA LEU A 50 -10.99 -4.34 1.34
C LEU A 50 -9.76 -5.24 1.58
N LEU A 51 -9.22 -5.18 2.78
CA LEU A 51 -8.01 -5.93 3.19
C LEU A 51 -8.11 -7.46 2.83
N PRO A 52 -9.28 -8.15 3.08
CA PRO A 52 -9.48 -9.57 2.67
C PRO A 52 -9.30 -9.80 1.15
N GLN A 53 -9.41 -8.74 0.35
CA GLN A 53 -9.28 -8.86 -1.11
C GLN A 53 -7.83 -8.67 -1.54
N ASN A 54 -6.97 -8.50 -0.56
CA ASN A 54 -5.55 -8.26 -0.75
C ASN A 54 -5.27 -6.95 -1.42
N VAL A 55 -5.90 -5.94 -0.92
CA VAL A 55 -5.58 -4.62 -1.32
C VAL A 55 -5.10 -3.93 -0.06
N LEU A 56 -4.12 -3.15 -0.21
CA LEU A 56 -3.57 -2.42 0.86
C LEU A 56 -3.60 -0.98 0.42
N ASP A 57 -4.53 -0.26 0.94
CA ASP A 57 -4.76 1.09 0.53
C ASP A 57 -4.52 2.05 1.69
N LEU A 58 -3.42 2.76 1.64
CA LEU A 58 -3.04 3.66 2.71
C LEU A 58 -2.56 5.01 2.20
N HIS A 59 -3.33 5.57 1.34
CA HIS A 59 -3.00 6.85 0.80
C HIS A 59 -3.25 7.94 1.82
N GLY A 60 -2.27 8.77 2.03
CA GLY A 60 -2.44 9.90 2.94
C GLY A 60 -1.74 9.73 4.28
N LEU A 61 -1.25 8.54 4.55
CA LEU A 61 -0.48 8.29 5.77
C LEU A 61 0.92 8.87 5.65
N HIS A 62 1.62 8.94 6.75
CA HIS A 62 3.01 9.33 6.73
C HIS A 62 3.85 8.16 6.26
N VAL A 63 5.00 8.45 5.69
CA VAL A 63 5.90 7.43 5.12
C VAL A 63 6.21 6.34 6.15
N ASP A 64 6.57 6.76 7.33
CA ASP A 64 6.99 5.87 8.41
C ASP A 64 5.86 4.92 8.78
N GLU A 65 4.67 5.47 8.97
CA GLU A 65 3.55 4.69 9.44
C GLU A 65 3.00 3.80 8.33
N ALA A 66 2.91 4.35 7.13
CA ALA A 66 2.46 3.62 5.97
C ALA A 66 3.33 2.40 5.76
N LEU A 67 4.62 2.55 6.00
CA LEU A 67 5.52 1.43 5.83
C LEU A 67 5.28 0.36 6.88
N GLU A 68 4.96 0.78 8.10
CA GLU A 68 4.64 -0.17 9.16
C GLU A 68 3.40 -0.97 8.77
N HIS A 69 2.39 -0.28 8.27
CA HIS A 69 1.14 -0.92 7.85
C HIS A 69 1.34 -1.81 6.63
N LEU A 70 2.23 -1.39 5.76
CA LEU A 70 2.54 -2.10 4.53
C LEU A 70 3.23 -3.43 4.84
N MET A 71 4.30 -3.37 5.64
CA MET A 71 5.15 -4.53 5.90
C MET A 71 4.37 -5.68 6.55
N ARG A 72 3.53 -5.35 7.51
CA ARG A 72 2.76 -6.35 8.25
C ARG A 72 1.76 -7.06 7.34
N VAL A 73 1.10 -6.30 6.50
CA VAL A 73 0.11 -6.86 5.62
C VAL A 73 0.76 -7.64 4.49
N LEU A 74 1.85 -7.10 3.95
CA LEU A 74 2.54 -7.70 2.85
C LEU A 74 3.07 -9.07 3.23
N GLU A 75 3.68 -9.16 4.39
CA GLU A 75 4.27 -10.41 4.81
C GLU A 75 3.19 -11.47 5.04
N LYS A 76 2.08 -11.07 5.64
CA LYS A 76 1.04 -12.03 5.93
C LYS A 76 0.34 -12.46 4.64
N LYS A 77 0.19 -11.53 3.69
CA LYS A 77 -0.42 -11.86 2.41
C LYS A 77 0.44 -12.82 1.62
N THR A 78 1.75 -12.61 1.70
CA THR A 78 2.70 -13.50 1.05
C THR A 78 2.59 -14.90 1.69
N GLU A 79 2.41 -14.92 3.01
CA GLU A 79 2.22 -16.13 3.76
C GLU A 79 0.91 -16.82 3.35
N GLU A 80 -0.20 -16.08 3.39
CA GLU A 80 -1.53 -16.57 3.00
C GLU A 80 -1.50 -17.16 1.61
N PHE A 81 -0.81 -16.51 0.72
CA PHE A 81 -0.65 -16.92 -0.65
C PHE A 81 -0.09 -18.34 -0.75
N LYS A 82 1.03 -18.58 -0.11
CA LYS A 82 1.71 -19.86 -0.23
C LYS A 82 1.21 -20.89 0.76
N GLN A 83 0.46 -20.45 1.74
CA GLN A 83 -0.10 -21.36 2.72
C GLN A 83 -1.55 -21.70 2.47
N ASN A 84 -2.37 -20.69 2.41
CA ASN A 84 -3.81 -20.88 2.32
C ASN A 84 -4.25 -20.95 0.88
N GLY A 85 -3.60 -20.17 0.05
CA GLY A 85 -3.94 -20.11 -1.34
C GLY A 85 -4.90 -18.98 -1.59
N GLY A 86 -4.46 -17.78 -1.24
CA GLY A 86 -5.28 -16.61 -1.44
C GLY A 86 -4.90 -15.89 -2.71
N LYS A 87 -4.95 -14.58 -2.68
CA LYS A 87 -4.59 -13.77 -3.85
C LYS A 87 -3.09 -13.81 -4.06
N PRO A 88 -2.63 -14.09 -5.28
CA PRO A 88 -1.21 -14.13 -5.63
C PRO A 88 -0.59 -12.73 -5.77
N TYR A 89 -1.30 -11.73 -5.29
CA TYR A 89 -0.88 -10.38 -5.44
C TYR A 89 -1.37 -9.55 -4.29
N LEU A 90 -0.92 -8.34 -4.26
CA LEU A 90 -1.33 -7.36 -3.31
C LEU A 90 -1.35 -6.01 -4.00
N SER A 91 -2.48 -5.40 -4.04
CA SER A 91 -2.62 -4.13 -4.70
C SER A 91 -2.39 -3.01 -3.67
N VAL A 92 -1.38 -2.21 -3.85
CA VAL A 92 -1.01 -1.19 -2.89
C VAL A 92 -1.29 0.22 -3.42
N ILE A 93 -2.22 0.90 -2.83
CA ILE A 93 -2.52 2.26 -3.18
C ILE A 93 -1.79 3.17 -2.21
N THR A 94 -0.84 3.91 -2.74
CA THR A 94 -0.07 4.79 -1.92
C THR A 94 -0.60 6.20 -2.01
N GLY A 95 -1.24 6.52 -3.11
CA GLY A 95 -1.77 7.83 -3.27
C GLY A 95 -3.00 7.84 -4.11
N ARG A 96 -2.85 7.36 -5.33
CA ARG A 96 -3.88 7.38 -6.35
C ARG A 96 -4.36 8.81 -6.57
N GLY A 97 -3.65 9.51 -7.39
CA GLY A 97 -3.99 10.85 -7.65
C GLY A 97 -2.97 11.51 -8.48
N ASN A 98 -1.78 11.32 -8.07
CA ASN A 98 -0.63 11.92 -8.69
C ASN A 98 0.47 10.90 -8.63
N HIS A 99 1.50 11.10 -9.40
CA HIS A 99 2.65 10.25 -9.37
C HIS A 99 3.25 10.22 -7.94
N SER A 100 3.52 11.42 -7.39
CA SER A 100 4.10 11.52 -6.06
C SER A 100 4.22 13.00 -5.61
N GLN A 101 4.47 13.90 -6.52
CA GLN A 101 4.71 15.29 -6.17
C GLN A 101 3.43 15.99 -5.67
N GLY A 102 2.37 15.85 -6.42
CA GLY A 102 1.11 16.49 -6.08
C GLY A 102 0.49 15.89 -4.86
N GLY A 103 0.29 16.70 -3.84
CA GLY A 103 -0.29 16.23 -2.60
C GLY A 103 0.74 15.65 -1.67
N VAL A 104 1.98 15.62 -2.15
CA VAL A 104 3.11 15.04 -1.46
C VAL A 104 2.81 13.58 -1.07
N ALA A 105 2.82 12.75 -2.07
CA ALA A 105 2.57 11.35 -1.89
C ALA A 105 3.90 10.62 -1.93
N ARG A 106 4.71 10.85 -0.91
CA ARG A 106 6.06 10.24 -0.80
C ARG A 106 5.97 8.81 -0.37
N ILE A 107 4.78 8.35 -0.17
CA ILE A 107 4.52 7.00 0.19
C ILE A 107 4.95 6.08 -0.96
N LYS A 108 4.77 6.53 -2.21
CA LYS A 108 5.14 5.72 -3.36
C LYS A 108 6.64 5.39 -3.41
N PRO A 109 7.58 6.41 -3.44
CA PRO A 109 9.01 6.13 -3.49
C PRO A 109 9.49 5.36 -2.25
N ALA A 110 8.82 5.58 -1.14
CA ALA A 110 9.15 4.92 0.11
C ALA A 110 8.80 3.45 0.04
N VAL A 111 7.60 3.18 -0.43
CA VAL A 111 7.12 1.83 -0.57
C VAL A 111 7.93 1.08 -1.63
N ILE A 112 8.23 1.74 -2.76
CA ILE A 112 9.02 1.13 -3.85
C ILE A 112 10.35 0.57 -3.32
N LYS A 113 11.05 1.41 -2.57
CA LYS A 113 12.28 1.11 -1.95
C LYS A 113 12.17 -0.16 -1.08
N TYR A 114 11.05 -0.31 -0.42
CA TYR A 114 10.80 -1.47 0.43
C TYR A 114 10.68 -2.74 -0.43
N LEU A 115 9.88 -2.66 -1.48
CA LEU A 115 9.63 -3.80 -2.35
C LEU A 115 10.90 -4.28 -3.04
N ILE A 116 11.64 -3.35 -3.62
CA ILE A 116 12.87 -3.68 -4.35
C ILE A 116 13.92 -4.30 -3.45
N SER A 117 13.97 -3.82 -2.22
CA SER A 117 14.94 -4.30 -1.26
C SER A 117 14.61 -5.72 -0.78
N HIS A 118 13.40 -6.15 -1.01
CA HIS A 118 12.99 -7.48 -0.62
C HIS A 118 12.77 -8.35 -1.85
N SER A 119 13.15 -7.82 -3.02
CA SER A 119 13.05 -8.51 -4.30
C SER A 119 11.60 -8.85 -4.67
N PHE A 120 10.69 -7.95 -4.37
CA PHE A 120 9.30 -8.15 -4.77
C PHE A 120 9.11 -7.72 -6.20
N ARG A 121 8.02 -8.11 -6.80
CA ARG A 121 7.73 -7.71 -8.14
C ARG A 121 6.49 -6.86 -8.10
N PHE A 122 6.62 -5.64 -8.47
CA PHE A 122 5.51 -4.73 -8.46
C PHE A 122 5.48 -3.94 -9.74
N SER A 123 4.35 -3.45 -10.06
CA SER A 123 4.13 -2.69 -11.24
C SER A 123 3.14 -1.60 -10.92
N GLU A 124 3.47 -0.36 -11.13
CA GLU A 124 2.52 0.68 -10.89
C GLU A 124 1.50 0.72 -12.02
N ILE A 125 0.25 0.77 -11.65
CA ILE A 125 -0.83 0.85 -12.58
C ILE A 125 -0.76 2.17 -13.29
N LYS A 126 -1.15 3.23 -12.59
CA LYS A 126 -1.18 4.54 -13.08
C LYS A 126 -1.09 5.38 -11.76
N PRO A 127 -1.69 6.59 -11.56
CA PRO A 127 -1.41 7.45 -10.38
C PRO A 127 -1.37 6.74 -9.01
N GLY A 128 -0.24 6.86 -8.34
CA GLY A 128 -0.03 6.40 -6.97
C GLY A 128 -0.50 4.98 -6.62
N CYS A 129 -0.50 4.06 -7.56
CA CYS A 129 -0.95 2.70 -7.24
C CYS A 129 -0.03 1.59 -7.76
N LEU A 130 0.62 0.90 -6.82
CA LEU A 130 1.56 -0.16 -7.10
C LEU A 130 0.86 -1.53 -7.02
N LYS A 131 0.96 -2.29 -8.06
CA LYS A 131 0.41 -3.63 -8.11
C LYS A 131 1.54 -4.60 -7.78
N VAL A 132 1.51 -5.21 -6.64
CA VAL A 132 2.58 -6.10 -6.21
C VAL A 132 2.19 -7.55 -6.45
N MET A 133 3.14 -8.31 -6.96
CA MET A 133 3.00 -9.73 -7.17
C MET A 133 3.74 -10.39 -6.02
N LEU A 134 3.18 -11.42 -5.48
CA LEU A 134 3.76 -12.06 -4.33
C LEU A 134 4.81 -13.07 -4.73
N LYS A 135 5.70 -13.39 -3.81
CA LYS A 135 6.84 -14.23 -4.11
C LYS A 135 6.87 -15.49 -3.24
N MET A 31 -7.57 21.94 8.75
CA MET A 31 -6.27 21.57 9.31
C MET A 31 -5.70 20.39 8.55
N LYS A 32 -4.93 20.69 7.52
CA LYS A 32 -4.42 19.66 6.63
C LYS A 32 -3.50 18.62 7.29
N GLU A 33 -2.79 19.01 8.34
CA GLU A 33 -2.00 18.04 9.08
C GLU A 33 -2.89 17.11 9.88
N ALA A 34 -3.94 17.65 10.45
CA ALA A 34 -4.90 16.86 11.21
C ALA A 34 -5.72 16.00 10.25
N ASN A 35 -5.97 16.55 9.08
CA ASN A 35 -6.68 15.88 8.00
C ASN A 35 -5.99 14.59 7.61
N HIS A 36 -4.66 14.62 7.50
CA HIS A 36 -3.96 13.40 7.14
C HIS A 36 -3.85 12.46 8.33
N LEU A 37 -4.07 12.97 9.54
CA LEU A 37 -4.11 12.12 10.72
C LEU A 37 -5.40 11.32 10.69
N ALA A 38 -6.42 11.93 10.10
CA ALA A 38 -7.70 11.28 9.91
C ALA A 38 -7.57 10.21 8.82
N ALA A 39 -6.56 10.31 7.99
CA ALA A 39 -6.33 9.31 6.95
C ALA A 39 -6.01 7.95 7.57
N ILE A 40 -5.43 7.96 8.76
CA ILE A 40 -5.13 6.71 9.47
C ILE A 40 -6.43 5.96 9.86
N GLU A 41 -7.42 6.70 10.37
CA GLU A 41 -8.70 6.07 10.76
C GLU A 41 -9.47 5.65 9.51
N ILE A 42 -9.30 6.42 8.44
CA ILE A 42 -9.90 6.09 7.18
C ILE A 42 -9.30 4.79 6.67
N PHE A 43 -7.97 4.68 6.76
CA PHE A 43 -7.22 3.50 6.40
C PHE A 43 -7.72 2.25 7.12
N GLU A 44 -7.92 2.37 8.41
CA GLU A 44 -8.39 1.26 9.20
C GLU A 44 -9.77 0.76 8.72
N LYS A 45 -10.73 1.66 8.55
CA LYS A 45 -12.06 1.26 8.13
C LYS A 45 -12.08 0.81 6.67
N VAL A 46 -11.20 1.42 5.86
CA VAL A 46 -11.18 1.19 4.43
C VAL A 46 -10.61 -0.19 4.12
N ASN A 47 -9.61 -0.61 4.90
CA ASN A 47 -9.01 -1.93 4.70
C ASN A 47 -9.94 -3.02 5.16
N ALA A 48 -10.87 -2.69 6.03
CA ALA A 48 -11.81 -3.67 6.54
C ALA A 48 -12.61 -4.37 5.41
N SER A 49 -12.81 -3.67 4.31
CA SER A 49 -13.48 -4.26 3.16
C SER A 49 -12.51 -4.43 1.97
N LEU A 50 -11.25 -4.05 2.19
CA LEU A 50 -10.25 -4.02 1.11
C LEU A 50 -9.11 -5.02 1.31
N LEU A 51 -8.74 -5.21 2.54
CA LEU A 51 -7.62 -6.05 2.92
C LEU A 51 -7.87 -7.53 2.46
N PRO A 52 -9.10 -8.12 2.64
CA PRO A 52 -9.40 -9.45 2.12
C PRO A 52 -9.40 -9.51 0.57
N GLN A 53 -9.25 -8.36 -0.08
CA GLN A 53 -9.21 -8.31 -1.53
C GLN A 53 -7.76 -8.31 -1.99
N ASN A 54 -6.83 -8.43 -1.00
CA ASN A 54 -5.39 -8.35 -1.25
C ASN A 54 -5.01 -6.95 -1.66
N VAL A 55 -5.77 -6.03 -1.13
CA VAL A 55 -5.59 -4.64 -1.34
C VAL A 55 -5.16 -3.99 -0.04
N LEU A 56 -4.09 -3.25 -0.12
CA LEU A 56 -3.64 -2.46 0.96
C LEU A 56 -3.76 -1.03 0.54
N ASP A 57 -4.75 -0.38 1.03
CA ASP A 57 -4.97 0.99 0.69
C ASP A 57 -4.60 1.84 1.90
N LEU A 58 -3.50 2.56 1.82
CA LEU A 58 -2.99 3.36 2.93
C LEU A 58 -2.66 4.77 2.48
N HIS A 59 -3.52 5.31 1.68
CA HIS A 59 -3.29 6.63 1.16
C HIS A 59 -3.52 7.71 2.20
N GLY A 60 -2.52 8.54 2.36
CA GLY A 60 -2.65 9.66 3.25
C GLY A 60 -1.87 9.52 4.54
N LEU A 61 -1.39 8.33 4.84
CA LEU A 61 -0.62 8.12 6.07
C LEU A 61 0.80 8.67 5.94
N HIS A 62 1.54 8.61 7.01
CA HIS A 62 2.93 9.04 6.99
C HIS A 62 3.75 7.93 6.40
N VAL A 63 4.86 8.30 5.79
CA VAL A 63 5.77 7.36 5.14
C VAL A 63 6.13 6.21 6.08
N ASP A 64 6.56 6.57 7.26
CA ASP A 64 7.02 5.61 8.27
C ASP A 64 5.94 4.64 8.69
N GLU A 65 4.75 5.15 8.90
CA GLU A 65 3.67 4.32 9.36
C GLU A 65 3.13 3.44 8.24
N ALA A 66 2.95 4.05 7.07
CA ALA A 66 2.54 3.34 5.88
C ALA A 66 3.49 2.19 5.60
N LEU A 67 4.78 2.41 5.84
CA LEU A 67 5.79 1.37 5.62
C LEU A 67 5.64 0.22 6.60
N GLU A 68 5.30 0.52 7.86
CA GLU A 68 5.18 -0.53 8.83
C GLU A 68 3.94 -1.38 8.53
N HIS A 69 2.88 -0.72 8.06
CA HIS A 69 1.66 -1.43 7.64
C HIS A 69 1.96 -2.25 6.40
N LEU A 70 2.75 -1.68 5.52
CA LEU A 70 3.13 -2.30 4.27
C LEU A 70 3.87 -3.62 4.54
N MET A 71 4.88 -3.55 5.39
CA MET A 71 5.72 -4.72 5.68
C MET A 71 4.95 -5.85 6.36
N ARG A 72 4.05 -5.50 7.26
CA ARG A 72 3.28 -6.51 7.99
C ARG A 72 2.22 -7.14 7.08
N VAL A 73 1.64 -6.33 6.23
CA VAL A 73 0.61 -6.79 5.34
C VAL A 73 1.20 -7.66 4.21
N LEU A 74 2.39 -7.32 3.75
CA LEU A 74 3.07 -8.13 2.77
C LEU A 74 3.36 -9.53 3.29
N GLU A 75 3.87 -9.61 4.53
CA GLU A 75 4.23 -10.90 5.07
C GLU A 75 3.00 -11.78 5.26
N LYS A 76 1.93 -11.21 5.82
CA LYS A 76 0.71 -11.94 6.08
C LYS A 76 0.06 -12.40 4.79
N LYS A 77 -0.03 -11.52 3.78
CA LYS A 77 -0.67 -11.89 2.54
C LYS A 77 0.14 -12.84 1.71
N THR A 78 1.46 -12.78 1.79
CA THR A 78 2.29 -13.75 1.10
C THR A 78 2.08 -15.14 1.75
N GLU A 79 1.89 -15.12 3.06
CA GLU A 79 1.68 -16.30 3.82
C GLU A 79 0.29 -16.86 3.46
N GLU A 80 -0.73 -16.00 3.56
CA GLU A 80 -2.11 -16.34 3.21
C GLU A 80 -2.22 -16.82 1.77
N PHE A 81 -1.44 -16.23 0.89
CA PHE A 81 -1.35 -16.60 -0.51
C PHE A 81 -1.02 -18.08 -0.66
N LYS A 82 0.09 -18.49 -0.10
CA LYS A 82 0.55 -19.84 -0.28
C LYS A 82 -0.16 -20.83 0.66
N GLN A 83 -0.55 -20.37 1.82
CA GLN A 83 -1.19 -21.23 2.79
C GLN A 83 -2.67 -21.38 2.57
N ASN A 84 -3.35 -20.28 2.41
CA ASN A 84 -4.81 -20.30 2.31
C ASN A 84 -5.28 -20.24 0.88
N GLY A 85 -4.38 -19.92 -0.02
CA GLY A 85 -4.76 -19.81 -1.39
C GLY A 85 -5.42 -18.47 -1.64
N GLY A 86 -4.66 -17.43 -1.46
CA GLY A 86 -5.16 -16.10 -1.69
C GLY A 86 -4.76 -15.60 -3.05
N LYS A 87 -4.69 -14.29 -3.21
CA LYS A 87 -4.28 -13.71 -4.46
C LYS A 87 -2.76 -13.67 -4.51
N PRO A 88 -2.18 -13.91 -5.68
CA PRO A 88 -0.72 -13.88 -5.87
C PRO A 88 -0.19 -12.46 -6.00
N TYR A 89 -0.96 -11.50 -5.58
CA TYR A 89 -0.61 -10.13 -5.71
C TYR A 89 -1.18 -9.38 -4.57
N LEU A 90 -0.72 -8.19 -4.40
CA LEU A 90 -1.20 -7.32 -3.40
C LEU A 90 -1.16 -5.92 -3.98
N SER A 91 -2.29 -5.31 -4.09
CA SER A 91 -2.39 -4.01 -4.69
C SER A 91 -2.28 -2.95 -3.59
N VAL A 92 -1.21 -2.19 -3.62
CA VAL A 92 -0.96 -1.17 -2.64
C VAL A 92 -1.34 0.20 -3.20
N ILE A 93 -2.37 0.78 -2.66
CA ILE A 93 -2.79 2.10 -3.06
C ILE A 93 -2.10 3.08 -2.15
N THR A 94 -1.10 3.75 -2.68
CA THR A 94 -0.39 4.72 -1.89
C THR A 94 -1.14 6.02 -1.90
N GLY A 95 -1.88 6.26 -3.00
CA GLY A 95 -2.63 7.51 -3.16
C GLY A 95 -1.70 8.68 -3.39
N ARG A 96 -0.79 8.90 -2.46
CA ARG A 96 0.23 9.90 -2.55
C ARG A 96 1.33 9.40 -3.46
N GLY A 97 0.96 9.36 -4.69
CA GLY A 97 1.79 8.96 -5.78
C GLY A 97 0.94 8.91 -6.99
N ASN A 98 -0.12 9.71 -6.93
CA ASN A 98 -1.19 9.76 -7.91
C ASN A 98 -0.64 10.09 -9.30
N HIS A 99 -1.45 9.86 -10.31
CA HIS A 99 -1.07 10.10 -11.69
C HIS A 99 -0.91 11.62 -11.89
N SER A 100 -1.58 12.35 -11.05
CA SER A 100 -1.44 13.76 -10.93
C SER A 100 -0.63 13.97 -9.64
N GLN A 101 0.35 14.85 -9.65
CA GLN A 101 1.27 15.00 -8.52
C GLN A 101 0.60 15.66 -7.28
N GLY A 102 -0.63 16.12 -7.46
CA GLY A 102 -1.39 16.68 -6.37
C GLY A 102 -1.65 15.63 -5.30
N GLY A 103 -1.10 15.84 -4.13
CA GLY A 103 -1.22 14.88 -3.07
C GLY A 103 0.07 14.74 -2.29
N VAL A 104 1.16 15.15 -2.94
CA VAL A 104 2.51 15.03 -2.41
C VAL A 104 2.91 13.56 -2.30
N ALA A 105 3.53 13.08 -3.34
CA ALA A 105 3.89 11.72 -3.45
C ALA A 105 5.14 11.39 -2.69
N ARG A 106 4.97 11.09 -1.42
CA ARG A 106 6.06 10.62 -0.61
C ARG A 106 5.87 9.18 -0.18
N ILE A 107 4.62 8.72 -0.17
CA ILE A 107 4.36 7.34 0.21
C ILE A 107 4.82 6.40 -0.91
N LYS A 108 4.47 6.74 -2.15
CA LYS A 108 4.83 5.95 -3.32
C LYS A 108 6.34 5.69 -3.43
N PRO A 109 7.20 6.75 -3.48
CA PRO A 109 8.65 6.57 -3.59
C PRO A 109 9.23 5.74 -2.41
N ALA A 110 8.64 5.91 -1.23
CA ALA A 110 9.11 5.24 -0.04
C ALA A 110 8.78 3.76 -0.10
N VAL A 111 7.59 3.47 -0.56
CA VAL A 111 7.14 2.11 -0.72
C VAL A 111 7.94 1.41 -1.81
N ILE A 112 8.16 2.09 -2.93
CA ILE A 112 8.96 1.54 -4.03
C ILE A 112 10.35 1.09 -3.52
N LYS A 113 10.98 1.96 -2.72
CA LYS A 113 12.24 1.74 -2.14
C LYS A 113 12.23 0.49 -1.24
N TYR A 114 11.12 0.27 -0.56
CA TYR A 114 10.99 -0.89 0.30
C TYR A 114 10.97 -2.17 -0.52
N LEU A 115 10.15 -2.18 -1.55
CA LEU A 115 9.99 -3.38 -2.38
C LEU A 115 11.28 -3.79 -3.05
N ILE A 116 11.96 -2.82 -3.65
CA ILE A 116 13.23 -3.08 -4.33
C ILE A 116 14.33 -3.53 -3.35
N SER A 117 14.27 -3.00 -2.14
CA SER A 117 15.23 -3.32 -1.09
C SER A 117 15.11 -4.79 -0.68
N HIS A 118 13.94 -5.37 -0.87
CA HIS A 118 13.73 -6.75 -0.45
C HIS A 118 13.57 -7.68 -1.62
N SER A 119 13.86 -7.19 -2.80
CA SER A 119 13.80 -7.96 -4.02
C SER A 119 12.36 -8.49 -4.26
N PHE A 120 11.42 -7.58 -4.25
CA PHE A 120 10.07 -7.90 -4.58
C PHE A 120 9.82 -7.61 -6.04
N ARG A 121 8.62 -7.86 -6.48
CA ARG A 121 8.23 -7.59 -7.83
C ARG A 121 6.92 -6.86 -7.81
N PHE A 122 6.92 -5.67 -8.30
CA PHE A 122 5.72 -4.84 -8.33
C PHE A 122 5.60 -4.12 -9.65
N SER A 123 4.43 -3.62 -9.93
CA SER A 123 4.19 -2.86 -11.10
C SER A 123 3.04 -1.89 -10.80
N GLU A 124 3.21 -0.64 -11.15
CA GLU A 124 2.16 0.33 -10.91
C GLU A 124 1.10 0.24 -11.99
N ILE A 125 -0.14 0.26 -11.58
CA ILE A 125 -1.24 0.25 -12.51
C ILE A 125 -1.34 1.63 -13.14
N LYS A 126 -1.82 2.56 -12.36
CA LYS A 126 -2.02 3.90 -12.72
C LYS A 126 -1.94 4.64 -11.35
N PRO A 127 -2.66 5.79 -11.03
CA PRO A 127 -2.34 6.66 -9.87
C PRO A 127 -1.84 6.00 -8.55
N GLY A 128 -0.52 5.91 -8.43
CA GLY A 128 0.12 5.47 -7.19
C GLY A 128 -0.31 4.13 -6.67
N CYS A 129 -0.75 3.28 -7.53
CA CYS A 129 -1.14 1.99 -7.07
C CYS A 129 -0.19 0.93 -7.58
N LEU A 130 0.64 0.48 -6.67
CA LEU A 130 1.67 -0.49 -6.93
C LEU A 130 1.10 -1.87 -6.70
N LYS A 131 0.98 -2.62 -7.75
CA LYS A 131 0.50 -3.96 -7.66
C LYS A 131 1.71 -4.86 -7.51
N VAL A 132 1.86 -5.39 -6.32
CA VAL A 132 3.00 -6.22 -5.98
C VAL A 132 2.64 -7.67 -6.21
N MET A 133 3.54 -8.42 -6.77
CA MET A 133 3.34 -9.82 -6.96
C MET A 133 4.00 -10.55 -5.83
N LEU A 134 3.26 -11.43 -5.24
CA LEU A 134 3.69 -12.14 -4.06
C LEU A 134 4.59 -13.31 -4.41
N LYS A 135 5.40 -13.71 -3.48
CA LYS A 135 6.39 -14.74 -3.69
C LYS A 135 6.27 -15.83 -2.63
N MET A 31 -4.90 21.66 4.49
CA MET A 31 -4.08 21.47 5.63
C MET A 31 -3.89 19.97 5.75
N LYS A 32 -2.74 19.50 5.32
CA LYS A 32 -2.47 18.09 5.26
C LYS A 32 -2.55 17.44 6.64
N GLU A 33 -2.14 18.18 7.67
CA GLU A 33 -2.17 17.70 9.04
C GLU A 33 -3.58 17.25 9.45
N ALA A 34 -4.57 18.02 9.03
CA ALA A 34 -5.96 17.78 9.40
C ALA A 34 -6.55 16.59 8.64
N ASN A 35 -6.29 16.54 7.34
CA ASN A 35 -6.79 15.44 6.49
C ASN A 35 -6.13 14.13 6.91
N HIS A 36 -4.89 14.23 7.31
CA HIS A 36 -4.10 13.09 7.73
C HIS A 36 -4.73 12.44 8.96
N LEU A 37 -5.35 13.25 9.80
CA LEU A 37 -5.99 12.76 11.02
C LEU A 37 -7.21 11.92 10.67
N ALA A 38 -7.72 12.11 9.48
CA ALA A 38 -8.82 11.32 8.99
C ALA A 38 -8.29 10.12 8.23
N ALA A 39 -7.23 10.33 7.46
CA ALA A 39 -6.61 9.30 6.61
C ALA A 39 -6.41 7.95 7.31
N ILE A 40 -6.04 7.98 8.58
CA ILE A 40 -5.83 6.76 9.35
C ILE A 40 -7.13 5.97 9.53
N GLU A 41 -8.18 6.65 10.00
CA GLU A 41 -9.47 5.97 10.20
C GLU A 41 -10.09 5.59 8.87
N ILE A 42 -9.80 6.39 7.84
CA ILE A 42 -10.27 6.08 6.51
C ILE A 42 -9.62 4.77 6.06
N PHE A 43 -8.30 4.68 6.21
CA PHE A 43 -7.55 3.46 5.90
C PHE A 43 -8.05 2.28 6.72
N GLU A 44 -8.35 2.49 7.98
CA GLU A 44 -8.81 1.41 8.81
C GLU A 44 -10.23 0.96 8.47
N LYS A 45 -11.09 1.88 8.10
CA LYS A 45 -12.42 1.46 7.67
C LYS A 45 -12.37 0.75 6.32
N VAL A 46 -11.41 1.14 5.47
CA VAL A 46 -11.31 0.54 4.15
C VAL A 46 -10.54 -0.78 4.13
N ASN A 47 -9.40 -0.86 4.84
CA ASN A 47 -8.53 -2.08 4.78
C ASN A 47 -9.28 -3.34 5.21
N ALA A 48 -10.26 -3.19 6.09
CA ALA A 48 -11.08 -4.31 6.56
C ALA A 48 -11.76 -5.02 5.39
N SER A 49 -12.21 -4.26 4.42
CA SER A 49 -12.88 -4.81 3.26
C SER A 49 -11.88 -5.02 2.11
N LEU A 50 -10.79 -4.28 2.18
CA LEU A 50 -9.79 -4.24 1.13
C LEU A 50 -8.71 -5.32 1.22
N LEU A 51 -8.31 -5.70 2.42
CA LEU A 51 -7.29 -6.74 2.58
C LEU A 51 -7.66 -8.08 1.94
N PRO A 52 -8.90 -8.61 2.11
CA PRO A 52 -9.35 -9.82 1.40
C PRO A 52 -9.36 -9.65 -0.14
N GLN A 53 -9.29 -8.40 -0.65
CA GLN A 53 -9.25 -8.15 -2.09
C GLN A 53 -7.81 -8.27 -2.57
N ASN A 54 -6.92 -8.29 -1.59
CA ASN A 54 -5.50 -8.16 -1.77
C ASN A 54 -5.17 -6.79 -2.24
N VAL A 55 -5.61 -5.89 -1.43
CA VAL A 55 -5.46 -4.51 -1.62
C VAL A 55 -5.03 -3.91 -0.33
N LEU A 56 -3.93 -3.24 -0.38
CA LEU A 56 -3.38 -2.59 0.75
C LEU A 56 -3.33 -1.12 0.36
N ASP A 57 -4.24 -0.37 0.87
CA ASP A 57 -4.37 1.01 0.52
C ASP A 57 -3.96 1.84 1.72
N LEU A 58 -3.12 2.83 1.52
CA LEU A 58 -2.65 3.67 2.63
C LEU A 58 -2.62 5.10 2.18
N HIS A 59 -3.47 5.45 1.24
CA HIS A 59 -3.38 6.78 0.68
C HIS A 59 -3.73 7.84 1.71
N GLY A 60 -2.74 8.60 2.04
CA GLY A 60 -2.93 9.69 2.98
C GLY A 60 -2.09 9.57 4.24
N LEU A 61 -1.50 8.41 4.49
CA LEU A 61 -0.67 8.23 5.71
C LEU A 61 0.77 8.73 5.50
N HIS A 62 1.56 8.68 6.57
CA HIS A 62 2.98 9.04 6.51
C HIS A 62 3.77 7.94 5.90
N VAL A 63 5.01 8.24 5.57
CA VAL A 63 5.95 7.25 5.06
C VAL A 63 6.15 6.16 6.09
N ASP A 64 6.41 6.58 7.33
CA ASP A 64 6.63 5.66 8.44
C ASP A 64 5.43 4.76 8.68
N GLU A 65 4.25 5.37 8.73
CA GLU A 65 3.00 4.66 8.94
C GLU A 65 2.77 3.68 7.82
N ALA A 66 2.81 4.17 6.60
CA ALA A 66 2.60 3.38 5.42
C ALA A 66 3.51 2.16 5.41
N LEU A 67 4.78 2.37 5.69
CA LEU A 67 5.74 1.28 5.69
C LEU A 67 5.45 0.25 6.78
N GLU A 68 5.03 0.71 7.95
CA GLU A 68 4.79 -0.19 9.06
C GLU A 68 3.53 -1.04 8.76
N HIS A 69 2.51 -0.41 8.18
CA HIS A 69 1.29 -1.12 7.82
C HIS A 69 1.52 -2.04 6.62
N LEU A 70 2.44 -1.64 5.77
CA LEU A 70 2.77 -2.42 4.58
C LEU A 70 3.53 -3.68 4.95
N MET A 71 4.56 -3.53 5.78
CA MET A 71 5.44 -4.64 6.14
C MET A 71 4.68 -5.77 6.79
N ARG A 72 3.75 -5.43 7.67
CA ARG A 72 2.97 -6.42 8.36
C ARG A 72 2.05 -7.17 7.43
N VAL A 73 1.40 -6.46 6.51
CA VAL A 73 0.48 -7.09 5.60
C VAL A 73 1.19 -7.91 4.54
N LEU A 74 2.31 -7.40 4.02
CA LEU A 74 3.06 -8.14 3.00
C LEU A 74 3.57 -9.49 3.46
N GLU A 75 3.98 -9.60 4.70
CA GLU A 75 4.56 -10.85 5.16
C GLU A 75 3.46 -11.84 5.41
N LYS A 76 2.39 -11.28 5.87
CA LYS A 76 1.24 -11.97 6.26
C LYS A 76 0.43 -12.45 5.04
N LYS A 77 0.31 -11.60 4.05
CA LYS A 77 -0.42 -11.92 2.85
C LYS A 77 0.33 -12.93 2.01
N THR A 78 1.64 -12.78 1.93
CA THR A 78 2.47 -13.71 1.20
C THR A 78 2.37 -15.11 1.86
N GLU A 79 2.11 -15.10 3.17
CA GLU A 79 1.86 -16.30 3.91
C GLU A 79 0.48 -16.85 3.50
N GLU A 80 -0.57 -15.98 3.58
CA GLU A 80 -1.94 -16.36 3.17
C GLU A 80 -1.95 -16.92 1.77
N PHE A 81 -1.16 -16.33 0.93
CA PHE A 81 -1.02 -16.71 -0.45
C PHE A 81 -0.63 -18.19 -0.60
N LYS A 82 0.43 -18.60 0.05
CA LYS A 82 0.89 -19.98 -0.09
C LYS A 82 0.25 -20.93 0.92
N GLN A 83 -0.22 -20.40 2.01
CA GLN A 83 -0.85 -21.23 3.05
C GLN A 83 -2.36 -21.29 2.95
N ASN A 84 -2.99 -20.15 2.98
CA ASN A 84 -4.46 -20.07 3.14
C ASN A 84 -5.20 -20.07 1.83
N GLY A 85 -4.63 -19.46 0.84
CA GLY A 85 -5.25 -19.38 -0.45
C GLY A 85 -5.62 -17.97 -0.81
N GLY A 86 -4.66 -17.09 -0.71
CA GLY A 86 -4.88 -15.71 -1.07
C GLY A 86 -4.42 -15.44 -2.48
N LYS A 87 -4.63 -14.23 -2.97
CA LYS A 87 -4.19 -13.88 -4.31
C LYS A 87 -2.68 -13.81 -4.38
N PRO A 88 -2.11 -14.10 -5.55
CA PRO A 88 -0.65 -14.03 -5.80
C PRO A 88 -0.14 -12.60 -5.97
N TYR A 89 -0.90 -11.64 -5.52
CA TYR A 89 -0.56 -10.26 -5.67
C TYR A 89 -1.11 -9.47 -4.49
N LEU A 90 -0.63 -8.28 -4.33
CA LEU A 90 -1.12 -7.36 -3.35
C LEU A 90 -1.03 -5.98 -3.98
N SER A 91 -2.16 -5.34 -4.11
CA SER A 91 -2.21 -4.05 -4.76
C SER A 91 -2.08 -2.95 -3.71
N VAL A 92 -0.98 -2.22 -3.75
CA VAL A 92 -0.70 -1.19 -2.77
C VAL A 92 -1.06 0.19 -3.33
N ILE A 93 -2.05 0.82 -2.74
CA ILE A 93 -2.48 2.14 -3.17
C ILE A 93 -1.85 3.19 -2.27
N THR A 94 -0.88 3.89 -2.79
CA THR A 94 -0.24 4.92 -2.03
C THR A 94 -0.92 6.27 -2.28
N GLY A 95 -1.59 6.39 -3.43
CA GLY A 95 -2.31 7.60 -3.75
C GLY A 95 -1.44 8.66 -4.40
N ARG A 96 -0.23 8.32 -4.78
CA ARG A 96 0.65 9.28 -5.41
C ARG A 96 0.17 9.58 -6.80
N GLY A 97 -0.19 10.80 -7.03
CA GLY A 97 -0.74 11.15 -8.28
C GLY A 97 -2.16 10.72 -8.32
N ASN A 98 -2.91 11.18 -7.30
CA ASN A 98 -4.35 10.90 -7.12
C ASN A 98 -5.10 11.01 -8.43
N HIS A 99 -5.45 9.83 -8.94
CA HIS A 99 -6.16 9.55 -10.19
C HIS A 99 -5.92 10.55 -11.34
N SER A 100 -6.62 11.67 -11.33
CA SER A 100 -6.51 12.63 -12.40
C SER A 100 -5.94 13.98 -11.95
N GLN A 101 -5.91 14.24 -10.66
CA GLN A 101 -5.36 15.50 -10.16
C GLN A 101 -3.86 15.43 -10.11
N GLY A 102 -3.36 14.38 -9.53
CA GLY A 102 -1.95 14.26 -9.37
C GLY A 102 -1.56 14.59 -7.95
N GLY A 103 -0.33 14.97 -7.74
CA GLY A 103 0.10 15.38 -6.43
C GLY A 103 1.18 14.49 -5.87
N VAL A 104 1.89 15.03 -4.91
CA VAL A 104 3.00 14.37 -4.29
C VAL A 104 2.54 13.59 -3.09
N ALA A 105 2.88 12.35 -3.11
CA ALA A 105 2.67 11.45 -2.02
C ALA A 105 3.93 10.65 -1.84
N ARG A 106 4.73 11.06 -0.87
CA ARG A 106 6.04 10.43 -0.56
C ARG A 106 5.94 8.98 -0.13
N ILE A 107 4.74 8.50 0.00
CA ILE A 107 4.47 7.13 0.33
C ILE A 107 4.97 6.23 -0.80
N LYS A 108 4.74 6.65 -2.05
CA LYS A 108 5.11 5.86 -3.22
C LYS A 108 6.62 5.59 -3.30
N PRO A 109 7.50 6.64 -3.33
CA PRO A 109 8.96 6.42 -3.39
C PRO A 109 9.48 5.62 -2.19
N ALA A 110 8.76 5.72 -1.08
CA ALA A 110 9.14 5.01 0.13
C ALA A 110 8.77 3.55 0.00
N VAL A 111 7.57 3.30 -0.47
CA VAL A 111 7.08 1.97 -0.68
C VAL A 111 7.86 1.24 -1.77
N ILE A 112 8.13 1.93 -2.89
CA ILE A 112 8.91 1.35 -3.99
C ILE A 112 10.24 0.80 -3.49
N LYS A 113 10.94 1.62 -2.70
CA LYS A 113 12.18 1.30 -2.10
C LYS A 113 12.06 0.06 -1.21
N TYR A 114 10.94 -0.09 -0.55
CA TYR A 114 10.69 -1.23 0.31
C TYR A 114 10.62 -2.52 -0.52
N LEU A 115 9.86 -2.48 -1.59
CA LEU A 115 9.65 -3.64 -2.45
C LEU A 115 10.94 -4.10 -3.12
N ILE A 116 11.66 -3.16 -3.72
CA ILE A 116 12.91 -3.47 -4.43
C ILE A 116 13.97 -4.03 -3.52
N SER A 117 14.00 -3.56 -2.30
CA SER A 117 14.97 -3.99 -1.33
C SER A 117 14.70 -5.44 -0.86
N HIS A 118 13.50 -5.92 -1.12
CA HIS A 118 13.15 -7.29 -0.78
C HIS A 118 12.99 -8.13 -2.03
N SER A 119 13.43 -7.56 -3.15
CA SER A 119 13.42 -8.23 -4.46
C SER A 119 11.99 -8.56 -4.96
N PHE A 120 11.02 -7.75 -4.57
CA PHE A 120 9.67 -7.95 -5.04
C PHE A 120 9.52 -7.51 -6.49
N ARG A 121 8.40 -7.80 -7.06
CA ARG A 121 8.10 -7.41 -8.40
C ARG A 121 6.75 -6.70 -8.39
N PHE A 122 6.77 -5.46 -8.74
CA PHE A 122 5.56 -4.67 -8.75
C PHE A 122 5.41 -3.90 -10.05
N SER A 123 4.27 -3.27 -10.21
CA SER A 123 3.98 -2.47 -11.36
C SER A 123 2.92 -1.45 -10.96
N GLU A 124 3.15 -0.19 -11.24
CA GLU A 124 2.17 0.82 -10.93
C GLU A 124 1.13 0.90 -12.05
N ILE A 125 -0.11 0.99 -11.66
CA ILE A 125 -1.20 1.17 -12.59
C ILE A 125 -1.32 2.66 -12.91
N LYS A 126 -1.60 3.40 -11.87
CA LYS A 126 -1.83 4.83 -11.81
C LYS A 126 -1.98 5.12 -10.27
N PRO A 127 -2.82 6.12 -9.72
CA PRO A 127 -2.71 6.73 -8.34
C PRO A 127 -1.76 6.07 -7.31
N GLY A 128 -0.48 5.95 -7.65
CA GLY A 128 0.48 5.38 -6.73
C GLY A 128 0.15 3.95 -6.37
N CYS A 129 -0.55 3.30 -7.24
CA CYS A 129 -0.98 1.98 -6.98
C CYS A 129 -0.01 1.01 -7.58
N LEU A 130 0.78 0.45 -6.71
CA LEU A 130 1.80 -0.49 -7.04
C LEU A 130 1.23 -1.85 -6.85
N LYS A 131 0.99 -2.54 -7.91
CA LYS A 131 0.46 -3.85 -7.81
C LYS A 131 1.65 -4.79 -7.71
N VAL A 132 1.83 -5.34 -6.54
CA VAL A 132 2.95 -6.18 -6.25
C VAL A 132 2.56 -7.62 -6.45
N MET A 133 3.41 -8.38 -7.12
CA MET A 133 3.20 -9.81 -7.26
C MET A 133 3.92 -10.43 -6.09
N LEU A 134 3.32 -11.40 -5.47
CA LEU A 134 3.87 -11.99 -4.26
C LEU A 134 4.95 -13.02 -4.56
N LYS A 135 5.51 -13.56 -3.50
CA LYS A 135 6.61 -14.49 -3.58
C LYS A 135 6.16 -15.86 -3.13
N MET A 31 -6.98 22.53 5.65
CA MET A 31 -6.39 21.76 6.74
C MET A 31 -5.87 20.41 6.27
N LYS A 32 -4.63 20.39 5.86
CA LYS A 32 -3.96 19.21 5.39
C LYS A 32 -3.74 18.25 6.54
N GLU A 33 -3.50 18.80 7.72
CA GLU A 33 -3.31 18.01 8.92
C GLU A 33 -4.61 17.27 9.26
N ALA A 34 -5.73 17.95 9.08
CA ALA A 34 -7.04 17.35 9.35
C ALA A 34 -7.34 16.26 8.33
N ASN A 35 -6.95 16.51 7.08
CA ASN A 35 -7.10 15.51 6.02
C ASN A 35 -6.23 14.30 6.33
N HIS A 36 -5.06 14.57 6.92
CA HIS A 36 -4.15 13.51 7.29
C HIS A 36 -4.73 12.67 8.42
N LEU A 37 -5.37 13.34 9.38
CA LEU A 37 -5.98 12.64 10.51
C LEU A 37 -7.07 11.69 10.01
N ALA A 38 -7.83 12.16 9.03
CA ALA A 38 -8.89 11.38 8.43
C ALA A 38 -8.31 10.22 7.62
N ALA A 39 -7.14 10.43 7.01
CA ALA A 39 -6.47 9.42 6.18
C ALA A 39 -6.28 8.10 6.92
N ILE A 40 -5.98 8.20 8.22
CA ILE A 40 -5.75 7.01 9.03
C ILE A 40 -7.04 6.20 9.19
N GLU A 41 -8.17 6.88 9.47
CA GLU A 41 -9.41 6.15 9.64
C GLU A 41 -9.90 5.62 8.31
N ILE A 42 -9.57 6.35 7.24
CA ILE A 42 -9.90 5.93 5.89
C ILE A 42 -9.18 4.62 5.63
N PHE A 43 -7.88 4.62 5.87
CA PHE A 43 -7.04 3.45 5.73
C PHE A 43 -7.55 2.26 6.57
N GLU A 44 -7.97 2.52 7.79
CA GLU A 44 -8.48 1.46 8.66
C GLU A 44 -9.79 0.88 8.11
N LYS A 45 -10.72 1.76 7.74
CA LYS A 45 -12.01 1.31 7.24
C LYS A 45 -11.90 0.64 5.87
N VAL A 46 -11.00 1.15 5.02
CA VAL A 46 -10.87 0.61 3.67
C VAL A 46 -10.30 -0.79 3.65
N ASN A 47 -9.18 -1.01 4.31
CA ASN A 47 -8.52 -2.31 4.27
C ASN A 47 -9.34 -3.39 4.93
N ALA A 48 -10.24 -3.00 5.80
CA ALA A 48 -11.14 -3.94 6.46
C ALA A 48 -11.96 -4.71 5.42
N SER A 49 -12.44 -4.01 4.42
CA SER A 49 -13.22 -4.61 3.38
C SER A 49 -12.38 -4.93 2.14
N LEU A 50 -11.20 -4.33 2.04
CA LEU A 50 -10.41 -4.49 0.83
C LEU A 50 -9.30 -5.55 0.96
N LEU A 51 -8.91 -5.91 2.17
CA LEU A 51 -7.92 -6.97 2.35
C LEU A 51 -8.30 -8.33 1.70
N PRO A 52 -9.61 -8.77 1.71
CA PRO A 52 -10.02 -9.98 0.99
C PRO A 52 -9.78 -9.91 -0.54
N GLN A 53 -9.60 -8.71 -1.11
CA GLN A 53 -9.34 -8.64 -2.54
C GLN A 53 -7.85 -8.50 -2.75
N ASN A 54 -7.13 -8.51 -1.64
CA ASN A 54 -5.70 -8.28 -1.58
C ASN A 54 -5.32 -6.92 -2.06
N VAL A 55 -5.89 -5.96 -1.39
CA VAL A 55 -5.62 -4.59 -1.62
C VAL A 55 -5.23 -3.94 -0.31
N LEU A 56 -4.14 -3.25 -0.34
CA LEU A 56 -3.62 -2.56 0.80
C LEU A 56 -3.55 -1.09 0.43
N ASP A 57 -4.47 -0.34 0.94
CA ASP A 57 -4.55 1.07 0.64
C ASP A 57 -4.20 1.85 1.91
N LEU A 58 -3.33 2.83 1.75
CA LEU A 58 -2.87 3.67 2.84
C LEU A 58 -2.51 5.05 2.31
N HIS A 59 -3.27 5.52 1.35
CA HIS A 59 -2.99 6.78 0.73
C HIS A 59 -3.23 7.94 1.68
N GLY A 60 -2.25 8.77 1.81
CA GLY A 60 -2.39 9.94 2.62
C GLY A 60 -1.58 9.88 3.89
N LEU A 61 -1.16 8.70 4.30
CA LEU A 61 -0.37 8.57 5.52
C LEU A 61 1.08 9.02 5.32
N HIS A 62 1.82 9.11 6.41
CA HIS A 62 3.23 9.46 6.35
C HIS A 62 4.05 8.29 5.91
N VAL A 63 5.26 8.59 5.48
CA VAL A 63 6.20 7.61 4.96
C VAL A 63 6.45 6.50 5.95
N ASP A 64 6.78 6.87 7.16
CA ASP A 64 7.20 5.89 8.16
C ASP A 64 6.04 5.05 8.65
N GLU A 65 4.89 5.69 8.78
CA GLU A 65 3.72 5.01 9.29
C GLU A 65 3.17 4.04 8.26
N ALA A 66 3.01 4.52 7.02
CA ALA A 66 2.55 3.71 5.92
C ALA A 66 3.44 2.48 5.75
N LEU A 67 4.73 2.65 5.99
CA LEU A 67 5.66 1.52 5.87
C LEU A 67 5.35 0.44 6.90
N GLU A 68 5.05 0.85 8.13
CA GLU A 68 4.69 -0.11 9.20
C GLU A 68 3.47 -0.93 8.78
N HIS A 69 2.50 -0.25 8.25
CA HIS A 69 1.25 -0.86 7.85
C HIS A 69 1.46 -1.78 6.66
N LEU A 70 2.29 -1.33 5.74
CA LEU A 70 2.61 -2.08 4.53
C LEU A 70 3.33 -3.36 4.85
N MET A 71 4.39 -3.25 5.65
CA MET A 71 5.26 -4.36 5.95
C MET A 71 4.52 -5.51 6.61
N ARG A 72 3.64 -5.20 7.54
CA ARG A 72 2.91 -6.22 8.27
C ARG A 72 1.94 -6.96 7.35
N VAL A 73 1.34 -6.24 6.42
CA VAL A 73 0.39 -6.83 5.51
C VAL A 73 1.09 -7.69 4.47
N LEU A 74 2.18 -7.20 3.91
CA LEU A 74 2.92 -7.95 2.90
C LEU A 74 3.46 -9.27 3.43
N GLU A 75 3.96 -9.27 4.65
CA GLU A 75 4.47 -10.50 5.21
C GLU A 75 3.36 -11.51 5.49
N LYS A 76 2.23 -11.04 6.03
CA LYS A 76 1.11 -11.94 6.29
C LYS A 76 0.50 -12.46 4.98
N LYS A 77 0.48 -11.59 3.96
CA LYS A 77 -0.05 -11.95 2.66
C LYS A 77 0.80 -12.96 1.97
N THR A 78 2.11 -12.86 2.14
CA THR A 78 3.04 -13.83 1.58
C THR A 78 2.68 -15.24 2.13
N GLU A 79 2.38 -15.30 3.42
CA GLU A 79 1.98 -16.53 4.04
C GLU A 79 0.63 -17.02 3.54
N GLU A 80 -0.39 -16.16 3.59
CA GLU A 80 -1.74 -16.52 3.11
C GLU A 80 -1.70 -17.01 1.66
N PHE A 81 -0.90 -16.36 0.87
CA PHE A 81 -0.72 -16.66 -0.54
C PHE A 81 -0.31 -18.10 -0.77
N LYS A 82 0.76 -18.52 -0.15
CA LYS A 82 1.26 -19.84 -0.38
C LYS A 82 0.65 -20.88 0.55
N GLN A 83 0.26 -20.48 1.72
CA GLN A 83 -0.28 -21.41 2.69
C GLN A 83 -1.77 -21.62 2.54
N ASN A 84 -2.51 -20.54 2.52
CA ASN A 84 -3.97 -20.63 2.44
C ASN A 84 -4.45 -20.59 1.01
N GLY A 85 -3.54 -20.29 0.10
CA GLY A 85 -3.88 -20.21 -1.29
C GLY A 85 -4.66 -18.96 -1.56
N GLY A 86 -4.19 -17.86 -1.01
CA GLY A 86 -4.84 -16.59 -1.20
C GLY A 86 -4.53 -15.96 -2.55
N LYS A 87 -4.84 -14.69 -2.70
CA LYS A 87 -4.58 -14.00 -3.94
C LYS A 87 -3.10 -13.85 -4.20
N PRO A 88 -2.69 -14.05 -5.45
CA PRO A 88 -1.27 -14.03 -5.87
C PRO A 88 -0.66 -12.63 -5.94
N TYR A 89 -1.33 -11.66 -5.40
CA TYR A 89 -0.89 -10.31 -5.50
C TYR A 89 -1.38 -9.54 -4.30
N LEU A 90 -0.92 -8.33 -4.20
CA LEU A 90 -1.38 -7.37 -3.24
C LEU A 90 -1.19 -6.02 -3.87
N SER A 91 -2.25 -5.32 -4.14
CA SER A 91 -2.12 -4.03 -4.76
C SER A 91 -2.07 -2.97 -3.66
N VAL A 92 -1.03 -2.18 -3.69
CA VAL A 92 -0.78 -1.18 -2.68
C VAL A 92 -1.09 0.22 -3.22
N ILE A 93 -2.08 0.85 -2.66
CA ILE A 93 -2.44 2.18 -3.06
C ILE A 93 -1.71 3.16 -2.16
N THR A 94 -0.66 3.77 -2.67
CA THR A 94 0.08 4.74 -1.92
C THR A 94 -0.56 6.08 -2.07
N GLY A 95 -1.28 6.25 -3.18
CA GLY A 95 -1.91 7.49 -3.46
C GLY A 95 -0.90 8.54 -3.81
N ARG A 96 -0.32 8.38 -4.98
CA ARG A 96 0.64 9.35 -5.55
C ARG A 96 -0.11 10.64 -5.80
N GLY A 97 -1.40 10.48 -5.96
CA GLY A 97 -2.29 11.57 -6.13
C GLY A 97 -2.54 11.83 -7.56
N ASN A 98 -1.52 11.57 -8.37
CA ASN A 98 -1.60 11.73 -9.80
C ASN A 98 -2.68 10.80 -10.29
N HIS A 99 -3.77 11.39 -10.62
CA HIS A 99 -4.97 10.70 -11.02
C HIS A 99 -5.82 11.74 -11.69
N SER A 100 -6.10 12.77 -10.93
CA SER A 100 -6.87 13.89 -11.35
C SER A 100 -6.19 15.20 -10.90
N GLN A 101 -5.50 15.12 -9.77
CA GLN A 101 -4.77 16.23 -9.19
C GLN A 101 -3.41 15.72 -8.77
N GLY A 102 -2.72 16.47 -7.92
CA GLY A 102 -1.44 16.02 -7.43
C GLY A 102 -1.57 15.50 -6.01
N GLY A 103 -0.56 15.73 -5.21
CA GLY A 103 -0.57 15.28 -3.84
C GLY A 103 0.77 15.47 -3.22
N VAL A 104 1.12 14.60 -2.29
CA VAL A 104 2.43 14.64 -1.67
C VAL A 104 3.29 13.52 -2.23
N ALA A 105 2.64 12.36 -2.46
CA ALA A 105 3.22 11.15 -3.09
C ALA A 105 4.41 10.52 -2.37
N ARG A 106 4.83 11.08 -1.24
CA ARG A 106 6.00 10.59 -0.47
C ARG A 106 5.94 9.13 -0.07
N ILE A 107 4.77 8.57 -0.09
CA ILE A 107 4.57 7.18 0.25
C ILE A 107 5.13 6.29 -0.87
N LYS A 108 4.93 6.70 -2.11
CA LYS A 108 5.30 5.89 -3.27
C LYS A 108 6.81 5.60 -3.31
N PRO A 109 7.72 6.62 -3.32
CA PRO A 109 9.18 6.41 -3.31
C PRO A 109 9.65 5.58 -2.11
N ALA A 110 8.92 5.67 -1.02
CA ALA A 110 9.24 4.95 0.19
C ALA A 110 8.86 3.49 0.05
N VAL A 111 7.66 3.27 -0.41
CA VAL A 111 7.12 1.94 -0.61
C VAL A 111 7.89 1.21 -1.70
N ILE A 112 8.17 1.89 -2.81
CA ILE A 112 8.92 1.28 -3.92
C ILE A 112 10.25 0.67 -3.43
N LYS A 113 10.94 1.41 -2.58
CA LYS A 113 12.16 1.06 -2.03
C LYS A 113 12.01 -0.18 -1.12
N TYR A 114 10.86 -0.29 -0.49
CA TYR A 114 10.57 -1.41 0.37
C TYR A 114 10.45 -2.68 -0.47
N LEU A 115 9.71 -2.59 -1.56
CA LEU A 115 9.48 -3.74 -2.42
C LEU A 115 10.76 -4.24 -3.04
N ILE A 116 11.53 -3.33 -3.62
CA ILE A 116 12.78 -3.71 -4.27
C ILE A 116 13.79 -4.30 -3.30
N SER A 117 13.81 -3.79 -2.07
CA SER A 117 14.73 -4.26 -1.04
C SER A 117 14.41 -5.71 -0.66
N HIS A 118 13.19 -6.14 -0.90
CA HIS A 118 12.77 -7.49 -0.55
C HIS A 118 12.55 -8.33 -1.79
N SER A 119 13.00 -7.82 -2.93
CA SER A 119 12.94 -8.50 -4.24
C SER A 119 11.48 -8.78 -4.68
N PHE A 120 10.56 -7.90 -4.30
CA PHE A 120 9.16 -8.05 -4.70
C PHE A 120 8.97 -7.61 -6.14
N ARG A 121 7.86 -7.98 -6.72
CA ARG A 121 7.58 -7.63 -8.08
C ARG A 121 6.38 -6.74 -8.07
N PHE A 122 6.53 -5.55 -8.51
CA PHE A 122 5.43 -4.61 -8.52
C PHE A 122 5.47 -3.79 -9.78
N SER A 123 4.37 -3.17 -10.07
CA SER A 123 4.26 -2.28 -11.17
C SER A 123 3.12 -1.34 -10.85
N GLU A 124 3.29 -0.07 -11.13
CA GLU A 124 2.24 0.88 -10.83
C GLU A 124 1.24 0.92 -11.95
N ILE A 125 -0.01 0.88 -11.58
CA ILE A 125 -1.09 1.04 -12.51
C ILE A 125 -1.19 2.53 -12.84
N LYS A 126 -1.80 3.25 -11.93
CA LYS A 126 -2.08 4.65 -12.02
C LYS A 126 -2.14 5.14 -10.51
N PRO A 127 -2.99 6.19 -10.06
CA PRO A 127 -2.87 6.92 -8.73
C PRO A 127 -1.95 6.32 -7.61
N GLY A 128 -0.65 6.27 -7.85
CA GLY A 128 0.31 5.68 -6.90
C GLY A 128 -0.02 4.26 -6.47
N CYS A 129 -0.63 3.55 -7.31
CA CYS A 129 -1.07 2.24 -7.00
C CYS A 129 -0.10 1.21 -7.55
N LEU A 130 0.67 0.66 -6.64
CA LEU A 130 1.68 -0.31 -6.96
C LEU A 130 1.09 -1.69 -6.82
N LYS A 131 0.88 -2.34 -7.92
CA LYS A 131 0.32 -3.66 -7.88
C LYS A 131 1.46 -4.64 -7.70
N VAL A 132 1.54 -5.23 -6.53
CA VAL A 132 2.63 -6.12 -6.18
C VAL A 132 2.21 -7.57 -6.39
N MET A 133 3.07 -8.33 -7.02
CA MET A 133 2.89 -9.75 -7.19
C MET A 133 3.61 -10.38 -6.02
N LEU A 134 3.01 -11.35 -5.39
CA LEU A 134 3.60 -11.95 -4.20
C LEU A 134 4.72 -12.94 -4.52
N LYS A 135 5.41 -13.40 -3.50
CA LYS A 135 6.59 -14.24 -3.66
C LYS A 135 6.31 -15.64 -3.14
N MET A 31 -8.38 21.64 5.63
CA MET A 31 -7.27 21.21 6.43
C MET A 31 -6.74 19.89 5.95
N LYS A 32 -5.68 19.94 5.15
CA LYS A 32 -5.07 18.74 4.61
C LYS A 32 -4.37 17.98 5.73
N GLU A 33 -4.03 18.72 6.77
CA GLU A 33 -3.46 18.16 7.99
C GLU A 33 -4.50 17.26 8.66
N ALA A 34 -5.74 17.75 8.70
CA ALA A 34 -6.85 16.99 9.28
C ALA A 34 -7.14 15.79 8.41
N ASN A 35 -6.89 15.93 7.11
CA ASN A 35 -7.03 14.85 6.15
C ASN A 35 -6.03 13.74 6.45
N HIS A 36 -4.90 14.10 7.07
CA HIS A 36 -3.90 13.09 7.44
C HIS A 36 -4.45 12.26 8.57
N LEU A 37 -5.02 12.90 9.57
CA LEU A 37 -5.60 12.17 10.70
C LEU A 37 -6.75 11.32 10.23
N ALA A 38 -7.51 11.87 9.30
CA ALA A 38 -8.60 11.17 8.69
C ALA A 38 -8.07 9.95 7.93
N ALA A 39 -6.97 10.14 7.21
CA ALA A 39 -6.35 9.07 6.41
C ALA A 39 -6.14 7.81 7.21
N ILE A 40 -5.71 7.95 8.46
CA ILE A 40 -5.48 6.79 9.33
C ILE A 40 -6.78 6.07 9.63
N GLU A 41 -7.79 6.80 10.09
CA GLU A 41 -9.06 6.19 10.46
C GLU A 41 -9.78 5.65 9.23
N ILE A 42 -9.60 6.32 8.09
CA ILE A 42 -10.15 5.85 6.85
C ILE A 42 -9.48 4.54 6.50
N PHE A 43 -8.15 4.54 6.53
CA PHE A 43 -7.32 3.36 6.26
C PHE A 43 -7.72 2.18 7.14
N GLU A 44 -7.93 2.44 8.41
CA GLU A 44 -8.31 1.40 9.33
C GLU A 44 -9.67 0.80 8.98
N LYS A 45 -10.67 1.65 8.74
CA LYS A 45 -11.98 1.14 8.39
C LYS A 45 -12.03 0.53 6.98
N VAL A 46 -11.30 1.10 6.03
CA VAL A 46 -11.30 0.58 4.66
C VAL A 46 -10.62 -0.78 4.54
N ASN A 47 -9.41 -0.89 5.09
CA ASN A 47 -8.63 -2.13 4.97
C ASN A 47 -9.29 -3.31 5.65
N ALA A 48 -10.18 -3.04 6.59
CA ALA A 48 -10.97 -4.08 7.22
C ALA A 48 -11.76 -4.87 6.17
N SER A 49 -12.24 -4.17 5.15
CA SER A 49 -12.98 -4.79 4.07
C SER A 49 -12.09 -4.97 2.82
N LEU A 50 -11.07 -4.14 2.71
CA LEU A 50 -10.18 -4.13 1.55
C LEU A 50 -9.08 -5.19 1.56
N LEU A 51 -8.59 -5.59 2.73
CA LEU A 51 -7.53 -6.61 2.79
C LEU A 51 -7.88 -7.94 2.10
N PRO A 52 -9.10 -8.51 2.30
CA PRO A 52 -9.51 -9.73 1.57
C PRO A 52 -9.60 -9.53 0.04
N GLN A 53 -9.48 -8.28 -0.43
CA GLN A 53 -9.51 -8.00 -1.86
C GLN A 53 -8.09 -7.98 -2.39
N ASN A 54 -7.14 -8.21 -1.47
CA ASN A 54 -5.71 -8.14 -1.77
C ASN A 54 -5.35 -6.73 -2.15
N VAL A 55 -5.88 -5.83 -1.36
CA VAL A 55 -5.71 -4.43 -1.51
C VAL A 55 -5.28 -3.86 -0.18
N LEU A 56 -4.23 -3.13 -0.22
CA LEU A 56 -3.69 -2.50 0.93
C LEU A 56 -3.63 -1.02 0.59
N ASP A 57 -4.54 -0.27 1.12
CA ASP A 57 -4.67 1.13 0.80
C ASP A 57 -4.26 1.97 1.99
N LEU A 58 -3.27 2.82 1.82
CA LEU A 58 -2.74 3.64 2.91
C LEU A 58 -2.39 5.03 2.43
N HIS A 59 -3.18 5.56 1.53
CA HIS A 59 -2.91 6.85 0.97
C HIS A 59 -3.13 7.96 1.98
N GLY A 60 -2.16 8.82 2.11
CA GLY A 60 -2.31 9.97 2.98
C GLY A 60 -1.55 9.85 4.29
N LEU A 61 -1.08 8.66 4.60
CA LEU A 61 -0.30 8.46 5.84
C LEU A 61 1.13 8.95 5.68
N HIS A 62 1.89 8.91 6.77
CA HIS A 62 3.30 9.27 6.74
C HIS A 62 4.07 8.16 6.07
N VAL A 63 5.28 8.45 5.69
CA VAL A 63 6.15 7.50 5.03
C VAL A 63 6.44 6.32 5.96
N ASP A 64 6.73 6.64 7.21
CA ASP A 64 7.02 5.60 8.20
C ASP A 64 5.78 4.76 8.46
N GLU A 65 4.64 5.45 8.68
CA GLU A 65 3.36 4.79 8.94
C GLU A 65 3.03 3.80 7.85
N ALA A 66 3.05 4.29 6.63
CA ALA A 66 2.79 3.47 5.47
C ALA A 66 3.68 2.24 5.44
N LEU A 67 4.97 2.40 5.68
CA LEU A 67 5.91 1.28 5.65
C LEU A 67 5.60 0.27 6.76
N GLU A 68 5.31 0.79 7.95
CA GLU A 68 4.96 -0.03 9.12
C GLU A 68 3.75 -0.90 8.85
N HIS A 69 2.73 -0.30 8.32
CA HIS A 69 1.49 -0.99 8.05
C HIS A 69 1.63 -1.94 6.85
N LEU A 70 2.40 -1.52 5.86
CA LEU A 70 2.61 -2.29 4.64
C LEU A 70 3.36 -3.60 4.92
N MET A 71 4.48 -3.49 5.63
CA MET A 71 5.36 -4.65 5.86
C MET A 71 4.67 -5.78 6.60
N ARG A 72 3.81 -5.44 7.54
CA ARG A 72 3.13 -6.45 8.33
C ARG A 72 2.08 -7.20 7.47
N VAL A 73 1.47 -6.49 6.53
CA VAL A 73 0.47 -7.10 5.68
C VAL A 73 1.10 -8.00 4.62
N LEU A 74 2.21 -7.54 4.04
CA LEU A 74 2.91 -8.33 3.02
C LEU A 74 3.29 -9.71 3.51
N GLU A 75 3.83 -9.79 4.71
CA GLU A 75 4.26 -11.07 5.24
C GLU A 75 3.07 -12.03 5.44
N LYS A 76 1.98 -11.50 6.00
CA LYS A 76 0.83 -12.32 6.32
C LYS A 76 0.10 -12.73 5.05
N LYS A 77 0.10 -11.85 4.07
CA LYS A 77 -0.59 -12.10 2.84
C LYS A 77 0.19 -13.09 2.00
N THR A 78 1.52 -13.03 2.06
CA THR A 78 2.35 -14.00 1.38
C THR A 78 2.07 -15.38 1.97
N GLU A 79 1.87 -15.42 3.29
CA GLU A 79 1.52 -16.64 3.96
C GLU A 79 0.17 -17.16 3.49
N GLU A 80 -0.85 -16.31 3.54
CA GLU A 80 -2.18 -16.69 3.04
C GLU A 80 -2.13 -17.17 1.60
N PHE A 81 -1.30 -16.54 0.81
CA PHE A 81 -1.08 -16.89 -0.57
C PHE A 81 -0.56 -18.33 -0.72
N LYS A 82 0.53 -18.65 -0.04
CA LYS A 82 1.15 -19.96 -0.21
C LYS A 82 0.57 -21.03 0.73
N GLN A 83 -0.14 -20.61 1.75
CA GLN A 83 -0.77 -21.54 2.69
C GLN A 83 -2.24 -21.77 2.35
N ASN A 84 -3.01 -20.69 2.30
CA ASN A 84 -4.47 -20.79 2.16
C ASN A 84 -4.90 -20.73 0.70
N GLY A 85 -4.00 -20.29 -0.15
CA GLY A 85 -4.31 -20.16 -1.55
C GLY A 85 -4.87 -18.80 -1.87
N GLY A 86 -4.31 -17.77 -1.24
CA GLY A 86 -4.73 -16.41 -1.50
C GLY A 86 -4.24 -15.90 -2.85
N LYS A 87 -4.63 -14.69 -3.19
CA LYS A 87 -4.25 -14.07 -4.47
C LYS A 87 -2.75 -13.79 -4.49
N PRO A 88 -2.12 -13.95 -5.64
CA PRO A 88 -0.67 -13.75 -5.84
C PRO A 88 -0.25 -12.27 -5.90
N TYR A 89 -1.04 -11.37 -5.36
CA TYR A 89 -0.73 -9.98 -5.45
C TYR A 89 -1.28 -9.22 -4.28
N LEU A 90 -0.85 -8.01 -4.14
CA LEU A 90 -1.34 -7.09 -3.17
C LEU A 90 -1.21 -5.69 -3.78
N SER A 91 -2.32 -5.02 -3.95
CA SER A 91 -2.30 -3.70 -4.54
C SER A 91 -2.19 -2.64 -3.47
N VAL A 92 -1.14 -1.88 -3.51
CA VAL A 92 -0.87 -0.86 -2.53
C VAL A 92 -1.20 0.51 -3.09
N ILE A 93 -2.24 1.12 -2.57
CA ILE A 93 -2.63 2.44 -2.99
C ILE A 93 -1.86 3.43 -2.15
N THR A 94 -0.92 4.11 -2.74
CA THR A 94 -0.10 5.02 -2.00
C THR A 94 -0.65 6.41 -2.03
N GLY A 95 -1.44 6.72 -3.07
CA GLY A 95 -2.00 8.05 -3.14
C GLY A 95 -2.00 8.61 -4.52
N ARG A 96 -2.11 9.90 -4.62
CA ARG A 96 -2.19 10.53 -5.91
C ARG A 96 -0.92 11.25 -6.28
N GLY A 97 0.03 10.49 -6.75
CA GLY A 97 1.21 11.07 -7.33
C GLY A 97 0.96 11.23 -8.81
N ASN A 98 0.00 10.47 -9.26
CA ASN A 98 -0.50 10.44 -10.60
C ASN A 98 -1.98 10.10 -10.49
N HIS A 99 -2.72 10.30 -11.61
CA HIS A 99 -4.21 10.28 -11.74
C HIS A 99 -4.70 11.70 -11.67
N SER A 100 -4.04 12.42 -10.83
CA SER A 100 -4.22 13.80 -10.60
C SER A 100 -2.87 14.24 -10.12
N GLN A 101 -2.55 15.49 -10.28
CA GLN A 101 -1.27 15.95 -9.82
C GLN A 101 -1.47 16.75 -8.53
N GLY A 102 -2.72 16.80 -8.07
CA GLY A 102 -3.07 17.51 -6.87
C GLY A 102 -2.93 16.65 -5.62
N GLY A 103 -1.76 16.13 -5.42
CA GLY A 103 -1.47 15.30 -4.30
C GLY A 103 0.02 15.18 -4.15
N VAL A 104 0.47 14.61 -3.07
CA VAL A 104 1.87 14.42 -2.84
C VAL A 104 2.15 13.02 -2.28
N ALA A 105 2.25 12.07 -3.19
CA ALA A 105 2.46 10.71 -2.79
C ALA A 105 3.92 10.40 -2.55
N ARG A 106 4.40 10.85 -1.39
CA ARG A 106 5.76 10.54 -0.91
C ARG A 106 5.84 9.12 -0.44
N ILE A 107 4.68 8.55 -0.24
CA ILE A 107 4.55 7.19 0.18
C ILE A 107 5.03 6.26 -0.92
N LYS A 108 4.72 6.62 -2.17
CA LYS A 108 5.03 5.78 -3.30
C LYS A 108 6.54 5.50 -3.43
N PRO A 109 7.44 6.54 -3.55
CA PRO A 109 8.87 6.30 -3.68
C PRO A 109 9.45 5.56 -2.47
N ALA A 110 8.83 5.79 -1.32
CA ALA A 110 9.25 5.19 -0.09
C ALA A 110 8.92 3.71 -0.08
N VAL A 111 7.70 3.40 -0.45
CA VAL A 111 7.24 2.03 -0.53
C VAL A 111 7.99 1.28 -1.62
N ILE A 112 8.21 1.92 -2.78
CA ILE A 112 8.99 1.33 -3.87
C ILE A 112 10.36 0.85 -3.36
N LYS A 113 10.98 1.68 -2.53
CA LYS A 113 12.26 1.44 -1.95
C LYS A 113 12.22 0.20 -1.05
N TYR A 114 11.09 -0.03 -0.41
CA TYR A 114 10.90 -1.19 0.44
C TYR A 114 10.84 -2.46 -0.41
N LEU A 115 10.03 -2.43 -1.45
CA LEU A 115 9.84 -3.58 -2.32
C LEU A 115 11.13 -4.01 -2.99
N ILE A 116 11.82 -3.07 -3.62
CA ILE A 116 13.07 -3.36 -4.33
C ILE A 116 14.15 -3.91 -3.40
N SER A 117 14.19 -3.39 -2.18
CA SER A 117 15.18 -3.80 -1.22
C SER A 117 14.95 -5.23 -0.72
N HIS A 118 13.75 -5.72 -0.92
CA HIS A 118 13.43 -7.08 -0.52
C HIS A 118 13.21 -7.95 -1.75
N SER A 119 13.60 -7.42 -2.91
CA SER A 119 13.50 -8.13 -4.18
C SER A 119 12.05 -8.56 -4.47
N PHE A 120 11.13 -7.66 -4.28
CA PHE A 120 9.78 -7.89 -4.66
C PHE A 120 9.59 -7.53 -6.09
N ARG A 121 8.43 -7.78 -6.56
CA ARG A 121 8.07 -7.48 -7.90
C ARG A 121 6.76 -6.77 -7.88
N PHE A 122 6.78 -5.57 -8.33
CA PHE A 122 5.63 -4.71 -8.33
C PHE A 122 5.59 -3.91 -9.60
N SER A 123 4.47 -3.34 -9.88
CA SER A 123 4.30 -2.48 -11.00
C SER A 123 3.14 -1.57 -10.70
N GLU A 124 3.33 -0.29 -10.88
CA GLU A 124 2.25 0.66 -10.69
C GLU A 124 1.29 0.50 -11.85
N ILE A 125 0.04 0.31 -11.53
CA ILE A 125 -0.98 0.19 -12.54
C ILE A 125 -1.18 1.55 -13.15
N LYS A 126 -1.49 2.50 -12.27
CA LYS A 126 -1.70 3.88 -12.54
C LYS A 126 -2.18 4.46 -11.17
N PRO A 127 -3.10 5.47 -11.05
CA PRO A 127 -3.24 6.41 -9.90
C PRO A 127 -2.45 6.15 -8.60
N GLY A 128 -1.11 6.15 -8.69
CA GLY A 128 -0.25 5.97 -7.52
C GLY A 128 -0.48 4.65 -6.79
N CYS A 129 -0.89 3.65 -7.51
CA CYS A 129 -1.18 2.39 -6.94
C CYS A 129 -0.24 1.30 -7.48
N LEU A 130 0.58 0.80 -6.59
CA LEU A 130 1.58 -0.19 -6.88
C LEU A 130 0.99 -1.57 -6.71
N LYS A 131 0.91 -2.33 -7.76
CA LYS A 131 0.45 -3.68 -7.65
C LYS A 131 1.66 -4.55 -7.43
N VAL A 132 1.76 -5.10 -6.26
CA VAL A 132 2.88 -5.91 -5.89
C VAL A 132 2.49 -7.33 -6.09
N MET A 133 3.34 -8.08 -6.71
CA MET A 133 3.09 -9.46 -6.91
C MET A 133 3.84 -10.18 -5.82
N LEU A 134 3.20 -11.14 -5.23
CA LEU A 134 3.75 -11.85 -4.12
C LEU A 134 4.76 -12.89 -4.57
N LYS A 135 5.36 -13.55 -3.63
CA LYS A 135 6.40 -14.51 -3.92
C LYS A 135 5.88 -15.91 -3.66
N MET A 31 -4.82 22.27 10.41
CA MET A 31 -5.76 21.56 9.64
C MET A 31 -5.08 20.58 8.72
N LYS A 32 -3.94 20.97 8.29
CA LYS A 32 -3.15 20.15 7.35
C LYS A 32 -2.66 18.90 8.04
N GLU A 33 -2.44 19.00 9.33
CA GLU A 33 -2.05 17.85 10.10
C GLU A 33 -3.23 16.91 10.18
N ALA A 34 -4.38 17.46 10.57
CA ALA A 34 -5.62 16.72 10.70
C ALA A 34 -6.00 16.04 9.39
N ASN A 35 -5.75 16.74 8.27
CA ASN A 35 -6.00 16.21 6.91
C ASN A 35 -5.35 14.85 6.73
N HIS A 36 -4.06 14.78 6.99
CA HIS A 36 -3.34 13.53 6.76
C HIS A 36 -3.53 12.55 7.92
N LEU A 37 -3.87 13.07 9.11
CA LEU A 37 -4.13 12.21 10.25
C LEU A 37 -5.43 11.44 10.04
N ALA A 38 -6.33 12.07 9.32
CA ALA A 38 -7.60 11.48 8.97
C ALA A 38 -7.43 10.36 7.94
N ALA A 39 -6.26 10.27 7.36
CA ALA A 39 -5.99 9.23 6.40
C ALA A 39 -5.86 7.88 7.11
N ILE A 40 -5.30 7.92 8.32
CA ILE A 40 -5.13 6.71 9.15
C ILE A 40 -6.50 6.03 9.41
N GLU A 41 -7.48 6.82 9.79
CA GLU A 41 -8.81 6.28 10.09
C GLU A 41 -9.49 5.75 8.83
N ILE A 42 -9.29 6.44 7.69
CA ILE A 42 -9.85 6.02 6.41
C ILE A 42 -9.29 4.66 6.07
N PHE A 43 -7.97 4.54 6.17
CA PHE A 43 -7.24 3.32 5.89
C PHE A 43 -7.80 2.14 6.69
N GLU A 44 -8.04 2.34 7.96
CA GLU A 44 -8.53 1.27 8.78
C GLU A 44 -9.88 0.74 8.32
N LYS A 45 -10.82 1.63 8.06
CA LYS A 45 -12.14 1.19 7.62
C LYS A 45 -12.11 0.60 6.21
N VAL A 46 -11.24 1.13 5.34
CA VAL A 46 -11.15 0.64 3.97
C VAL A 46 -10.41 -0.70 3.88
N ASN A 47 -9.21 -0.78 4.45
CA ASN A 47 -8.36 -1.99 4.42
C ASN A 47 -9.06 -3.22 4.95
N ALA A 48 -9.95 -3.01 5.90
CA ALA A 48 -10.72 -4.08 6.49
C ALA A 48 -11.58 -4.81 5.43
N SER A 49 -12.01 -4.07 4.42
CA SER A 49 -12.81 -4.63 3.36
C SER A 49 -12.01 -4.68 2.05
N LEU A 50 -10.78 -4.25 2.12
CA LEU A 50 -9.95 -4.21 0.95
C LEU A 50 -8.93 -5.33 0.95
N LEU A 51 -8.46 -5.72 2.11
CA LEU A 51 -7.59 -6.90 2.22
C LEU A 51 -8.13 -8.19 1.58
N PRO A 52 -9.44 -8.55 1.72
CA PRO A 52 -10.01 -9.71 1.00
C PRO A 52 -9.85 -9.59 -0.54
N GLN A 53 -9.69 -8.36 -1.02
CA GLN A 53 -9.51 -8.08 -2.44
C GLN A 53 -8.03 -7.91 -2.74
N ASN A 54 -7.24 -8.12 -1.71
CA ASN A 54 -5.80 -7.94 -1.71
C ASN A 54 -5.36 -6.60 -2.21
N VAL A 55 -5.84 -5.59 -1.55
CA VAL A 55 -5.43 -4.27 -1.86
C VAL A 55 -5.18 -3.52 -0.56
N LEU A 56 -4.03 -2.97 -0.47
CA LEU A 56 -3.63 -2.23 0.66
C LEU A 56 -3.71 -0.78 0.30
N ASP A 57 -4.71 -0.15 0.78
CA ASP A 57 -4.92 1.23 0.50
C ASP A 57 -4.69 2.04 1.76
N LEU A 58 -3.58 2.74 1.76
CA LEU A 58 -3.11 3.50 2.90
C LEU A 58 -2.61 4.87 2.48
N HIS A 59 -3.31 5.45 1.54
CA HIS A 59 -2.92 6.73 1.01
C HIS A 59 -3.11 7.83 2.03
N GLY A 60 -2.10 8.62 2.22
CA GLY A 60 -2.19 9.75 3.12
C GLY A 60 -1.50 9.55 4.46
N LEU A 61 -1.21 8.30 4.84
CA LEU A 61 -0.51 8.03 6.11
C LEU A 61 0.91 8.54 6.06
N HIS A 62 1.57 8.54 7.20
CA HIS A 62 2.96 8.95 7.23
C HIS A 62 3.79 7.87 6.58
N VAL A 63 4.93 8.24 6.02
CA VAL A 63 5.83 7.31 5.34
C VAL A 63 6.16 6.12 6.24
N ASP A 64 6.48 6.39 7.49
CA ASP A 64 6.82 5.35 8.44
C ASP A 64 5.65 4.42 8.67
N GLU A 65 4.48 4.99 8.96
CA GLU A 65 3.25 4.22 9.21
C GLU A 65 2.92 3.33 8.04
N ALA A 66 2.89 3.91 6.85
CA ALA A 66 2.60 3.19 5.64
C ALA A 66 3.53 1.99 5.47
N LEU A 67 4.81 2.20 5.72
CA LEU A 67 5.78 1.12 5.61
C LEU A 67 5.57 0.06 6.70
N GLU A 68 5.21 0.50 7.91
CA GLU A 68 4.93 -0.42 9.02
C GLU A 68 3.77 -1.33 8.68
N HIS A 69 2.70 -0.72 8.20
CA HIS A 69 1.52 -1.47 7.82
C HIS A 69 1.82 -2.35 6.62
N LEU A 70 2.59 -1.83 5.69
CA LEU A 70 2.95 -2.52 4.47
C LEU A 70 3.72 -3.80 4.76
N MET A 71 4.76 -3.67 5.56
CA MET A 71 5.65 -4.79 5.84
C MET A 71 4.94 -5.94 6.52
N ARG A 72 4.09 -5.64 7.48
CA ARG A 72 3.42 -6.70 8.22
C ARG A 72 2.33 -7.35 7.37
N VAL A 73 1.69 -6.55 6.52
CA VAL A 73 0.65 -7.07 5.67
C VAL A 73 1.25 -7.89 4.54
N LEU A 74 2.33 -7.40 3.93
CA LEU A 74 2.99 -8.14 2.85
C LEU A 74 3.48 -9.49 3.30
N GLU A 75 4.07 -9.56 4.48
CA GLU A 75 4.59 -10.82 4.96
C GLU A 75 3.45 -11.80 5.29
N LYS A 76 2.39 -11.31 5.91
CA LYS A 76 1.30 -12.18 6.28
C LYS A 76 0.47 -12.55 5.07
N LYS A 77 0.38 -11.65 4.10
CA LYS A 77 -0.40 -11.89 2.91
C LYS A 77 0.32 -12.91 2.05
N THR A 78 1.64 -12.83 2.03
CA THR A 78 2.45 -13.80 1.32
C THR A 78 2.29 -15.18 2.00
N GLU A 79 2.19 -15.16 3.33
CA GLU A 79 1.95 -16.36 4.09
C GLU A 79 0.59 -16.93 3.73
N GLU A 80 -0.44 -16.11 3.82
CA GLU A 80 -1.80 -16.54 3.54
C GLU A 80 -1.93 -16.97 2.08
N PHE A 81 -1.17 -16.35 1.21
CA PHE A 81 -1.09 -16.72 -0.19
C PHE A 81 -0.65 -18.17 -0.36
N LYS A 82 0.53 -18.50 0.13
CA LYS A 82 1.08 -19.82 -0.08
C LYS A 82 0.48 -20.85 0.88
N GLN A 83 0.14 -20.44 2.08
CA GLN A 83 -0.42 -21.33 3.08
C GLN A 83 -1.91 -21.52 2.94
N ASN A 84 -2.66 -20.45 2.97
CA ASN A 84 -4.13 -20.55 2.94
C ASN A 84 -4.71 -20.44 1.55
N GLY A 85 -3.89 -20.15 0.57
CA GLY A 85 -4.37 -20.02 -0.79
C GLY A 85 -5.08 -18.71 -1.01
N GLY A 86 -4.41 -17.63 -0.69
CA GLY A 86 -4.98 -16.32 -0.89
C GLY A 86 -4.79 -15.82 -2.33
N LYS A 87 -4.66 -14.53 -2.50
CA LYS A 87 -4.45 -13.97 -3.81
C LYS A 87 -2.96 -13.82 -4.08
N PRO A 88 -2.55 -14.08 -5.32
CA PRO A 88 -1.12 -14.00 -5.75
C PRO A 88 -0.58 -12.57 -5.91
N TYR A 89 -1.27 -11.61 -5.36
CA TYR A 89 -0.90 -10.25 -5.53
C TYR A 89 -1.43 -9.44 -4.39
N LEU A 90 -1.01 -8.22 -4.33
CA LEU A 90 -1.48 -7.28 -3.37
C LEU A 90 -1.19 -5.91 -3.97
N SER A 91 -2.21 -5.17 -4.27
CA SER A 91 -2.04 -3.88 -4.88
C SER A 91 -1.99 -2.83 -3.77
N VAL A 92 -1.11 -1.86 -3.90
CA VAL A 92 -0.94 -0.86 -2.86
C VAL A 92 -1.22 0.54 -3.39
N ILE A 93 -2.26 1.19 -2.88
CA ILE A 93 -2.55 2.57 -3.25
C ILE A 93 -1.79 3.46 -2.29
N THR A 94 -0.78 4.10 -2.80
CA THR A 94 0.03 4.95 -1.97
C THR A 94 -0.55 6.36 -1.96
N GLY A 95 -1.29 6.67 -3.00
CA GLY A 95 -1.90 7.95 -3.09
C GLY A 95 -1.93 8.40 -4.51
N ARG A 96 -2.59 9.49 -4.75
CA ARG A 96 -2.74 10.02 -6.10
C ARG A 96 -1.52 10.83 -6.52
N GLY A 97 -0.34 10.29 -6.24
CA GLY A 97 0.91 10.91 -6.63
C GLY A 97 1.02 10.97 -8.13
N ASN A 98 0.53 9.94 -8.76
CA ASN A 98 0.43 9.90 -10.20
C ASN A 98 -0.99 9.60 -10.54
N HIS A 99 -1.70 10.59 -10.96
CA HIS A 99 -3.12 10.53 -11.31
C HIS A 99 -3.47 11.90 -11.80
N SER A 100 -3.42 12.80 -10.90
CA SER A 100 -3.56 14.17 -11.16
C SER A 100 -2.16 14.74 -11.36
N GLN A 101 -2.06 16.01 -11.59
CA GLN A 101 -0.76 16.63 -11.77
C GLN A 101 -0.09 16.77 -10.41
N GLY A 102 -0.89 17.13 -9.44
CA GLY A 102 -0.41 17.27 -8.09
C GLY A 102 -0.84 16.10 -7.25
N GLY A 103 -0.07 15.82 -6.23
CA GLY A 103 -0.35 14.75 -5.34
C GLY A 103 0.81 14.57 -4.40
N VAL A 104 0.54 14.28 -3.14
CA VAL A 104 1.60 14.12 -2.17
C VAL A 104 2.20 12.73 -2.28
N ALA A 105 3.22 12.60 -3.09
CA ALA A 105 3.84 11.34 -3.30
C ALA A 105 5.03 11.17 -2.38
N ARG A 106 4.74 10.79 -1.17
CA ARG A 106 5.77 10.45 -0.21
C ARG A 106 5.74 8.99 0.09
N ILE A 107 4.55 8.43 0.09
CA ILE A 107 4.38 7.03 0.36
C ILE A 107 4.89 6.22 -0.84
N LYS A 108 4.59 6.69 -2.05
CA LYS A 108 4.98 5.99 -3.27
C LYS A 108 6.51 5.79 -3.36
N PRO A 109 7.35 6.86 -3.31
CA PRO A 109 8.81 6.71 -3.36
C PRO A 109 9.37 5.87 -2.18
N ALA A 110 8.68 5.88 -1.06
CA ALA A 110 9.10 5.13 0.11
C ALA A 110 8.79 3.66 -0.07
N VAL A 111 7.58 3.38 -0.51
CA VAL A 111 7.11 2.04 -0.73
C VAL A 111 7.89 1.37 -1.85
N ILE A 112 8.12 2.07 -2.97
CA ILE A 112 8.89 1.52 -4.10
C ILE A 112 10.24 0.96 -3.62
N LYS A 113 10.91 1.75 -2.79
CA LYS A 113 12.16 1.46 -2.21
C LYS A 113 12.07 0.19 -1.34
N TYR A 114 10.96 0.04 -0.65
CA TYR A 114 10.77 -1.08 0.21
C TYR A 114 10.71 -2.37 -0.61
N LEU A 115 9.93 -2.34 -1.67
CA LEU A 115 9.74 -3.51 -2.52
C LEU A 115 11.04 -3.96 -3.16
N ILE A 116 11.75 -3.02 -3.74
CA ILE A 116 13.02 -3.33 -4.40
C ILE A 116 14.08 -3.84 -3.41
N SER A 117 14.06 -3.31 -2.20
CA SER A 117 14.97 -3.70 -1.14
C SER A 117 14.84 -5.18 -0.82
N HIS A 118 13.63 -5.69 -0.92
CA HIS A 118 13.34 -7.07 -0.53
C HIS A 118 13.18 -7.96 -1.73
N SER A 119 13.49 -7.40 -2.91
CA SER A 119 13.43 -8.13 -4.17
C SER A 119 12.00 -8.63 -4.49
N PHE A 120 11.04 -7.74 -4.30
CA PHE A 120 9.66 -8.02 -4.66
C PHE A 120 9.44 -7.71 -6.12
N ARG A 121 8.23 -7.90 -6.56
CA ARG A 121 7.85 -7.65 -7.91
C ARG A 121 6.60 -6.79 -7.90
N PHE A 122 6.71 -5.59 -8.43
CA PHE A 122 5.60 -4.66 -8.46
C PHE A 122 5.67 -3.82 -9.72
N SER A 123 4.58 -3.17 -10.01
CA SER A 123 4.49 -2.26 -11.11
C SER A 123 3.33 -1.32 -10.83
N GLU A 124 3.53 -0.04 -11.03
CA GLU A 124 2.46 0.91 -10.86
C GLU A 124 1.52 0.79 -12.03
N ILE A 125 0.27 0.57 -11.76
CA ILE A 125 -0.70 0.47 -12.82
C ILE A 125 -0.98 1.87 -13.33
N LYS A 126 -1.46 2.70 -12.43
CA LYS A 126 -1.81 4.03 -12.66
C LYS A 126 -2.17 4.56 -11.24
N PRO A 127 -3.17 5.46 -11.00
CA PRO A 127 -3.24 6.35 -9.81
C PRO A 127 -2.39 6.02 -8.55
N GLY A 128 -1.06 6.21 -8.66
CA GLY A 128 -0.14 6.00 -7.55
C GLY A 128 -0.27 4.65 -6.87
N CYS A 129 -0.68 3.66 -7.61
CA CYS A 129 -0.89 2.37 -7.05
C CYS A 129 0.00 1.31 -7.64
N LEU A 130 0.80 0.74 -6.78
CA LEU A 130 1.78 -0.23 -7.13
C LEU A 130 1.16 -1.61 -6.98
N LYS A 131 0.98 -2.30 -8.06
CA LYS A 131 0.48 -3.65 -7.98
C LYS A 131 1.65 -4.56 -7.71
N VAL A 132 1.67 -5.10 -6.54
CA VAL A 132 2.74 -5.94 -6.11
C VAL A 132 2.26 -7.35 -6.27
N MET A 133 3.09 -8.18 -6.76
CA MET A 133 2.75 -9.54 -6.92
C MET A 133 3.41 -10.27 -5.78
N LEU A 134 2.72 -11.20 -5.20
CA LEU A 134 3.24 -11.90 -4.07
C LEU A 134 4.22 -12.97 -4.51
N LYS A 135 4.97 -13.47 -3.59
CA LYS A 135 6.02 -14.39 -3.89
C LYS A 135 5.74 -15.77 -3.29
N MET A 31 -4.06 22.78 8.59
CA MET A 31 -3.58 21.62 9.31
C MET A 31 -3.49 20.35 8.46
N LYS A 32 -2.27 20.00 8.09
CA LYS A 32 -2.08 18.80 7.30
C LYS A 32 -2.03 17.65 8.25
N GLU A 33 -1.67 17.98 9.47
CA GLU A 33 -1.59 17.09 10.57
C GLU A 33 -3.02 16.63 10.95
N ALA A 34 -3.93 17.59 11.02
CA ALA A 34 -5.33 17.28 11.34
C ALA A 34 -6.00 16.59 10.16
N ASN A 35 -5.53 16.90 8.97
CA ASN A 35 -6.00 16.23 7.75
C ASN A 35 -5.52 14.79 7.79
N HIS A 36 -4.33 14.62 8.31
CA HIS A 36 -3.69 13.33 8.43
C HIS A 36 -4.45 12.46 9.44
N LEU A 37 -5.00 13.10 10.47
CA LEU A 37 -5.81 12.39 11.46
C LEU A 37 -7.01 11.76 10.78
N ALA A 38 -7.54 12.46 9.79
CA ALA A 38 -8.65 11.96 9.01
C ALA A 38 -8.19 10.80 8.14
N ALA A 39 -6.98 10.90 7.58
CA ALA A 39 -6.41 9.85 6.72
C ALA A 39 -6.37 8.50 7.44
N ILE A 40 -6.19 8.54 8.75
CA ILE A 40 -6.10 7.36 9.58
C ILE A 40 -7.42 6.58 9.55
N GLU A 41 -8.51 7.29 9.78
CA GLU A 41 -9.83 6.65 9.81
C GLU A 41 -10.25 6.27 8.41
N ILE A 42 -9.76 7.01 7.42
CA ILE A 42 -10.04 6.69 6.04
C ILE A 42 -9.43 5.33 5.72
N PHE A 43 -8.14 5.19 6.04
CA PHE A 43 -7.37 3.95 5.86
C PHE A 43 -8.05 2.78 6.56
N GLU A 44 -8.60 3.01 7.72
CA GLU A 44 -9.29 1.96 8.42
C GLU A 44 -10.57 1.53 7.70
N LYS A 45 -11.42 2.50 7.35
CA LYS A 45 -12.68 2.17 6.70
C LYS A 45 -12.50 1.63 5.27
N VAL A 46 -11.49 2.12 4.55
CA VAL A 46 -11.25 1.66 3.19
C VAL A 46 -10.81 0.19 3.16
N ASN A 47 -9.81 -0.16 3.95
CA ASN A 47 -9.30 -1.53 3.95
C ASN A 47 -10.27 -2.50 4.52
N ALA A 48 -11.22 -2.01 5.32
CA ALA A 48 -12.27 -2.85 5.87
C ALA A 48 -12.99 -3.64 4.75
N SER A 49 -13.18 -3.00 3.61
CA SER A 49 -13.83 -3.63 2.49
C SER A 49 -12.86 -3.91 1.33
N LEU A 50 -11.61 -3.53 1.48
CA LEU A 50 -10.65 -3.67 0.38
C LEU A 50 -9.54 -4.66 0.68
N LEU A 51 -9.22 -4.84 1.94
CA LEU A 51 -8.13 -5.73 2.36
C LEU A 51 -8.39 -7.19 1.90
N PRO A 52 -9.65 -7.76 2.03
CA PRO A 52 -9.95 -9.11 1.52
C PRO A 52 -9.83 -9.22 -0.02
N GLN A 53 -9.61 -8.09 -0.71
CA GLN A 53 -9.44 -8.11 -2.15
C GLN A 53 -7.96 -8.01 -2.45
N ASN A 54 -7.16 -8.09 -1.39
CA ASN A 54 -5.71 -7.91 -1.43
C ASN A 54 -5.35 -6.54 -1.92
N VAL A 55 -6.11 -5.61 -1.45
CA VAL A 55 -5.89 -4.24 -1.68
C VAL A 55 -5.49 -3.60 -0.38
N LEU A 56 -4.41 -2.91 -0.41
CA LEU A 56 -3.94 -2.18 0.70
C LEU A 56 -3.95 -0.73 0.31
N ASP A 57 -4.92 -0.04 0.79
CA ASP A 57 -5.07 1.33 0.48
C ASP A 57 -4.66 2.16 1.67
N LEU A 58 -3.53 2.83 1.58
CA LEU A 58 -3.00 3.59 2.69
C LEU A 58 -2.53 4.96 2.26
N HIS A 59 -3.29 5.56 1.39
CA HIS A 59 -2.97 6.88 0.91
C HIS A 59 -3.16 7.92 1.99
N GLY A 60 -2.18 8.75 2.17
CA GLY A 60 -2.32 9.82 3.14
C GLY A 60 -1.56 9.58 4.43
N LEU A 61 -1.09 8.37 4.62
CA LEU A 61 -0.29 8.03 5.79
C LEU A 61 1.13 8.61 5.68
N HIS A 62 1.85 8.61 6.79
CA HIS A 62 3.26 8.99 6.76
C HIS A 62 4.05 7.87 6.18
N VAL A 63 5.29 8.14 5.81
CA VAL A 63 6.19 7.11 5.28
C VAL A 63 6.36 6.02 6.34
N ASP A 64 6.51 6.48 7.57
CA ASP A 64 6.72 5.65 8.75
C ASP A 64 5.55 4.68 8.91
N GLU A 65 4.34 5.25 8.87
CA GLU A 65 3.12 4.51 9.05
C GLU A 65 2.89 3.56 7.90
N ALA A 66 2.90 4.09 6.68
CA ALA A 66 2.62 3.31 5.49
C ALA A 66 3.53 2.10 5.37
N LEU A 67 4.80 2.27 5.73
CA LEU A 67 5.73 1.15 5.68
C LEU A 67 5.42 0.09 6.73
N GLU A 68 4.99 0.50 7.93
CA GLU A 68 4.67 -0.46 8.98
C GLU A 68 3.41 -1.22 8.57
N HIS A 69 2.46 -0.48 8.03
CA HIS A 69 1.20 -1.02 7.60
C HIS A 69 1.41 -1.94 6.39
N LEU A 70 2.35 -1.58 5.54
CA LEU A 70 2.68 -2.36 4.36
C LEU A 70 3.34 -3.68 4.73
N MET A 71 4.38 -3.59 5.54
CA MET A 71 5.18 -4.77 5.89
C MET A 71 4.36 -5.81 6.59
N ARG A 72 3.47 -5.38 7.46
CA ARG A 72 2.66 -6.30 8.24
C ARG A 72 1.66 -7.03 7.34
N VAL A 73 1.16 -6.34 6.33
CA VAL A 73 0.23 -6.94 5.41
C VAL A 73 0.96 -7.89 4.46
N LEU A 74 2.10 -7.44 3.94
CA LEU A 74 2.91 -8.27 3.04
C LEU A 74 3.33 -9.57 3.68
N GLU A 75 3.77 -9.51 4.94
CA GLU A 75 4.20 -10.72 5.62
C GLU A 75 3.02 -11.69 5.83
N LYS A 76 1.86 -11.15 6.15
CA LYS A 76 0.70 -12.00 6.43
C LYS A 76 0.03 -12.49 5.14
N LYS A 77 0.02 -11.66 4.12
CA LYS A 77 -0.59 -12.01 2.84
C LYS A 77 0.23 -13.01 2.09
N THR A 78 1.55 -12.82 2.08
CA THR A 78 2.44 -13.75 1.43
C THR A 78 2.35 -15.09 2.15
N GLU A 79 2.16 -15.02 3.47
CA GLU A 79 1.98 -16.19 4.29
C GLU A 79 0.70 -16.93 3.84
N GLU A 80 -0.43 -16.20 3.78
CA GLU A 80 -1.69 -16.76 3.28
C GLU A 80 -1.52 -17.35 1.89
N PHE A 81 -0.81 -16.64 1.08
CA PHE A 81 -0.53 -17.03 -0.28
C PHE A 81 0.23 -18.37 -0.36
N LYS A 82 1.31 -18.49 0.38
CA LYS A 82 2.15 -19.67 0.29
C LYS A 82 1.69 -20.78 1.24
N GLN A 83 0.91 -20.43 2.23
CA GLN A 83 0.38 -21.42 3.16
C GLN A 83 -1.00 -21.93 2.75
N ASN A 84 -1.95 -21.04 2.60
CA ASN A 84 -3.33 -21.44 2.35
C ASN A 84 -3.70 -21.35 0.89
N GLY A 85 -3.01 -20.50 0.17
CA GLY A 85 -3.29 -20.32 -1.23
C GLY A 85 -4.18 -19.13 -1.46
N GLY A 86 -3.80 -18.00 -0.89
CA GLY A 86 -4.56 -16.77 -1.05
C GLY A 86 -4.29 -16.10 -2.39
N LYS A 87 -4.45 -14.80 -2.45
CA LYS A 87 -4.22 -14.08 -3.70
C LYS A 87 -2.74 -13.88 -3.91
N PRO A 88 -2.30 -14.05 -5.16
CA PRO A 88 -0.88 -13.90 -5.55
C PRO A 88 -0.44 -12.42 -5.71
N TYR A 89 -1.16 -11.50 -5.09
CA TYR A 89 -0.86 -10.11 -5.29
C TYR A 89 -1.35 -9.26 -4.13
N LEU A 90 -0.94 -8.02 -4.15
CA LEU A 90 -1.37 -6.96 -3.25
C LEU A 90 -1.30 -5.63 -3.96
N SER A 91 -2.41 -4.98 -4.12
CA SER A 91 -2.44 -3.71 -4.77
C SER A 91 -2.39 -2.62 -3.71
N VAL A 92 -1.33 -1.85 -3.72
CA VAL A 92 -1.09 -0.83 -2.72
C VAL A 92 -1.36 0.56 -3.29
N ILE A 93 -2.35 1.22 -2.76
CA ILE A 93 -2.66 2.58 -3.17
C ILE A 93 -1.91 3.50 -2.23
N THR A 94 -0.87 4.13 -2.73
CA THR A 94 -0.05 4.96 -1.89
C THR A 94 -0.56 6.38 -1.87
N GLY A 95 -1.28 6.76 -2.90
CA GLY A 95 -1.76 8.10 -2.98
C GLY A 95 -2.08 8.44 -4.37
N ARG A 96 -2.68 9.57 -4.57
CA ARG A 96 -3.03 9.98 -5.89
C ARG A 96 -1.86 10.57 -6.59
N GLY A 97 -1.03 9.73 -7.11
CA GLY A 97 0.07 10.16 -7.90
C GLY A 97 -0.44 10.43 -9.29
N ASN A 98 -1.15 11.55 -9.40
CA ASN A 98 -1.87 12.03 -10.62
C ASN A 98 -1.34 11.48 -11.94
N HIS A 99 -2.23 10.82 -12.69
CA HIS A 99 -1.92 10.06 -13.91
C HIS A 99 -1.03 10.77 -14.96
N SER A 100 -1.09 12.08 -15.05
CA SER A 100 -0.34 12.77 -16.06
C SER A 100 1.01 13.29 -15.55
N GLN A 101 1.30 13.14 -14.26
CA GLN A 101 2.54 13.66 -13.73
C GLN A 101 2.95 12.92 -12.46
N GLY A 102 2.21 13.16 -11.40
CA GLY A 102 2.52 12.58 -10.14
C GLY A 102 2.12 13.53 -9.06
N GLY A 103 2.97 13.69 -8.08
CA GLY A 103 2.70 14.57 -6.98
C GLY A 103 3.71 14.35 -5.91
N VAL A 104 3.43 14.86 -4.72
CA VAL A 104 4.31 14.70 -3.59
C VAL A 104 4.34 13.22 -3.23
N ALA A 105 3.16 12.70 -2.82
CA ALA A 105 2.89 11.27 -2.53
C ALA A 105 4.14 10.49 -2.09
N ARG A 106 4.71 10.87 -0.95
CA ARG A 106 5.99 10.30 -0.46
C ARG A 106 5.91 8.87 -0.05
N ILE A 107 4.73 8.35 -0.01
CA ILE A 107 4.53 6.98 0.31
C ILE A 107 5.06 6.12 -0.83
N LYS A 108 4.83 6.54 -2.07
CA LYS A 108 5.21 5.77 -3.23
C LYS A 108 6.73 5.50 -3.31
N PRO A 109 7.61 6.55 -3.33
CA PRO A 109 9.06 6.32 -3.40
C PRO A 109 9.61 5.57 -2.17
N ALA A 110 8.91 5.66 -1.05
CA ALA A 110 9.30 4.97 0.14
C ALA A 110 8.96 3.49 -0.01
N VAL A 111 7.73 3.24 -0.42
CA VAL A 111 7.22 1.90 -0.64
C VAL A 111 8.00 1.19 -1.75
N ILE A 112 8.27 1.88 -2.87
CA ILE A 112 9.03 1.29 -3.99
C ILE A 112 10.37 0.72 -3.49
N LYS A 113 11.05 1.48 -2.63
CA LYS A 113 12.32 1.10 -2.11
C LYS A 113 12.20 -0.15 -1.23
N TYR A 114 11.07 -0.28 -0.58
CA TYR A 114 10.80 -1.40 0.27
C TYR A 114 10.65 -2.67 -0.57
N LEU A 115 9.87 -2.59 -1.64
CA LEU A 115 9.60 -3.75 -2.49
C LEU A 115 10.86 -4.24 -3.18
N ILE A 116 11.62 -3.33 -3.75
CA ILE A 116 12.86 -3.69 -4.44
C ILE A 116 13.90 -4.27 -3.48
N SER A 117 13.91 -3.78 -2.24
CA SER A 117 14.84 -4.27 -1.22
C SER A 117 14.59 -5.74 -0.90
N HIS A 118 13.34 -6.14 -1.01
CA HIS A 118 12.95 -7.49 -0.67
C HIS A 118 12.72 -8.31 -1.92
N SER A 119 13.11 -7.72 -3.05
CA SER A 119 13.01 -8.35 -4.35
C SER A 119 11.57 -8.80 -4.67
N PHE A 120 10.64 -7.89 -4.49
CA PHE A 120 9.26 -8.12 -4.85
C PHE A 120 9.05 -7.68 -6.26
N ARG A 121 7.93 -8.05 -6.81
CA ARG A 121 7.62 -7.70 -8.16
C ARG A 121 6.41 -6.84 -8.13
N PHE A 122 6.51 -5.65 -8.55
CA PHE A 122 5.38 -4.75 -8.56
C PHE A 122 5.32 -4.01 -9.87
N SER A 123 4.20 -3.46 -10.15
CA SER A 123 3.97 -2.69 -11.31
C SER A 123 2.89 -1.69 -10.96
N GLU A 124 3.13 -0.43 -11.18
CA GLU A 124 2.13 0.57 -10.90
C GLU A 124 1.08 0.53 -11.96
N ILE A 125 -0.15 0.66 -11.56
CA ILE A 125 -1.24 0.75 -12.48
C ILE A 125 -1.08 2.10 -13.17
N LYS A 126 -1.38 3.13 -12.40
CA LYS A 126 -1.31 4.52 -12.70
C LYS A 126 -1.54 5.21 -11.31
N PRO A 127 -2.19 6.44 -11.16
CA PRO A 127 -2.08 7.30 -9.95
C PRO A 127 -1.60 6.67 -8.63
N GLY A 128 -0.29 6.53 -8.50
CA GLY A 128 0.34 6.10 -7.26
C GLY A 128 -0.12 4.75 -6.72
N CYS A 129 -0.66 3.91 -7.55
CA CYS A 129 -1.07 2.62 -7.06
C CYS A 129 -0.20 1.49 -7.60
N LEU A 130 0.64 0.98 -6.73
CA LEU A 130 1.60 -0.05 -7.02
C LEU A 130 0.95 -1.41 -6.81
N LYS A 131 0.84 -2.18 -7.85
CA LYS A 131 0.27 -3.49 -7.74
C LYS A 131 1.39 -4.50 -7.65
N VAL A 132 1.53 -5.06 -6.48
CA VAL A 132 2.60 -5.98 -6.17
C VAL A 132 2.14 -7.40 -6.41
N MET A 133 3.01 -8.16 -7.01
CA MET A 133 2.85 -9.58 -7.22
C MET A 133 3.64 -10.24 -6.11
N LEU A 134 3.08 -11.22 -5.48
CA LEU A 134 3.72 -11.85 -4.35
C LEU A 134 4.83 -12.83 -4.78
N LYS A 135 5.37 -13.55 -3.81
CA LYS A 135 6.51 -14.45 -4.03
C LYS A 135 6.11 -15.76 -4.70
N MET A 31 -3.96 22.61 11.12
CA MET A 31 -3.16 21.45 11.57
C MET A 31 -3.34 20.21 10.72
N LYS A 32 -2.34 19.94 9.90
CA LYS A 32 -2.36 18.79 9.00
C LYS A 32 -2.12 17.50 9.78
N GLU A 33 -1.71 17.63 11.04
CA GLU A 33 -1.60 16.48 11.91
C GLU A 33 -2.98 15.90 12.21
N ALA A 34 -4.00 16.75 12.17
CA ALA A 34 -5.37 16.27 12.34
C ALA A 34 -5.76 15.50 11.09
N ASN A 35 -5.35 16.02 9.94
CA ASN A 35 -5.51 15.36 8.64
C ASN A 35 -4.76 14.02 8.64
N HIS A 36 -3.63 14.01 9.32
CA HIS A 36 -2.84 12.82 9.50
C HIS A 36 -3.62 11.78 10.29
N LEU A 37 -4.18 12.16 11.42
CA LEU A 37 -4.97 11.21 12.24
C LEU A 37 -6.25 10.79 11.51
N ALA A 38 -6.77 11.69 10.69
CA ALA A 38 -7.92 11.41 9.87
C ALA A 38 -7.58 10.34 8.82
N ALA A 39 -6.33 10.33 8.39
CA ALA A 39 -5.87 9.36 7.41
C ALA A 39 -5.93 7.94 7.96
N ILE A 40 -5.61 7.79 9.23
CA ILE A 40 -5.62 6.48 9.87
C ILE A 40 -7.04 5.94 9.98
N GLU A 41 -7.99 6.78 10.41
CA GLU A 41 -9.39 6.34 10.53
C GLU A 41 -9.96 5.93 9.16
N ILE A 42 -9.55 6.66 8.13
CA ILE A 42 -9.95 6.34 6.77
C ILE A 42 -9.33 5.00 6.36
N PHE A 43 -8.02 4.88 6.58
CA PHE A 43 -7.24 3.67 6.30
C PHE A 43 -7.84 2.42 6.97
N GLU A 44 -8.30 2.57 8.19
CA GLU A 44 -8.89 1.45 8.90
C GLU A 44 -10.20 1.02 8.27
N LYS A 45 -11.07 1.99 7.96
CA LYS A 45 -12.37 1.68 7.41
C LYS A 45 -12.24 1.13 5.99
N VAL A 46 -11.29 1.66 5.22
CA VAL A 46 -11.10 1.20 3.85
C VAL A 46 -10.60 -0.23 3.80
N ASN A 47 -9.52 -0.52 4.53
CA ASN A 47 -8.94 -1.87 4.52
C ASN A 47 -9.87 -2.88 5.15
N ALA A 48 -10.78 -2.42 5.99
CA ALA A 48 -11.74 -3.29 6.66
C ALA A 48 -12.53 -4.11 5.65
N SER A 49 -12.87 -3.51 4.53
CA SER A 49 -13.60 -4.20 3.51
C SER A 49 -12.76 -4.37 2.22
N LEU A 50 -11.47 -4.08 2.29
CA LEU A 50 -10.62 -4.15 1.11
C LEU A 50 -9.38 -5.03 1.30
N LEU A 51 -8.91 -5.14 2.53
CA LEU A 51 -7.74 -5.96 2.87
C LEU A 51 -7.95 -7.44 2.46
N PRO A 52 -9.17 -8.04 2.70
CA PRO A 52 -9.49 -9.40 2.21
C PRO A 52 -9.42 -9.52 0.66
N GLN A 53 -9.41 -8.38 -0.05
CA GLN A 53 -9.38 -8.41 -1.51
C GLN A 53 -7.97 -8.22 -2.01
N ASN A 54 -7.06 -8.21 -1.05
CA ASN A 54 -5.64 -7.97 -1.29
C ASN A 54 -5.38 -6.59 -1.76
N VAL A 55 -6.11 -5.70 -1.16
CA VAL A 55 -5.90 -4.32 -1.32
C VAL A 55 -5.35 -3.80 -0.01
N LEU A 56 -4.27 -3.10 -0.13
CA LEU A 56 -3.64 -2.51 0.98
C LEU A 56 -3.60 -1.03 0.68
N ASP A 57 -4.46 -0.31 1.31
CA ASP A 57 -4.55 1.10 1.08
C ASP A 57 -4.06 1.80 2.35
N LEU A 58 -3.32 2.87 2.18
CA LEU A 58 -2.78 3.64 3.29
C LEU A 58 -2.53 5.08 2.87
N HIS A 59 -3.40 5.58 2.02
CA HIS A 59 -3.26 6.94 1.54
C HIS A 59 -3.47 7.98 2.63
N GLY A 60 -2.50 8.84 2.77
CA GLY A 60 -2.57 9.89 3.74
C GLY A 60 -1.65 9.70 4.92
N LEU A 61 -1.19 8.48 5.14
CA LEU A 61 -0.27 8.23 6.24
C LEU A 61 1.12 8.69 5.86
N HIS A 62 1.99 8.75 6.84
CA HIS A 62 3.35 9.12 6.57
C HIS A 62 4.07 7.93 6.07
N VAL A 63 5.12 8.19 5.35
CA VAL A 63 5.82 7.17 4.63
C VAL A 63 6.44 6.11 5.55
N ASP A 64 6.74 6.50 6.76
CA ASP A 64 7.27 5.59 7.78
C ASP A 64 6.18 4.64 8.21
N GLU A 65 5.02 5.22 8.50
CA GLU A 65 3.84 4.51 8.96
C GLU A 65 3.34 3.59 7.88
N ALA A 66 3.27 4.12 6.67
CA ALA A 66 2.88 3.37 5.51
C ALA A 66 3.71 2.10 5.39
N LEU A 67 5.02 2.20 5.63
CA LEU A 67 5.87 1.04 5.55
C LEU A 67 5.60 0.05 6.67
N GLU A 68 5.33 0.54 7.87
CA GLU A 68 5.02 -0.32 9.02
C GLU A 68 3.75 -1.12 8.75
N HIS A 69 2.74 -0.43 8.27
CA HIS A 69 1.47 -1.05 7.96
C HIS A 69 1.58 -1.97 6.75
N LEU A 70 2.44 -1.60 5.82
CA LEU A 70 2.69 -2.35 4.61
C LEU A 70 3.40 -3.66 4.93
N MET A 71 4.50 -3.57 5.68
CA MET A 71 5.37 -4.71 5.96
C MET A 71 4.62 -5.86 6.61
N ARG A 72 3.80 -5.54 7.59
CA ARG A 72 3.11 -6.56 8.34
C ARG A 72 2.03 -7.23 7.48
N VAL A 73 1.44 -6.47 6.60
CA VAL A 73 0.46 -7.01 5.69
C VAL A 73 1.12 -7.83 4.58
N LEU A 74 2.19 -7.31 4.00
CA LEU A 74 2.91 -8.02 2.94
C LEU A 74 3.41 -9.37 3.36
N GLU A 75 3.95 -9.46 4.56
CA GLU A 75 4.43 -10.74 5.05
C GLU A 75 3.30 -11.74 5.22
N LYS A 76 2.20 -11.29 5.82
CA LYS A 76 1.08 -12.16 6.12
C LYS A 76 0.35 -12.53 4.83
N LYS A 77 0.38 -11.63 3.86
CA LYS A 77 -0.21 -11.89 2.56
C LYS A 77 0.62 -12.83 1.75
N THR A 78 1.92 -12.72 1.85
CA THR A 78 2.81 -13.66 1.20
C THR A 78 2.57 -15.06 1.78
N GLU A 79 2.29 -15.11 3.09
CA GLU A 79 1.90 -16.33 3.76
C GLU A 79 0.55 -16.80 3.21
N GLU A 80 -0.46 -15.93 3.23
CA GLU A 80 -1.81 -16.25 2.70
C GLU A 80 -1.75 -16.78 1.28
N PHE A 81 -0.93 -16.15 0.48
CA PHE A 81 -0.72 -16.51 -0.91
C PHE A 81 -0.29 -17.97 -1.08
N LYS A 82 0.86 -18.30 -0.53
CA LYS A 82 1.43 -19.61 -0.75
C LYS A 82 0.86 -20.67 0.21
N GLN A 83 0.27 -20.25 1.30
CA GLN A 83 -0.24 -21.18 2.29
C GLN A 83 -1.73 -21.44 2.12
N ASN A 84 -2.53 -20.40 2.14
CA ASN A 84 -3.99 -20.56 2.07
C ASN A 84 -4.46 -20.59 0.64
N GLY A 85 -3.73 -19.92 -0.21
CA GLY A 85 -4.10 -19.86 -1.59
C GLY A 85 -4.93 -18.64 -1.88
N GLY A 86 -4.46 -17.50 -1.41
CA GLY A 86 -5.17 -16.27 -1.64
C GLY A 86 -4.80 -15.65 -2.96
N LYS A 87 -4.71 -14.35 -2.99
CA LYS A 87 -4.37 -13.66 -4.22
C LYS A 87 -2.87 -13.64 -4.39
N PRO A 88 -2.41 -13.72 -5.64
CA PRO A 88 -0.99 -13.68 -5.97
C PRO A 88 -0.42 -12.27 -5.96
N TYR A 89 -1.21 -11.33 -5.49
CA TYR A 89 -0.81 -9.96 -5.53
C TYR A 89 -1.34 -9.22 -4.32
N LEU A 90 -0.91 -8.01 -4.20
CA LEU A 90 -1.39 -7.09 -3.22
C LEU A 90 -1.35 -5.72 -3.89
N SER A 91 -2.48 -5.10 -4.01
CA SER A 91 -2.58 -3.81 -4.63
C SER A 91 -2.46 -2.73 -3.56
N VAL A 92 -1.39 -1.97 -3.63
CA VAL A 92 -1.11 -0.92 -2.67
C VAL A 92 -1.52 0.43 -3.23
N ILE A 93 -2.41 1.09 -2.54
CA ILE A 93 -2.88 2.40 -2.95
C ILE A 93 -2.19 3.46 -2.10
N THR A 94 -1.38 4.30 -2.74
CA THR A 94 -0.73 5.35 -2.02
C THR A 94 -1.59 6.60 -2.05
N GLY A 95 -2.64 6.55 -2.87
CA GLY A 95 -3.53 7.68 -2.99
C GLY A 95 -3.12 8.52 -4.14
N ARG A 96 -2.85 7.83 -5.23
CA ARG A 96 -2.35 8.40 -6.45
C ARG A 96 -0.96 8.99 -6.25
N GLY A 97 -0.51 9.62 -7.26
CA GLY A 97 0.71 10.32 -7.24
C GLY A 97 0.72 11.15 -8.46
N ASN A 98 0.89 10.47 -9.54
CA ASN A 98 0.83 11.07 -10.83
C ASN A 98 -0.34 10.47 -11.53
N HIS A 99 -1.22 11.31 -11.94
CA HIS A 99 -2.40 10.94 -12.67
C HIS A 99 -3.00 12.23 -13.15
N SER A 100 -3.50 12.98 -12.19
CA SER A 100 -4.05 14.28 -12.42
C SER A 100 -3.71 15.12 -11.17
N GLN A 101 -2.61 14.77 -10.52
CA GLN A 101 -2.21 15.44 -9.28
C GLN A 101 -0.85 16.08 -9.45
N GLY A 102 0.20 15.25 -9.40
CA GLY A 102 1.55 15.78 -9.45
C GLY A 102 1.87 16.47 -8.14
N GLY A 103 1.47 15.84 -7.06
CA GLY A 103 1.62 16.43 -5.77
C GLY A 103 2.74 15.83 -4.97
N VAL A 104 2.43 15.43 -3.74
CA VAL A 104 3.43 14.89 -2.83
C VAL A 104 3.89 13.51 -3.31
N ALA A 105 2.96 12.54 -3.28
CA ALA A 105 3.18 11.16 -3.80
C ALA A 105 4.32 10.40 -3.10
N ARG A 106 4.88 10.97 -2.03
CA ARG A 106 6.07 10.41 -1.37
C ARG A 106 5.88 9.05 -0.73
N ILE A 107 4.66 8.61 -0.61
CA ILE A 107 4.41 7.30 -0.07
C ILE A 107 4.86 6.25 -1.09
N LYS A 108 4.70 6.57 -2.37
CA LYS A 108 5.05 5.66 -3.44
C LYS A 108 6.56 5.32 -3.45
N PRO A 109 7.49 6.33 -3.57
CA PRO A 109 8.95 6.05 -3.56
C PRO A 109 9.39 5.33 -2.27
N ALA A 110 8.73 5.65 -1.15
CA ALA A 110 9.03 5.02 0.12
C ALA A 110 8.64 3.56 0.09
N VAL A 111 7.47 3.30 -0.46
CA VAL A 111 6.97 1.95 -0.61
C VAL A 111 7.82 1.19 -1.63
N ILE A 112 8.14 1.81 -2.76
CA ILE A 112 8.99 1.21 -3.80
C ILE A 112 10.29 0.68 -3.20
N LYS A 113 10.93 1.53 -2.37
CA LYS A 113 12.11 1.25 -1.69
C LYS A 113 11.99 -0.02 -0.84
N TYR A 114 10.85 -0.17 -0.20
CA TYR A 114 10.60 -1.31 0.64
C TYR A 114 10.54 -2.59 -0.21
N LEU A 115 9.80 -2.53 -1.29
CA LEU A 115 9.62 -3.69 -2.17
C LEU A 115 10.93 -4.13 -2.78
N ILE A 116 11.69 -3.18 -3.29
CA ILE A 116 12.97 -3.49 -3.92
C ILE A 116 13.98 -4.04 -2.92
N SER A 117 13.94 -3.53 -1.70
CA SER A 117 14.84 -3.97 -0.64
C SER A 117 14.58 -5.44 -0.29
N HIS A 118 13.34 -5.86 -0.42
CA HIS A 118 12.97 -7.22 -0.05
C HIS A 118 12.78 -8.08 -1.27
N SER A 119 13.22 -7.56 -2.42
CA SER A 119 13.21 -8.25 -3.68
C SER A 119 11.80 -8.76 -4.06
N PHE A 120 10.83 -7.88 -3.92
CA PHE A 120 9.48 -8.17 -4.32
C PHE A 120 9.30 -7.85 -5.78
N ARG A 121 8.13 -8.11 -6.30
CA ARG A 121 7.83 -7.83 -7.68
C ARG A 121 6.64 -6.92 -7.66
N PHE A 122 6.77 -5.76 -8.19
CA PHE A 122 5.66 -4.84 -8.23
C PHE A 122 5.63 -4.11 -9.55
N SER A 123 4.53 -3.53 -9.85
CA SER A 123 4.35 -2.76 -11.02
C SER A 123 3.22 -1.78 -10.76
N GLU A 124 3.47 -0.51 -10.97
CA GLU A 124 2.42 0.47 -10.84
C GLU A 124 1.52 0.35 -12.05
N ILE A 125 0.24 0.20 -11.78
CA ILE A 125 -0.74 0.14 -12.85
C ILE A 125 -0.78 1.50 -13.50
N LYS A 126 -1.07 2.50 -12.67
CA LYS A 126 -1.08 3.87 -12.99
C LYS A 126 -1.54 4.53 -11.66
N PRO A 127 -2.33 5.66 -11.62
CA PRO A 127 -2.37 6.61 -10.50
C PRO A 127 -1.97 6.13 -9.09
N GLY A 128 -0.67 6.10 -8.80
CA GLY A 128 -0.17 5.80 -7.46
C GLY A 128 -0.63 4.48 -6.87
N CYS A 129 -0.88 3.52 -7.70
CA CYS A 129 -1.26 2.26 -7.18
C CYS A 129 -0.33 1.15 -7.66
N LEU A 130 0.51 0.72 -6.75
CA LEU A 130 1.51 -0.27 -6.97
C LEU A 130 0.91 -1.64 -6.77
N LYS A 131 0.93 -2.43 -7.79
CA LYS A 131 0.45 -3.77 -7.70
C LYS A 131 1.62 -4.68 -7.49
N VAL A 132 1.69 -5.27 -6.34
CA VAL A 132 2.78 -6.09 -5.93
C VAL A 132 2.40 -7.51 -6.15
N MET A 133 3.27 -8.24 -6.75
CA MET A 133 3.05 -9.61 -7.01
C MET A 133 3.85 -10.38 -5.99
N LEU A 134 3.16 -11.17 -5.24
CA LEU A 134 3.72 -11.87 -4.13
C LEU A 134 4.61 -12.98 -4.58
N LYS A 135 5.61 -13.24 -3.79
CA LYS A 135 6.64 -14.18 -4.11
C LYS A 135 6.40 -15.53 -3.42
N MET A 31 -5.74 22.93 11.76
CA MET A 31 -5.32 21.79 12.50
C MET A 31 -4.91 20.64 11.58
N LYS A 32 -3.66 20.65 11.21
CA LYS A 32 -3.14 19.64 10.29
C LYS A 32 -2.73 18.38 11.04
N GLU A 33 -2.64 18.48 12.35
CA GLU A 33 -2.30 17.37 13.20
C GLU A 33 -3.50 16.41 13.22
N ALA A 34 -4.68 16.97 13.54
CA ALA A 34 -5.94 16.22 13.55
C ALA A 34 -6.23 15.65 12.15
N ASN A 35 -5.78 16.37 11.13
CA ASN A 35 -5.88 15.93 9.73
C ASN A 35 -5.21 14.58 9.53
N HIS A 36 -4.12 14.34 10.23
CA HIS A 36 -3.44 13.08 10.05
C HIS A 36 -4.23 11.96 10.71
N LEU A 37 -4.85 12.26 11.83
CA LEU A 37 -5.70 11.28 12.52
C LEU A 37 -6.93 10.98 11.66
N ALA A 38 -7.36 11.98 10.91
CA ALA A 38 -8.47 11.83 10.00
C ALA A 38 -8.11 10.83 8.89
N ALA A 39 -6.86 10.82 8.48
CA ALA A 39 -6.39 9.89 7.48
C ALA A 39 -6.41 8.47 8.03
N ILE A 40 -6.10 8.36 9.32
CA ILE A 40 -6.03 7.08 10.00
C ILE A 40 -7.41 6.45 10.15
N GLU A 41 -8.42 7.26 10.52
CA GLU A 41 -9.78 6.72 10.66
C GLU A 41 -10.31 6.24 9.32
N ILE A 42 -9.88 6.88 8.24
CA ILE A 42 -10.29 6.47 6.91
C ILE A 42 -9.61 5.17 6.58
N PHE A 43 -8.32 5.13 6.86
CA PHE A 43 -7.47 3.98 6.61
C PHE A 43 -8.01 2.70 7.23
N GLU A 44 -8.43 2.77 8.46
CA GLU A 44 -8.92 1.59 9.16
C GLU A 44 -10.24 1.07 8.58
N LYS A 45 -11.19 1.97 8.32
CA LYS A 45 -12.46 1.56 7.75
C LYS A 45 -12.35 1.18 6.29
N VAL A 46 -11.41 1.78 5.61
CA VAL A 46 -11.27 1.56 4.20
C VAL A 46 -10.68 0.17 3.91
N ASN A 47 -9.70 -0.23 4.70
CA ASN A 47 -9.04 -1.52 4.51
C ASN A 47 -9.89 -2.69 4.91
N ALA A 48 -10.91 -2.43 5.74
CA ALA A 48 -11.83 -3.46 6.22
C ALA A 48 -12.38 -4.31 5.08
N SER A 49 -12.84 -3.65 4.04
CA SER A 49 -13.41 -4.30 2.90
C SER A 49 -12.40 -4.41 1.75
N LEU A 50 -11.23 -3.84 1.95
CA LEU A 50 -10.20 -3.82 0.93
C LEU A 50 -9.13 -4.89 1.13
N LEU A 51 -8.84 -5.23 2.37
CA LEU A 51 -7.91 -6.32 2.67
C LEU A 51 -8.30 -7.64 2.01
N PRO A 52 -9.62 -8.05 2.01
CA PRO A 52 -10.07 -9.25 1.28
C PRO A 52 -9.98 -9.09 -0.26
N GLN A 53 -9.57 -7.92 -0.75
CA GLN A 53 -9.36 -7.73 -2.17
C GLN A 53 -7.86 -7.77 -2.41
N ASN A 54 -7.14 -7.99 -1.32
CA ASN A 54 -5.70 -7.90 -1.26
C ASN A 54 -5.24 -6.56 -1.71
N VAL A 55 -5.66 -5.62 -0.94
CA VAL A 55 -5.42 -4.26 -1.17
C VAL A 55 -4.87 -3.69 0.10
N LEU A 56 -3.93 -2.82 -0.05
CA LEU A 56 -3.35 -2.13 1.04
C LEU A 56 -3.42 -0.67 0.66
N ASP A 57 -4.35 0.03 1.26
CA ASP A 57 -4.57 1.41 0.93
C ASP A 57 -4.30 2.28 2.15
N LEU A 58 -3.30 3.12 2.07
CA LEU A 58 -2.90 3.97 3.18
C LEU A 58 -2.50 5.35 2.74
N HIS A 59 -3.26 5.86 1.81
CA HIS A 59 -3.04 7.19 1.31
C HIS A 59 -3.26 8.23 2.40
N GLY A 60 -2.34 9.13 2.54
CA GLY A 60 -2.45 10.17 3.53
C GLY A 60 -1.60 9.95 4.77
N LEU A 61 -1.13 8.72 4.96
CA LEU A 61 -0.29 8.42 6.13
C LEU A 61 1.13 8.86 5.89
N HIS A 62 1.93 8.81 6.93
CA HIS A 62 3.33 9.15 6.84
C HIS A 62 4.08 8.01 6.21
N VAL A 63 5.26 8.30 5.71
CA VAL A 63 6.15 7.32 5.08
C VAL A 63 6.42 6.17 6.04
N ASP A 64 6.66 6.53 7.28
CA ASP A 64 6.94 5.59 8.35
C ASP A 64 5.78 4.63 8.50
N GLU A 65 4.60 5.20 8.75
CA GLU A 65 3.37 4.45 9.00
C GLU A 65 3.01 3.59 7.82
N ALA A 66 3.06 4.18 6.64
CA ALA A 66 2.81 3.47 5.41
C ALA A 66 3.67 2.21 5.31
N LEU A 67 4.94 2.33 5.65
CA LEU A 67 5.84 1.19 5.62
C LEU A 67 5.50 0.19 6.74
N GLU A 68 5.20 0.74 7.93
CA GLU A 68 4.83 -0.06 9.11
C GLU A 68 3.65 -0.97 8.79
N HIS A 69 2.63 -0.39 8.21
CA HIS A 69 1.43 -1.12 7.87
C HIS A 69 1.65 -2.04 6.66
N LEU A 70 2.43 -1.56 5.69
CA LEU A 70 2.72 -2.31 4.47
C LEU A 70 3.40 -3.64 4.80
N MET A 71 4.47 -3.55 5.59
CA MET A 71 5.28 -4.70 5.91
C MET A 71 4.49 -5.78 6.63
N ARG A 72 3.63 -5.38 7.55
CA ARG A 72 2.90 -6.37 8.32
C ARG A 72 1.83 -7.04 7.46
N VAL A 73 1.25 -6.29 6.52
CA VAL A 73 0.24 -6.83 5.64
C VAL A 73 0.85 -7.75 4.58
N LEU A 74 1.99 -7.34 4.03
CA LEU A 74 2.66 -8.12 3.00
C LEU A 74 3.10 -9.50 3.46
N GLU A 75 3.54 -9.60 4.70
CA GLU A 75 4.07 -10.86 5.19
C GLU A 75 2.92 -11.77 5.49
N LYS A 76 1.85 -11.14 5.82
CA LYS A 76 0.65 -11.75 6.23
C LYS A 76 -0.07 -12.38 5.03
N LYS A 77 -0.22 -11.60 3.97
CA LYS A 77 -0.84 -12.11 2.76
C LYS A 77 0.01 -13.16 2.11
N THR A 78 1.33 -12.93 2.05
CA THR A 78 2.26 -13.88 1.45
C THR A 78 2.22 -15.21 2.21
N GLU A 79 2.05 -15.14 3.52
CA GLU A 79 1.94 -16.30 4.38
C GLU A 79 0.75 -17.17 3.94
N GLU A 80 -0.42 -16.55 3.85
CA GLU A 80 -1.64 -17.21 3.42
C GLU A 80 -1.55 -17.63 1.97
N PHE A 81 -0.84 -16.87 1.20
CA PHE A 81 -0.58 -17.18 -0.18
C PHE A 81 0.21 -18.48 -0.33
N LYS A 82 1.27 -18.63 0.43
CA LYS A 82 2.07 -19.83 0.31
C LYS A 82 1.54 -21.00 1.15
N GLN A 83 0.62 -20.70 2.05
CA GLN A 83 -0.06 -21.74 2.82
C GLN A 83 -1.31 -22.25 2.11
N ASN A 84 -2.20 -21.34 1.80
CA ASN A 84 -3.51 -21.68 1.25
C ASN A 84 -3.60 -21.30 -0.20
N GLY A 85 -3.03 -20.19 -0.54
CA GLY A 85 -3.09 -19.73 -1.88
C GLY A 85 -4.21 -18.78 -2.09
N GLY A 86 -4.15 -17.66 -1.42
CA GLY A 86 -5.12 -16.61 -1.63
C GLY A 86 -4.80 -15.80 -2.87
N LYS A 87 -4.61 -14.52 -2.73
CA LYS A 87 -4.24 -13.70 -3.85
C LYS A 87 -2.74 -13.61 -3.94
N PRO A 88 -2.18 -13.88 -5.11
CA PRO A 88 -0.74 -13.80 -5.36
C PRO A 88 -0.27 -12.36 -5.61
N TYR A 89 -1.01 -11.40 -5.09
CA TYR A 89 -0.72 -10.01 -5.31
C TYR A 89 -1.38 -9.16 -4.23
N LEU A 90 -0.95 -7.94 -4.17
CA LEU A 90 -1.62 -6.89 -3.43
C LEU A 90 -1.62 -5.63 -4.23
N SER A 91 -2.66 -4.88 -4.12
CA SER A 91 -2.72 -3.61 -4.75
C SER A 91 -2.52 -2.54 -3.67
N VAL A 92 -1.43 -1.83 -3.75
CA VAL A 92 -1.10 -0.80 -2.81
C VAL A 92 -1.52 0.54 -3.36
N ILE A 93 -2.35 1.22 -2.65
CA ILE A 93 -2.79 2.54 -3.03
C ILE A 93 -2.07 3.53 -2.16
N THR A 94 -1.20 4.31 -2.75
CA THR A 94 -0.49 5.29 -1.99
C THR A 94 -1.21 6.62 -2.08
N GLY A 95 -2.15 6.69 -3.01
CA GLY A 95 -2.92 7.86 -3.17
C GLY A 95 -2.88 8.34 -4.56
N ARG A 96 -3.22 9.57 -4.76
CA ARG A 96 -3.21 10.14 -6.07
C ARG A 96 -1.80 10.61 -6.43
N GLY A 97 -1.02 9.70 -6.92
CA GLY A 97 0.31 9.99 -7.30
C GLY A 97 0.33 10.35 -8.74
N ASN A 98 0.83 11.52 -9.03
CA ASN A 98 0.96 12.03 -10.41
C ASN A 98 1.68 11.00 -11.26
N HIS A 99 0.94 10.34 -12.12
CA HIS A 99 1.44 9.21 -12.87
C HIS A 99 2.53 9.62 -13.85
N SER A 100 2.34 10.75 -14.52
CA SER A 100 3.32 11.22 -15.49
C SER A 100 4.64 11.59 -14.79
N GLN A 101 4.50 12.42 -13.76
CA GLN A 101 5.60 12.93 -12.95
C GLN A 101 6.39 11.80 -12.29
N GLY A 102 5.67 10.95 -11.61
CA GLY A 102 6.27 9.92 -10.82
C GLY A 102 5.43 9.72 -9.62
N GLY A 103 5.01 10.84 -9.05
CA GLY A 103 4.09 10.79 -7.95
C GLY A 103 4.73 11.02 -6.63
N VAL A 104 5.07 12.26 -6.33
CA VAL A 104 5.62 12.55 -5.03
C VAL A 104 4.51 12.65 -3.97
N ALA A 105 4.00 11.50 -3.62
CA ALA A 105 3.02 11.36 -2.56
C ALA A 105 3.73 10.97 -1.30
N ARG A 106 5.06 10.81 -1.44
CA ARG A 106 6.03 10.45 -0.36
C ARG A 106 5.95 8.99 -0.01
N ILE A 107 4.76 8.51 0.08
CA ILE A 107 4.47 7.13 0.37
C ILE A 107 4.95 6.24 -0.77
N LYS A 108 4.64 6.64 -2.01
CA LYS A 108 4.98 5.85 -3.18
C LYS A 108 6.49 5.58 -3.29
N PRO A 109 7.39 6.62 -3.32
CA PRO A 109 8.83 6.40 -3.41
C PRO A 109 9.36 5.52 -2.26
N ALA A 110 8.71 5.60 -1.10
CA ALA A 110 9.11 4.86 0.07
C ALA A 110 8.69 3.41 -0.04
N VAL A 111 7.48 3.20 -0.51
CA VAL A 111 6.95 1.88 -0.71
C VAL A 111 7.74 1.13 -1.77
N ILE A 112 8.02 1.80 -2.90
CA ILE A 112 8.81 1.21 -3.99
C ILE A 112 10.13 0.64 -3.45
N LYS A 113 10.79 1.44 -2.62
CA LYS A 113 12.00 1.19 -1.99
C LYS A 113 11.93 -0.08 -1.12
N TYR A 114 10.78 -0.29 -0.50
CA TYR A 114 10.56 -1.44 0.32
C TYR A 114 10.51 -2.68 -0.55
N LEU A 115 9.72 -2.62 -1.61
CA LEU A 115 9.53 -3.76 -2.48
C LEU A 115 10.81 -4.19 -3.15
N ILE A 116 11.52 -3.24 -3.72
CA ILE A 116 12.77 -3.52 -4.41
C ILE A 116 13.84 -4.09 -3.51
N SER A 117 13.87 -3.66 -2.27
CA SER A 117 14.85 -4.13 -1.32
C SER A 117 14.62 -5.61 -1.02
N HIS A 118 13.38 -6.02 -1.03
CA HIS A 118 13.01 -7.38 -0.66
C HIS A 118 12.80 -8.25 -1.88
N SER A 119 13.18 -7.72 -3.05
CA SER A 119 13.14 -8.44 -4.32
C SER A 119 11.68 -8.81 -4.69
N PHE A 120 10.75 -7.94 -4.36
CA PHE A 120 9.37 -8.17 -4.75
C PHE A 120 9.19 -7.84 -6.21
N ARG A 121 8.12 -8.31 -6.79
CA ARG A 121 7.84 -7.99 -8.16
C ARG A 121 6.61 -7.15 -8.12
N PHE A 122 6.68 -5.94 -8.53
CA PHE A 122 5.52 -5.08 -8.52
C PHE A 122 5.48 -4.26 -9.79
N SER A 123 4.33 -3.74 -10.09
CA SER A 123 4.15 -2.89 -11.21
C SER A 123 3.03 -1.94 -10.89
N GLU A 124 3.22 -0.67 -11.18
CA GLU A 124 2.20 0.33 -10.94
C GLU A 124 1.08 0.18 -11.96
N ILE A 125 -0.14 0.28 -11.46
CA ILE A 125 -1.32 0.25 -12.27
C ILE A 125 -1.35 1.50 -13.13
N LYS A 126 -1.63 2.62 -12.48
CA LYS A 126 -1.66 3.92 -13.03
C LYS A 126 -1.49 4.80 -11.75
N PRO A 127 -1.98 6.08 -11.62
CA PRO A 127 -1.55 7.04 -10.57
C PRO A 127 -1.22 6.49 -9.16
N GLY A 128 0.03 6.18 -8.92
CA GLY A 128 0.51 5.87 -7.59
C GLY A 128 -0.06 4.62 -6.97
N CYS A 129 -0.57 3.74 -7.77
CA CYS A 129 -1.06 2.52 -7.23
C CYS A 129 -0.20 1.36 -7.71
N LEU A 130 0.60 0.87 -6.80
CA LEU A 130 1.55 -0.18 -7.05
C LEU A 130 0.90 -1.54 -6.84
N LYS A 131 0.90 -2.35 -7.83
CA LYS A 131 0.37 -3.67 -7.70
C LYS A 131 1.55 -4.61 -7.50
N VAL A 132 1.67 -5.11 -6.32
CA VAL A 132 2.76 -5.93 -5.92
C VAL A 132 2.38 -7.40 -6.11
N MET A 133 3.24 -8.12 -6.74
CA MET A 133 3.09 -9.52 -6.92
C MET A 133 3.85 -10.23 -5.85
N LEU A 134 3.17 -11.09 -5.19
CA LEU A 134 3.75 -11.80 -4.07
C LEU A 134 4.74 -12.84 -4.54
N LYS A 135 5.76 -13.03 -3.75
CA LYS A 135 6.83 -13.92 -4.06
C LYS A 135 6.59 -15.29 -3.48
N MET A 31 -5.09 21.71 14.67
CA MET A 31 -4.36 20.51 15.11
C MET A 31 -4.00 19.59 13.94
N LYS A 32 -2.71 19.48 13.65
CA LYS A 32 -2.30 18.62 12.55
C LYS A 32 -2.34 17.18 12.98
N GLU A 33 -2.19 16.96 14.26
CA GLU A 33 -2.30 15.64 14.85
C GLU A 33 -3.70 15.09 14.67
N ALA A 34 -4.68 15.97 14.76
CA ALA A 34 -6.07 15.59 14.57
C ALA A 34 -6.29 15.16 13.13
N ASN A 35 -5.78 15.96 12.19
CA ASN A 35 -5.89 15.67 10.76
C ASN A 35 -5.13 14.38 10.43
N HIS A 36 -4.04 14.17 11.15
CA HIS A 36 -3.24 12.96 11.04
C HIS A 36 -4.04 11.74 11.48
N LEU A 37 -4.68 11.83 12.62
CA LEU A 37 -5.44 10.71 13.13
C LEU A 37 -6.67 10.48 12.26
N ALA A 38 -7.11 11.55 11.63
CA ALA A 38 -8.21 11.52 10.69
C ALA A 38 -7.82 10.77 9.40
N ALA A 39 -6.53 10.52 9.20
CA ALA A 39 -6.06 9.75 8.05
C ALA A 39 -6.09 8.27 8.39
N ILE A 40 -5.76 7.93 9.64
CA ILE A 40 -5.75 6.54 10.07
C ILE A 40 -7.16 5.95 10.08
N GLU A 41 -8.15 6.75 10.49
CA GLU A 41 -9.54 6.29 10.49
C GLU A 41 -10.01 5.96 9.07
N ILE A 42 -9.45 6.68 8.09
CA ILE A 42 -9.74 6.43 6.70
C ILE A 42 -9.15 5.08 6.33
N PHE A 43 -7.89 4.93 6.64
CA PHE A 43 -7.16 3.70 6.38
C PHE A 43 -7.85 2.49 6.99
N GLU A 44 -8.30 2.62 8.22
CA GLU A 44 -8.97 1.52 8.90
C GLU A 44 -10.29 1.13 8.24
N LYS A 45 -11.10 2.11 7.84
CA LYS A 45 -12.39 1.79 7.20
C LYS A 45 -12.16 1.21 5.83
N VAL A 46 -11.15 1.73 5.18
CA VAL A 46 -10.79 1.29 3.89
C VAL A 46 -10.24 -0.13 3.94
N ASN A 47 -9.25 -0.37 4.78
CA ASN A 47 -8.63 -1.69 4.85
C ASN A 47 -9.61 -2.76 5.33
N ALA A 48 -10.65 -2.35 6.04
CA ALA A 48 -11.67 -3.27 6.53
C ALA A 48 -12.30 -4.04 5.37
N SER A 49 -12.56 -3.36 4.29
CA SER A 49 -13.13 -3.98 3.13
C SER A 49 -12.09 -4.23 2.03
N LEU A 50 -11.11 -3.36 1.94
CA LEU A 50 -10.09 -3.44 0.89
C LEU A 50 -9.02 -4.50 1.14
N LEU A 51 -8.59 -4.64 2.37
CA LEU A 51 -7.49 -5.56 2.69
C LEU A 51 -7.82 -7.04 2.36
N PRO A 52 -9.04 -7.57 2.70
CA PRO A 52 -9.44 -8.94 2.33
C PRO A 52 -9.62 -9.14 0.81
N GLN A 53 -9.29 -8.12 0.02
CA GLN A 53 -9.35 -8.22 -1.41
C GLN A 53 -7.94 -8.23 -1.98
N ASN A 54 -6.95 -8.46 -1.08
CA ASN A 54 -5.52 -8.44 -1.47
C ASN A 54 -5.12 -7.06 -1.90
N VAL A 55 -5.68 -6.11 -1.22
CA VAL A 55 -5.42 -4.73 -1.43
C VAL A 55 -4.90 -4.13 -0.17
N LEU A 56 -3.91 -3.34 -0.30
CA LEU A 56 -3.40 -2.63 0.80
C LEU A 56 -3.46 -1.17 0.40
N ASP A 57 -4.43 -0.48 0.92
CA ASP A 57 -4.62 0.90 0.58
C ASP A 57 -4.33 1.72 1.81
N LEU A 58 -3.41 2.66 1.74
CA LEU A 58 -3.05 3.48 2.88
C LEU A 58 -2.76 4.91 2.49
N HIS A 59 -3.49 5.40 1.53
CA HIS A 59 -3.29 6.76 1.07
C HIS A 59 -3.63 7.75 2.17
N GLY A 60 -2.70 8.60 2.47
CA GLY A 60 -2.90 9.60 3.51
C GLY A 60 -1.94 9.42 4.68
N LEU A 61 -1.38 8.23 4.81
CA LEU A 61 -0.40 7.96 5.88
C LEU A 61 0.94 8.66 5.61
N HIS A 62 1.81 8.64 6.60
CA HIS A 62 3.17 9.16 6.44
C HIS A 62 4.06 8.05 5.99
N VAL A 63 5.24 8.39 5.49
CA VAL A 63 6.23 7.42 5.03
C VAL A 63 6.47 6.36 6.08
N ASP A 64 6.74 6.83 7.28
CA ASP A 64 7.06 6.01 8.44
C ASP A 64 5.96 5.01 8.71
N GLU A 65 4.75 5.54 8.85
CA GLU A 65 3.58 4.76 9.19
C GLU A 65 3.21 3.79 8.11
N ALA A 66 3.11 4.28 6.89
CA ALA A 66 2.75 3.47 5.74
C ALA A 66 3.65 2.26 5.62
N LEU A 67 4.95 2.45 5.82
CA LEU A 67 5.89 1.33 5.74
C LEU A 67 5.58 0.28 6.81
N GLU A 68 5.31 0.72 8.03
CA GLU A 68 4.98 -0.18 9.15
C GLU A 68 3.75 -1.02 8.83
N HIS A 69 2.71 -0.34 8.38
CA HIS A 69 1.45 -1.00 8.05
C HIS A 69 1.59 -1.92 6.85
N LEU A 70 2.34 -1.47 5.86
CA LEU A 70 2.54 -2.21 4.62
C LEU A 70 3.31 -3.50 4.86
N MET A 71 4.43 -3.39 5.55
CA MET A 71 5.35 -4.52 5.74
C MET A 71 4.68 -5.69 6.44
N ARG A 72 3.85 -5.40 7.43
CA ARG A 72 3.22 -6.44 8.21
C ARG A 72 2.19 -7.19 7.36
N VAL A 73 1.48 -6.48 6.52
CA VAL A 73 0.48 -7.08 5.67
C VAL A 73 1.11 -7.85 4.52
N LEU A 74 2.14 -7.27 3.93
CA LEU A 74 2.81 -7.85 2.77
C LEU A 74 3.37 -9.21 3.10
N GLU A 75 4.03 -9.32 4.24
CA GLU A 75 4.61 -10.59 4.62
C GLU A 75 3.53 -11.64 4.87
N LYS A 76 2.46 -11.24 5.56
CA LYS A 76 1.43 -12.18 5.93
C LYS A 76 0.61 -12.60 4.73
N LYS A 77 0.35 -11.68 3.81
CA LYS A 77 -0.43 -12.01 2.63
C LYS A 77 0.34 -12.90 1.67
N THR A 78 1.67 -12.75 1.65
CA THR A 78 2.51 -13.64 0.86
C THR A 78 2.36 -15.07 1.40
N GLU A 79 2.27 -15.17 2.70
CA GLU A 79 2.04 -16.42 3.36
C GLU A 79 0.60 -16.91 3.16
N GLU A 80 -0.38 -16.01 3.30
CA GLU A 80 -1.82 -16.32 3.06
C GLU A 80 -2.02 -16.89 1.66
N PHE A 81 -1.30 -16.34 0.71
CA PHE A 81 -1.31 -16.76 -0.68
C PHE A 81 -1.00 -18.25 -0.83
N LYS A 82 0.05 -18.70 -0.18
CA LYS A 82 0.47 -20.08 -0.29
C LYS A 82 -0.18 -21.00 0.77
N GLN A 83 -0.54 -20.44 1.90
CA GLN A 83 -1.14 -21.21 2.99
C GLN A 83 -2.65 -21.36 2.80
N ASN A 84 -3.34 -20.24 2.70
CA ASN A 84 -4.79 -20.26 2.64
C ASN A 84 -5.29 -20.17 1.22
N GLY A 85 -4.42 -19.81 0.32
CA GLY A 85 -4.77 -19.75 -1.07
C GLY A 85 -5.33 -18.41 -1.47
N GLY A 86 -4.69 -17.34 -1.02
CA GLY A 86 -5.13 -16.00 -1.39
C GLY A 86 -4.62 -15.58 -2.77
N LYS A 87 -4.87 -14.32 -3.15
CA LYS A 87 -4.43 -13.81 -4.45
C LYS A 87 -2.91 -13.72 -4.49
N PRO A 88 -2.31 -13.99 -5.64
CA PRO A 88 -0.85 -13.95 -5.84
C PRO A 88 -0.28 -12.53 -5.97
N TYR A 89 -1.03 -11.55 -5.55
CA TYR A 89 -0.61 -10.18 -5.71
C TYR A 89 -1.22 -9.31 -4.64
N LEU A 90 -0.66 -8.15 -4.48
CA LEU A 90 -1.16 -7.14 -3.57
C LEU A 90 -1.16 -5.82 -4.27
N SER A 91 -2.29 -5.21 -4.35
CA SER A 91 -2.41 -3.91 -4.93
C SER A 91 -2.29 -2.87 -3.82
N VAL A 92 -1.18 -2.15 -3.81
CA VAL A 92 -0.91 -1.15 -2.81
C VAL A 92 -1.29 0.23 -3.35
N ILE A 93 -2.28 0.84 -2.76
CA ILE A 93 -2.71 2.15 -3.20
C ILE A 93 -2.07 3.20 -2.30
N THR A 94 -1.16 3.97 -2.86
CA THR A 94 -0.56 5.03 -2.11
C THR A 94 -1.30 6.33 -2.38
N GLY A 95 -2.07 6.34 -3.47
CA GLY A 95 -2.85 7.50 -3.82
C GLY A 95 -2.01 8.61 -4.43
N ARG A 96 -0.87 8.24 -5.00
CA ARG A 96 0.00 9.21 -5.66
C ARG A 96 -0.64 9.63 -6.95
N GLY A 97 -0.92 10.90 -7.08
CA GLY A 97 -1.60 11.37 -8.24
C GLY A 97 -2.99 10.84 -8.22
N ASN A 98 -3.64 11.05 -7.07
CA ASN A 98 -5.00 10.54 -6.75
C ASN A 98 -5.92 10.44 -7.97
N HIS A 99 -6.21 9.19 -8.30
CA HIS A 99 -6.99 8.79 -9.46
C HIS A 99 -6.28 9.15 -10.77
N SER A 100 -6.44 10.37 -11.19
CA SER A 100 -5.83 10.87 -12.41
C SER A 100 -5.83 12.37 -12.36
N GLN A 101 -4.72 12.91 -11.94
CA GLN A 101 -4.52 14.33 -11.84
C GLN A 101 -3.07 14.58 -11.45
N GLY A 102 -2.80 14.47 -10.18
CA GLY A 102 -1.51 14.72 -9.66
C GLY A 102 -1.59 14.80 -8.17
N GLY A 103 -0.50 15.07 -7.54
CA GLY A 103 -0.46 15.14 -6.10
C GLY A 103 0.75 14.42 -5.58
N VAL A 104 1.36 14.99 -4.57
CA VAL A 104 2.56 14.43 -4.00
C VAL A 104 2.20 13.41 -2.97
N ALA A 105 2.64 12.23 -3.18
CA ALA A 105 2.46 11.18 -2.24
C ALA A 105 3.77 10.48 -2.01
N ARG A 106 4.47 10.94 -0.99
CA ARG A 106 5.79 10.42 -0.56
C ARG A 106 5.74 8.96 -0.16
N ILE A 107 4.55 8.46 -0.01
CA ILE A 107 4.32 7.08 0.31
C ILE A 107 4.84 6.20 -0.83
N LYS A 108 4.58 6.62 -2.07
CA LYS A 108 4.97 5.82 -3.23
C LYS A 108 6.49 5.61 -3.31
N PRO A 109 7.34 6.70 -3.37
CA PRO A 109 8.80 6.55 -3.40
C PRO A 109 9.35 5.75 -2.21
N ALA A 110 8.69 5.86 -1.07
CA ALA A 110 9.08 5.16 0.13
C ALA A 110 8.81 3.68 0.00
N VAL A 111 7.60 3.36 -0.42
CA VAL A 111 7.18 1.99 -0.58
C VAL A 111 7.97 1.31 -1.70
N ILE A 112 8.21 2.01 -2.81
CA ILE A 112 9.00 1.46 -3.93
C ILE A 112 10.37 0.95 -3.45
N LYS A 113 11.01 1.74 -2.59
CA LYS A 113 12.26 1.45 -2.05
C LYS A 113 12.18 0.23 -1.12
N TYR A 114 11.05 0.04 -0.49
CA TYR A 114 10.82 -1.09 0.38
C TYR A 114 10.79 -2.39 -0.44
N LEU A 115 10.02 -2.39 -1.52
CA LEU A 115 9.85 -3.57 -2.37
C LEU A 115 11.16 -4.03 -2.96
N ILE A 116 11.89 -3.11 -3.56
CA ILE A 116 13.15 -3.43 -4.23
C ILE A 116 14.19 -3.95 -3.25
N SER A 117 14.16 -3.44 -2.05
CA SER A 117 15.09 -3.83 -1.03
C SER A 117 14.81 -5.25 -0.52
N HIS A 118 13.64 -5.75 -0.79
CA HIS A 118 13.27 -7.10 -0.39
C HIS A 118 13.15 -8.01 -1.60
N SER A 119 13.57 -7.49 -2.76
CA SER A 119 13.60 -8.21 -4.02
C SER A 119 12.17 -8.61 -4.50
N PHE A 120 11.18 -7.77 -4.21
CA PHE A 120 9.82 -8.02 -4.67
C PHE A 120 9.64 -7.63 -6.13
N ARG A 121 8.48 -7.91 -6.68
CA ARG A 121 8.19 -7.54 -8.05
C ARG A 121 6.92 -6.73 -8.04
N PHE A 122 7.00 -5.51 -8.45
CA PHE A 122 5.84 -4.63 -8.44
C PHE A 122 5.80 -3.77 -9.69
N SER A 123 4.65 -3.28 -10.01
CA SER A 123 4.47 -2.40 -11.10
C SER A 123 3.28 -1.50 -10.78
N GLU A 124 3.42 -0.23 -11.02
CA GLU A 124 2.34 0.70 -10.80
C GLU A 124 1.38 0.64 -11.95
N ILE A 125 0.13 0.42 -11.66
CA ILE A 125 -0.90 0.41 -12.68
C ILE A 125 -1.15 1.84 -13.11
N LYS A 126 -1.59 2.61 -12.15
CA LYS A 126 -1.91 3.99 -12.25
C LYS A 126 -2.23 4.41 -10.77
N PRO A 127 -3.19 5.34 -10.42
CA PRO A 127 -3.23 6.16 -9.16
C PRO A 127 -2.19 5.88 -8.02
N GLY A 128 -0.90 5.77 -8.35
CA GLY A 128 0.11 5.48 -7.35
C GLY A 128 -0.12 4.12 -6.73
N CYS A 129 -0.69 3.25 -7.49
CA CYS A 129 -1.01 1.94 -7.04
C CYS A 129 0.00 0.95 -7.54
N LEU A 130 0.82 0.50 -6.64
CA LEU A 130 1.86 -0.44 -6.91
C LEU A 130 1.28 -1.83 -6.77
N LYS A 131 1.21 -2.54 -7.85
CA LYS A 131 0.73 -3.87 -7.83
C LYS A 131 1.93 -4.79 -7.64
N VAL A 132 2.00 -5.36 -6.49
CA VAL A 132 3.10 -6.20 -6.10
C VAL A 132 2.71 -7.65 -6.33
N MET A 133 3.60 -8.41 -6.88
CA MET A 133 3.40 -9.81 -7.07
C MET A 133 4.05 -10.56 -5.94
N LEU A 134 3.39 -11.57 -5.49
CA LEU A 134 3.82 -12.31 -4.32
C LEU A 134 4.72 -13.47 -4.71
N LYS A 135 5.58 -13.82 -3.80
CA LYS A 135 6.57 -14.82 -4.02
C LYS A 135 6.32 -16.07 -3.17
N MET A 31 -1.25 21.36 9.27
CA MET A 31 -1.08 20.21 10.15
C MET A 31 -1.04 18.83 9.51
N LYS A 32 0.15 18.25 9.46
CA LYS A 32 0.29 16.89 9.02
C LYS A 32 -0.48 15.96 9.93
N GLU A 33 -0.55 16.31 11.21
CA GLU A 33 -1.28 15.52 12.19
C GLU A 33 -2.79 15.49 11.91
N ALA A 34 -3.31 16.60 11.39
CA ALA A 34 -4.74 16.69 11.08
C ALA A 34 -5.02 15.81 9.88
N ASN A 35 -4.20 15.95 8.86
CA ASN A 35 -4.30 15.13 7.65
C ASN A 35 -4.07 13.66 7.99
N HIS A 36 -3.22 13.42 8.98
CA HIS A 36 -2.92 12.10 9.50
C HIS A 36 -4.18 11.44 10.05
N LEU A 37 -4.84 12.11 10.98
CA LEU A 37 -6.03 11.54 11.62
C LEU A 37 -7.14 11.38 10.59
N ALA A 38 -7.19 12.32 9.67
CA ALA A 38 -8.16 12.30 8.58
C ALA A 38 -7.86 11.18 7.58
N ALA A 39 -6.66 10.65 7.63
CA ALA A 39 -6.28 9.54 6.78
C ALA A 39 -6.50 8.23 7.49
N ILE A 40 -6.26 8.22 8.81
CA ILE A 40 -6.44 7.01 9.63
C ILE A 40 -7.88 6.55 9.54
N GLU A 41 -8.80 7.50 9.65
CA GLU A 41 -10.22 7.21 9.60
C GLU A 41 -10.61 6.61 8.23
N ILE A 42 -9.88 6.97 7.20
CA ILE A 42 -10.12 6.45 5.88
C ILE A 42 -9.57 5.03 5.82
N PHE A 43 -8.33 4.89 6.26
CA PHE A 43 -7.59 3.63 6.29
C PHE A 43 -8.38 2.55 7.06
N GLU A 44 -8.98 2.95 8.19
CA GLU A 44 -9.74 2.04 9.00
C GLU A 44 -10.95 1.49 8.24
N LYS A 45 -11.74 2.37 7.65
CA LYS A 45 -12.91 1.93 6.92
C LYS A 45 -12.56 1.20 5.60
N VAL A 46 -11.52 1.67 4.90
CA VAL A 46 -11.16 1.08 3.62
C VAL A 46 -10.59 -0.34 3.73
N ASN A 47 -9.52 -0.51 4.50
CA ASN A 47 -8.83 -1.82 4.60
C ASN A 47 -9.68 -2.89 5.20
N ALA A 48 -10.70 -2.48 5.95
CA ALA A 48 -11.65 -3.40 6.52
C ALA A 48 -12.26 -4.27 5.43
N SER A 49 -12.60 -3.66 4.31
CA SER A 49 -13.21 -4.38 3.23
C SER A 49 -12.24 -4.57 2.04
N LEU A 50 -11.14 -3.86 2.05
CA LEU A 50 -10.19 -3.93 0.93
C LEU A 50 -9.11 -5.01 1.14
N LEU A 51 -8.69 -5.25 2.37
CA LEU A 51 -7.67 -6.27 2.61
C LEU A 51 -8.00 -7.68 2.08
N PRO A 52 -9.29 -8.18 2.20
CA PRO A 52 -9.67 -9.47 1.62
C PRO A 52 -9.49 -9.57 0.09
N GLN A 53 -9.29 -8.45 -0.63
CA GLN A 53 -9.11 -8.54 -2.07
C GLN A 53 -7.63 -8.43 -2.42
N ASN A 54 -6.81 -8.41 -1.37
CA ASN A 54 -5.36 -8.18 -1.45
C ASN A 54 -5.06 -6.76 -1.81
N VAL A 55 -5.70 -5.89 -1.11
CA VAL A 55 -5.52 -4.49 -1.30
C VAL A 55 -5.15 -3.89 0.00
N LEU A 56 -4.04 -3.25 0.00
CA LEU A 56 -3.50 -2.61 1.13
C LEU A 56 -3.38 -1.14 0.78
N ASP A 57 -4.32 -0.37 1.29
CA ASP A 57 -4.41 1.03 0.95
C ASP A 57 -4.19 1.87 2.19
N LEU A 58 -3.35 2.87 2.06
CA LEU A 58 -3.06 3.77 3.12
C LEU A 58 -2.81 5.17 2.63
N HIS A 59 -3.52 5.55 1.59
CA HIS A 59 -3.34 6.87 1.03
C HIS A 59 -3.63 7.97 2.05
N GLY A 60 -2.63 8.76 2.30
CA GLY A 60 -2.73 9.84 3.25
C GLY A 60 -1.91 9.62 4.51
N LEU A 61 -1.44 8.39 4.70
CA LEU A 61 -0.58 8.04 5.84
C LEU A 61 0.80 8.65 5.70
N HIS A 62 1.54 8.62 6.79
CA HIS A 62 2.91 9.07 6.76
C HIS A 62 3.77 7.95 6.22
N VAL A 63 4.94 8.29 5.72
CA VAL A 63 5.86 7.31 5.14
C VAL A 63 6.18 6.21 6.14
N ASP A 64 6.44 6.60 7.36
CA ASP A 64 6.75 5.67 8.44
C ASP A 64 5.60 4.70 8.66
N GLU A 65 4.40 5.24 8.75
CA GLU A 65 3.19 4.48 8.95
C GLU A 65 2.88 3.58 7.78
N ALA A 66 2.84 4.15 6.58
CA ALA A 66 2.60 3.43 5.36
C ALA A 66 3.52 2.22 5.25
N LEU A 67 4.78 2.39 5.61
CA LEU A 67 5.72 1.30 5.56
C LEU A 67 5.47 0.27 6.66
N GLU A 68 5.13 0.71 7.87
CA GLU A 68 4.90 -0.22 8.97
C GLU A 68 3.62 -1.04 8.73
N HIS A 69 2.64 -0.41 8.08
CA HIS A 69 1.42 -1.09 7.69
C HIS A 69 1.71 -2.08 6.58
N LEU A 70 2.50 -1.63 5.63
CA LEU A 70 2.86 -2.41 4.46
C LEU A 70 3.65 -3.64 4.82
N MET A 71 4.68 -3.47 5.63
CA MET A 71 5.59 -4.56 5.97
C MET A 71 4.88 -5.73 6.63
N ARG A 72 3.96 -5.44 7.52
CA ARG A 72 3.26 -6.50 8.23
C ARG A 72 2.23 -7.15 7.33
N VAL A 73 1.59 -6.35 6.51
CA VAL A 73 0.59 -6.86 5.63
C VAL A 73 1.21 -7.69 4.52
N LEU A 74 2.39 -7.29 4.05
CA LEU A 74 3.11 -8.00 3.06
C LEU A 74 3.34 -9.44 3.50
N GLU A 75 3.87 -9.60 4.69
CA GLU A 75 4.25 -10.90 5.17
C GLU A 75 3.04 -11.77 5.50
N LYS A 76 2.02 -11.20 6.13
CA LYS A 76 0.85 -11.98 6.50
C LYS A 76 0.10 -12.41 5.24
N LYS A 77 0.06 -11.54 4.24
CA LYS A 77 -0.69 -11.80 3.06
C LYS A 77 0.05 -12.79 2.17
N THR A 78 1.38 -12.69 2.16
CA THR A 78 2.19 -13.64 1.43
C THR A 78 2.05 -15.03 2.07
N GLU A 79 1.83 -15.04 3.37
CA GLU A 79 1.63 -16.26 4.10
C GLU A 79 0.26 -16.83 3.69
N GLU A 80 -0.78 -15.99 3.74
CA GLU A 80 -2.14 -16.36 3.31
C GLU A 80 -2.13 -16.82 1.86
N PHE A 81 -1.32 -16.19 1.05
CA PHE A 81 -1.13 -16.54 -0.35
C PHE A 81 -0.72 -17.99 -0.53
N LYS A 82 0.34 -18.40 0.13
CA LYS A 82 0.84 -19.75 -0.02
C LYS A 82 0.10 -20.75 0.86
N GLN A 83 -0.33 -20.33 2.02
CA GLN A 83 -1.03 -21.19 2.94
C GLN A 83 -2.50 -21.37 2.60
N ASN A 84 -3.23 -20.30 2.49
CA ASN A 84 -4.68 -20.40 2.28
C ASN A 84 -5.06 -20.33 0.82
N GLY A 85 -4.37 -19.51 0.09
CA GLY A 85 -4.65 -19.37 -1.32
C GLY A 85 -5.24 -18.04 -1.65
N GLY A 86 -4.56 -17.00 -1.22
CA GLY A 86 -4.97 -15.65 -1.53
C GLY A 86 -4.45 -15.23 -2.90
N LYS A 87 -4.51 -13.95 -3.20
CA LYS A 87 -3.98 -13.47 -4.45
C LYS A 87 -2.46 -13.59 -4.51
N PRO A 88 -1.92 -13.87 -5.70
CA PRO A 88 -0.48 -13.98 -5.92
C PRO A 88 0.20 -12.60 -6.02
N TYR A 89 -0.55 -11.57 -5.69
CA TYR A 89 -0.10 -10.21 -5.79
C TYR A 89 -0.67 -9.39 -4.66
N LEU A 90 -0.15 -8.22 -4.47
CA LEU A 90 -0.67 -7.31 -3.50
C LEU A 90 -0.86 -5.97 -4.18
N SER A 91 -2.04 -5.45 -4.13
CA SER A 91 -2.31 -4.17 -4.70
C SER A 91 -2.22 -3.13 -3.61
N VAL A 92 -1.17 -2.35 -3.64
CA VAL A 92 -0.93 -1.32 -2.66
C VAL A 92 -1.35 0.01 -3.22
N ILE A 93 -2.10 0.75 -2.47
CA ILE A 93 -2.51 2.08 -2.89
C ILE A 93 -1.83 3.07 -1.97
N THR A 94 -0.89 3.81 -2.49
CA THR A 94 -0.25 4.82 -1.71
C THR A 94 -1.02 6.10 -1.86
N GLY A 95 -1.68 6.22 -3.04
CA GLY A 95 -2.51 7.36 -3.36
C GLY A 95 -1.83 8.69 -3.21
N ARG A 96 -2.65 9.73 -3.06
CA ARG A 96 -2.24 11.15 -2.90
C ARG A 96 -1.59 11.71 -4.17
N GLY A 97 -0.70 10.97 -4.75
CA GLY A 97 -0.07 11.34 -5.96
C GLY A 97 -0.90 10.92 -7.13
N ASN A 98 -1.91 11.71 -7.43
CA ASN A 98 -2.80 11.42 -8.54
C ASN A 98 -2.02 11.51 -9.82
N HIS A 99 -2.29 10.57 -10.72
CA HIS A 99 -1.51 10.29 -11.92
C HIS A 99 -1.09 11.54 -12.70
N SER A 100 -1.98 12.48 -12.87
CA SER A 100 -1.64 13.66 -13.63
C SER A 100 -1.90 14.93 -12.80
N GLN A 101 -1.85 14.82 -11.49
CA GLN A 101 -2.07 15.98 -10.67
C GLN A 101 -0.86 16.28 -9.80
N GLY A 102 -0.25 15.25 -9.24
CA GLY A 102 0.94 15.44 -8.44
C GLY A 102 0.64 15.32 -6.96
N GLY A 103 0.92 16.36 -6.20
CA GLY A 103 0.67 16.33 -4.78
C GLY A 103 1.83 15.76 -4.02
N VAL A 104 1.69 15.64 -2.73
CA VAL A 104 2.74 15.07 -1.89
C VAL A 104 2.82 13.54 -2.03
N ALA A 105 3.52 13.09 -3.02
CA ALA A 105 3.67 11.69 -3.25
C ALA A 105 4.98 11.19 -2.69
N ARG A 106 5.02 11.04 -1.38
CA ARG A 106 6.21 10.51 -0.72
C ARG A 106 6.00 9.10 -0.23
N ILE A 107 4.75 8.70 -0.20
CA ILE A 107 4.40 7.35 0.20
C ILE A 107 4.82 6.38 -0.90
N LYS A 108 4.55 6.78 -2.13
CA LYS A 108 4.84 5.99 -3.32
C LYS A 108 6.34 5.60 -3.40
N PRO A 109 7.30 6.57 -3.40
CA PRO A 109 8.73 6.24 -3.47
C PRO A 109 9.19 5.40 -2.27
N ALA A 110 8.55 5.61 -1.12
CA ALA A 110 8.88 4.89 0.09
C ALA A 110 8.50 3.44 -0.04
N VAL A 111 7.32 3.21 -0.57
CA VAL A 111 6.82 1.88 -0.79
C VAL A 111 7.63 1.19 -1.88
N ILE A 112 7.92 1.89 -2.97
CA ILE A 112 8.73 1.33 -4.06
C ILE A 112 10.06 0.78 -3.51
N LYS A 113 10.72 1.61 -2.71
CA LYS A 113 11.95 1.33 -2.03
C LYS A 113 11.85 0.03 -1.21
N TYR A 114 10.72 -0.15 -0.57
CA TYR A 114 10.49 -1.32 0.26
C TYR A 114 10.44 -2.58 -0.59
N LEU A 115 9.71 -2.51 -1.67
CA LEU A 115 9.55 -3.65 -2.55
C LEU A 115 10.86 -4.05 -3.21
N ILE A 116 11.56 -3.06 -3.74
CA ILE A 116 12.84 -3.30 -4.41
C ILE A 116 13.89 -3.84 -3.44
N SER A 117 13.82 -3.41 -2.19
CA SER A 117 14.76 -3.86 -1.16
C SER A 117 14.56 -5.34 -0.87
N HIS A 118 13.37 -5.83 -1.14
CA HIS A 118 13.04 -7.21 -0.86
C HIS A 118 12.92 -8.00 -2.14
N SER A 119 13.39 -7.40 -3.23
CA SER A 119 13.41 -8.01 -4.55
C SER A 119 12.01 -8.42 -5.06
N PHE A 120 11.01 -7.66 -4.66
CA PHE A 120 9.67 -7.90 -5.13
C PHE A 120 9.51 -7.42 -6.54
N ARG A 121 8.49 -7.89 -7.19
CA ARG A 121 8.27 -7.49 -8.56
C ARG A 121 6.97 -6.78 -8.57
N PHE A 122 6.96 -5.55 -8.91
CA PHE A 122 5.73 -4.80 -8.91
C PHE A 122 5.56 -3.98 -10.16
N SER A 123 4.36 -3.63 -10.41
CA SER A 123 4.01 -2.81 -11.52
C SER A 123 2.92 -1.87 -11.06
N GLU A 124 3.09 -0.60 -11.31
CA GLU A 124 2.13 0.38 -10.93
C GLU A 124 1.01 0.42 -11.94
N ILE A 125 -0.19 0.51 -11.44
CA ILE A 125 -1.37 0.59 -12.23
C ILE A 125 -1.51 2.01 -12.74
N LYS A 126 -1.93 2.91 -11.85
CA LYS A 126 -2.18 4.26 -12.13
C LYS A 126 -1.97 4.97 -10.74
N PRO A 127 -2.67 6.10 -10.33
CA PRO A 127 -2.27 6.95 -9.16
C PRO A 127 -1.66 6.24 -7.93
N GLY A 128 -0.34 6.10 -7.93
CA GLY A 128 0.38 5.54 -6.81
C GLY A 128 -0.09 4.16 -6.39
N CYS A 129 -0.60 3.40 -7.31
CA CYS A 129 -1.04 2.10 -6.96
C CYS A 129 -0.13 1.04 -7.54
N LEU A 130 0.66 0.47 -6.69
CA LEU A 130 1.66 -0.50 -7.05
C LEU A 130 1.09 -1.91 -6.84
N LYS A 131 1.02 -2.68 -7.88
CA LYS A 131 0.63 -4.07 -7.77
C LYS A 131 1.88 -4.90 -7.70
N VAL A 132 2.15 -5.47 -6.57
CA VAL A 132 3.34 -6.23 -6.36
C VAL A 132 3.03 -7.70 -6.48
N MET A 133 3.95 -8.45 -6.94
CA MET A 133 3.83 -9.88 -7.05
C MET A 133 4.54 -10.53 -5.91
N LEU A 134 3.92 -11.53 -5.39
CA LEU A 134 4.36 -12.20 -4.19
C LEU A 134 5.27 -13.38 -4.48
N LYS A 135 5.92 -13.87 -3.44
CA LYS A 135 6.90 -14.91 -3.55
C LYS A 135 6.73 -15.92 -2.40
N MET A 31 0.28 20.61 12.00
CA MET A 31 -0.86 19.75 11.65
C MET A 31 -0.52 18.47 10.89
N LYS A 32 0.72 18.01 10.96
CA LYS A 32 1.06 16.76 10.31
C LYS A 32 0.53 15.59 11.10
N GLU A 33 0.37 15.78 12.39
CA GLU A 33 -0.17 14.74 13.24
C GLU A 33 -1.66 14.67 13.03
N ALA A 34 -2.26 15.81 12.75
CA ALA A 34 -3.65 15.87 12.40
C ALA A 34 -3.87 15.09 11.12
N ASN A 35 -3.00 15.36 10.13
CA ASN A 35 -3.03 14.64 8.83
C ASN A 35 -2.85 13.15 9.06
N HIS A 36 -1.91 12.83 9.92
CA HIS A 36 -1.56 11.47 10.30
C HIS A 36 -2.77 10.74 10.86
N LEU A 37 -3.36 11.31 11.88
CA LEU A 37 -4.48 10.66 12.54
C LEU A 37 -5.71 10.63 11.64
N ALA A 38 -5.86 11.64 10.80
CA ALA A 38 -6.95 11.69 9.85
C ALA A 38 -6.76 10.61 8.80
N ALA A 39 -5.52 10.36 8.43
CA ALA A 39 -5.19 9.33 7.49
C ALA A 39 -5.47 7.96 8.08
N ILE A 40 -5.14 7.79 9.37
CA ILE A 40 -5.29 6.50 10.04
C ILE A 40 -6.76 6.09 10.12
N GLU A 41 -7.63 7.01 10.54
CA GLU A 41 -9.07 6.69 10.67
C GLU A 41 -9.67 6.25 9.34
N ILE A 42 -9.19 6.83 8.26
CA ILE A 42 -9.64 6.48 6.92
C ILE A 42 -9.08 5.12 6.56
N PHE A 43 -7.79 4.96 6.80
CA PHE A 43 -7.07 3.73 6.54
C PHE A 43 -7.71 2.53 7.24
N GLU A 44 -8.08 2.71 8.50
CA GLU A 44 -8.66 1.63 9.29
C GLU A 44 -9.97 1.12 8.68
N LYS A 45 -10.85 2.04 8.27
CA LYS A 45 -12.10 1.62 7.69
C LYS A 45 -11.92 1.03 6.30
N VAL A 46 -10.94 1.55 5.59
CA VAL A 46 -10.76 1.22 4.21
C VAL A 46 -10.03 -0.13 4.02
N ASN A 47 -8.95 -0.38 4.78
CA ASN A 47 -8.13 -1.59 4.56
C ASN A 47 -8.88 -2.83 4.96
N ALA A 48 -9.78 -2.68 5.91
CA ALA A 48 -10.56 -3.81 6.42
C ALA A 48 -11.50 -4.36 5.36
N SER A 49 -11.98 -3.49 4.48
CA SER A 49 -12.89 -3.90 3.43
C SER A 49 -12.13 -4.16 2.13
N LEU A 50 -10.83 -3.97 2.16
CA LEU A 50 -10.04 -4.09 0.96
C LEU A 50 -9.03 -5.22 1.01
N LEU A 51 -8.51 -5.50 2.21
CA LEU A 51 -7.60 -6.63 2.40
C LEU A 51 -8.16 -7.95 1.84
N PRO A 52 -9.50 -8.24 2.00
CA PRO A 52 -10.16 -9.36 1.30
C PRO A 52 -9.79 -9.47 -0.19
N GLN A 53 -9.63 -8.33 -0.90
CA GLN A 53 -9.36 -8.36 -2.34
C GLN A 53 -7.87 -8.33 -2.59
N ASN A 54 -7.13 -8.41 -1.50
CA ASN A 54 -5.70 -8.25 -1.48
C ASN A 54 -5.33 -6.87 -1.95
N VAL A 55 -5.89 -5.93 -1.24
CA VAL A 55 -5.71 -4.53 -1.45
C VAL A 55 -5.36 -3.87 -0.12
N LEU A 56 -4.25 -3.22 -0.09
CA LEU A 56 -3.85 -2.47 1.03
C LEU A 56 -3.88 -1.03 0.63
N ASP A 57 -4.89 -0.35 1.07
CA ASP A 57 -5.03 1.04 0.77
C ASP A 57 -4.56 1.82 1.97
N LEU A 58 -3.50 2.58 1.81
CA LEU A 58 -2.96 3.40 2.89
C LEU A 58 -2.69 4.82 2.44
N HIS A 59 -3.70 5.37 1.80
CA HIS A 59 -3.73 6.73 1.33
C HIS A 59 -3.38 7.75 2.37
N GLY A 60 -2.53 8.64 1.97
CA GLY A 60 -2.28 9.84 2.70
C GLY A 60 -1.56 9.69 4.04
N LEU A 61 -1.19 8.47 4.41
CA LEU A 61 -0.41 8.25 5.61
C LEU A 61 1.01 8.73 5.40
N HIS A 62 1.76 8.80 6.45
CA HIS A 62 3.15 9.18 6.32
C HIS A 62 3.96 7.98 5.93
N VAL A 63 5.13 8.25 5.39
CA VAL A 63 6.11 7.24 4.96
C VAL A 63 6.32 6.20 6.06
N ASP A 64 6.49 6.67 7.29
CA ASP A 64 6.69 5.83 8.45
C ASP A 64 5.57 4.82 8.61
N GLU A 65 4.35 5.32 8.64
CA GLU A 65 3.17 4.48 8.87
C GLU A 65 3.02 3.52 7.74
N ALA A 66 3.00 4.07 6.51
CA ALA A 66 2.77 3.30 5.32
C ALA A 66 3.72 2.12 5.22
N LEU A 67 4.96 2.32 5.59
CA LEU A 67 5.93 1.23 5.57
C LEU A 67 5.67 0.22 6.67
N GLU A 68 5.37 0.70 7.88
CA GLU A 68 5.07 -0.18 9.02
C GLU A 68 3.84 -1.04 8.71
N HIS A 69 2.81 -0.39 8.21
CA HIS A 69 1.57 -1.03 7.86
C HIS A 69 1.77 -2.01 6.70
N LEU A 70 2.57 -1.60 5.73
CA LEU A 70 2.86 -2.39 4.55
C LEU A 70 3.60 -3.67 4.92
N MET A 71 4.68 -3.51 5.66
CA MET A 71 5.58 -4.61 5.98
C MET A 71 4.89 -5.72 6.74
N ARG A 72 4.01 -5.38 7.65
CA ARG A 72 3.36 -6.38 8.46
C ARG A 72 2.28 -7.12 7.66
N VAL A 73 1.63 -6.41 6.76
CA VAL A 73 0.64 -7.04 5.91
C VAL A 73 1.29 -7.88 4.81
N LEU A 74 2.33 -7.35 4.16
CA LEU A 74 3.03 -8.09 3.10
C LEU A 74 3.56 -9.43 3.55
N GLU A 75 4.17 -9.46 4.72
CA GLU A 75 4.72 -10.71 5.23
C GLU A 75 3.63 -11.76 5.45
N LYS A 76 2.48 -11.31 5.93
CA LYS A 76 1.39 -12.22 6.20
C LYS A 76 0.64 -12.59 4.92
N LYS A 77 0.49 -11.65 4.03
CA LYS A 77 -0.27 -11.84 2.81
C LYS A 77 0.45 -12.80 1.88
N THR A 78 1.75 -12.63 1.79
CA THR A 78 2.59 -13.49 0.98
C THR A 78 2.55 -14.94 1.53
N GLU A 79 2.42 -15.05 2.83
CA GLU A 79 2.31 -16.30 3.50
C GLU A 79 0.91 -16.92 3.23
N GLU A 80 -0.17 -16.14 3.46
CA GLU A 80 -1.57 -16.59 3.20
C GLU A 80 -1.72 -17.05 1.75
N PHE A 81 -1.02 -16.38 0.86
CA PHE A 81 -1.00 -16.68 -0.55
C PHE A 81 -0.62 -18.14 -0.82
N LYS A 82 0.44 -18.58 -0.21
CA LYS A 82 0.91 -19.93 -0.42
C LYS A 82 0.31 -20.93 0.57
N GLN A 83 -0.01 -20.48 1.77
CA GLN A 83 -0.58 -21.36 2.79
C GLN A 83 -2.09 -21.55 2.62
N ASN A 84 -2.82 -20.45 2.63
CA ASN A 84 -4.28 -20.49 2.62
C ASN A 84 -4.80 -20.51 1.22
N GLY A 85 -3.97 -20.13 0.28
CA GLY A 85 -4.37 -20.07 -1.09
C GLY A 85 -5.01 -18.75 -1.39
N GLY A 86 -4.30 -17.69 -1.12
CA GLY A 86 -4.79 -16.36 -1.37
C GLY A 86 -4.32 -15.83 -2.71
N LYS A 87 -4.58 -14.56 -2.96
CA LYS A 87 -4.19 -13.93 -4.19
C LYS A 87 -2.69 -13.78 -4.28
N PRO A 88 -2.12 -13.99 -5.47
CA PRO A 88 -0.67 -13.85 -5.71
C PRO A 88 -0.22 -12.40 -5.78
N TYR A 89 -1.01 -11.51 -5.25
CA TYR A 89 -0.73 -10.11 -5.32
C TYR A 89 -1.29 -9.38 -4.12
N LEU A 90 -0.89 -8.17 -3.99
CA LEU A 90 -1.39 -7.24 -3.02
C LEU A 90 -1.27 -5.86 -3.66
N SER A 91 -2.38 -5.19 -3.79
CA SER A 91 -2.38 -3.89 -4.41
C SER A 91 -2.22 -2.83 -3.33
N VAL A 92 -1.19 -2.04 -3.44
CA VAL A 92 -0.90 -1.03 -2.44
C VAL A 92 -1.27 0.34 -2.96
N ILE A 93 -2.27 0.93 -2.37
CA ILE A 93 -2.71 2.23 -2.77
C ILE A 93 -2.02 3.28 -1.93
N THR A 94 -1.10 3.96 -2.55
CA THR A 94 -0.42 5.05 -1.97
C THR A 94 -1.36 6.27 -2.06
N GLY A 95 -2.08 6.30 -3.16
CA GLY A 95 -3.11 7.25 -3.36
C GLY A 95 -2.74 8.32 -4.31
N ARG A 96 -1.82 9.12 -3.90
CA ARG A 96 -1.38 10.21 -4.72
C ARG A 96 -0.10 9.81 -5.40
N GLY A 97 0.64 10.78 -5.90
CA GLY A 97 1.81 10.44 -6.64
C GLY A 97 1.40 10.15 -8.03
N ASN A 98 0.72 11.15 -8.59
CA ASN A 98 0.13 11.14 -9.92
C ASN A 98 1.10 10.60 -10.94
N HIS A 99 0.56 10.01 -12.00
CA HIS A 99 1.40 9.39 -12.98
C HIS A 99 1.94 10.48 -13.93
N SER A 100 2.80 11.30 -13.38
CA SER A 100 3.43 12.42 -14.01
C SER A 100 4.46 12.95 -13.02
N GLN A 101 5.03 14.11 -13.28
CA GLN A 101 5.98 14.71 -12.36
C GLN A 101 5.24 15.45 -11.22
N GLY A 102 3.95 15.70 -11.44
CA GLY A 102 3.18 16.48 -10.48
C GLY A 102 2.35 15.61 -9.57
N GLY A 103 3.00 14.86 -8.72
CA GLY A 103 2.32 14.00 -7.83
C GLY A 103 3.11 13.74 -6.57
N VAL A 104 2.71 14.34 -5.48
CA VAL A 104 3.43 14.18 -4.25
C VAL A 104 2.75 13.19 -3.33
N ALA A 105 3.33 12.06 -3.26
CA ALA A 105 2.96 11.06 -2.31
C ALA A 105 4.22 10.45 -1.86
N ARG A 106 4.72 10.90 -0.75
CA ARG A 106 5.96 10.38 -0.19
C ARG A 106 5.86 8.90 0.16
N ILE A 107 4.63 8.43 0.22
CA ILE A 107 4.33 7.02 0.41
C ILE A 107 4.91 6.24 -0.78
N LYS A 108 4.76 6.79 -1.99
CA LYS A 108 5.11 6.08 -3.20
C LYS A 108 6.62 5.75 -3.28
N PRO A 109 7.55 6.76 -3.21
CA PRO A 109 8.99 6.49 -3.24
C PRO A 109 9.42 5.57 -2.08
N ALA A 110 8.67 5.62 -0.99
CA ALA A 110 9.01 4.84 0.18
C ALA A 110 8.62 3.40 -0.03
N VAL A 111 7.40 3.21 -0.50
CA VAL A 111 6.87 1.91 -0.77
C VAL A 111 7.68 1.23 -1.86
N ILE A 112 7.95 1.93 -2.95
CA ILE A 112 8.71 1.36 -4.08
C ILE A 112 10.07 0.83 -3.59
N LYS A 113 10.75 1.64 -2.78
CA LYS A 113 12.01 1.33 -2.18
C LYS A 113 11.91 0.05 -1.33
N TYR A 114 10.82 -0.10 -0.63
CA TYR A 114 10.58 -1.23 0.23
C TYR A 114 10.50 -2.51 -0.59
N LEU A 115 9.72 -2.47 -1.63
CA LEU A 115 9.49 -3.63 -2.46
C LEU A 115 10.77 -4.09 -3.14
N ILE A 116 11.50 -3.15 -3.71
CA ILE A 116 12.75 -3.48 -4.41
C ILE A 116 13.81 -4.05 -3.46
N SER A 117 13.79 -3.59 -2.22
CA SER A 117 14.69 -4.07 -1.17
C SER A 117 14.45 -5.56 -0.90
N HIS A 118 13.21 -5.97 -0.99
CA HIS A 118 12.83 -7.33 -0.64
C HIS A 118 12.61 -8.19 -1.87
N SER A 119 12.98 -7.65 -3.03
CA SER A 119 12.88 -8.36 -4.31
C SER A 119 11.42 -8.71 -4.69
N PHE A 120 10.51 -7.80 -4.40
CA PHE A 120 9.13 -7.99 -4.79
C PHE A 120 8.93 -7.54 -6.21
N ARG A 121 7.95 -8.11 -6.87
CA ARG A 121 7.69 -7.74 -8.25
C ARG A 121 6.46 -6.91 -8.21
N PHE A 122 6.56 -5.69 -8.57
CA PHE A 122 5.42 -4.83 -8.57
C PHE A 122 5.44 -3.91 -9.78
N SER A 123 4.34 -3.28 -10.03
CA SER A 123 4.20 -2.33 -11.09
C SER A 123 3.06 -1.41 -10.68
N GLU A 124 3.16 -0.12 -10.95
CA GLU A 124 2.06 0.74 -10.59
C GLU A 124 0.96 0.58 -11.63
N ILE A 125 -0.27 0.63 -11.19
CA ILE A 125 -1.41 0.54 -12.07
C ILE A 125 -1.36 1.70 -13.03
N LYS A 126 -1.49 2.85 -12.46
CA LYS A 126 -1.47 4.10 -13.06
C LYS A 126 -1.17 4.96 -11.80
N PRO A 127 -1.61 6.26 -11.63
CA PRO A 127 -1.05 7.16 -10.59
C PRO A 127 -0.68 6.56 -9.22
N GLY A 128 0.59 6.20 -9.08
CA GLY A 128 1.16 5.97 -7.78
C GLY A 128 0.91 4.64 -7.11
N CYS A 129 -0.10 3.95 -7.52
CA CYS A 129 -0.49 2.76 -6.79
C CYS A 129 0.17 1.52 -7.33
N LEU A 130 0.97 0.92 -6.49
CA LEU A 130 1.78 -0.21 -6.85
C LEU A 130 1.03 -1.51 -6.63
N LYS A 131 0.96 -2.31 -7.65
CA LYS A 131 0.39 -3.62 -7.53
C LYS A 131 1.53 -4.58 -7.38
N VAL A 132 1.65 -5.13 -6.23
CA VAL A 132 2.74 -5.99 -5.88
C VAL A 132 2.34 -7.44 -6.06
N MET A 133 3.19 -8.18 -6.68
CA MET A 133 3.04 -9.60 -6.83
C MET A 133 3.80 -10.28 -5.73
N LEU A 134 3.15 -11.21 -5.12
CA LEU A 134 3.67 -11.86 -3.94
C LEU A 134 4.65 -12.97 -4.29
N LYS A 135 5.64 -13.10 -3.46
CA LYS A 135 6.70 -14.07 -3.62
C LYS A 135 6.56 -15.17 -2.57
N MET A 31 -4.65 22.55 5.86
CA MET A 31 -4.27 22.04 7.13
C MET A 31 -3.98 20.59 6.96
N LYS A 32 -2.74 20.25 6.86
CA LYS A 32 -2.39 18.91 6.48
C LYS A 32 -2.35 18.07 7.69
N GLU A 33 -2.36 18.72 8.81
CA GLU A 33 -2.38 18.10 10.08
C GLU A 33 -3.73 17.37 10.25
N ALA A 34 -4.82 18.15 10.16
CA ALA A 34 -6.16 17.62 10.29
C ALA A 34 -6.42 16.61 9.20
N ASN A 35 -5.99 16.93 7.99
CA ASN A 35 -6.14 16.05 6.85
C ASN A 35 -5.32 14.78 6.98
N HIS A 36 -4.22 14.83 7.69
CA HIS A 36 -3.41 13.65 7.88
C HIS A 36 -4.09 12.74 8.88
N LEU A 37 -4.64 13.33 9.92
CA LEU A 37 -5.38 12.58 10.93
C LEU A 37 -6.60 11.92 10.29
N ALA A 38 -7.21 12.65 9.36
CA ALA A 38 -8.35 12.17 8.59
C ALA A 38 -7.92 11.01 7.67
N ALA A 39 -6.69 11.08 7.18
CA ALA A 39 -6.17 10.04 6.30
C ALA A 39 -6.14 8.69 7.00
N ILE A 40 -5.82 8.69 8.29
CA ILE A 40 -5.78 7.46 9.07
C ILE A 40 -7.17 6.87 9.23
N GLU A 41 -8.15 7.70 9.60
CA GLU A 41 -9.52 7.20 9.82
C GLU A 41 -10.10 6.64 8.54
N ILE A 42 -9.78 7.29 7.41
CA ILE A 42 -10.23 6.82 6.12
C ILE A 42 -9.58 5.48 5.84
N PHE A 43 -8.25 5.42 5.97
CA PHE A 43 -7.49 4.19 5.75
C PHE A 43 -8.01 3.03 6.61
N GLU A 44 -8.29 3.30 7.89
CA GLU A 44 -8.78 2.27 8.78
C GLU A 44 -10.07 1.68 8.28
N LYS A 45 -11.05 2.52 8.01
CA LYS A 45 -12.33 2.02 7.57
C LYS A 45 -12.28 1.41 6.17
N VAL A 46 -11.44 1.97 5.29
CA VAL A 46 -11.36 1.44 3.95
C VAL A 46 -10.64 0.09 3.91
N ASN A 47 -9.49 -0.03 4.59
CA ASN A 47 -8.78 -1.31 4.56
C ASN A 47 -9.55 -2.38 5.32
N ALA A 48 -10.45 -1.96 6.19
CA ALA A 48 -11.26 -2.90 6.97
C ALA A 48 -12.13 -3.77 6.05
N SER A 49 -12.52 -3.22 4.92
CA SER A 49 -13.30 -3.94 3.97
C SER A 49 -12.50 -4.29 2.70
N LEU A 50 -11.55 -3.42 2.35
CA LEU A 50 -10.79 -3.58 1.11
C LEU A 50 -9.56 -4.47 1.26
N LEU A 51 -9.00 -4.56 2.45
CA LEU A 51 -7.77 -5.34 2.66
C LEU A 51 -7.97 -6.83 2.36
N PRO A 52 -9.06 -7.48 2.86
CA PRO A 52 -9.36 -8.87 2.50
C PRO A 52 -9.63 -9.05 0.99
N GLN A 53 -9.69 -7.95 0.24
CA GLN A 53 -9.90 -8.03 -1.19
C GLN A 53 -8.54 -7.90 -1.89
N ASN A 54 -7.47 -7.96 -1.07
CA ASN A 54 -6.07 -7.86 -1.53
C ASN A 54 -5.73 -6.46 -1.97
N VAL A 55 -6.32 -5.52 -1.29
CA VAL A 55 -6.09 -4.12 -1.49
C VAL A 55 -5.55 -3.53 -0.21
N LEU A 56 -4.45 -2.86 -0.31
CA LEU A 56 -3.85 -2.22 0.80
C LEU A 56 -3.72 -0.75 0.42
N ASP A 57 -4.58 0.06 0.95
CA ASP A 57 -4.62 1.46 0.59
C ASP A 57 -4.15 2.27 1.80
N LEU A 58 -3.26 3.21 1.58
CA LEU A 58 -2.71 4.03 2.67
C LEU A 58 -2.55 5.46 2.21
N HIS A 59 -3.29 5.87 1.20
CA HIS A 59 -3.03 7.15 0.61
C HIS A 59 -3.32 8.28 1.57
N GLY A 60 -2.28 8.95 1.94
CA GLY A 60 -2.38 10.07 2.84
C GLY A 60 -1.57 9.92 4.13
N LEU A 61 -1.07 8.72 4.40
CA LEU A 61 -0.24 8.51 5.62
C LEU A 61 1.21 8.99 5.44
N HIS A 62 2.00 8.94 6.52
CA HIS A 62 3.43 9.26 6.46
C HIS A 62 4.17 8.08 5.93
N VAL A 63 5.40 8.30 5.50
CA VAL A 63 6.28 7.25 5.03
C VAL A 63 6.39 6.12 6.05
N ASP A 64 6.69 6.51 7.29
CA ASP A 64 6.89 5.54 8.36
C ASP A 64 5.64 4.75 8.63
N GLU A 65 4.53 5.46 8.80
CA GLU A 65 3.22 4.87 9.06
C GLU A 65 2.82 3.92 7.96
N ALA A 66 2.86 4.42 6.74
CA ALA A 66 2.50 3.65 5.58
C ALA A 66 3.33 2.39 5.49
N LEU A 67 4.63 2.51 5.70
CA LEU A 67 5.52 1.36 5.62
C LEU A 67 5.21 0.34 6.69
N GLU A 68 4.99 0.81 7.90
CA GLU A 68 4.79 -0.08 9.01
C GLU A 68 3.42 -0.79 8.93
N HIS A 69 2.43 -0.13 8.34
CA HIS A 69 1.13 -0.75 8.08
C HIS A 69 1.20 -1.70 6.88
N LEU A 70 2.03 -1.33 5.92
CA LEU A 70 2.24 -2.11 4.69
C LEU A 70 2.99 -3.41 4.95
N MET A 71 4.13 -3.31 5.62
CA MET A 71 5.04 -4.44 5.81
C MET A 71 4.39 -5.61 6.51
N ARG A 72 3.56 -5.32 7.50
CA ARG A 72 2.89 -6.35 8.26
C ARG A 72 1.91 -7.15 7.37
N VAL A 73 1.27 -6.44 6.45
CA VAL A 73 0.30 -7.04 5.56
C VAL A 73 0.98 -7.87 4.47
N LEU A 74 2.03 -7.31 3.87
CA LEU A 74 2.74 -8.02 2.82
C LEU A 74 3.28 -9.35 3.26
N GLU A 75 3.86 -9.41 4.45
CA GLU A 75 4.39 -10.66 4.93
C GLU A 75 3.28 -11.69 5.16
N LYS A 76 2.18 -11.26 5.79
CA LYS A 76 1.10 -12.18 6.10
C LYS A 76 0.40 -12.65 4.81
N LYS A 77 0.27 -11.76 3.84
CA LYS A 77 -0.36 -12.10 2.58
C LYS A 77 0.52 -13.00 1.73
N THR A 78 1.83 -12.79 1.78
CA THR A 78 2.75 -13.66 1.06
C THR A 78 2.60 -15.08 1.61
N GLU A 79 2.45 -15.19 2.93
CA GLU A 79 2.22 -16.45 3.58
C GLU A 79 0.88 -17.04 3.13
N GLU A 80 -0.19 -16.26 3.24
CA GLU A 80 -1.53 -16.70 2.81
C GLU A 80 -1.53 -17.21 1.38
N PHE A 81 -0.79 -16.54 0.55
CA PHE A 81 -0.63 -16.91 -0.84
C PHE A 81 0.05 -18.27 -0.98
N LYS A 82 1.23 -18.41 -0.45
CA LYS A 82 1.99 -19.65 -0.66
C LYS A 82 1.55 -20.79 0.26
N GLN A 83 0.89 -20.47 1.34
CA GLN A 83 0.46 -21.47 2.30
C GLN A 83 -1.00 -21.88 2.12
N ASN A 84 -1.90 -20.91 2.16
CA ASN A 84 -3.33 -21.21 2.09
C ASN A 84 -3.86 -21.14 0.67
N GLY A 85 -3.08 -20.56 -0.21
CA GLY A 85 -3.49 -20.43 -1.59
C GLY A 85 -4.36 -19.21 -1.79
N GLY A 86 -3.95 -18.09 -1.23
CA GLY A 86 -4.69 -16.86 -1.40
C GLY A 86 -4.37 -16.19 -2.72
N LYS A 87 -4.71 -14.93 -2.85
CA LYS A 87 -4.43 -14.19 -4.07
C LYS A 87 -2.95 -13.97 -4.26
N PRO A 88 -2.49 -14.04 -5.50
CA PRO A 88 -1.07 -13.91 -5.84
C PRO A 88 -0.59 -12.45 -5.93
N TYR A 89 -1.32 -11.54 -5.33
CA TYR A 89 -0.99 -10.13 -5.46
C TYR A 89 -1.53 -9.34 -4.28
N LEU A 90 -1.10 -8.11 -4.18
CA LEU A 90 -1.60 -7.16 -3.22
C LEU A 90 -1.49 -5.78 -3.87
N SER A 91 -2.59 -5.10 -3.99
CA SER A 91 -2.60 -3.81 -4.63
C SER A 91 -2.42 -2.72 -3.57
N VAL A 92 -1.29 -2.03 -3.62
CA VAL A 92 -0.97 -0.99 -2.66
C VAL A 92 -1.27 0.38 -3.25
N ILE A 93 -2.20 1.09 -2.67
CA ILE A 93 -2.55 2.42 -3.16
C ILE A 93 -1.81 3.46 -2.33
N THR A 94 -0.86 4.13 -2.94
CA THR A 94 -0.12 5.15 -2.24
C THR A 94 -0.68 6.53 -2.58
N GLY A 95 -1.29 6.65 -3.76
CA GLY A 95 -1.90 7.90 -4.15
C GLY A 95 -0.94 8.93 -4.75
N ARG A 96 0.28 8.52 -5.13
CA ARG A 96 1.19 9.46 -5.78
C ARG A 96 0.71 9.67 -7.19
N GLY A 97 0.32 10.88 -7.48
CA GLY A 97 -0.22 11.15 -8.77
C GLY A 97 -1.59 10.55 -8.92
N ASN A 98 -2.41 10.74 -7.86
CA ASN A 98 -3.78 10.22 -7.82
C ASN A 98 -4.54 10.50 -9.11
N HIS A 99 -5.20 9.44 -9.59
CA HIS A 99 -5.90 9.34 -10.87
C HIS A 99 -4.99 9.64 -12.08
N SER A 100 -4.58 10.88 -12.24
CA SER A 100 -3.73 11.30 -13.32
C SER A 100 -3.38 12.79 -13.16
N GLN A 101 -3.59 13.37 -11.97
CA GLN A 101 -3.31 14.80 -11.83
C GLN A 101 -1.90 15.04 -11.32
N GLY A 102 -1.56 14.41 -10.23
CA GLY A 102 -0.31 14.62 -9.59
C GLY A 102 -0.49 14.54 -8.11
N GLY A 103 0.41 15.11 -7.37
CA GLY A 103 0.30 15.09 -5.95
C GLY A 103 1.47 14.37 -5.35
N VAL A 104 2.04 14.96 -4.34
CA VAL A 104 3.20 14.38 -3.71
C VAL A 104 2.78 13.40 -2.65
N ALA A 105 3.07 12.16 -2.92
CA ALA A 105 2.81 11.13 -2.00
C ALA A 105 4.09 10.36 -1.76
N ARG A 106 4.79 10.78 -0.71
CA ARG A 106 6.07 10.21 -0.26
C ARG A 106 6.01 8.72 0.01
N ILE A 107 4.80 8.24 0.15
CA ILE A 107 4.53 6.86 0.39
C ILE A 107 5.05 6.00 -0.77
N LYS A 108 4.81 6.43 -2.01
CA LYS A 108 5.22 5.63 -3.17
C LYS A 108 6.73 5.40 -3.22
N PRO A 109 7.59 6.47 -3.27
CA PRO A 109 9.05 6.30 -3.26
C PRO A 109 9.55 5.47 -2.08
N ALA A 110 8.84 5.54 -0.96
CA ALA A 110 9.21 4.80 0.23
C ALA A 110 8.83 3.33 0.10
N VAL A 111 7.62 3.08 -0.38
CA VAL A 111 7.13 1.74 -0.56
C VAL A 111 7.89 1.02 -1.67
N ILE A 112 8.18 1.72 -2.78
CA ILE A 112 8.96 1.14 -3.90
C ILE A 112 10.26 0.59 -3.36
N LYS A 113 10.95 1.44 -2.60
CA LYS A 113 12.17 1.17 -1.94
C LYS A 113 12.06 -0.09 -1.06
N TYR A 114 10.90 -0.27 -0.45
CA TYR A 114 10.64 -1.40 0.40
C TYR A 114 10.55 -2.68 -0.43
N LEU A 115 9.79 -2.63 -1.53
CA LEU A 115 9.59 -3.79 -2.38
C LEU A 115 10.90 -4.25 -2.98
N ILE A 116 11.64 -3.32 -3.55
CA ILE A 116 12.91 -3.64 -4.20
C ILE A 116 13.95 -4.16 -3.24
N SER A 117 13.93 -3.67 -2.01
CA SER A 117 14.86 -4.08 -0.98
C SER A 117 14.63 -5.57 -0.63
N HIS A 118 13.40 -6.01 -0.72
CA HIS A 118 13.05 -7.36 -0.33
C HIS A 118 12.80 -8.24 -1.55
N SER A 119 13.26 -7.78 -2.69
CA SER A 119 13.19 -8.49 -3.98
C SER A 119 11.75 -8.85 -4.40
N PHE A 120 10.81 -7.97 -4.09
CA PHE A 120 9.45 -8.16 -4.50
C PHE A 120 9.28 -7.82 -5.95
N ARG A 121 8.18 -8.22 -6.49
CA ARG A 121 7.85 -7.93 -7.85
C ARG A 121 6.56 -7.15 -7.87
N PHE A 122 6.61 -5.95 -8.35
CA PHE A 122 5.46 -5.09 -8.38
C PHE A 122 5.42 -4.33 -9.69
N SER A 123 4.32 -3.69 -9.94
CA SER A 123 4.15 -2.87 -11.11
C SER A 123 3.08 -1.86 -10.78
N GLU A 124 3.28 -0.62 -11.11
CA GLU A 124 2.26 0.35 -10.88
C GLU A 124 1.36 0.44 -12.07
N ILE A 125 0.09 0.46 -11.82
CA ILE A 125 -0.88 0.63 -12.86
C ILE A 125 -1.04 2.12 -13.13
N LYS A 126 -1.71 2.79 -12.21
CA LYS A 126 -2.06 4.20 -12.28
C LYS A 126 -2.19 4.68 -10.76
N PRO A 127 -3.07 5.71 -10.34
CA PRO A 127 -3.04 6.48 -9.03
C PRO A 127 -2.04 6.08 -7.92
N GLY A 128 -0.77 5.96 -8.25
CA GLY A 128 0.22 5.59 -7.28
C GLY A 128 -0.06 4.23 -6.69
N CYS A 129 -0.67 3.39 -7.46
CA CYS A 129 -1.02 2.11 -6.99
C CYS A 129 -0.04 1.07 -7.47
N LEU A 130 0.79 0.66 -6.56
CA LEU A 130 1.79 -0.33 -6.78
C LEU A 130 1.14 -1.67 -6.62
N LYS A 131 0.95 -2.35 -7.69
CA LYS A 131 0.35 -3.62 -7.62
C LYS A 131 1.48 -4.62 -7.46
N VAL A 132 1.58 -5.16 -6.29
CA VAL A 132 2.64 -6.05 -5.94
C VAL A 132 2.19 -7.46 -6.22
N MET A 133 3.03 -8.22 -6.85
CA MET A 133 2.79 -9.60 -7.09
C MET A 133 3.49 -10.30 -5.94
N LEU A 134 2.82 -11.20 -5.31
CA LEU A 134 3.37 -11.85 -4.14
C LEU A 134 4.49 -12.82 -4.50
N LYS A 135 5.24 -13.21 -3.51
CA LYS A 135 6.43 -14.02 -3.70
C LYS A 135 6.11 -15.50 -3.59
N MET A 31 -7.38 23.04 8.66
CA MET A 31 -7.04 22.56 7.33
C MET A 31 -7.07 21.04 7.19
N LYS A 32 -6.82 20.58 5.98
CA LYS A 32 -6.87 19.16 5.63
C LYS A 32 -5.74 18.34 6.26
N GLU A 33 -4.92 18.95 7.08
CA GLU A 33 -3.87 18.26 7.78
C GLU A 33 -4.48 17.34 8.85
N ALA A 34 -5.67 17.72 9.33
CA ALA A 34 -6.41 16.93 10.29
C ALA A 34 -6.89 15.64 9.64
N ASN A 35 -7.01 15.66 8.32
CA ASN A 35 -7.46 14.50 7.55
C ASN A 35 -6.41 13.40 7.58
N HIS A 36 -5.17 13.77 7.91
CA HIS A 36 -4.09 12.78 8.01
C HIS A 36 -4.41 11.84 9.15
N LEU A 37 -4.93 12.37 10.22
CA LEU A 37 -5.25 11.57 11.39
C LEU A 37 -6.40 10.63 11.05
N ALA A 38 -7.33 11.15 10.27
CA ALA A 38 -8.46 10.38 9.83
C ALA A 38 -8.03 9.25 8.91
N ALA A 39 -6.96 9.48 8.15
CA ALA A 39 -6.43 8.49 7.21
C ALA A 39 -6.10 7.17 7.92
N ILE A 40 -5.60 7.26 9.14
CA ILE A 40 -5.23 6.05 9.89
C ILE A 40 -6.47 5.26 10.30
N GLU A 41 -7.48 5.95 10.83
CA GLU A 41 -8.69 5.27 11.27
C GLU A 41 -9.44 4.71 10.08
N ILE A 42 -9.42 5.44 8.95
CA ILE A 42 -10.06 4.98 7.74
C ILE A 42 -9.32 3.75 7.24
N PHE A 43 -8.00 3.82 7.30
CA PHE A 43 -7.13 2.73 6.91
C PHE A 43 -7.49 1.45 7.64
N GLU A 44 -7.54 1.51 8.95
CA GLU A 44 -7.81 0.32 9.76
C GLU A 44 -9.08 -0.39 9.34
N LYS A 45 -10.17 0.35 9.25
CA LYS A 45 -11.44 -0.25 8.92
C LYS A 45 -11.48 -0.68 7.46
N VAL A 46 -10.78 0.06 6.60
CA VAL A 46 -10.80 -0.20 5.18
C VAL A 46 -10.13 -1.56 4.86
N ASN A 47 -9.07 -1.90 5.62
CA ASN A 47 -8.33 -3.19 5.44
C ASN A 47 -9.27 -4.38 5.52
N ALA A 48 -10.29 -4.27 6.36
CA ALA A 48 -11.24 -5.37 6.60
C ALA A 48 -12.00 -5.75 5.32
N SER A 49 -12.16 -4.81 4.42
CA SER A 49 -12.88 -5.05 3.19
C SER A 49 -11.91 -5.05 2.01
N LEU A 50 -10.64 -4.79 2.28
CA LEU A 50 -9.65 -4.68 1.22
C LEU A 50 -8.71 -5.85 1.19
N LEU A 51 -8.39 -6.36 2.35
CA LEU A 51 -7.50 -7.52 2.49
C LEU A 51 -7.99 -8.78 1.74
N PRO A 52 -9.32 -9.13 1.77
CA PRO A 52 -9.85 -10.26 0.98
C PRO A 52 -9.78 -9.99 -0.55
N GLN A 53 -9.62 -8.72 -0.92
CA GLN A 53 -9.51 -8.33 -2.33
C GLN A 53 -8.04 -8.26 -2.71
N ASN A 54 -7.20 -8.38 -1.70
CA ASN A 54 -5.77 -8.22 -1.80
C ASN A 54 -5.35 -6.86 -2.30
N VAL A 55 -5.83 -5.87 -1.61
CA VAL A 55 -5.44 -4.54 -1.87
C VAL A 55 -5.05 -3.88 -0.55
N LEU A 56 -3.91 -3.31 -0.54
CA LEU A 56 -3.37 -2.65 0.60
C LEU A 56 -3.39 -1.17 0.27
N ASP A 57 -4.26 -0.48 0.91
CA ASP A 57 -4.48 0.91 0.62
C ASP A 57 -4.29 1.77 1.87
N LEU A 58 -3.26 2.62 1.82
CA LEU A 58 -2.84 3.46 2.95
C LEU A 58 -2.54 4.90 2.52
N HIS A 59 -3.38 5.42 1.68
CA HIS A 59 -3.21 6.77 1.20
C HIS A 59 -3.48 7.79 2.30
N GLY A 60 -2.59 8.72 2.42
CA GLY A 60 -2.75 9.77 3.40
C GLY A 60 -1.82 9.63 4.59
N LEU A 61 -1.25 8.46 4.77
CA LEU A 61 -0.37 8.22 5.93
C LEU A 61 1.06 8.79 5.71
N HIS A 62 1.86 8.73 6.77
CA HIS A 62 3.28 9.13 6.70
C HIS A 62 4.07 8.03 6.07
N VAL A 63 5.23 8.37 5.56
CA VAL A 63 6.15 7.42 4.95
C VAL A 63 6.46 6.28 5.91
N ASP A 64 6.87 6.63 7.10
CA ASP A 64 7.31 5.67 8.12
C ASP A 64 6.18 4.73 8.51
N GLU A 65 5.02 5.29 8.79
CA GLU A 65 3.89 4.53 9.29
C GLU A 65 3.30 3.63 8.24
N ALA A 66 3.13 4.17 7.03
CA ALA A 66 2.65 3.43 5.91
C ALA A 66 3.52 2.20 5.67
N LEU A 67 4.82 2.36 5.85
CA LEU A 67 5.74 1.25 5.64
C LEU A 67 5.55 0.17 6.70
N GLU A 68 5.27 0.58 7.94
CA GLU A 68 5.03 -0.36 9.05
C GLU A 68 3.80 -1.22 8.75
N HIS A 69 2.77 -0.58 8.24
CA HIS A 69 1.53 -1.25 7.91
C HIS A 69 1.73 -2.15 6.68
N LEU A 70 2.48 -1.63 5.72
CA LEU A 70 2.77 -2.33 4.47
C LEU A 70 3.49 -3.65 4.73
N MET A 71 4.56 -3.56 5.51
CA MET A 71 5.41 -4.70 5.77
C MET A 71 4.66 -5.83 6.45
N ARG A 72 3.83 -5.51 7.44
CA ARG A 72 3.13 -6.54 8.18
C ARG A 72 2.08 -7.22 7.30
N VAL A 73 1.49 -6.47 6.38
CA VAL A 73 0.49 -7.02 5.49
C VAL A 73 1.12 -7.89 4.43
N LEU A 74 2.20 -7.39 3.82
CA LEU A 74 2.90 -8.14 2.78
C LEU A 74 3.36 -9.49 3.30
N GLU A 75 3.98 -9.50 4.46
CA GLU A 75 4.51 -10.76 5.01
C GLU A 75 3.38 -11.73 5.37
N LYS A 76 2.34 -11.23 6.03
CA LYS A 76 1.26 -12.09 6.50
C LYS A 76 0.46 -12.63 5.30
N LYS A 77 0.30 -11.81 4.27
CA LYS A 77 -0.46 -12.20 3.11
C LYS A 77 0.32 -13.19 2.27
N THR A 78 1.63 -13.07 2.29
CA THR A 78 2.50 -14.02 1.61
C THR A 78 2.25 -15.43 2.18
N GLU A 79 1.98 -15.47 3.49
CA GLU A 79 1.67 -16.71 4.16
C GLU A 79 0.27 -17.15 3.75
N GLU A 80 -0.70 -16.25 3.90
CA GLU A 80 -2.10 -16.49 3.53
C GLU A 80 -2.24 -17.01 2.10
N PHE A 81 -1.46 -16.45 1.22
CA PHE A 81 -1.41 -16.83 -0.17
C PHE A 81 -1.05 -18.31 -0.37
N LYS A 82 0.06 -18.73 0.16
CA LYS A 82 0.53 -20.08 -0.09
C LYS A 82 -0.03 -21.09 0.92
N GLN A 83 -0.53 -20.60 2.02
CA GLN A 83 -1.08 -21.47 3.04
C GLN A 83 -2.60 -21.57 2.91
N ASN A 84 -3.26 -20.44 2.95
CA ASN A 84 -4.73 -20.42 2.97
C ASN A 84 -5.32 -20.39 1.58
N GLY A 85 -4.47 -20.18 0.60
CA GLY A 85 -4.95 -20.09 -0.75
C GLY A 85 -5.46 -18.72 -1.04
N GLY A 86 -4.57 -17.78 -1.00
CA GLY A 86 -4.91 -16.41 -1.25
C GLY A 86 -4.49 -15.98 -2.63
N LYS A 87 -4.62 -14.70 -2.90
CA LYS A 87 -4.24 -14.14 -4.17
C LYS A 87 -2.73 -13.96 -4.24
N PRO A 88 -2.14 -14.21 -5.41
CA PRO A 88 -0.68 -14.10 -5.65
C PRO A 88 -0.19 -12.65 -5.83
N TYR A 89 -0.93 -11.71 -5.31
CA TYR A 89 -0.61 -10.31 -5.48
C TYR A 89 -1.24 -9.48 -4.38
N LEU A 90 -0.79 -8.27 -4.28
CA LEU A 90 -1.31 -7.25 -3.39
C LEU A 90 -1.16 -5.92 -4.08
N SER A 91 -2.24 -5.25 -4.29
CA SER A 91 -2.19 -3.99 -4.95
C SER A 91 -2.07 -2.92 -3.88
N VAL A 92 -1.07 -2.09 -3.98
CA VAL A 92 -0.82 -1.08 -2.98
C VAL A 92 -1.18 0.30 -3.48
N ILE A 93 -2.14 0.91 -2.85
CA ILE A 93 -2.55 2.25 -3.17
C ILE A 93 -1.90 3.19 -2.18
N THR A 94 -0.96 3.95 -2.66
CA THR A 94 -0.34 4.93 -1.81
C THR A 94 -1.12 6.23 -1.92
N GLY A 95 -2.01 6.26 -2.91
CA GLY A 95 -2.89 7.37 -3.10
C GLY A 95 -2.69 7.98 -4.42
N ARG A 96 -3.68 8.72 -4.87
CA ARG A 96 -3.59 9.39 -6.15
C ARG A 96 -2.44 10.37 -6.14
N GLY A 97 -2.28 11.06 -5.00
CA GLY A 97 -1.15 11.92 -4.74
C GLY A 97 -0.87 12.90 -5.85
N ASN A 98 0.14 12.56 -6.58
CA ASN A 98 0.57 13.26 -7.72
C ASN A 98 0.79 12.18 -8.75
N HIS A 99 -0.11 12.07 -9.70
CA HIS A 99 -0.12 10.91 -10.59
C HIS A 99 0.52 11.16 -11.93
N SER A 100 0.88 12.39 -12.22
CA SER A 100 1.50 12.67 -13.48
C SER A 100 3.00 12.43 -13.37
N GLN A 101 3.63 13.12 -12.46
CA GLN A 101 5.07 13.03 -12.28
C GLN A 101 5.41 12.57 -10.88
N GLY A 102 4.85 13.25 -9.92
CA GLY A 102 5.14 12.98 -8.53
C GLY A 102 5.33 14.29 -7.80
N GLY A 103 5.36 14.25 -6.49
CA GLY A 103 5.48 15.47 -5.73
C GLY A 103 5.52 15.19 -4.26
N VAL A 104 4.51 15.65 -3.54
CA VAL A 104 4.45 15.41 -2.10
C VAL A 104 3.80 14.05 -1.80
N ALA A 105 3.55 13.30 -2.87
CA ALA A 105 3.11 11.94 -2.76
C ALA A 105 4.34 11.09 -2.39
N ARG A 106 4.84 11.33 -1.18
CA ARG A 106 6.05 10.74 -0.67
C ARG A 106 5.90 9.31 -0.24
N ILE A 107 4.68 8.83 -0.17
CA ILE A 107 4.45 7.44 0.20
C ILE A 107 4.90 6.54 -0.95
N LYS A 108 4.64 6.96 -2.19
CA LYS A 108 4.98 6.19 -3.36
C LYS A 108 6.50 5.87 -3.45
N PRO A 109 7.41 6.90 -3.45
CA PRO A 109 8.86 6.66 -3.51
C PRO A 109 9.36 5.80 -2.34
N ALA A 110 8.68 5.93 -1.20
CA ALA A 110 9.02 5.21 0.00
C ALA A 110 8.68 3.74 -0.17
N VAL A 111 7.47 3.49 -0.60
CA VAL A 111 6.98 2.16 -0.81
C VAL A 111 7.78 1.45 -1.90
N ILE A 112 8.03 2.14 -3.02
CA ILE A 112 8.83 1.58 -4.12
C ILE A 112 10.17 1.03 -3.60
N LYS A 113 10.84 1.85 -2.79
CA LYS A 113 12.06 1.55 -2.18
C LYS A 113 11.97 0.29 -1.31
N TYR A 114 10.86 0.12 -0.61
CA TYR A 114 10.66 -1.04 0.23
C TYR A 114 10.61 -2.30 -0.61
N LEU A 115 9.82 -2.26 -1.66
CA LEU A 115 9.62 -3.41 -2.53
C LEU A 115 10.91 -3.85 -3.17
N ILE A 116 11.63 -2.91 -3.77
CA ILE A 116 12.88 -3.22 -4.45
C ILE A 116 13.93 -3.75 -3.51
N SER A 117 13.98 -3.20 -2.32
CA SER A 117 14.97 -3.59 -1.34
C SER A 117 14.74 -5.04 -0.84
N HIS A 118 13.52 -5.53 -1.01
CA HIS A 118 13.19 -6.89 -0.61
C HIS A 118 12.96 -7.77 -1.83
N SER A 119 13.40 -7.26 -3.00
CA SER A 119 13.36 -7.99 -4.27
C SER A 119 11.92 -8.38 -4.69
N PHE A 120 10.94 -7.56 -4.34
CA PHE A 120 9.57 -7.84 -4.73
C PHE A 120 9.36 -7.49 -6.19
N ARG A 121 8.26 -7.93 -6.76
CA ARG A 121 7.96 -7.61 -8.13
C ARG A 121 6.70 -6.81 -8.13
N PHE A 122 6.77 -5.60 -8.56
CA PHE A 122 5.62 -4.73 -8.60
C PHE A 122 5.58 -3.98 -9.90
N SER A 123 4.45 -3.37 -10.15
CA SER A 123 4.26 -2.57 -11.32
C SER A 123 3.19 -1.55 -10.99
N GLU A 124 3.43 -0.29 -11.29
CA GLU A 124 2.44 0.72 -11.00
C GLU A 124 1.37 0.72 -12.06
N ILE A 125 0.16 0.83 -11.63
CA ILE A 125 -0.96 0.90 -12.48
C ILE A 125 -1.07 2.31 -13.02
N LYS A 126 -1.36 3.24 -12.12
CA LYS A 126 -1.57 4.59 -12.40
C LYS A 126 -1.63 5.19 -10.96
N PRO A 127 -2.43 6.29 -10.60
CA PRO A 127 -2.21 7.10 -9.37
C PRO A 127 -1.65 6.41 -8.13
N GLY A 128 -0.32 6.49 -7.95
CA GLY A 128 0.37 5.94 -6.79
C GLY A 128 0.00 4.50 -6.47
N CYS A 129 -0.40 3.74 -7.44
CA CYS A 129 -0.85 2.41 -7.18
C CYS A 129 0.12 1.39 -7.72
N LEU A 130 0.86 0.81 -6.83
CA LEU A 130 1.87 -0.18 -7.13
C LEU A 130 1.26 -1.55 -6.92
N LYS A 131 1.10 -2.29 -7.96
CA LYS A 131 0.55 -3.61 -7.85
C LYS A 131 1.69 -4.60 -7.65
N VAL A 132 1.79 -5.12 -6.46
CA VAL A 132 2.88 -5.98 -6.07
C VAL A 132 2.49 -7.44 -6.24
N MET A 133 3.43 -8.22 -6.71
CA MET A 133 3.28 -9.64 -6.87
C MET A 133 3.98 -10.33 -5.74
N LEU A 134 3.36 -11.35 -5.27
CA LEU A 134 3.85 -12.08 -4.11
C LEU A 134 4.79 -13.19 -4.50
N LYS A 135 5.51 -13.68 -3.51
CA LYS A 135 6.51 -14.69 -3.71
C LYS A 135 6.29 -15.87 -2.76
N MET A 31 -4.56 22.82 7.79
CA MET A 31 -3.52 21.78 7.73
C MET A 31 -3.81 20.47 6.98
N LYS A 32 -2.77 19.98 6.37
CA LYS A 32 -2.78 18.71 5.70
C LYS A 32 -2.55 17.61 6.73
N GLU A 33 -2.00 18.01 7.86
CA GLU A 33 -1.77 17.13 9.00
C GLU A 33 -3.10 16.60 9.53
N ALA A 34 -4.14 17.41 9.40
CA ALA A 34 -5.48 17.00 9.81
C ALA A 34 -5.99 15.92 8.87
N ASN A 35 -5.68 16.07 7.59
CA ASN A 35 -6.04 15.08 6.58
C ASN A 35 -5.28 13.80 6.86
N HIS A 36 -4.04 13.95 7.30
CA HIS A 36 -3.22 12.84 7.73
C HIS A 36 -3.88 12.09 8.89
N LEU A 37 -4.33 12.80 9.88
CA LEU A 37 -4.93 12.17 11.04
C LEU A 37 -6.23 11.49 10.67
N ALA A 38 -6.92 12.07 9.70
CA ALA A 38 -8.12 11.49 9.18
C ALA A 38 -7.79 10.22 8.37
N ALA A 39 -6.61 10.20 7.78
CA ALA A 39 -6.18 9.08 6.95
C ALA A 39 -6.09 7.79 7.73
N ILE A 40 -5.61 7.85 8.97
CA ILE A 40 -5.48 6.64 9.78
C ILE A 40 -6.86 6.08 10.16
N GLU A 41 -7.79 6.94 10.55
CA GLU A 41 -9.12 6.47 10.93
C GLU A 41 -9.85 5.90 9.71
N ILE A 42 -9.63 6.52 8.56
CA ILE A 42 -10.20 6.02 7.33
C ILE A 42 -9.54 4.71 6.97
N PHE A 43 -8.21 4.66 7.13
CA PHE A 43 -7.40 3.50 6.82
C PHE A 43 -7.89 2.25 7.52
N GLU A 44 -8.14 2.36 8.81
CA GLU A 44 -8.54 1.19 9.56
C GLU A 44 -9.91 0.67 9.12
N LYS A 45 -10.88 1.57 8.98
CA LYS A 45 -12.20 1.14 8.58
C LYS A 45 -12.26 0.71 7.12
N VAL A 46 -11.44 1.35 6.30
CA VAL A 46 -11.43 1.08 4.89
C VAL A 46 -10.82 -0.29 4.62
N ASN A 47 -9.76 -0.66 5.36
CA ASN A 47 -9.13 -1.96 5.15
C ASN A 47 -10.06 -3.08 5.55
N ALA A 48 -10.96 -2.82 6.47
CA ALA A 48 -11.91 -3.82 6.92
C ALA A 48 -12.77 -4.38 5.75
N SER A 49 -12.94 -3.57 4.70
CA SER A 49 -13.66 -4.00 3.52
C SER A 49 -12.69 -4.23 2.32
N LEU A 50 -11.64 -3.43 2.25
CA LEU A 50 -10.69 -3.45 1.11
C LEU A 50 -9.61 -4.55 1.22
N LEU A 51 -9.16 -4.81 2.44
CA LEU A 51 -8.04 -5.74 2.69
C LEU A 51 -8.33 -7.19 2.18
N PRO A 52 -9.55 -7.78 2.40
CA PRO A 52 -9.89 -9.14 1.89
C PRO A 52 -9.81 -9.26 0.34
N GLN A 53 -9.68 -8.15 -0.36
CA GLN A 53 -9.57 -8.18 -1.82
C GLN A 53 -8.11 -8.28 -2.22
N ASN A 54 -7.24 -8.27 -1.21
CA ASN A 54 -5.81 -8.16 -1.38
C ASN A 54 -5.44 -6.79 -1.85
N VAL A 55 -6.14 -5.86 -1.25
CA VAL A 55 -5.94 -4.48 -1.44
C VAL A 55 -5.46 -3.89 -0.14
N LEU A 56 -4.37 -3.23 -0.21
CA LEU A 56 -3.80 -2.56 0.91
C LEU A 56 -3.83 -1.09 0.57
N ASP A 57 -4.78 -0.40 1.16
CA ASP A 57 -4.99 0.99 0.86
C ASP A 57 -4.56 1.86 2.03
N LEU A 58 -3.50 2.62 1.85
CA LEU A 58 -2.99 3.52 2.89
C LEU A 58 -2.58 4.87 2.32
N HIS A 59 -3.54 5.67 2.01
CA HIS A 59 -3.24 6.94 1.44
C HIS A 59 -3.47 8.07 2.41
N GLY A 60 -2.48 8.91 2.53
CA GLY A 60 -2.55 10.05 3.44
C GLY A 60 -1.69 9.84 4.68
N LEU A 61 -1.07 8.69 4.78
CA LEU A 61 -0.18 8.40 5.90
C LEU A 61 1.23 8.89 5.62
N HIS A 62 2.09 8.81 6.62
CA HIS A 62 3.49 9.15 6.43
C HIS A 62 4.23 7.98 5.85
N VAL A 63 5.43 8.25 5.38
CA VAL A 63 6.35 7.26 4.85
C VAL A 63 6.52 6.11 5.82
N ASP A 64 6.82 6.44 7.06
CA ASP A 64 7.08 5.48 8.12
C ASP A 64 5.87 4.63 8.38
N GLU A 65 4.77 5.30 8.57
CA GLU A 65 3.48 4.70 8.85
C GLU A 65 3.06 3.78 7.72
N ALA A 66 3.16 4.25 6.50
CA ALA A 66 2.81 3.46 5.37
C ALA A 66 3.69 2.21 5.26
N LEU A 67 4.98 2.37 5.54
CA LEU A 67 5.90 1.24 5.46
C LEU A 67 5.57 0.17 6.48
N GLU A 68 5.29 0.60 7.72
CA GLU A 68 4.99 -0.34 8.78
C GLU A 68 3.66 -1.06 8.55
N HIS A 69 2.67 -0.36 8.05
CA HIS A 69 1.37 -0.97 7.76
C HIS A 69 1.44 -1.86 6.51
N LEU A 70 2.30 -1.50 5.60
CA LEU A 70 2.51 -2.26 4.38
C LEU A 70 3.24 -3.57 4.67
N MET A 71 4.33 -3.49 5.42
CA MET A 71 5.20 -4.64 5.69
C MET A 71 4.45 -5.78 6.39
N ARG A 72 3.61 -5.44 7.36
CA ARG A 72 2.84 -6.43 8.12
C ARG A 72 1.86 -7.16 7.22
N VAL A 73 1.28 -6.45 6.30
CA VAL A 73 0.32 -7.03 5.41
C VAL A 73 1.00 -7.91 4.36
N LEU A 74 2.13 -7.47 3.84
CA LEU A 74 2.87 -8.27 2.86
C LEU A 74 3.27 -9.61 3.41
N GLU A 75 3.81 -9.62 4.62
CA GLU A 75 4.26 -10.86 5.23
C GLU A 75 3.11 -11.83 5.49
N LYS A 76 1.98 -11.29 5.91
CA LYS A 76 0.82 -12.13 6.16
C LYS A 76 0.16 -12.57 4.87
N LYS A 77 0.13 -11.69 3.87
CA LYS A 77 -0.47 -12.02 2.58
C LYS A 77 0.35 -13.02 1.82
N THR A 78 1.66 -12.90 1.88
CA THR A 78 2.51 -13.86 1.22
C THR A 78 2.30 -15.24 1.88
N GLU A 79 2.08 -15.22 3.18
CA GLU A 79 1.82 -16.40 3.94
C GLU A 79 0.46 -16.99 3.54
N GLU A 80 -0.59 -16.16 3.52
CA GLU A 80 -1.94 -16.58 3.04
C GLU A 80 -1.86 -17.15 1.63
N PHE A 81 -1.06 -16.53 0.81
CA PHE A 81 -0.81 -16.94 -0.56
C PHE A 81 -0.29 -18.37 -0.66
N LYS A 82 0.76 -18.68 0.06
CA LYS A 82 1.37 -19.99 -0.01
C LYS A 82 0.67 -21.01 0.91
N GLN A 83 0.15 -20.57 2.03
CA GLN A 83 -0.52 -21.46 2.96
C GLN A 83 -1.95 -21.77 2.56
N ASN A 84 -2.73 -20.74 2.37
CA ASN A 84 -4.16 -20.89 2.15
C ASN A 84 -4.50 -20.95 0.69
N GLY A 85 -3.70 -20.27 -0.11
CA GLY A 85 -3.96 -20.20 -1.51
C GLY A 85 -4.87 -19.04 -1.81
N GLY A 86 -4.49 -17.87 -1.30
CA GLY A 86 -5.28 -16.68 -1.49
C GLY A 86 -5.02 -16.04 -2.83
N LYS A 87 -4.42 -14.87 -2.82
CA LYS A 87 -4.06 -14.19 -4.04
C LYS A 87 -2.56 -13.99 -4.10
N PRO A 88 -1.99 -14.16 -5.29
CA PRO A 88 -0.54 -14.00 -5.51
C PRO A 88 -0.10 -12.55 -5.64
N TYR A 89 -0.94 -11.63 -5.24
CA TYR A 89 -0.64 -10.24 -5.39
C TYR A 89 -1.23 -9.46 -4.25
N LEU A 90 -0.79 -8.24 -4.13
CA LEU A 90 -1.33 -7.29 -3.19
C LEU A 90 -1.31 -5.93 -3.86
N SER A 91 -2.45 -5.30 -3.96
CA SER A 91 -2.55 -3.99 -4.59
C SER A 91 -2.43 -2.89 -3.54
N VAL A 92 -1.37 -2.12 -3.61
CA VAL A 92 -1.10 -1.09 -2.65
C VAL A 92 -1.46 0.29 -3.19
N ILE A 93 -2.47 0.88 -2.62
CA ILE A 93 -2.89 2.20 -3.00
C ILE A 93 -2.21 3.19 -2.09
N THR A 94 -1.25 3.91 -2.63
CA THR A 94 -0.56 4.90 -1.86
C THR A 94 -1.29 6.23 -1.95
N GLY A 95 -2.17 6.31 -2.94
CA GLY A 95 -2.97 7.47 -3.14
C GLY A 95 -2.97 7.86 -4.57
N ARG A 96 -3.39 9.06 -4.84
CA ARG A 96 -3.34 9.59 -6.16
C ARG A 96 -2.29 10.65 -6.26
N GLY A 97 -1.07 10.19 -6.41
CA GLY A 97 0.08 11.07 -6.49
C GLY A 97 0.04 11.89 -7.74
N ASN A 98 -0.03 11.22 -8.86
CA ASN A 98 -0.08 11.89 -10.12
C ASN A 98 -1.17 11.26 -10.93
N HIS A 99 -2.25 11.96 -11.08
CA HIS A 99 -3.37 11.48 -11.86
C HIS A 99 -3.77 12.55 -12.85
N SER A 100 -2.98 13.61 -12.90
CA SER A 100 -3.28 14.77 -13.71
C SER A 100 -2.08 15.73 -13.74
N GLN A 101 -1.83 16.37 -12.62
CA GLN A 101 -0.71 17.29 -12.48
C GLN A 101 0.40 16.66 -11.64
N GLY A 102 0.10 16.42 -10.39
CA GLY A 102 1.08 15.84 -9.49
C GLY A 102 0.87 16.37 -8.10
N GLY A 103 1.66 15.94 -7.18
CA GLY A 103 1.50 16.35 -5.82
C GLY A 103 2.69 16.01 -4.99
N VAL A 104 2.47 15.75 -3.73
CA VAL A 104 3.52 15.42 -2.81
C VAL A 104 3.87 13.94 -2.94
N ALA A 105 2.95 13.09 -2.47
CA ALA A 105 3.07 11.62 -2.51
C ALA A 105 4.47 11.09 -2.17
N ARG A 106 4.77 11.01 -0.89
CA ARG A 106 6.07 10.49 -0.44
C ARG A 106 5.94 9.03 -0.09
N ILE A 107 4.72 8.58 0.00
CA ILE A 107 4.42 7.20 0.29
C ILE A 107 4.90 6.33 -0.87
N LYS A 108 4.60 6.75 -2.09
CA LYS A 108 4.95 5.97 -3.27
C LYS A 108 6.46 5.70 -3.38
N PRO A 109 7.34 6.76 -3.42
CA PRO A 109 8.80 6.57 -3.50
C PRO A 109 9.35 5.70 -2.36
N ALA A 110 8.71 5.79 -1.19
CA ALA A 110 9.16 5.05 -0.03
C ALA A 110 8.78 3.59 -0.15
N VAL A 111 7.53 3.35 -0.51
CA VAL A 111 7.03 2.01 -0.65
C VAL A 111 7.78 1.28 -1.77
N ILE A 112 8.00 1.97 -2.89
CA ILE A 112 8.76 1.39 -4.01
C ILE A 112 10.13 0.92 -3.55
N LYS A 113 10.79 1.73 -2.73
CA LYS A 113 12.05 1.47 -2.21
C LYS A 113 12.02 0.26 -1.26
N TYR A 114 10.91 0.06 -0.59
CA TYR A 114 10.75 -1.09 0.29
C TYR A 114 10.68 -2.38 -0.52
N LEU A 115 9.86 -2.36 -1.57
CA LEU A 115 9.66 -3.54 -2.41
C LEU A 115 10.94 -3.99 -3.08
N ILE A 116 11.63 -3.06 -3.73
CA ILE A 116 12.88 -3.38 -4.45
C ILE A 116 13.94 -3.94 -3.51
N SER A 117 13.95 -3.42 -2.29
CA SER A 117 14.92 -3.82 -1.30
C SER A 117 14.71 -5.26 -0.82
N HIS A 118 13.54 -5.83 -1.07
CA HIS A 118 13.27 -7.22 -0.75
C HIS A 118 13.11 -8.07 -1.99
N SER A 119 13.42 -7.47 -3.15
CA SER A 119 13.32 -8.14 -4.46
C SER A 119 11.86 -8.53 -4.77
N PHE A 120 10.92 -7.67 -4.41
CA PHE A 120 9.52 -7.90 -4.73
C PHE A 120 9.24 -7.52 -6.15
N ARG A 121 8.29 -8.16 -6.75
CA ARG A 121 7.96 -7.84 -8.10
C ARG A 121 6.71 -7.02 -8.02
N PHE A 122 6.78 -5.81 -8.44
CA PHE A 122 5.63 -4.95 -8.44
C PHE A 122 5.56 -4.16 -9.72
N SER A 123 4.40 -3.71 -10.01
CA SER A 123 4.14 -2.91 -11.17
C SER A 123 3.07 -1.93 -10.78
N GLU A 124 3.29 -0.66 -11.00
CA GLU A 124 2.27 0.28 -10.66
C GLU A 124 1.25 0.31 -11.78
N ILE A 125 0.04 0.57 -11.43
CA ILE A 125 -1.00 0.71 -12.40
C ILE A 125 -0.85 2.09 -13.01
N LYS A 126 -1.25 3.06 -12.24
CA LYS A 126 -1.27 4.45 -12.56
C LYS A 126 -1.20 5.17 -11.16
N PRO A 127 -1.73 6.46 -10.91
CA PRO A 127 -1.43 7.42 -9.75
C PRO A 127 -0.57 7.01 -8.51
N GLY A 128 0.26 6.03 -8.60
CA GLY A 128 1.01 5.58 -7.45
C GLY A 128 0.44 4.32 -6.86
N CYS A 129 -0.45 3.69 -7.57
CA CYS A 129 -1.05 2.46 -7.12
C CYS A 129 -0.17 1.29 -7.55
N LEU A 130 0.50 0.73 -6.59
CA LEU A 130 1.50 -0.29 -6.83
C LEU A 130 0.92 -1.67 -6.64
N LYS A 131 0.86 -2.42 -7.71
CA LYS A 131 0.38 -3.77 -7.62
C LYS A 131 1.59 -4.69 -7.46
N VAL A 132 1.73 -5.22 -6.29
CA VAL A 132 2.86 -6.05 -5.95
C VAL A 132 2.48 -7.52 -6.11
N MET A 133 3.38 -8.28 -6.65
CA MET A 133 3.22 -9.71 -6.78
C MET A 133 3.92 -10.31 -5.57
N LEU A 134 3.33 -11.29 -4.98
CA LEU A 134 3.88 -11.92 -3.81
C LEU A 134 4.92 -12.94 -4.22
N LYS A 135 5.91 -13.13 -3.39
CA LYS A 135 7.04 -13.93 -3.72
C LYS A 135 7.08 -15.23 -2.90
N MET A 31 -1.84 23.82 6.63
CA MET A 31 -1.19 22.63 6.14
C MET A 31 -2.11 21.47 5.90
N LYS A 32 -1.84 20.76 4.82
CA LYS A 32 -2.58 19.58 4.43
C LYS A 32 -2.20 18.40 5.32
N GLU A 33 -1.31 18.65 6.28
CA GLU A 33 -0.86 17.65 7.20
C GLU A 33 -1.99 17.30 8.18
N ALA A 34 -2.91 18.23 8.40
CA ALA A 34 -4.08 17.99 9.22
C ALA A 34 -4.97 16.94 8.55
N ASN A 35 -5.09 17.06 7.24
CA ASN A 35 -5.86 16.12 6.43
C ASN A 35 -5.12 14.78 6.43
N HIS A 36 -3.81 14.88 6.35
CA HIS A 36 -2.90 13.75 6.39
C HIS A 36 -3.10 12.92 7.68
N LEU A 37 -3.36 13.60 8.78
CA LEU A 37 -3.58 12.93 10.07
C LEU A 37 -4.90 12.14 10.05
N ALA A 38 -5.85 12.63 9.29
CA ALA A 38 -7.15 12.00 9.15
C ALA A 38 -7.09 10.80 8.22
N ALA A 39 -6.06 10.75 7.40
CA ALA A 39 -5.90 9.65 6.44
C ALA A 39 -5.73 8.30 7.15
N ILE A 40 -5.17 8.35 8.36
CA ILE A 40 -4.93 7.15 9.16
C ILE A 40 -6.25 6.44 9.50
N GLU A 41 -7.23 7.20 9.96
CA GLU A 41 -8.52 6.62 10.34
C GLU A 41 -9.29 6.16 9.11
N ILE A 42 -9.05 6.85 8.00
CA ILE A 42 -9.67 6.50 6.74
C ILE A 42 -9.13 5.14 6.31
N PHE A 43 -7.81 5.00 6.39
CA PHE A 43 -7.11 3.76 6.10
C PHE A 43 -7.66 2.61 6.95
N GLU A 44 -7.81 2.85 8.24
CA GLU A 44 -8.30 1.83 9.14
C GLU A 44 -9.69 1.34 8.75
N LYS A 45 -10.60 2.25 8.44
CA LYS A 45 -11.91 1.82 8.02
C LYS A 45 -11.90 1.16 6.64
N VAL A 46 -11.09 1.70 5.72
CA VAL A 46 -11.08 1.18 4.35
C VAL A 46 -10.39 -0.18 4.22
N ASN A 47 -9.17 -0.33 4.77
CA ASN A 47 -8.39 -1.58 4.58
C ASN A 47 -9.12 -2.79 5.18
N ALA A 48 -10.01 -2.56 6.12
CA ALA A 48 -10.77 -3.64 6.74
C ALA A 48 -11.70 -4.32 5.74
N SER A 49 -12.20 -3.54 4.79
CA SER A 49 -13.08 -4.07 3.77
C SER A 49 -12.30 -4.30 2.46
N LEU A 50 -11.09 -3.78 2.44
CA LEU A 50 -10.25 -3.83 1.26
C LEU A 50 -9.22 -4.96 1.28
N LEU A 51 -8.76 -5.34 2.46
CA LEU A 51 -7.85 -6.46 2.58
C LEU A 51 -8.39 -7.80 2.07
N PRO A 52 -9.72 -8.12 2.21
CA PRO A 52 -10.30 -9.30 1.55
C PRO A 52 -10.15 -9.26 0.01
N GLN A 53 -9.98 -8.05 -0.57
CA GLN A 53 -9.82 -7.93 -2.03
C GLN A 53 -8.33 -8.11 -2.33
N ASN A 54 -7.58 -8.07 -1.24
CA ASN A 54 -6.14 -8.06 -1.16
C ASN A 54 -5.63 -6.76 -1.74
N VAL A 55 -6.19 -5.71 -1.20
CA VAL A 55 -5.88 -4.36 -1.52
C VAL A 55 -5.51 -3.65 -0.25
N LEU A 56 -4.41 -3.00 -0.27
CA LEU A 56 -3.96 -2.25 0.85
C LEU A 56 -3.94 -0.80 0.48
N ASP A 57 -4.91 -0.09 0.94
CA ASP A 57 -5.02 1.30 0.66
C ASP A 57 -4.68 2.09 1.90
N LEU A 58 -3.58 2.78 1.86
CA LEU A 58 -3.08 3.56 2.97
C LEU A 58 -2.56 4.90 2.49
N HIS A 59 -3.31 5.53 1.62
CA HIS A 59 -2.89 6.78 1.07
C HIS A 59 -3.08 7.92 2.05
N GLY A 60 -2.06 8.70 2.20
CA GLY A 60 -2.14 9.87 3.03
C GLY A 60 -1.43 9.73 4.36
N LEU A 61 -1.03 8.54 4.70
CA LEU A 61 -0.28 8.31 5.94
C LEU A 61 1.16 8.83 5.82
N HIS A 62 1.90 8.76 6.91
CA HIS A 62 3.32 9.11 6.88
C HIS A 62 4.08 7.98 6.24
N VAL A 63 5.25 8.28 5.75
CA VAL A 63 6.10 7.30 5.09
C VAL A 63 6.36 6.12 6.01
N ASP A 64 6.77 6.42 7.22
CA ASP A 64 7.11 5.38 8.19
C ASP A 64 5.88 4.58 8.57
N GLU A 65 4.76 5.26 8.82
CA GLU A 65 3.50 4.60 9.16
C GLU A 65 3.11 3.64 8.08
N ALA A 66 3.04 4.14 6.87
CA ALA A 66 2.67 3.36 5.73
C ALA A 66 3.58 2.17 5.57
N LEU A 67 4.89 2.38 5.72
CA LEU A 67 5.84 1.28 5.58
C LEU A 67 5.61 0.19 6.61
N GLU A 68 5.35 0.57 7.86
CA GLU A 68 5.12 -0.40 8.92
C GLU A 68 3.82 -1.16 8.67
N HIS A 69 2.78 -0.43 8.29
CA HIS A 69 1.48 -1.03 8.03
C HIS A 69 1.53 -1.90 6.75
N LEU A 70 2.35 -1.48 5.81
CA LEU A 70 2.55 -2.19 4.55
C LEU A 70 3.29 -3.50 4.78
N MET A 71 4.41 -3.44 5.48
CA MET A 71 5.25 -4.62 5.69
C MET A 71 4.53 -5.72 6.46
N ARG A 72 3.70 -5.33 7.44
CA ARG A 72 2.99 -6.33 8.25
C ARG A 72 1.99 -7.10 7.40
N VAL A 73 1.38 -6.41 6.45
CA VAL A 73 0.40 -7.01 5.59
C VAL A 73 1.05 -7.89 4.54
N LEU A 74 2.10 -7.39 3.90
CA LEU A 74 2.78 -8.17 2.86
C LEU A 74 3.28 -9.50 3.34
N GLU A 75 3.86 -9.52 4.53
CA GLU A 75 4.35 -10.78 5.06
C GLU A 75 3.20 -11.75 5.32
N LYS A 76 2.13 -11.25 5.93
CA LYS A 76 1.01 -12.13 6.27
C LYS A 76 0.23 -12.57 5.03
N LYS A 77 0.14 -11.70 4.04
CA LYS A 77 -0.57 -12.04 2.82
C LYS A 77 0.21 -13.01 1.99
N THR A 78 1.53 -12.90 2.01
CA THR A 78 2.34 -13.86 1.32
C THR A 78 2.25 -15.21 2.04
N GLU A 79 2.09 -15.16 3.37
CA GLU A 79 1.84 -16.35 4.16
C GLU A 79 0.53 -16.98 3.74
N GLU A 80 -0.54 -16.21 3.73
CA GLU A 80 -1.85 -16.69 3.28
C GLU A 80 -1.79 -17.20 1.85
N PHE A 81 -1.01 -16.55 1.04
CA PHE A 81 -0.76 -16.94 -0.34
C PHE A 81 -0.24 -18.38 -0.44
N LYS A 82 0.78 -18.69 0.32
CA LYS A 82 1.37 -20.02 0.25
C LYS A 82 0.75 -21.04 1.22
N GLN A 83 0.02 -20.55 2.22
CA GLN A 83 -0.62 -21.45 3.19
C GLN A 83 -2.08 -21.75 2.84
N ASN A 84 -2.85 -20.71 2.62
CA ASN A 84 -4.30 -20.86 2.39
C ASN A 84 -4.64 -20.79 0.93
N GLY A 85 -3.72 -20.28 0.16
CA GLY A 85 -3.95 -20.10 -1.24
C GLY A 85 -4.57 -18.75 -1.50
N GLY A 86 -3.96 -17.72 -0.95
CA GLY A 86 -4.41 -16.36 -1.17
C GLY A 86 -3.97 -15.85 -2.53
N LYS A 87 -4.32 -14.62 -2.85
CA LYS A 87 -3.96 -14.05 -4.12
C LYS A 87 -2.45 -13.88 -4.26
N PRO A 88 -1.93 -14.14 -5.47
CA PRO A 88 -0.50 -14.00 -5.77
C PRO A 88 -0.10 -12.55 -6.01
N TYR A 89 -0.96 -11.63 -5.63
CA TYR A 89 -0.75 -10.25 -5.86
C TYR A 89 -1.50 -9.47 -4.83
N LEU A 90 -1.03 -8.30 -4.55
CA LEU A 90 -1.65 -7.41 -3.63
C LEU A 90 -1.54 -6.01 -4.23
N SER A 91 -2.64 -5.33 -4.34
CA SER A 91 -2.66 -4.02 -4.91
C SER A 91 -2.57 -2.96 -3.80
N VAL A 92 -1.49 -2.19 -3.81
CA VAL A 92 -1.23 -1.20 -2.79
C VAL A 92 -1.52 0.20 -3.34
N ILE A 93 -2.30 0.97 -2.63
CA ILE A 93 -2.57 2.35 -2.99
C ILE A 93 -1.79 3.22 -2.03
N THR A 94 -0.78 3.89 -2.55
CA THR A 94 0.06 4.71 -1.70
C THR A 94 -0.41 6.14 -1.68
N GLY A 95 -1.08 6.58 -2.72
CA GLY A 95 -1.44 7.95 -2.77
C GLY A 95 -2.20 8.28 -3.97
N ARG A 96 -1.96 9.45 -4.47
CA ARG A 96 -2.57 9.91 -5.67
C ARG A 96 -1.51 10.32 -6.63
N GLY A 97 -0.76 11.41 -6.32
CA GLY A 97 0.28 11.87 -7.23
C GLY A 97 -0.32 12.08 -8.57
N ASN A 98 -1.24 13.05 -8.59
CA ASN A 98 -2.22 13.31 -9.67
C ASN A 98 -1.84 12.74 -11.03
N HIS A 99 -2.56 11.65 -11.34
CA HIS A 99 -2.48 10.83 -12.55
C HIS A 99 -1.10 10.54 -13.07
N SER A 100 -0.65 11.39 -13.96
CA SER A 100 0.56 11.17 -14.66
C SER A 100 1.44 12.40 -14.54
N GLN A 101 1.06 13.27 -13.64
CA GLN A 101 1.79 14.49 -13.39
C GLN A 101 2.67 14.29 -12.19
N GLY A 102 2.13 13.63 -11.19
CA GLY A 102 2.87 13.42 -9.99
C GLY A 102 2.37 14.35 -8.92
N GLY A 103 3.15 14.59 -7.91
CA GLY A 103 2.73 15.46 -6.85
C GLY A 103 3.48 15.18 -5.58
N VAL A 104 2.77 15.22 -4.47
CA VAL A 104 3.37 14.98 -3.18
C VAL A 104 3.59 13.49 -2.99
N ALA A 105 2.48 12.77 -2.68
CA ALA A 105 2.41 11.30 -2.48
C ALA A 105 3.75 10.66 -2.12
N ARG A 106 4.18 10.85 -0.88
CA ARG A 106 5.51 10.39 -0.47
C ARG A 106 5.54 8.97 -0.01
N ILE A 107 4.40 8.35 0.04
CA ILE A 107 4.34 6.95 0.37
C ILE A 107 4.75 6.15 -0.86
N LYS A 108 4.45 6.69 -2.03
CA LYS A 108 4.75 6.05 -3.29
C LYS A 108 6.26 5.79 -3.48
N PRO A 109 7.16 6.83 -3.43
CA PRO A 109 8.60 6.61 -3.61
C PRO A 109 9.18 5.77 -2.47
N ALA A 110 8.52 5.79 -1.34
CA ALA A 110 8.96 5.07 -0.17
C ALA A 110 8.65 3.59 -0.32
N VAL A 111 7.42 3.29 -0.69
CA VAL A 111 6.99 1.93 -0.84
C VAL A 111 7.69 1.26 -2.04
N ILE A 112 7.86 1.99 -3.14
CA ILE A 112 8.58 1.46 -4.33
C ILE A 112 9.99 0.97 -3.90
N LYS A 113 10.61 1.75 -3.05
CA LYS A 113 11.90 1.51 -2.51
C LYS A 113 11.87 0.26 -1.59
N TYR A 114 10.76 0.05 -0.94
CA TYR A 114 10.58 -1.07 -0.05
C TYR A 114 10.53 -2.38 -0.85
N LEU A 115 9.73 -2.37 -1.92
CA LEU A 115 9.55 -3.57 -2.73
C LEU A 115 10.85 -4.00 -3.35
N ILE A 116 11.56 -3.07 -3.95
CA ILE A 116 12.84 -3.36 -4.57
C ILE A 116 13.88 -3.80 -3.54
N SER A 117 13.79 -3.24 -2.34
CA SER A 117 14.69 -3.57 -1.25
C SER A 117 14.53 -5.05 -0.84
N HIS A 118 13.34 -5.59 -1.02
CA HIS A 118 13.08 -6.98 -0.63
C HIS A 118 12.88 -7.88 -1.84
N SER A 119 13.32 -7.40 -3.00
CA SER A 119 13.32 -8.16 -4.25
C SER A 119 11.88 -8.55 -4.70
N PHE A 120 10.90 -7.73 -4.36
CA PHE A 120 9.52 -8.00 -4.76
C PHE A 120 9.32 -7.72 -6.23
N ARG A 121 8.25 -8.27 -6.78
CA ARG A 121 7.94 -8.03 -8.15
C ARG A 121 6.68 -7.20 -8.12
N PHE A 122 6.74 -6.01 -8.61
CA PHE A 122 5.59 -5.14 -8.61
C PHE A 122 5.60 -4.28 -9.86
N SER A 123 4.48 -3.75 -10.18
CA SER A 123 4.33 -2.89 -11.30
C SER A 123 3.28 -1.87 -10.92
N GLU A 124 3.51 -0.59 -11.17
CA GLU A 124 2.50 0.35 -10.81
C GLU A 124 1.49 0.48 -11.92
N ILE A 125 0.29 0.81 -11.56
CA ILE A 125 -0.76 1.03 -12.51
C ILE A 125 -0.58 2.43 -13.05
N LYS A 126 -0.69 3.35 -12.12
CA LYS A 126 -0.57 4.79 -12.20
C LYS A 126 -1.01 5.26 -10.78
N PRO A 127 -1.65 6.48 -10.53
CA PRO A 127 -1.70 7.18 -9.20
C PRO A 127 -0.95 6.56 -8.00
N GLY A 128 0.30 6.16 -8.21
CA GLY A 128 1.11 5.60 -7.13
C GLY A 128 0.61 4.25 -6.65
N CYS A 129 -0.31 3.67 -7.35
CA CYS A 129 -0.85 2.43 -6.95
C CYS A 129 -0.03 1.29 -7.54
N LEU A 130 0.60 0.57 -6.66
CA LEU A 130 1.54 -0.46 -7.01
C LEU A 130 0.88 -1.81 -6.91
N LYS A 131 0.91 -2.55 -7.97
CA LYS A 131 0.37 -3.88 -7.96
C LYS A 131 1.53 -4.83 -7.80
N VAL A 132 1.61 -5.42 -6.65
CA VAL A 132 2.73 -6.25 -6.27
C VAL A 132 2.37 -7.71 -6.43
N MET A 133 3.28 -8.45 -6.98
CA MET A 133 3.16 -9.88 -7.13
C MET A 133 3.92 -10.49 -5.95
N LEU A 134 3.24 -11.30 -5.19
CA LEU A 134 3.81 -11.87 -3.97
C LEU A 134 4.88 -12.91 -4.30
N LYS A 135 5.83 -13.06 -3.41
CA LYS A 135 6.98 -13.90 -3.64
C LYS A 135 6.89 -15.23 -2.88
N MET A 31 -8.80 21.78 2.46
CA MET A 31 -7.43 21.74 2.92
C MET A 31 -6.86 20.34 2.92
N LYS A 32 -5.71 20.22 2.31
CA LYS A 32 -5.00 18.96 2.09
C LYS A 32 -4.59 18.32 3.39
N GLU A 33 -4.26 19.14 4.38
CA GLU A 33 -3.88 18.65 5.69
C GLU A 33 -5.02 17.85 6.31
N ALA A 34 -6.23 18.34 6.15
CA ALA A 34 -7.42 17.67 6.67
C ALA A 34 -7.63 16.36 5.93
N ASN A 35 -7.28 16.36 4.65
CA ASN A 35 -7.38 15.16 3.83
C ASN A 35 -6.41 14.11 4.32
N HIS A 36 -5.21 14.56 4.70
CA HIS A 36 -4.15 13.71 5.19
C HIS A 36 -4.49 13.17 6.60
N LEU A 37 -5.07 14.03 7.43
CA LEU A 37 -5.47 13.63 8.78
C LEU A 37 -6.54 12.54 8.74
N ALA A 38 -7.49 12.72 7.83
CA ALA A 38 -8.59 11.78 7.67
C ALA A 38 -8.15 10.48 7.02
N ALA A 39 -7.00 10.49 6.38
CA ALA A 39 -6.47 9.32 5.66
C ALA A 39 -6.31 8.13 6.59
N ILE A 40 -5.93 8.38 7.83
CA ILE A 40 -5.72 7.32 8.81
C ILE A 40 -7.02 6.58 9.10
N GLU A 41 -8.10 7.31 9.40
CA GLU A 41 -9.39 6.67 9.67
C GLU A 41 -9.90 5.97 8.41
N ILE A 42 -9.67 6.59 7.24
CA ILE A 42 -10.09 6.02 5.96
C ILE A 42 -9.45 4.66 5.78
N PHE A 43 -8.13 4.61 5.95
CA PHE A 43 -7.34 3.38 5.80
C PHE A 43 -7.88 2.24 6.66
N GLU A 44 -8.22 2.55 7.90
CA GLU A 44 -8.75 1.55 8.81
C GLU A 44 -10.04 0.95 8.27
N LYS A 45 -11.00 1.82 7.97
CA LYS A 45 -12.27 1.38 7.46
C LYS A 45 -12.23 0.80 6.05
N VAL A 46 -11.31 1.25 5.22
CA VAL A 46 -11.23 0.72 3.86
C VAL A 46 -10.57 -0.65 3.81
N ASN A 47 -9.48 -0.83 4.56
CA ASN A 47 -8.73 -2.09 4.50
C ASN A 47 -9.55 -3.29 4.95
N ALA A 48 -10.57 -3.02 5.76
CA ALA A 48 -11.47 -4.05 6.27
C ALA A 48 -12.19 -4.81 5.15
N SER A 49 -12.46 -4.12 4.05
CA SER A 49 -13.14 -4.74 2.94
C SER A 49 -12.18 -4.84 1.73
N LEU A 50 -10.98 -4.32 1.91
CA LEU A 50 -9.99 -4.25 0.83
C LEU A 50 -8.90 -5.29 0.96
N LEU A 51 -8.49 -5.59 2.17
CA LEU A 51 -7.49 -6.61 2.41
C LEU A 51 -7.87 -8.00 1.91
N PRO A 52 -9.16 -8.45 2.03
CA PRO A 52 -9.60 -9.71 1.41
C PRO A 52 -9.46 -9.68 -0.13
N GLN A 53 -9.28 -8.48 -0.71
CA GLN A 53 -9.12 -8.38 -2.14
C GLN A 53 -7.63 -8.36 -2.47
N ASN A 54 -6.81 -8.47 -1.41
CA ASN A 54 -5.35 -8.37 -1.51
C ASN A 54 -4.96 -6.98 -1.94
N VAL A 55 -5.69 -6.05 -1.38
CA VAL A 55 -5.53 -4.66 -1.62
C VAL A 55 -5.20 -3.96 -0.33
N LEU A 56 -4.10 -3.29 -0.34
CA LEU A 56 -3.69 -2.52 0.78
C LEU A 56 -3.75 -1.09 0.37
N ASP A 57 -4.76 -0.43 0.81
CA ASP A 57 -4.93 0.94 0.47
C ASP A 57 -4.62 1.76 1.71
N LEU A 58 -3.52 2.49 1.66
CA LEU A 58 -3.04 3.26 2.79
C LEU A 58 -2.63 4.64 2.34
N HIS A 59 -3.43 5.21 1.48
CA HIS A 59 -3.12 6.49 0.93
C HIS A 59 -3.31 7.61 1.92
N GLY A 60 -2.32 8.44 1.99
CA GLY A 60 -2.43 9.63 2.80
C GLY A 60 -1.81 9.49 4.15
N LEU A 61 -1.34 8.31 4.49
CA LEU A 61 -0.65 8.13 5.76
C LEU A 61 0.76 8.68 5.68
N HIS A 62 1.45 8.62 6.77
CA HIS A 62 2.83 9.05 6.78
C HIS A 62 3.68 7.94 6.21
N VAL A 63 4.86 8.29 5.74
CA VAL A 63 5.80 7.34 5.12
C VAL A 63 6.08 6.18 6.06
N ASP A 64 6.36 6.51 7.30
CA ASP A 64 6.70 5.51 8.30
C ASP A 64 5.53 4.60 8.61
N GLU A 65 4.33 5.19 8.68
CA GLU A 65 3.10 4.43 8.94
C GLU A 65 2.85 3.47 7.81
N ALA A 66 2.82 3.99 6.60
CA ALA A 66 2.62 3.19 5.43
C ALA A 66 3.61 2.04 5.34
N LEU A 67 4.86 2.30 5.67
CA LEU A 67 5.88 1.26 5.64
C LEU A 67 5.67 0.21 6.74
N GLU A 68 5.35 0.64 7.97
CA GLU A 68 5.15 -0.30 9.06
C GLU A 68 3.90 -1.15 8.82
N HIS A 69 2.88 -0.54 8.26
CA HIS A 69 1.67 -1.26 7.94
C HIS A 69 1.92 -2.21 6.77
N LEU A 70 2.67 -1.74 5.77
CA LEU A 70 3.00 -2.52 4.58
C LEU A 70 3.74 -3.79 4.92
N MET A 71 4.81 -3.65 5.70
CA MET A 71 5.67 -4.79 6.04
C MET A 71 4.90 -5.92 6.72
N ARG A 72 4.01 -5.54 7.62
CA ARG A 72 3.25 -6.52 8.36
C ARG A 72 2.15 -7.13 7.49
N VAL A 73 1.60 -6.36 6.58
CA VAL A 73 0.59 -6.86 5.70
C VAL A 73 1.19 -7.79 4.63
N LEU A 74 2.35 -7.42 4.09
CA LEU A 74 3.04 -8.25 3.10
C LEU A 74 3.33 -9.63 3.63
N GLU A 75 3.83 -9.70 4.86
CA GLU A 75 4.18 -10.99 5.44
C GLU A 75 2.95 -11.87 5.62
N LYS A 76 1.87 -11.31 6.19
CA LYS A 76 0.66 -12.07 6.45
C LYS A 76 0.00 -12.49 5.14
N LYS A 77 0.04 -11.61 4.16
CA LYS A 77 -0.57 -11.87 2.87
C LYS A 77 0.19 -12.90 2.08
N THR A 78 1.51 -12.83 2.08
CA THR A 78 2.32 -13.81 1.37
C THR A 78 2.15 -15.19 2.04
N GLU A 79 2.06 -15.17 3.36
CA GLU A 79 1.87 -16.36 4.13
C GLU A 79 0.51 -16.98 3.81
N GLU A 80 -0.55 -16.18 3.92
CA GLU A 80 -1.91 -16.66 3.67
C GLU A 80 -2.10 -17.03 2.20
N PHE A 81 -1.36 -16.36 1.33
CA PHE A 81 -1.33 -16.66 -0.09
C PHE A 81 -0.92 -18.10 -0.32
N LYS A 82 0.19 -18.50 0.23
CA LYS A 82 0.70 -19.83 -0.01
C LYS A 82 0.12 -20.88 0.94
N GLN A 83 -0.34 -20.45 2.10
CA GLN A 83 -0.95 -21.36 3.05
C GLN A 83 -2.45 -21.58 2.80
N ASN A 84 -3.22 -20.51 2.78
CA ASN A 84 -4.68 -20.62 2.62
C ASN A 84 -5.10 -20.58 1.19
N GLY A 85 -4.42 -19.78 0.42
CA GLY A 85 -4.76 -19.64 -0.95
C GLY A 85 -5.36 -18.29 -1.24
N GLY A 86 -4.62 -17.27 -0.91
CA GLY A 86 -5.04 -15.90 -1.21
C GLY A 86 -4.59 -15.50 -2.61
N LYS A 87 -4.60 -14.21 -2.91
CA LYS A 87 -4.18 -13.76 -4.23
C LYS A 87 -2.68 -13.68 -4.31
N PRO A 88 -2.13 -13.92 -5.51
CA PRO A 88 -0.69 -13.87 -5.78
C PRO A 88 -0.15 -12.43 -5.90
N TYR A 89 -0.91 -11.48 -5.44
CA TYR A 89 -0.54 -10.10 -5.58
C TYR A 89 -0.99 -9.30 -4.41
N LEU A 90 -0.48 -8.11 -4.30
CA LEU A 90 -0.93 -7.19 -3.32
C LEU A 90 -0.93 -5.82 -3.96
N SER A 91 -2.08 -5.26 -4.11
CA SER A 91 -2.20 -3.98 -4.73
C SER A 91 -2.16 -2.91 -3.67
N VAL A 92 -1.11 -2.13 -3.67
CA VAL A 92 -0.87 -1.13 -2.66
C VAL A 92 -1.15 0.26 -3.20
N ILE A 93 -2.18 0.87 -2.71
CA ILE A 93 -2.50 2.22 -3.08
C ILE A 93 -1.76 3.12 -2.11
N THR A 94 -0.68 3.71 -2.58
CA THR A 94 0.13 4.54 -1.72
C THR A 94 -0.49 5.90 -1.62
N GLY A 95 -1.18 6.28 -2.65
CA GLY A 95 -1.80 7.53 -2.66
C GLY A 95 -1.90 8.04 -4.01
N ARG A 96 -2.24 9.27 -4.09
CA ARG A 96 -2.41 9.90 -5.34
C ARG A 96 -1.04 10.37 -5.80
N GLY A 97 -0.22 9.39 -6.20
CA GLY A 97 1.07 9.65 -6.76
C GLY A 97 0.87 10.45 -7.95
N ASN A 98 1.27 11.72 -7.83
CA ASN A 98 0.91 12.83 -8.73
C ASN A 98 0.49 12.39 -10.10
N HIS A 99 -0.79 12.43 -10.26
CA HIS A 99 -1.45 12.13 -11.47
C HIS A 99 -2.16 13.40 -11.83
N SER A 100 -2.82 13.89 -10.80
CA SER A 100 -3.44 15.16 -10.75
C SER A 100 -2.66 15.92 -9.66
N GLN A 101 -2.58 17.23 -9.74
CA GLN A 101 -1.73 18.04 -8.84
C GLN A 101 -2.11 17.93 -7.36
N GLY A 102 -3.35 17.61 -7.08
CA GLY A 102 -3.82 17.51 -5.71
C GLY A 102 -3.42 16.21 -5.03
N GLY A 103 -2.14 15.93 -4.98
CA GLY A 103 -1.64 14.75 -4.33
C GLY A 103 -0.20 14.50 -4.72
N VAL A 104 0.65 14.32 -3.73
CA VAL A 104 2.05 14.03 -4.01
C VAL A 104 2.35 12.55 -3.74
N ALA A 105 1.93 12.08 -2.57
CA ALA A 105 2.12 10.73 -2.11
C ALA A 105 3.59 10.33 -2.00
N ARG A 106 4.26 10.84 -0.98
CA ARG A 106 5.65 10.43 -0.66
C ARG A 106 5.73 9.01 -0.18
N ILE A 107 4.58 8.43 0.00
CA ILE A 107 4.46 7.04 0.31
C ILE A 107 4.93 6.21 -0.91
N LYS A 108 4.65 6.72 -2.12
CA LYS A 108 5.02 6.04 -3.35
C LYS A 108 6.53 5.76 -3.44
N PRO A 109 7.44 6.79 -3.38
CA PRO A 109 8.88 6.54 -3.46
C PRO A 109 9.39 5.72 -2.28
N ALA A 110 8.71 5.86 -1.17
CA ALA A 110 9.07 5.14 0.04
C ALA A 110 8.78 3.65 -0.15
N VAL A 111 7.59 3.36 -0.60
CA VAL A 111 7.13 2.01 -0.82
C VAL A 111 7.88 1.34 -1.97
N ILE A 112 8.09 2.06 -3.09
CA ILE A 112 8.83 1.50 -4.25
C ILE A 112 10.20 0.96 -3.82
N LYS A 113 10.89 1.76 -3.02
CA LYS A 113 12.18 1.47 -2.55
C LYS A 113 12.15 0.27 -1.58
N TYR A 114 11.03 0.11 -0.90
CA TYR A 114 10.84 -0.98 0.02
C TYR A 114 10.78 -2.30 -0.76
N LEU A 115 9.95 -2.34 -1.79
CA LEU A 115 9.73 -3.54 -2.58
C LEU A 115 11.00 -3.99 -3.28
N ILE A 116 11.66 -3.07 -3.96
CA ILE A 116 12.89 -3.39 -4.71
C ILE A 116 14.00 -3.90 -3.80
N SER A 117 14.10 -3.32 -2.62
CA SER A 117 15.15 -3.68 -1.69
C SER A 117 14.95 -5.08 -1.14
N HIS A 118 13.73 -5.57 -1.18
CA HIS A 118 13.42 -6.89 -0.71
C HIS A 118 13.22 -7.83 -1.88
N SER A 119 13.56 -7.34 -3.08
CA SER A 119 13.52 -8.11 -4.32
C SER A 119 12.07 -8.54 -4.66
N PHE A 120 11.11 -7.66 -4.37
CA PHE A 120 9.75 -7.93 -4.76
C PHE A 120 9.54 -7.59 -6.21
N ARG A 121 8.39 -7.89 -6.70
CA ARG A 121 8.05 -7.65 -8.07
C ARG A 121 6.77 -6.88 -8.13
N PHE A 122 6.82 -5.69 -8.66
CA PHE A 122 5.63 -4.86 -8.73
C PHE A 122 5.61 -4.03 -10.00
N SER A 123 4.47 -3.45 -10.27
CA SER A 123 4.27 -2.56 -11.38
C SER A 123 3.16 -1.59 -10.99
N GLU A 124 3.32 -0.33 -11.27
CA GLU A 124 2.31 0.65 -10.94
C GLU A 124 1.18 0.60 -11.95
N ILE A 125 -0.01 0.82 -11.46
CA ILE A 125 -1.19 0.83 -12.24
C ILE A 125 -1.34 2.16 -12.94
N LYS A 126 -1.52 3.21 -12.16
CA LYS A 126 -1.75 4.51 -12.63
C LYS A 126 -1.58 5.33 -11.33
N PRO A 127 -2.28 6.49 -11.01
CA PRO A 127 -1.83 7.41 -9.95
C PRO A 127 -1.37 6.76 -8.60
N GLY A 128 -0.07 6.56 -8.42
CA GLY A 128 0.50 6.11 -7.14
C GLY A 128 -0.02 4.76 -6.61
N CYS A 129 -0.50 3.93 -7.47
CA CYS A 129 -0.95 2.64 -7.03
C CYS A 129 -0.06 1.53 -7.57
N LEU A 130 0.73 0.99 -6.68
CA LEU A 130 1.71 -0.02 -6.99
C LEU A 130 1.10 -1.39 -6.79
N LYS A 131 1.05 -2.17 -7.82
CA LYS A 131 0.51 -3.49 -7.74
C LYS A 131 1.67 -4.44 -7.66
N VAL A 132 1.84 -5.03 -6.50
CA VAL A 132 2.95 -5.88 -6.30
C VAL A 132 2.50 -7.33 -6.39
N MET A 133 3.40 -8.17 -6.76
CA MET A 133 3.16 -9.58 -6.85
C MET A 133 3.84 -10.26 -5.70
N LEU A 134 3.21 -11.26 -5.18
CA LEU A 134 3.70 -11.95 -4.01
C LEU A 134 4.73 -13.02 -4.37
N LYS A 135 5.22 -13.73 -3.38
CA LYS A 135 6.30 -14.66 -3.58
C LYS A 135 5.83 -16.09 -3.29
#